data_6K3J
#
_entry.id   6K3J
#
loop_
_entity.id
_entity.type
_entity.pdbx_description
1 polymer 'DNA dC->dU-editing enzyme APOBEC-3G'
2 polymer "DNA (5'-D(*AP*TP*TP*CP*UP*(IUR)P*AP*AP*TP*T)-3')"
3 non-polymer 'ZINC ION'
#
loop_
_entity_poly.entity_id
_entity_poly.type
_entity_poly.pdbx_seq_one_letter_code
_entity_poly.pdbx_strand_id
1 'polypeptide(L)'
;MDPPTFTFNFNNEPWVRGRHETYLCYEVERMHNDTWVLLNQRRGFLCNQAPHKHGFLEGRHAELCFLDVIPFWKLDLDQD
YRVTCFTSWSPCFSCAQEMAKFISKNKHVSLCIFTARIYDDQGRCQEGLRTLAEAGAKISIMTYSEFKHCWDTFVDHQGC
PFQPWDGLDEHSQDLSGRLRAILQNQEN
;
A
2 'polydeoxyribonucleotide' (DA)(DT)(DT)(DC)(DU)(5IU)(DA)(DA)(DT)(DT) B
#
# COMPACT_ATOMS: atom_id res chain seq x y z
N MET A 1 17.04 -9.94 -3.79
CA MET A 1 16.92 -8.52 -3.34
C MET A 1 17.89 -7.66 -4.15
N ASP A 2 17.42 -6.55 -4.65
CA ASP A 2 18.30 -5.65 -5.43
C ASP A 2 18.73 -4.49 -4.53
N PRO A 3 19.78 -3.81 -4.88
CA PRO A 3 20.27 -2.66 -4.08
C PRO A 3 19.10 -1.88 -3.49
N PRO A 4 19.32 -1.16 -2.41
CA PRO A 4 18.26 -0.37 -1.73
C PRO A 4 17.32 0.36 -2.72
N THR A 5 16.51 -0.37 -3.43
CA THR A 5 15.57 0.26 -4.39
C THR A 5 14.49 1.03 -3.64
N PHE A 6 14.07 0.50 -2.52
CA PHE A 6 13.00 1.18 -1.73
C PHE A 6 13.51 2.56 -1.35
N THR A 7 14.73 2.64 -0.89
CA THR A 7 15.32 3.93 -0.50
C THR A 7 15.50 4.80 -1.75
N PHE A 8 15.95 4.20 -2.81
CA PHE A 8 16.16 4.96 -4.08
C PHE A 8 14.83 5.54 -4.54
N ASN A 9 13.79 4.78 -4.42
CA ASN A 9 12.45 5.25 -4.88
C ASN A 9 12.07 6.55 -4.16
N PHE A 10 12.36 6.68 -2.89
CA PHE A 10 11.99 7.94 -2.17
C PHE A 10 12.81 9.13 -2.70
N ASN A 11 14.08 8.94 -2.96
CA ASN A 11 14.90 10.06 -3.47
C ASN A 11 14.84 10.11 -5.00
N ASN A 12 13.98 9.33 -5.59
CA ASN A 12 13.89 9.32 -7.08
C ASN A 12 13.30 10.64 -7.60
N GLU A 13 13.49 11.73 -6.90
CA GLU A 13 12.93 13.02 -7.39
C GLU A 13 13.46 13.32 -8.80
N PRO A 14 14.76 13.35 -8.97
CA PRO A 14 15.37 13.62 -10.31
C PRO A 14 15.35 12.38 -11.22
N TRP A 15 15.47 11.22 -10.63
CA TRP A 15 15.47 9.97 -11.44
C TRP A 15 14.15 9.83 -12.21
N VAL A 16 13.24 10.73 -12.02
CA VAL A 16 11.93 10.64 -12.74
C VAL A 16 12.17 10.59 -14.24
N ARG A 17 12.60 9.47 -14.75
CA ARG A 17 12.83 9.35 -16.22
C ARG A 17 11.50 9.51 -16.95
N GLY A 18 10.42 9.10 -16.33
CA GLY A 18 9.09 9.24 -16.97
C GLY A 18 8.65 7.90 -17.55
N ARG A 19 9.44 6.87 -17.39
CA ARG A 19 9.03 5.53 -17.92
C ARG A 19 9.27 4.46 -16.85
N HIS A 20 8.45 4.42 -15.84
CA HIS A 20 8.62 3.41 -14.76
C HIS A 20 7.27 2.73 -14.46
N GLU A 21 7.25 1.45 -14.29
CA GLU A 21 5.97 0.76 -13.96
C GLU A 21 5.80 0.77 -12.45
N THR A 22 4.59 0.75 -11.97
CA THR A 22 4.38 0.77 -10.50
C THR A 22 4.47 -0.64 -9.92
N TYR A 23 5.13 -0.78 -8.80
CA TYR A 23 5.25 -2.13 -8.17
C TYR A 23 4.66 -2.06 -6.76
N LEU A 24 3.87 -3.03 -6.39
CA LEU A 24 3.26 -3.03 -5.03
C LEU A 24 3.82 -4.19 -4.21
N CYS A 25 4.07 -3.95 -2.95
CA CYS A 25 4.60 -5.04 -2.07
C CYS A 25 3.46 -5.53 -1.17
N TYR A 26 3.34 -6.82 -0.99
CA TYR A 26 2.23 -7.34 -0.15
C TYR A 26 2.75 -8.27 0.94
N GLU A 27 1.98 -8.41 2.00
CA GLU A 27 2.37 -9.30 3.12
C GLU A 27 1.12 -10.07 3.56
N VAL A 28 1.29 -11.25 4.08
CA VAL A 28 0.11 -12.04 4.53
C VAL A 28 0.35 -12.61 5.93
N GLU A 29 -0.67 -12.60 6.75
CA GLU A 29 -0.50 -13.13 8.13
C GLU A 29 -1.66 -14.09 8.41
N ARG A 30 -1.44 -15.10 9.21
CA ARG A 30 -2.55 -16.06 9.50
C ARG A 30 -2.96 -15.90 10.95
N MET A 31 -4.22 -15.61 11.19
CA MET A 31 -4.70 -15.43 12.59
C MET A 31 -5.78 -16.46 12.90
N HIS A 32 -5.64 -17.17 13.99
CA HIS A 32 -6.66 -18.18 14.38
C HIS A 32 -7.35 -17.73 15.66
N ASN A 33 -8.65 -17.86 15.73
CA ASN A 33 -9.35 -17.40 16.97
C ASN A 33 -8.77 -18.15 18.18
N ASP A 34 -8.55 -19.43 18.05
CA ASP A 34 -7.98 -20.20 19.18
C ASP A 34 -6.48 -19.90 19.32
N THR A 35 -5.81 -19.67 18.22
CA THR A 35 -4.35 -19.39 18.28
C THR A 35 -3.97 -18.31 17.26
N TRP A 36 -2.87 -17.66 17.48
CA TRP A 36 -2.42 -16.61 16.52
C TRP A 36 -1.15 -17.08 15.81
N VAL A 37 -1.07 -16.91 14.52
CA VAL A 37 0.15 -17.36 13.77
C VAL A 37 0.73 -16.18 13.00
N LEU A 38 1.99 -15.90 13.19
CA LEU A 38 2.62 -14.75 12.47
C LEU A 38 3.37 -15.25 11.24
N LEU A 39 2.82 -15.02 10.08
CA LEU A 39 3.51 -15.46 8.83
C LEU A 39 4.36 -14.29 8.31
N ASN A 40 4.64 -13.34 9.15
CA ASN A 40 5.45 -12.16 8.73
C ASN A 40 6.83 -12.63 8.27
N GLN A 41 7.29 -13.74 8.78
CA GLN A 41 8.63 -14.24 8.38
C GLN A 41 8.68 -14.36 6.85
N ARG A 42 7.56 -14.67 6.24
CA ARG A 42 7.53 -14.79 4.77
C ARG A 42 6.98 -13.50 4.15
N ARG A 43 7.47 -13.12 3.01
CA ARG A 43 6.99 -11.86 2.36
C ARG A 43 6.98 -12.04 0.85
N GLY A 44 6.31 -11.19 0.12
CA GLY A 44 6.28 -11.34 -1.35
C GLY A 44 6.20 -9.97 -2.03
N PHE A 45 6.29 -9.93 -3.32
CA PHE A 45 6.22 -8.64 -4.04
C PHE A 45 5.11 -8.70 -5.08
N LEU A 46 4.50 -7.59 -5.40
CA LEU A 46 3.41 -7.60 -6.41
C LEU A 46 3.69 -6.52 -7.46
N CYS A 47 3.43 -6.82 -8.70
CA CYS A 47 3.67 -5.83 -9.78
C CYS A 47 2.33 -5.28 -10.27
N ASN A 48 2.34 -4.20 -10.97
CA ASN A 48 1.06 -3.62 -11.47
C ASN A 48 0.54 -4.47 -12.63
N GLN A 49 1.21 -5.56 -12.92
CA GLN A 49 0.75 -6.44 -14.03
C GLN A 49 -0.21 -7.48 -13.47
N ALA A 50 -1.42 -7.53 -13.95
CA ALA A 50 -2.39 -8.53 -13.44
C ALA A 50 -1.98 -9.93 -13.92
N PRO A 51 -1.99 -10.91 -13.05
CA PRO A 51 -1.61 -12.30 -13.42
C PRO A 51 -2.65 -12.95 -14.34
N HIS A 52 -2.21 -13.79 -15.25
CA HIS A 52 -3.16 -14.44 -16.19
C HIS A 52 -4.20 -15.27 -15.42
N LYS A 53 -3.81 -15.90 -14.36
CA LYS A 53 -4.76 -16.74 -13.58
C LYS A 53 -5.94 -15.88 -13.09
N HIS A 54 -5.77 -14.60 -12.99
CA HIS A 54 -6.90 -13.75 -12.50
C HIS A 54 -8.03 -13.75 -13.53
N GLY A 55 -7.72 -14.01 -14.78
CA GLY A 55 -8.80 -14.02 -15.82
C GLY A 55 -8.59 -12.87 -16.80
N PHE A 56 -9.65 -12.26 -17.24
CA PHE A 56 -9.53 -11.14 -18.20
C PHE A 56 -9.24 -9.84 -17.43
N LEU A 57 -8.76 -8.84 -18.12
CA LEU A 57 -8.44 -7.55 -17.44
C LEU A 57 -9.74 -6.87 -16.99
N GLU A 58 -9.74 -6.26 -15.84
CA GLU A 58 -10.96 -5.59 -15.34
C GLU A 58 -10.79 -4.07 -15.49
N GLY A 59 -9.58 -3.63 -15.71
CA GLY A 59 -9.33 -2.17 -15.86
C GLY A 59 -7.82 -1.91 -15.78
N ARG A 60 -7.39 -0.69 -15.95
CA ARG A 60 -5.93 -0.41 -15.86
C ARG A 60 -5.64 0.35 -14.57
N HIS A 61 -5.42 -0.35 -13.49
CA HIS A 61 -5.13 0.32 -12.20
C HIS A 61 -4.21 -0.56 -11.35
N ALA A 62 -3.22 0.01 -10.72
CA ALA A 62 -2.30 -0.81 -9.88
C ALA A 62 -3.07 -1.41 -8.69
N GLU A 63 -4.01 -0.68 -8.14
CA GLU A 63 -4.77 -1.21 -6.97
C GLU A 63 -5.54 -2.47 -7.38
N LEU A 64 -6.06 -2.50 -8.57
CA LEU A 64 -6.83 -3.71 -9.02
C LEU A 64 -5.92 -4.93 -8.98
N CYS A 65 -4.68 -4.78 -9.38
CA CYS A 65 -3.76 -5.94 -9.35
C CYS A 65 -3.71 -6.50 -7.93
N PHE A 66 -3.63 -5.62 -6.96
CA PHE A 66 -3.60 -6.08 -5.54
C PHE A 66 -4.91 -6.82 -5.23
N LEU A 67 -6.00 -6.29 -5.69
CA LEU A 67 -7.31 -6.93 -5.43
C LEU A 67 -7.31 -8.35 -6.03
N ASP A 68 -6.65 -8.53 -7.14
CA ASP A 68 -6.61 -9.89 -7.79
C ASP A 68 -5.88 -10.88 -6.88
N VAL A 69 -4.89 -10.44 -6.16
CA VAL A 69 -4.11 -11.36 -5.28
C VAL A 69 -4.97 -11.85 -4.11
N ILE A 70 -5.81 -11.02 -3.54
CA ILE A 70 -6.63 -11.47 -2.38
C ILE A 70 -7.35 -12.80 -2.68
N PRO A 71 -8.14 -12.89 -3.73
CA PRO A 71 -8.87 -14.14 -4.08
C PRO A 71 -7.90 -15.29 -4.39
N PHE A 72 -6.70 -14.97 -4.81
CA PHE A 72 -5.73 -16.05 -5.14
C PHE A 72 -5.20 -16.70 -3.86
N TRP A 73 -5.23 -16.00 -2.76
CA TRP A 73 -4.71 -16.60 -1.49
C TRP A 73 -5.79 -17.47 -0.86
N LYS A 74 -6.94 -17.54 -1.47
CA LYS A 74 -8.05 -18.38 -0.92
C LYS A 74 -8.07 -18.27 0.61
N LEU A 75 -8.36 -17.11 1.12
CA LEU A 75 -8.40 -16.93 2.61
C LEU A 75 -9.69 -17.54 3.15
N ASP A 76 -9.62 -18.19 4.28
CA ASP A 76 -10.85 -18.81 4.87
C ASP A 76 -11.70 -17.73 5.54
N LEU A 77 -12.98 -17.73 5.28
CA LEU A 77 -13.88 -16.71 5.89
C LEU A 77 -13.99 -16.95 7.41
N ASP A 78 -13.81 -18.17 7.84
CA ASP A 78 -13.93 -18.46 9.30
C ASP A 78 -12.64 -18.10 10.02
N GLN A 79 -11.58 -17.86 9.30
CA GLN A 79 -10.29 -17.49 9.94
C GLN A 79 -9.98 -16.02 9.64
N ASP A 80 -9.33 -15.33 10.55
CA ASP A 80 -9.00 -13.91 10.30
C ASP A 80 -7.62 -13.79 9.66
N TYR A 81 -7.46 -12.88 8.73
CA TYR A 81 -6.13 -12.71 8.07
C TYR A 81 -5.76 -11.24 8.03
N ARG A 82 -4.52 -10.92 8.32
CA ARG A 82 -4.10 -9.49 8.26
C ARG A 82 -3.20 -9.31 7.03
N VAL A 83 -3.55 -8.40 6.15
CA VAL A 83 -2.73 -8.19 4.93
C VAL A 83 -2.26 -6.75 4.87
N THR A 84 -1.03 -6.52 4.52
CA THR A 84 -0.51 -5.12 4.44
C THR A 84 -0.19 -4.77 2.99
N CYS A 85 -0.32 -3.52 2.65
CA CYS A 85 -0.01 -3.10 1.24
C CYS A 85 0.86 -1.84 1.27
N PHE A 86 2.00 -1.88 0.63
CA PHE A 86 2.88 -0.69 0.61
C PHE A 86 2.89 -0.10 -0.81
N THR A 87 2.54 1.15 -0.96
CA THR A 87 2.52 1.76 -2.30
C THR A 87 3.09 3.19 -2.23
N SER A 88 3.61 3.68 -3.33
CA SER A 88 4.19 5.07 -3.33
C SER A 88 3.44 5.94 -4.34
N TRP A 89 2.16 6.01 -4.24
CA TRP A 89 1.36 6.86 -5.18
C TRP A 89 0.03 7.21 -4.54
N SER A 90 -0.73 8.07 -5.16
CA SER A 90 -2.06 8.45 -4.60
C SER A 90 -2.99 7.23 -4.58
N PRO A 91 -3.97 7.25 -3.72
CA PRO A 91 -4.94 6.13 -3.59
C PRO A 91 -5.86 6.01 -4.80
N CYS A 92 -5.80 6.96 -5.70
CA CYS A 92 -6.68 6.92 -6.91
C CYS A 92 -8.05 7.49 -6.57
N PHE A 93 -9.06 7.14 -7.33
CA PHE A 93 -10.43 7.66 -7.04
C PHE A 93 -11.46 6.54 -7.20
N SER A 94 -11.68 6.07 -8.40
CA SER A 94 -12.68 4.97 -8.59
C SER A 94 -12.22 3.74 -7.81
N CYS A 95 -10.94 3.47 -7.80
CA CYS A 95 -10.43 2.28 -7.06
C CYS A 95 -10.62 2.52 -5.55
N ALA A 96 -10.50 3.74 -5.12
CA ALA A 96 -10.67 4.02 -3.67
C ALA A 96 -12.03 3.51 -3.21
N GLN A 97 -13.05 3.74 -4.00
CA GLN A 97 -14.40 3.25 -3.61
C GLN A 97 -14.42 1.72 -3.60
N GLU A 98 -13.70 1.10 -4.49
CA GLU A 98 -13.69 -0.39 -4.54
C GLU A 98 -13.09 -0.96 -3.25
N MET A 99 -12.03 -0.38 -2.77
CA MET A 99 -11.40 -0.90 -1.51
C MET A 99 -12.39 -0.76 -0.35
N ALA A 100 -13.16 0.29 -0.33
CA ALA A 100 -14.14 0.46 0.79
C ALA A 100 -15.15 -0.68 0.75
N LYS A 101 -15.62 -1.02 -0.42
CA LYS A 101 -16.62 -2.14 -0.54
C LYS A 101 -15.97 -3.46 -0.11
N PHE A 102 -14.74 -3.68 -0.48
CA PHE A 102 -14.07 -4.96 -0.12
C PHE A 102 -14.08 -5.16 1.40
N ILE A 103 -13.66 -4.19 2.14
CA ILE A 103 -13.64 -4.33 3.62
C ILE A 103 -15.06 -4.54 4.13
N SER A 104 -16.01 -3.83 3.58
CA SER A 104 -17.41 -3.99 4.04
C SER A 104 -17.84 -5.45 3.84
N LYS A 105 -17.39 -6.07 2.78
CA LYS A 105 -17.77 -7.49 2.54
C LYS A 105 -16.80 -8.40 3.29
N ASN A 106 -15.74 -7.85 3.82
CA ASN A 106 -14.76 -8.68 4.58
C ASN A 106 -14.16 -7.86 5.72
N LYS A 107 -14.88 -7.72 6.80
CA LYS A 107 -14.35 -6.92 7.95
C LYS A 107 -13.47 -7.82 8.81
N HIS A 108 -13.38 -9.08 8.50
CA HIS A 108 -12.54 -10.01 9.31
C HIS A 108 -11.08 -9.89 8.87
N VAL A 109 -10.82 -9.19 7.81
CA VAL A 109 -9.42 -9.06 7.33
C VAL A 109 -8.85 -7.70 7.75
N SER A 110 -7.69 -7.69 8.33
CA SER A 110 -7.08 -6.39 8.72
C SER A 110 -6.24 -5.89 7.56
N LEU A 111 -6.70 -4.87 6.87
CA LEU A 111 -5.95 -4.36 5.70
C LEU A 111 -5.44 -2.94 5.96
N CYS A 112 -4.18 -2.70 5.74
CA CYS A 112 -3.62 -1.35 5.96
C CYS A 112 -2.82 -0.93 4.72
N ILE A 113 -3.07 0.25 4.20
CA ILE A 113 -2.34 0.69 2.98
C ILE A 113 -1.45 1.89 3.32
N PHE A 114 -0.18 1.81 3.03
CA PHE A 114 0.72 2.96 3.34
C PHE A 114 1.04 3.68 2.04
N THR A 115 0.73 4.95 1.97
CA THR A 115 1.03 5.70 0.72
C THR A 115 2.27 6.56 0.95
N ALA A 116 3.31 6.34 0.21
CA ALA A 116 4.55 7.14 0.38
C ALA A 116 4.23 8.60 0.03
N ARG A 117 3.39 8.80 -0.95
CA ARG A 117 3.05 10.20 -1.35
C ARG A 117 1.70 10.24 -2.05
N ILE A 118 1.05 11.38 -2.04
CA ILE A 118 -0.27 11.50 -2.71
C ILE A 118 -0.20 12.57 -3.81
N TYR A 119 -0.48 12.20 -5.03
CA TYR A 119 -0.44 13.19 -6.14
C TYR A 119 -1.82 13.32 -6.76
N ASP A 120 -2.46 14.45 -6.60
CA ASP A 120 -3.82 14.63 -7.18
C ASP A 120 -3.71 15.40 -8.49
N ASP A 121 -4.11 14.81 -9.59
CA ASP A 121 -4.03 15.53 -10.89
C ASP A 121 -4.90 16.80 -10.82
N GLN A 122 -6.05 16.69 -10.24
CA GLN A 122 -6.95 17.89 -10.12
C GLN A 122 -7.62 17.87 -8.75
N GLY A 123 -8.06 19.00 -8.27
CA GLY A 123 -8.73 19.02 -6.94
C GLY A 123 -10.18 18.58 -7.09
N ARG A 124 -10.50 17.39 -6.66
CA ARG A 124 -11.91 16.88 -6.78
C ARG A 124 -12.00 15.51 -6.12
N CYS A 125 -10.98 14.71 -6.25
CA CYS A 125 -11.01 13.36 -5.64
C CYS A 125 -10.70 13.45 -4.14
N GLN A 126 -10.52 14.63 -3.63
CA GLN A 126 -10.23 14.79 -2.18
C GLN A 126 -11.34 14.14 -1.36
N GLU A 127 -12.55 14.21 -1.84
CA GLU A 127 -13.67 13.58 -1.09
C GLU A 127 -13.45 12.08 -0.98
N GLY A 128 -12.97 11.47 -2.03
CA GLY A 128 -12.72 10.00 -1.98
C GLY A 128 -11.74 9.69 -0.86
N LEU A 129 -10.76 10.53 -0.66
CA LEU A 129 -9.76 10.26 0.42
C LEU A 129 -10.48 10.20 1.77
N ARG A 130 -11.42 11.07 2.00
CA ARG A 130 -12.14 11.05 3.30
C ARG A 130 -12.87 9.71 3.44
N THR A 131 -13.54 9.28 2.41
CA THR A 131 -14.26 7.99 2.47
C THR A 131 -13.23 6.87 2.56
N LEU A 132 -12.14 7.01 1.86
CA LEU A 132 -11.07 5.98 1.88
C LEU A 132 -10.57 5.78 3.32
N ALA A 133 -10.40 6.85 4.04
CA ALA A 133 -9.91 6.71 5.44
C ALA A 133 -10.94 5.96 6.28
N GLU A 134 -12.20 6.19 6.03
CA GLU A 134 -13.26 5.50 6.82
C GLU A 134 -13.40 4.04 6.39
N ALA A 135 -13.58 3.79 5.12
CA ALA A 135 -13.74 2.38 4.65
C ALA A 135 -12.54 1.94 3.82
N GLY A 136 -11.75 2.85 3.34
CA GLY A 136 -10.58 2.44 2.51
C GLY A 136 -9.50 1.86 3.41
N ALA A 137 -9.89 1.11 4.41
CA ALA A 137 -8.89 0.50 5.33
C ALA A 137 -8.04 1.59 5.98
N LYS A 138 -7.16 1.19 6.85
CA LYS A 138 -6.30 2.17 7.56
C LYS A 138 -5.21 2.69 6.62
N ILE A 139 -5.09 3.99 6.48
CA ILE A 139 -4.04 4.57 5.59
C ILE A 139 -3.14 5.50 6.39
N SER A 140 -1.86 5.35 6.25
CA SER A 140 -0.93 6.23 7.01
C SER A 140 0.28 6.59 6.13
N ILE A 141 0.97 7.64 6.47
CA ILE A 141 2.16 8.05 5.67
C ILE A 141 3.37 7.23 6.14
N MET A 142 4.21 6.84 5.22
CA MET A 142 5.41 6.04 5.62
C MET A 142 6.27 6.86 6.58
N THR A 143 6.69 6.25 7.66
CA THR A 143 7.54 6.99 8.66
C THR A 143 8.83 6.22 8.90
N TYR A 144 9.74 6.82 9.61
CA TYR A 144 11.04 6.14 9.89
C TYR A 144 10.80 4.80 10.60
N SER A 145 9.93 4.77 11.57
CA SER A 145 9.68 3.49 12.29
C SER A 145 9.16 2.44 11.29
N GLU A 146 8.19 2.79 10.50
CA GLU A 146 7.65 1.83 9.51
C GLU A 146 8.67 1.61 8.39
N PHE A 147 9.39 2.65 8.03
CA PHE A 147 10.39 2.51 6.94
C PHE A 147 11.45 1.48 7.34
N LYS A 148 11.94 1.54 8.54
CA LYS A 148 12.98 0.56 8.97
C LYS A 148 12.42 -0.86 8.83
N HIS A 149 11.18 -1.06 9.20
CA HIS A 149 10.58 -2.41 9.07
C HIS A 149 10.50 -2.78 7.59
N CYS A 150 10.01 -1.89 6.77
CA CYS A 150 9.92 -2.20 5.31
C CYS A 150 11.34 -2.39 4.77
N TRP A 151 12.23 -1.54 5.16
CA TRP A 151 13.63 -1.66 4.68
C TRP A 151 14.22 -3.01 5.10
N ASP A 152 14.10 -3.36 6.35
CA ASP A 152 14.66 -4.66 6.80
C ASP A 152 13.85 -5.83 6.26
N THR A 153 12.54 -5.72 6.25
CA THR A 153 11.69 -6.85 5.77
C THR A 153 11.78 -7.04 4.26
N PHE A 154 11.62 -5.99 3.50
CA PHE A 154 11.67 -6.15 2.01
C PHE A 154 13.11 -6.35 1.54
N VAL A 155 14.06 -5.69 2.15
CA VAL A 155 15.48 -5.86 1.72
C VAL A 155 16.30 -6.36 2.91
N ASP A 156 17.23 -7.23 2.66
CA ASP A 156 18.06 -7.75 3.79
C ASP A 156 19.06 -6.67 4.21
N HIS A 157 18.94 -6.20 5.41
CA HIS A 157 19.86 -5.14 5.89
C HIS A 157 21.29 -5.69 5.92
N GLN A 158 21.44 -6.99 5.86
CA GLN A 158 22.80 -7.57 5.89
C GLN A 158 23.47 -7.40 4.53
N GLY A 159 24.49 -6.58 4.47
CA GLY A 159 25.19 -6.34 3.18
C GLY A 159 24.54 -5.15 2.47
N CYS A 160 23.33 -4.82 2.85
CA CYS A 160 22.64 -3.67 2.20
C CYS A 160 22.16 -2.70 3.28
N PRO A 161 23.02 -1.84 3.74
CA PRO A 161 22.67 -0.84 4.80
C PRO A 161 21.93 0.37 4.23
N PHE A 162 20.94 0.85 4.93
CA PHE A 162 20.19 2.04 4.45
C PHE A 162 20.71 3.29 5.16
N GLN A 163 21.03 4.32 4.42
CA GLN A 163 21.55 5.56 5.05
C GLN A 163 20.41 6.57 5.20
N PRO A 164 20.08 6.99 6.40
CA PRO A 164 18.98 7.96 6.61
C PRO A 164 19.34 9.37 6.12
N TRP A 165 18.43 10.01 5.46
CA TRP A 165 18.69 11.39 4.94
C TRP A 165 17.49 12.27 5.25
N ASP A 166 17.65 13.57 5.16
CA ASP A 166 16.49 14.47 5.45
C ASP A 166 15.54 14.45 4.26
N GLY A 167 15.47 13.35 3.57
CA GLY A 167 14.55 13.24 2.41
C GLY A 167 13.17 12.80 2.91
N LEU A 168 13.14 11.85 3.78
CA LEU A 168 11.84 11.38 4.32
C LEU A 168 11.14 12.55 5.00
N ASP A 169 11.90 13.39 5.66
CA ASP A 169 11.28 14.57 6.33
C ASP A 169 10.70 15.51 5.28
N GLU A 170 11.42 15.72 4.20
CA GLU A 170 10.90 16.61 3.14
C GLU A 170 9.62 16.00 2.56
N HIS A 171 9.64 14.72 2.31
CA HIS A 171 8.42 14.06 1.76
C HIS A 171 7.31 14.15 2.81
N SER A 172 7.63 13.92 4.04
CA SER A 172 6.59 13.99 5.11
C SER A 172 5.99 15.39 5.14
N GLN A 173 6.77 16.40 4.87
CA GLN A 173 6.24 17.78 4.88
C GLN A 173 5.09 17.91 3.87
N ASP A 174 5.26 17.38 2.69
CA ASP A 174 4.17 17.46 1.68
C ASP A 174 2.98 16.63 2.11
N LEU A 175 3.21 15.40 2.48
CA LEU A 175 2.09 14.51 2.91
C LEU A 175 1.48 15.01 4.21
N SER A 176 2.28 15.44 5.14
CA SER A 176 1.73 15.94 6.42
C SER A 176 0.86 17.16 6.16
N GLY A 177 1.28 18.02 5.27
CA GLY A 177 0.49 19.22 4.95
C GLY A 177 -0.78 18.84 4.19
N ARG A 178 -0.64 18.10 3.12
CA ARG A 178 -1.83 17.70 2.32
C ARG A 178 -2.77 16.83 3.16
N LEU A 179 -2.24 15.85 3.84
CA LEU A 179 -3.11 14.97 4.66
C LEU A 179 -3.74 15.79 5.80
N ARG A 180 -2.98 16.67 6.39
CA ARG A 180 -3.52 17.51 7.48
C ARG A 180 -4.73 18.32 6.99
N ALA A 181 -4.67 18.81 5.79
CA ALA A 181 -5.82 19.62 5.27
C ALA A 181 -7.08 18.77 5.24
N ILE A 182 -6.98 17.56 4.77
CA ILE A 182 -8.18 16.69 4.71
C ILE A 182 -8.66 16.34 6.12
N LEU A 183 -7.78 15.85 6.95
CA LEU A 183 -8.20 15.49 8.34
C LEU A 183 -8.51 16.76 9.14
N GLN A 184 -7.77 17.81 8.94
CA GLN A 184 -8.05 19.06 9.69
C GLN A 184 -9.43 19.59 9.33
N ASN A 185 -9.84 19.40 8.10
CA ASN A 185 -11.17 19.88 7.67
C ASN A 185 -12.23 18.85 8.07
N GLN A 186 -11.84 17.83 8.79
CA GLN A 186 -12.83 16.82 9.21
C GLN A 186 -14.04 17.53 9.82
N GLU A 187 -15.07 17.73 9.06
CA GLU A 187 -16.26 18.43 9.60
C GLU A 187 -16.94 17.55 10.66
N ASN A 188 -17.32 18.15 11.76
CA ASN A 188 -17.98 17.36 12.84
C ASN A 188 -19.34 16.86 12.34
N MET A 1 16.49 -10.25 -3.46
CA MET A 1 16.53 -8.78 -3.20
C MET A 1 17.30 -8.09 -4.32
N ASP A 2 16.76 -7.02 -4.85
CA ASP A 2 17.47 -6.29 -5.93
C ASP A 2 18.13 -5.06 -5.32
N PRO A 3 19.08 -4.47 -5.98
CA PRO A 3 19.77 -3.27 -5.48
C PRO A 3 18.79 -2.37 -4.74
N PRO A 4 19.26 -1.54 -3.85
CA PRO A 4 18.39 -0.62 -3.04
C PRO A 4 17.25 0.03 -3.84
N THR A 5 16.34 -0.76 -4.35
CA THR A 5 15.21 -0.19 -5.13
C THR A 5 14.25 0.55 -4.20
N PHE A 6 13.94 -0.02 -3.07
CA PHE A 6 13.01 0.65 -2.13
C PHE A 6 13.63 1.96 -1.64
N THR A 7 14.88 1.90 -1.23
CA THR A 7 15.55 3.13 -0.75
C THR A 7 15.68 4.14 -1.90
N PHE A 8 16.09 3.68 -3.05
CA PHE A 8 16.23 4.60 -4.21
C PHE A 8 14.87 5.18 -4.58
N ASN A 9 13.87 4.34 -4.62
CA ASN A 9 12.51 4.81 -4.98
C ASN A 9 12.05 5.89 -4.01
N PHE A 10 12.37 5.75 -2.74
CA PHE A 10 11.93 6.79 -1.76
C PHE A 10 12.72 8.08 -1.97
N ASN A 11 13.99 7.98 -2.25
CA ASN A 11 14.82 9.20 -2.46
C ASN A 11 14.64 9.69 -3.90
N ASN A 12 13.73 9.11 -4.63
CA ASN A 12 13.51 9.54 -6.04
C ASN A 12 12.54 10.72 -6.09
N GLU A 13 12.38 11.44 -5.03
CA GLU A 13 11.44 12.61 -5.05
C GLU A 13 11.83 13.54 -6.21
N PRO A 14 13.06 14.00 -6.25
CA PRO A 14 13.53 14.92 -7.33
C PRO A 14 13.74 14.17 -8.65
N TRP A 15 14.03 12.90 -8.57
CA TRP A 15 14.25 12.10 -9.81
C TRP A 15 13.00 12.10 -10.68
N VAL A 16 11.85 12.23 -10.08
CA VAL A 16 10.59 12.22 -10.88
C VAL A 16 10.59 13.38 -11.88
N ARG A 17 10.71 13.08 -13.15
CA ARG A 17 10.72 14.14 -14.19
C ARG A 17 9.35 14.16 -14.88
N GLY A 18 8.40 13.46 -14.33
CA GLY A 18 7.04 13.41 -14.93
C GLY A 18 6.89 12.09 -15.69
N ARG A 19 7.92 11.29 -15.69
CA ARG A 19 7.84 9.97 -16.39
C ARG A 19 8.38 8.89 -15.46
N HIS A 20 7.63 8.52 -14.45
CA HIS A 20 8.11 7.48 -13.50
C HIS A 20 7.03 6.42 -13.29
N GLU A 21 7.45 5.20 -13.05
CA GLU A 21 6.46 4.11 -12.81
C GLU A 21 6.45 3.77 -11.33
N THR A 22 5.48 3.02 -10.87
CA THR A 22 5.42 2.67 -9.42
C THR A 22 5.31 1.15 -9.26
N TYR A 23 5.84 0.64 -8.18
CA TYR A 23 5.78 -0.83 -7.94
C TYR A 23 4.95 -1.09 -6.69
N LEU A 24 4.18 -2.16 -6.67
CA LEU A 24 3.35 -2.45 -5.47
C LEU A 24 3.93 -3.66 -4.71
N CYS A 25 3.94 -3.59 -3.41
CA CYS A 25 4.50 -4.72 -2.60
C CYS A 25 3.46 -5.10 -1.54
N TYR A 26 3.25 -6.38 -1.32
CA TYR A 26 2.24 -6.78 -0.31
C TYR A 26 2.73 -7.98 0.51
N GLU A 27 2.03 -8.29 1.57
CA GLU A 27 2.42 -9.44 2.43
C GLU A 27 1.17 -10.29 2.66
N VAL A 28 1.33 -11.56 2.90
CA VAL A 28 0.13 -12.43 3.13
C VAL A 28 0.37 -13.35 4.32
N GLU A 29 -0.64 -13.52 5.15
CA GLU A 29 -0.49 -14.41 6.34
C GLU A 29 -1.82 -15.15 6.56
N ARG A 30 -1.79 -16.28 7.21
CA ARG A 30 -3.06 -17.01 7.47
C ARG A 30 -3.30 -17.03 8.97
N MET A 31 -4.41 -16.50 9.42
CA MET A 31 -4.68 -16.49 10.88
C MET A 31 -6.02 -17.16 11.19
N HIS A 32 -6.02 -18.08 12.11
CA HIS A 32 -7.29 -18.78 12.48
C HIS A 32 -8.00 -17.94 13.56
N ASN A 33 -9.31 -17.96 13.57
CA ASN A 33 -10.03 -17.15 14.59
C ASN A 33 -9.59 -17.57 16.00
N ASP A 34 -9.37 -18.84 16.21
CA ASP A 34 -8.94 -19.29 17.56
C ASP A 34 -7.42 -19.44 17.61
N THR A 35 -6.77 -19.53 16.47
CA THR A 35 -5.29 -19.68 16.45
C THR A 35 -4.70 -18.87 15.29
N TRP A 36 -3.42 -18.61 15.33
CA TRP A 36 -2.78 -17.84 14.22
C TRP A 36 -1.83 -18.77 13.47
N VAL A 37 -1.79 -18.69 12.16
CA VAL A 37 -0.88 -19.58 11.37
C VAL A 37 0.12 -18.75 10.57
N LEU A 38 1.37 -19.12 10.62
CA LEU A 38 2.39 -18.36 9.85
C LEU A 38 2.71 -19.13 8.57
N LEU A 39 2.37 -18.56 7.44
CA LEU A 39 2.65 -19.25 6.15
C LEU A 39 4.12 -19.02 5.76
N ASN A 40 4.68 -19.91 4.99
CA ASN A 40 6.10 -19.74 4.59
C ASN A 40 6.24 -18.44 3.81
N GLN A 41 5.21 -18.05 3.11
CA GLN A 41 5.27 -16.78 2.34
C GLN A 41 4.93 -15.62 3.27
N ARG A 42 5.92 -15.01 3.85
CA ARG A 42 5.65 -13.88 4.78
C ARG A 42 5.73 -12.55 4.01
N ARG A 43 6.01 -12.61 2.74
CA ARG A 43 6.10 -11.37 1.94
C ARG A 43 5.74 -11.65 0.48
N GLY A 44 5.36 -10.64 -0.25
CA GLY A 44 5.00 -10.86 -1.67
C GLY A 44 5.40 -9.63 -2.49
N PHE A 45 5.36 -9.72 -3.79
CA PHE A 45 5.73 -8.55 -4.62
C PHE A 45 4.76 -8.40 -5.78
N LEU A 46 4.61 -7.21 -6.31
CA LEU A 46 3.69 -7.01 -7.45
C LEU A 46 4.33 -6.09 -8.48
N CYS A 47 4.24 -6.43 -9.73
CA CYS A 47 4.86 -5.59 -10.79
C CYS A 47 3.79 -5.23 -11.83
N ASN A 48 4.14 -4.49 -12.83
CA ASN A 48 3.14 -4.10 -13.86
C ASN A 48 2.72 -5.36 -14.63
N GLN A 49 3.09 -6.51 -14.16
CA GLN A 49 2.69 -7.76 -14.86
C GLN A 49 1.53 -8.41 -14.09
N ALA A 50 0.35 -8.40 -14.64
CA ALA A 50 -0.81 -9.02 -13.94
C ALA A 50 -0.96 -10.47 -14.39
N PRO A 51 -1.55 -11.30 -13.58
CA PRO A 51 -1.75 -12.73 -13.92
C PRO A 51 -2.60 -12.91 -15.19
N HIS A 52 -1.98 -13.30 -16.27
CA HIS A 52 -2.73 -13.49 -17.54
C HIS A 52 -3.84 -14.51 -17.32
N LYS A 53 -3.59 -15.47 -16.49
CA LYS A 53 -4.61 -16.52 -16.21
C LYS A 53 -5.89 -15.88 -15.66
N HIS A 54 -5.79 -14.69 -15.13
CA HIS A 54 -7.01 -14.03 -14.57
C HIS A 54 -7.99 -13.70 -15.70
N GLY A 55 -7.50 -13.56 -16.91
CA GLY A 55 -8.43 -13.25 -18.05
C GLY A 55 -7.92 -12.04 -18.83
N PHE A 56 -8.83 -11.23 -19.31
CA PHE A 56 -8.44 -10.02 -20.10
C PHE A 56 -8.06 -8.88 -19.15
N LEU A 57 -7.39 -7.88 -19.68
CA LEU A 57 -6.96 -6.73 -18.82
C LEU A 57 -8.18 -6.15 -18.09
N GLU A 58 -8.00 -5.74 -16.87
CA GLU A 58 -9.14 -5.19 -16.09
C GLU A 58 -9.02 -3.66 -16.01
N GLY A 59 -8.40 -3.05 -16.99
CA GLY A 59 -8.23 -1.57 -16.96
C GLY A 59 -6.81 -1.24 -16.52
N ARG A 60 -6.45 0.01 -16.49
CA ARG A 60 -5.06 0.38 -16.08
C ARG A 60 -5.07 1.02 -14.70
N HIS A 61 -4.97 0.22 -13.67
CA HIS A 61 -4.96 0.78 -12.29
C HIS A 61 -4.07 -0.10 -11.39
N ALA A 62 -3.19 0.51 -10.64
CA ALA A 62 -2.30 -0.30 -9.75
C ALA A 62 -3.13 -1.02 -8.68
N GLU A 63 -4.11 -0.36 -8.14
CA GLU A 63 -4.96 -1.02 -7.09
C GLU A 63 -5.62 -2.26 -7.66
N LEU A 64 -6.03 -2.20 -8.90
CA LEU A 64 -6.69 -3.38 -9.53
C LEU A 64 -5.70 -4.55 -9.63
N CYS A 65 -4.46 -4.28 -9.95
CA CYS A 65 -3.47 -5.39 -10.07
C CYS A 65 -3.46 -6.15 -8.75
N PHE A 66 -3.43 -5.46 -7.65
CA PHE A 66 -3.45 -6.14 -6.33
C PHE A 66 -4.76 -6.91 -6.20
N LEU A 67 -5.83 -6.33 -6.67
CA LEU A 67 -7.15 -6.99 -6.57
C LEU A 67 -7.11 -8.31 -7.33
N ASP A 68 -6.38 -8.39 -8.40
CA ASP A 68 -6.29 -9.66 -9.18
C ASP A 68 -5.57 -10.74 -8.35
N VAL A 69 -4.64 -10.35 -7.54
CA VAL A 69 -3.88 -11.34 -6.73
C VAL A 69 -4.79 -11.98 -5.66
N ILE A 70 -5.69 -11.24 -5.09
CA ILE A 70 -6.57 -11.83 -4.03
C ILE A 70 -7.24 -13.13 -4.51
N PRO A 71 -7.97 -13.11 -5.62
CA PRO A 71 -8.65 -14.34 -6.12
C PRO A 71 -7.64 -15.44 -6.49
N PHE A 72 -6.43 -15.07 -6.81
CA PHE A 72 -5.43 -16.12 -7.18
C PHE A 72 -4.96 -16.86 -5.92
N TRP A 73 -5.03 -16.24 -4.78
CA TRP A 73 -4.59 -16.94 -3.54
C TRP A 73 -5.72 -17.82 -3.00
N LYS A 74 -6.85 -17.80 -3.65
CA LYS A 74 -7.99 -18.64 -3.20
C LYS A 74 -8.07 -18.63 -1.66
N LEU A 75 -8.33 -17.49 -1.07
CA LEU A 75 -8.40 -17.43 0.42
C LEU A 75 -9.75 -17.97 0.88
N ASP A 76 -9.77 -18.72 1.95
CA ASP A 76 -11.06 -19.27 2.45
C ASP A 76 -11.85 -18.18 3.17
N LEU A 77 -13.12 -18.07 2.88
CA LEU A 77 -13.96 -17.03 3.54
C LEU A 77 -14.11 -17.35 5.03
N ASP A 78 -14.04 -18.60 5.40
CA ASP A 78 -14.19 -18.97 6.83
C ASP A 78 -12.88 -18.76 7.58
N GLN A 79 -11.81 -18.56 6.86
CA GLN A 79 -10.49 -18.32 7.53
C GLN A 79 -10.12 -16.85 7.42
N ASP A 80 -9.48 -16.30 8.42
CA ASP A 80 -9.10 -14.86 8.36
C ASP A 80 -7.68 -14.73 7.80
N TYR A 81 -7.43 -13.73 6.99
CA TYR A 81 -6.08 -13.53 6.42
C TYR A 81 -5.61 -12.10 6.63
N ARG A 82 -4.36 -11.92 7.00
CA ARG A 82 -3.85 -10.53 7.20
C ARG A 82 -3.04 -10.15 5.95
N VAL A 83 -3.48 -9.15 5.23
CA VAL A 83 -2.73 -8.75 4.00
C VAL A 83 -2.34 -7.28 4.10
N THR A 84 -1.13 -6.97 3.74
CA THR A 84 -0.67 -5.54 3.80
C THR A 84 -0.29 -5.09 2.40
N CYS A 85 -0.41 -3.82 2.13
CA CYS A 85 -0.06 -3.32 0.76
C CYS A 85 0.74 -2.02 0.90
N PHE A 86 1.93 -1.99 0.32
CA PHE A 86 2.75 -0.75 0.40
C PHE A 86 2.81 -0.10 -0.98
N THR A 87 2.33 1.11 -1.10
CA THR A 87 2.35 1.80 -2.42
C THR A 87 2.72 3.27 -2.23
N SER A 88 3.28 3.89 -3.24
CA SER A 88 3.66 5.33 -3.10
C SER A 88 2.75 6.19 -3.98
N TRP A 89 1.46 6.03 -3.82
CA TRP A 89 0.49 6.85 -4.61
C TRP A 89 -0.89 6.75 -3.98
N SER A 90 -1.84 7.53 -4.44
CA SER A 90 -3.21 7.47 -3.85
C SER A 90 -4.16 6.80 -4.86
N PRO A 91 -5.20 6.18 -4.37
CA PRO A 91 -6.20 5.49 -5.25
C PRO A 91 -7.06 6.47 -6.04
N CYS A 92 -7.56 6.06 -7.17
CA CYS A 92 -8.42 6.97 -7.98
C CYS A 92 -9.81 7.04 -7.35
N PHE A 93 -10.58 8.03 -7.72
CA PHE A 93 -11.95 8.15 -7.12
C PHE A 93 -12.72 6.85 -7.38
N SER A 94 -12.76 6.39 -8.60
CA SER A 94 -13.49 5.12 -8.89
C SER A 94 -12.81 3.97 -8.15
N CYS A 95 -11.50 3.95 -8.13
CA CYS A 95 -10.77 2.86 -7.45
C CYS A 95 -10.99 2.95 -5.94
N ALA A 96 -11.10 4.15 -5.41
CA ALA A 96 -11.32 4.30 -3.95
C ALA A 96 -12.61 3.57 -3.56
N GLN A 97 -13.63 3.72 -4.33
CA GLN A 97 -14.92 3.04 -4.01
C GLN A 97 -14.74 1.53 -4.08
N GLU A 98 -13.91 1.05 -4.97
CA GLU A 98 -13.70 -0.42 -5.08
C GLU A 98 -13.13 -0.98 -3.78
N MET A 99 -12.21 -0.28 -3.15
CA MET A 99 -11.63 -0.79 -1.88
C MET A 99 -12.74 -0.88 -0.83
N ALA A 100 -13.62 0.08 -0.78
CA ALA A 100 -14.72 0.03 0.22
C ALA A 100 -15.63 -1.16 -0.08
N LYS A 101 -15.98 -1.36 -1.32
CA LYS A 101 -16.86 -2.49 -1.68
C LYS A 101 -16.15 -3.82 -1.38
N PHE A 102 -14.87 -3.88 -1.63
CA PHE A 102 -14.12 -5.14 -1.37
C PHE A 102 -14.19 -5.51 0.11
N ILE A 103 -13.87 -4.59 0.98
CA ILE A 103 -13.93 -4.90 2.43
C ILE A 103 -15.36 -5.24 2.84
N SER A 104 -16.32 -4.57 2.26
CA SER A 104 -17.74 -4.87 2.61
C SER A 104 -18.04 -6.33 2.30
N LYS A 105 -17.50 -6.83 1.21
CA LYS A 105 -17.75 -8.25 0.85
C LYS A 105 -16.76 -9.15 1.61
N ASN A 106 -15.73 -8.57 2.15
CA ASN A 106 -14.73 -9.38 2.90
C ASN A 106 -14.26 -8.60 4.13
N LYS A 107 -15.03 -8.59 5.17
CA LYS A 107 -14.64 -7.85 6.40
C LYS A 107 -13.74 -8.74 7.27
N HIS A 108 -13.54 -9.97 6.86
CA HIS A 108 -12.69 -10.90 7.66
C HIS A 108 -11.24 -10.79 7.20
N VAL A 109 -10.96 -9.94 6.25
CA VAL A 109 -9.57 -9.80 5.77
C VAL A 109 -8.94 -8.54 6.37
N SER A 110 -7.75 -8.65 6.90
CA SER A 110 -7.09 -7.45 7.47
C SER A 110 -6.40 -6.71 6.33
N LEU A 111 -6.95 -5.60 5.91
CA LEU A 111 -6.34 -4.85 4.77
C LEU A 111 -5.76 -3.52 5.24
N CYS A 112 -4.49 -3.34 5.05
CA CYS A 112 -3.83 -2.06 5.44
C CYS A 112 -2.99 -1.56 4.27
N ILE A 113 -3.24 -0.36 3.80
CA ILE A 113 -2.46 0.17 2.66
C ILE A 113 -1.65 1.40 3.09
N PHE A 114 -0.37 1.40 2.83
CA PHE A 114 0.46 2.58 3.22
C PHE A 114 0.73 3.40 1.97
N THR A 115 0.40 4.66 1.99
CA THR A 115 0.66 5.51 0.79
C THR A 115 1.92 6.35 1.01
N ALA A 116 2.99 6.05 0.32
CA ALA A 116 4.22 6.85 0.49
C ALA A 116 3.95 8.28 0.01
N ARG A 117 3.16 8.42 -1.01
CA ARG A 117 2.82 9.77 -1.53
C ARG A 117 1.35 9.81 -1.94
N ILE A 118 0.67 10.91 -1.73
CA ILE A 118 -0.77 10.99 -2.10
C ILE A 118 -0.95 11.99 -3.24
N TYR A 119 -1.42 11.52 -4.37
CA TYR A 119 -1.64 12.42 -5.53
C TYR A 119 -3.13 12.41 -5.90
N ASP A 120 -3.74 13.55 -6.04
CA ASP A 120 -5.18 13.56 -6.41
C ASP A 120 -5.33 13.50 -7.92
N ASP A 121 -5.96 12.45 -8.42
CA ASP A 121 -6.13 12.34 -9.90
C ASP A 121 -7.04 13.46 -10.39
N GLN A 122 -8.08 13.75 -9.66
CA GLN A 122 -9.01 14.84 -10.09
C GLN A 122 -9.47 15.63 -8.86
N GLY A 123 -10.04 16.78 -9.06
CA GLY A 123 -10.50 17.60 -7.90
C GLY A 123 -11.85 17.08 -7.42
N ARG A 124 -12.44 17.73 -6.46
CA ARG A 124 -13.76 17.27 -5.93
C ARG A 124 -13.66 15.80 -5.50
N CYS A 125 -12.50 15.21 -5.61
CA CYS A 125 -12.34 13.78 -5.21
C CYS A 125 -11.95 13.70 -3.74
N GLN A 126 -11.81 14.83 -3.10
CA GLN A 126 -11.42 14.84 -1.65
C GLN A 126 -12.45 14.03 -0.86
N GLU A 127 -13.70 14.11 -1.22
CA GLU A 127 -14.75 13.36 -0.48
C GLU A 127 -14.46 11.86 -0.58
N GLY A 128 -14.03 11.41 -1.72
CA GLY A 128 -13.75 9.96 -1.88
C GLY A 128 -12.68 9.53 -0.87
N LEU A 129 -11.70 10.37 -0.62
CA LEU A 129 -10.64 10.01 0.35
C LEU A 129 -11.26 9.77 1.73
N ARG A 130 -12.19 10.60 2.12
CA ARG A 130 -12.83 10.42 3.45
C ARG A 130 -13.53 9.07 3.50
N THR A 131 -14.26 8.73 2.47
CA THR A 131 -14.95 7.42 2.45
C THR A 131 -13.89 6.31 2.44
N LEU A 132 -12.83 6.52 1.73
CA LEU A 132 -11.75 5.50 1.66
C LEU A 132 -11.22 5.22 3.08
N ALA A 133 -11.07 6.24 3.87
CA ALA A 133 -10.55 6.02 5.25
C ALA A 133 -11.56 5.20 6.05
N GLU A 134 -12.83 5.42 5.83
CA GLU A 134 -13.87 4.66 6.59
C GLU A 134 -13.99 3.23 6.06
N ALA A 135 -14.17 3.07 4.77
CA ALA A 135 -14.32 1.70 4.21
C ALA A 135 -13.12 1.32 3.35
N GLY A 136 -12.34 2.28 2.92
CA GLY A 136 -11.17 1.94 2.07
C GLY A 136 -10.07 1.34 2.93
N ALA A 137 -10.44 0.53 3.88
CA ALA A 137 -9.42 -0.11 4.77
C ALA A 137 -8.58 0.96 5.48
N LYS A 138 -7.68 0.52 6.32
CA LYS A 138 -6.84 1.46 7.08
C LYS A 138 -5.72 2.01 6.18
N ILE A 139 -5.57 3.31 6.12
CA ILE A 139 -4.49 3.90 5.28
C ILE A 139 -3.64 4.85 6.13
N SER A 140 -2.33 4.72 6.05
CA SER A 140 -1.45 5.60 6.85
C SER A 140 -0.21 5.96 6.02
N ILE A 141 0.47 7.02 6.39
CA ILE A 141 1.69 7.41 5.64
C ILE A 141 2.88 6.59 6.15
N MET A 142 3.79 6.23 5.29
CA MET A 142 4.96 5.43 5.74
C MET A 142 5.80 6.26 6.71
N THR A 143 6.25 5.66 7.78
CA THR A 143 7.07 6.39 8.77
C THR A 143 8.47 5.76 8.87
N TYR A 144 9.41 6.47 9.41
CA TYR A 144 10.79 5.91 9.52
C TYR A 144 10.74 4.55 10.22
N SER A 145 9.97 4.43 11.26
CA SER A 145 9.89 3.12 11.97
C SER A 145 9.35 2.06 11.01
N GLU A 146 8.32 2.38 10.29
CA GLU A 146 7.74 1.41 9.32
C GLU A 146 8.73 1.17 8.18
N PHE A 147 9.43 2.20 7.77
CA PHE A 147 10.41 2.04 6.66
C PHE A 147 11.45 0.99 7.03
N LYS A 148 11.99 1.06 8.22
CA LYS A 148 13.02 0.06 8.63
C LYS A 148 12.44 -1.35 8.51
N HIS A 149 11.22 -1.53 8.94
CA HIS A 149 10.60 -2.88 8.85
C HIS A 149 10.49 -3.30 7.38
N CYS A 150 9.98 -2.43 6.55
CA CYS A 150 9.85 -2.78 5.11
C CYS A 150 11.25 -2.99 4.52
N TRP A 151 12.17 -2.14 4.87
CA TRP A 151 13.55 -2.29 4.36
C TRP A 151 14.11 -3.66 4.73
N ASP A 152 13.92 -4.08 5.94
CA ASP A 152 14.45 -5.42 6.36
C ASP A 152 13.66 -6.55 5.72
N THR A 153 12.36 -6.45 5.71
CA THR A 153 11.53 -7.55 5.11
C THR A 153 11.65 -7.59 3.59
N PHE A 154 11.48 -6.48 2.94
CA PHE A 154 11.57 -6.47 1.45
C PHE A 154 13.02 -6.64 0.98
N VAL A 155 13.96 -6.08 1.69
CA VAL A 155 15.39 -6.22 1.27
C VAL A 155 16.22 -6.73 2.45
N ASP A 156 17.21 -7.54 2.19
CA ASP A 156 18.05 -8.06 3.29
C ASP A 156 18.95 -6.93 3.79
N HIS A 157 18.51 -6.20 4.77
CA HIS A 157 19.34 -5.09 5.31
C HIS A 157 20.58 -5.65 5.99
N GLN A 158 20.61 -6.92 6.24
CA GLN A 158 21.80 -7.52 6.92
C GLN A 158 23.04 -7.32 6.03
N GLY A 159 24.05 -6.69 6.55
CA GLY A 159 25.29 -6.45 5.74
C GLY A 159 25.17 -5.08 5.08
N CYS A 160 23.98 -4.55 4.99
CA CYS A 160 23.80 -3.21 4.36
C CYS A 160 23.06 -2.30 5.34
N PRO A 161 23.77 -1.67 6.23
CA PRO A 161 23.17 -0.75 7.24
C PRO A 161 22.42 0.41 6.58
N PHE A 162 21.31 0.81 7.16
CA PHE A 162 20.53 1.94 6.56
C PHE A 162 20.87 3.23 7.30
N GLN A 163 21.20 4.27 6.58
CA GLN A 163 21.55 5.56 7.23
C GLN A 163 20.31 6.47 7.28
N PRO A 164 19.84 6.84 8.45
CA PRO A 164 18.64 7.72 8.57
C PRO A 164 18.92 9.15 8.11
N TRP A 165 18.02 9.72 7.39
CA TRP A 165 18.19 11.12 6.91
C TRP A 165 16.90 11.90 7.14
N ASP A 166 16.95 13.20 7.10
CA ASP A 166 15.70 13.99 7.32
C ASP A 166 14.91 14.10 6.01
N GLY A 167 15.02 13.11 5.17
CA GLY A 167 14.26 13.16 3.89
C GLY A 167 12.85 12.64 4.14
N LEU A 168 12.74 11.54 4.84
CA LEU A 168 11.40 10.97 5.14
C LEU A 168 10.61 11.99 5.98
N ASP A 169 11.28 12.70 6.84
CA ASP A 169 10.56 13.70 7.68
C ASP A 169 9.97 14.81 6.81
N GLU A 170 10.71 15.27 5.84
CA GLU A 170 10.17 16.35 4.96
C GLU A 170 8.95 15.81 4.21
N HIS A 171 9.04 14.60 3.71
CA HIS A 171 7.89 14.01 2.98
C HIS A 171 6.73 13.76 3.96
N SER A 172 7.02 13.22 5.11
CA SER A 172 5.94 12.93 6.10
C SER A 172 5.22 14.21 6.51
N GLN A 173 5.95 15.26 6.78
CA GLN A 173 5.29 16.53 7.19
C GLN A 173 4.38 17.02 6.07
N ASP A 174 4.80 16.89 4.85
CA ASP A 174 3.96 17.34 3.72
C ASP A 174 2.73 16.45 3.60
N LEU A 175 2.93 15.17 3.47
CA LEU A 175 1.78 14.24 3.35
C LEU A 175 0.97 14.26 4.64
N SER A 176 1.62 14.28 5.76
CA SER A 176 0.87 14.31 7.05
C SER A 176 0.06 15.61 7.12
N GLY A 177 0.63 16.70 6.69
CA GLY A 177 -0.12 17.99 6.72
C GLY A 177 -1.33 17.92 5.80
N ARG A 178 -1.15 17.46 4.60
CA ARG A 178 -2.31 17.36 3.66
C ARG A 178 -3.36 16.42 4.24
N LEU A 179 -2.93 15.31 4.77
CA LEU A 179 -3.90 14.35 5.37
C LEU A 179 -4.55 15.00 6.59
N ARG A 180 -3.78 15.76 7.32
CA ARG A 180 -4.33 16.43 8.54
C ARG A 180 -5.57 17.24 8.15
N ALA A 181 -5.53 17.91 7.04
CA ALA A 181 -6.69 18.73 6.61
C ALA A 181 -7.89 17.82 6.28
N ILE A 182 -7.64 16.71 5.63
CA ILE A 182 -8.75 15.79 5.28
C ILE A 182 -9.44 15.30 6.56
N LEU A 183 -8.67 14.79 7.49
CA LEU A 183 -9.28 14.30 8.76
C LEU A 183 -9.85 15.48 9.53
N GLN A 184 -9.27 16.64 9.39
CA GLN A 184 -9.80 17.84 10.11
C GLN A 184 -11.22 18.13 9.65
N ASN A 185 -11.50 17.90 8.39
CA ASN A 185 -12.86 18.15 7.87
C ASN A 185 -13.75 16.95 8.17
N GLN A 186 -13.24 15.98 8.89
CA GLN A 186 -14.06 14.81 9.22
C GLN A 186 -15.29 15.28 9.99
N GLU A 187 -16.40 15.42 9.31
CA GLU A 187 -17.62 15.90 10.00
C GLU A 187 -18.13 14.83 10.96
N ASN A 188 -18.44 15.21 12.17
CA ASN A 188 -18.93 14.22 13.17
C ASN A 188 -18.13 12.93 13.05
N MET A 1 15.94 -11.35 -2.38
CA MET A 1 15.96 -9.89 -2.09
C MET A 1 16.95 -9.19 -3.01
N ASP A 2 16.56 -8.12 -3.62
CA ASP A 2 17.48 -7.38 -4.52
C ASP A 2 18.05 -6.18 -3.76
N PRO A 3 19.14 -5.63 -4.21
CA PRO A 3 19.77 -4.46 -3.56
C PRO A 3 18.70 -3.53 -2.99
N PRO A 4 19.05 -2.74 -2.00
CA PRO A 4 18.10 -1.78 -1.34
C PRO A 4 17.18 -1.06 -2.34
N THR A 5 16.27 -1.77 -2.94
CA THR A 5 15.34 -1.14 -3.92
C THR A 5 14.36 -0.21 -3.18
N PHE A 6 13.95 -0.60 -2.00
CA PHE A 6 12.99 0.24 -1.24
C PHE A 6 13.66 1.57 -0.90
N THR A 7 14.89 1.51 -0.47
CA THR A 7 15.62 2.77 -0.14
C THR A 7 15.81 3.57 -1.42
N PHE A 8 16.18 2.91 -2.48
CA PHE A 8 16.40 3.61 -3.76
C PHE A 8 15.07 4.21 -4.23
N ASN A 9 14.00 3.49 -4.04
CA ASN A 9 12.67 3.98 -4.49
C ASN A 9 12.34 5.32 -3.81
N PHE A 10 12.65 5.47 -2.55
CA PHE A 10 12.34 6.77 -1.87
C PHE A 10 13.30 7.86 -2.37
N ASN A 11 14.52 7.50 -2.67
CA ASN A 11 15.49 8.53 -3.16
C ASN A 11 15.33 8.69 -4.67
N ASN A 12 14.34 8.08 -5.25
CA ASN A 12 14.14 8.19 -6.72
C ASN A 12 13.30 9.41 -7.06
N GLU A 13 13.21 10.37 -6.18
CA GLU A 13 12.40 11.58 -6.50
C GLU A 13 12.89 12.20 -7.82
N PRO A 14 14.16 12.51 -7.93
CA PRO A 14 14.73 13.10 -9.17
C PRO A 14 14.86 12.06 -10.28
N TRP A 15 15.04 10.82 -9.91
CA TRP A 15 15.15 9.74 -10.92
C TRP A 15 13.88 9.68 -11.75
N VAL A 16 12.78 10.07 -11.17
CA VAL A 16 11.49 10.04 -11.90
C VAL A 16 11.54 10.99 -13.10
N ARG A 17 11.59 10.46 -14.29
CA ARG A 17 11.65 11.31 -15.50
C ARG A 17 10.33 11.19 -16.27
N GLY A 18 9.35 10.56 -15.67
CA GLY A 18 8.03 10.39 -16.36
C GLY A 18 7.94 8.99 -16.94
N ARG A 19 8.94 8.18 -16.76
CA ARG A 19 8.90 6.79 -17.29
C ARG A 19 9.30 5.81 -16.18
N HIS A 20 8.42 5.58 -15.24
CA HIS A 20 8.76 4.64 -14.14
C HIS A 20 7.61 3.64 -13.92
N GLU A 21 7.94 2.41 -13.63
CA GLU A 21 6.86 1.39 -13.39
C GLU A 21 6.65 1.29 -11.88
N THR A 22 5.58 0.65 -11.46
CA THR A 22 5.33 0.56 -9.99
C THR A 22 5.00 -0.88 -9.59
N TYR A 23 5.36 -1.25 -8.39
CA TYR A 23 5.06 -2.61 -7.89
C TYR A 23 4.49 -2.48 -6.47
N LEU A 24 3.57 -3.34 -6.09
CA LEU A 24 2.99 -3.23 -4.73
C LEU A 24 3.50 -4.37 -3.85
N CYS A 25 3.81 -4.08 -2.62
CA CYS A 25 4.31 -5.14 -1.69
C CYS A 25 3.33 -5.29 -0.53
N TYR A 26 2.91 -6.49 -0.23
CA TYR A 26 1.95 -6.69 0.89
C TYR A 26 2.31 -7.93 1.70
N GLU A 27 1.77 -8.03 2.88
CA GLU A 27 2.07 -9.21 3.75
C GLU A 27 0.73 -9.82 4.17
N VAL A 28 0.72 -11.08 4.56
CA VAL A 28 -0.55 -11.72 4.97
C VAL A 28 -0.46 -12.14 6.45
N GLU A 29 -1.52 -11.94 7.17
CA GLU A 29 -1.53 -12.33 8.61
C GLU A 29 -2.80 -13.14 8.88
N ARG A 30 -2.76 -14.03 9.84
CA ARG A 30 -3.97 -14.85 10.13
C ARG A 30 -4.47 -14.56 11.54
N MET A 31 -5.75 -14.25 11.67
CA MET A 31 -6.31 -13.96 13.01
C MET A 31 -7.47 -14.90 13.31
N HIS A 32 -7.45 -15.52 14.46
CA HIS A 32 -8.56 -16.45 14.82
C HIS A 32 -9.52 -15.73 15.76
N ASN A 33 -10.79 -16.00 15.67
CA ASN A 33 -11.77 -15.30 16.55
C ASN A 33 -11.41 -15.52 18.02
N ASP A 34 -10.95 -16.70 18.36
CA ASP A 34 -10.59 -16.97 19.78
C ASP A 34 -9.09 -16.79 19.98
N THR A 35 -8.33 -16.81 18.92
CA THR A 35 -6.86 -16.65 19.05
C THR A 35 -6.31 -15.81 17.89
N TRP A 36 -5.17 -15.22 18.07
CA TRP A 36 -4.55 -14.40 16.99
C TRP A 36 -3.29 -15.10 16.51
N VAL A 37 -3.06 -15.14 15.21
CA VAL A 37 -1.83 -15.82 14.69
C VAL A 37 -1.02 -14.84 13.86
N LEU A 38 0.27 -14.75 14.11
CA LEU A 38 1.11 -13.80 13.32
C LEU A 38 1.84 -14.57 12.22
N LEU A 39 1.48 -14.31 10.99
CA LEU A 39 2.16 -14.99 9.86
C LEU A 39 3.26 -14.08 9.30
N ASN A 40 3.73 -13.17 10.10
CA ASN A 40 4.79 -12.22 9.65
C ASN A 40 6.04 -13.01 9.23
N GLN A 41 6.17 -14.21 9.69
CA GLN A 41 7.37 -15.03 9.32
C GLN A 41 7.47 -15.09 7.80
N ARG A 42 6.36 -15.08 7.12
CA ARG A 42 6.40 -15.14 5.62
C ARG A 42 5.91 -13.80 5.05
N ARG A 43 6.49 -13.39 3.95
CA ARG A 43 6.07 -12.09 3.33
C ARG A 43 5.62 -12.34 1.89
N GLY A 44 4.99 -11.36 1.29
CA GLY A 44 4.52 -11.55 -0.12
C GLY A 44 4.77 -10.27 -0.91
N PHE A 45 4.91 -10.37 -2.21
CA PHE A 45 5.15 -9.16 -3.03
C PHE A 45 4.31 -9.22 -4.30
N LEU A 46 3.98 -8.09 -4.86
CA LEU A 46 3.17 -8.07 -6.11
C LEU A 46 3.93 -7.28 -7.18
N CYS A 47 3.94 -7.76 -8.39
CA CYS A 47 4.68 -7.05 -9.47
C CYS A 47 3.77 -6.89 -10.69
N ASN A 48 4.25 -6.24 -11.72
CA ASN A 48 3.41 -6.04 -12.94
C ASN A 48 3.23 -7.40 -13.63
N GLN A 49 3.75 -8.44 -13.06
CA GLN A 49 3.60 -9.78 -13.69
C GLN A 49 2.48 -10.53 -12.97
N ALA A 50 1.38 -10.77 -13.64
CA ALA A 50 0.25 -11.48 -13.00
C ALA A 50 0.38 -12.99 -13.23
N PRO A 51 -0.25 -13.78 -12.41
CA PRO A 51 -0.21 -15.27 -12.53
C PRO A 51 -0.98 -15.75 -13.75
N HIS A 52 -0.55 -16.83 -14.36
CA HIS A 52 -1.27 -17.36 -15.55
C HIS A 52 -2.72 -17.66 -15.21
N LYS A 53 -2.96 -18.11 -14.01
CA LYS A 53 -4.34 -18.46 -13.58
C LYS A 53 -5.25 -17.23 -13.65
N HIS A 54 -4.71 -16.04 -13.62
CA HIS A 54 -5.58 -14.84 -13.65
C HIS A 54 -6.28 -14.72 -15.01
N GLY A 55 -5.72 -15.27 -16.05
CA GLY A 55 -6.39 -15.19 -17.38
C GLY A 55 -5.57 -14.32 -18.33
N PHE A 56 -6.23 -13.52 -19.13
CA PHE A 56 -5.52 -12.64 -20.09
C PHE A 56 -5.71 -11.18 -19.66
N LEU A 57 -4.90 -10.29 -20.18
CA LEU A 57 -5.03 -8.85 -19.79
C LEU A 57 -6.40 -8.32 -20.20
N GLU A 58 -7.17 -7.83 -19.25
CA GLU A 58 -8.52 -7.29 -19.57
C GLU A 58 -8.53 -5.78 -19.31
N GLY A 59 -7.65 -5.31 -18.47
CA GLY A 59 -7.62 -3.85 -18.17
C GLY A 59 -6.24 -3.50 -17.60
N ARG A 60 -6.02 -2.24 -17.27
CA ARG A 60 -4.69 -1.84 -16.71
C ARG A 60 -4.89 -1.10 -15.39
N HIS A 61 -4.91 -1.79 -14.29
CA HIS A 61 -5.10 -1.12 -12.97
C HIS A 61 -4.32 -1.86 -11.89
N ALA A 62 -3.44 -1.18 -11.21
CA ALA A 62 -2.65 -1.85 -10.14
C ALA A 62 -3.58 -2.28 -9.00
N GLU A 63 -4.54 -1.45 -8.67
CA GLU A 63 -5.47 -1.82 -7.56
C GLU A 63 -6.25 -3.08 -7.93
N LEU A 64 -6.67 -3.20 -9.16
CA LEU A 64 -7.43 -4.41 -9.57
C LEU A 64 -6.53 -5.64 -9.48
N CYS A 65 -5.28 -5.51 -9.84
CA CYS A 65 -4.36 -6.67 -9.77
C CYS A 65 -4.32 -7.19 -8.32
N PHE A 66 -4.29 -6.29 -7.38
CA PHE A 66 -4.24 -6.70 -5.95
C PHE A 66 -5.52 -7.48 -5.63
N LEU A 67 -6.64 -7.03 -6.13
CA LEU A 67 -7.92 -7.74 -5.86
C LEU A 67 -7.83 -9.17 -6.40
N ASP A 68 -7.08 -9.38 -7.45
CA ASP A 68 -6.95 -10.75 -8.04
C ASP A 68 -6.17 -11.66 -7.06
N VAL A 69 -5.24 -11.11 -6.34
CA VAL A 69 -4.45 -11.93 -5.40
C VAL A 69 -5.32 -12.43 -4.22
N ILE A 70 -6.24 -11.63 -3.76
CA ILE A 70 -7.09 -12.06 -2.62
C ILE A 70 -7.72 -13.44 -2.88
N PRO A 71 -8.46 -13.62 -3.94
CA PRO A 71 -9.10 -14.93 -4.25
C PRO A 71 -8.06 -16.03 -4.47
N PHE A 72 -6.86 -15.67 -4.82
CA PHE A 72 -5.81 -16.70 -5.05
C PHE A 72 -5.34 -17.26 -3.69
N TRP A 73 -5.47 -16.49 -2.64
CA TRP A 73 -5.02 -16.98 -1.31
C TRP A 73 -6.13 -17.82 -0.68
N LYS A 74 -7.24 -17.96 -1.35
CA LYS A 74 -8.36 -18.78 -0.80
C LYS A 74 -8.49 -18.52 0.71
N LEU A 75 -8.84 -17.33 1.10
CA LEU A 75 -8.98 -17.03 2.55
C LEU A 75 -10.34 -17.52 3.04
N ASP A 76 -10.40 -18.04 4.25
CA ASP A 76 -11.69 -18.55 4.77
C ASP A 76 -12.56 -17.38 5.24
N LEU A 77 -13.79 -17.34 4.81
CA LEU A 77 -14.70 -16.25 5.23
C LEU A 77 -14.99 -16.33 6.73
N ASP A 78 -14.91 -17.50 7.30
CA ASP A 78 -15.20 -17.65 8.75
C ASP A 78 -13.97 -17.26 9.58
N GLN A 79 -12.84 -17.12 8.96
CA GLN A 79 -11.61 -16.73 9.72
C GLN A 79 -11.27 -15.27 9.41
N ASP A 80 -10.76 -14.54 10.37
CA ASP A 80 -10.41 -13.12 10.10
C ASP A 80 -9.02 -13.04 9.48
N TYR A 81 -8.84 -12.15 8.54
CA TYR A 81 -7.51 -12.00 7.89
C TYR A 81 -7.07 -10.54 7.92
N ARG A 82 -5.85 -10.29 8.31
CA ARG A 82 -5.34 -8.89 8.33
C ARG A 82 -4.23 -8.77 7.30
N VAL A 83 -4.39 -7.90 6.34
CA VAL A 83 -3.36 -7.75 5.28
C VAL A 83 -2.85 -6.31 5.22
N THR A 84 -1.58 -6.13 5.09
CA THR A 84 -1.01 -4.75 5.00
C THR A 84 -0.43 -4.54 3.60
N CYS A 85 -0.47 -3.34 3.10
CA CYS A 85 0.07 -3.09 1.74
C CYS A 85 0.88 -1.80 1.71
N PHE A 86 2.10 -1.85 1.23
CA PHE A 86 2.93 -0.62 1.16
C PHE A 86 3.03 -0.19 -0.31
N THR A 87 2.58 0.99 -0.62
CA THR A 87 2.63 1.46 -2.04
C THR A 87 3.04 2.93 -2.10
N SER A 88 3.63 3.35 -3.19
CA SER A 88 4.05 4.78 -3.31
C SER A 88 3.20 5.46 -4.39
N TRP A 89 1.91 5.35 -4.30
CA TRP A 89 1.00 5.98 -5.31
C TRP A 89 -0.43 5.99 -4.78
N SER A 90 -1.33 6.64 -5.47
CA SER A 90 -2.74 6.69 -5.01
C SER A 90 -3.63 5.92 -5.99
N PRO A 91 -4.77 5.45 -5.54
CA PRO A 91 -5.73 4.69 -6.38
C PRO A 91 -6.41 5.57 -7.43
N CYS A 92 -6.82 5.00 -8.54
CA CYS A 92 -7.50 5.81 -9.58
C CYS A 92 -8.85 6.29 -9.05
N PHE A 93 -9.46 7.24 -9.71
CA PHE A 93 -10.77 7.76 -9.23
C PHE A 93 -11.80 6.63 -9.23
N SER A 94 -11.95 5.95 -10.35
CA SER A 94 -12.95 4.84 -10.42
C SER A 94 -12.50 3.70 -9.51
N CYS A 95 -11.22 3.44 -9.45
CA CYS A 95 -10.72 2.34 -8.59
C CYS A 95 -10.95 2.68 -7.11
N ALA A 96 -10.84 3.93 -6.76
CA ALA A 96 -11.07 4.32 -5.33
C ALA A 96 -12.47 3.89 -4.91
N GLN A 97 -13.44 4.13 -5.74
CA GLN A 97 -14.84 3.73 -5.39
C GLN A 97 -14.93 2.21 -5.32
N GLU A 98 -14.20 1.52 -6.16
CA GLU A 98 -14.25 0.03 -6.15
C GLU A 98 -13.61 -0.48 -4.86
N MET A 99 -12.58 0.16 -4.41
CA MET A 99 -11.91 -0.29 -3.16
C MET A 99 -12.92 -0.29 -2.01
N ALA A 100 -13.77 0.71 -1.96
CA ALA A 100 -14.79 0.76 -0.87
C ALA A 100 -15.71 -0.46 -1.00
N LYS A 101 -16.06 -0.83 -2.20
CA LYS A 101 -16.94 -2.00 -2.40
C LYS A 101 -16.24 -3.28 -1.91
N PHE A 102 -14.95 -3.35 -2.06
CA PHE A 102 -14.22 -4.57 -1.62
C PHE A 102 -14.48 -4.84 -0.14
N ILE A 103 -14.27 -3.85 0.70
CA ILE A 103 -14.52 -4.06 2.15
C ILE A 103 -15.98 -4.39 2.38
N SER A 104 -16.86 -3.75 1.68
CA SER A 104 -18.30 -4.03 1.86
C SER A 104 -18.57 -5.51 1.57
N LYS A 105 -17.90 -6.05 0.58
CA LYS A 105 -18.10 -7.50 0.26
C LYS A 105 -17.20 -8.34 1.17
N ASN A 106 -16.23 -7.73 1.78
CA ASN A 106 -15.32 -8.49 2.69
C ASN A 106 -15.00 -7.63 3.91
N LYS A 107 -15.89 -7.59 4.85
CA LYS A 107 -15.65 -6.76 6.08
C LYS A 107 -14.85 -7.58 7.10
N HIS A 108 -14.59 -8.83 6.79
CA HIS A 108 -13.82 -9.68 7.75
C HIS A 108 -12.32 -9.49 7.52
N VAL A 109 -11.95 -8.76 6.51
CA VAL A 109 -10.50 -8.56 6.23
C VAL A 109 -10.08 -7.15 6.68
N SER A 110 -8.98 -7.05 7.39
CA SER A 110 -8.51 -5.70 7.81
C SER A 110 -7.53 -5.21 6.75
N LEU A 111 -7.93 -4.26 5.95
CA LEU A 111 -7.03 -3.76 4.87
C LEU A 111 -6.43 -2.40 5.23
N CYS A 112 -5.14 -2.30 5.17
CA CYS A 112 -4.47 -1.00 5.47
C CYS A 112 -3.47 -0.69 4.34
N ILE A 113 -3.58 0.46 3.74
CA ILE A 113 -2.65 0.81 2.63
C ILE A 113 -1.82 2.05 2.98
N PHE A 114 -0.54 1.98 2.84
CA PHE A 114 0.31 3.17 3.15
C PHE A 114 0.75 3.81 1.84
N THR A 115 0.49 5.08 1.65
CA THR A 115 0.90 5.74 0.40
C THR A 115 2.09 6.67 0.66
N ALA A 116 3.23 6.36 0.10
CA ALA A 116 4.42 7.22 0.32
C ALA A 116 4.17 8.58 -0.34
N ARG A 117 3.59 8.59 -1.51
CA ARG A 117 3.31 9.88 -2.18
C ARG A 117 1.98 9.79 -2.94
N ILE A 118 1.22 10.85 -2.95
CA ILE A 118 -0.09 10.85 -3.68
C ILE A 118 -0.06 11.91 -4.77
N TYR A 119 -0.26 11.52 -6.00
CA TYR A 119 -0.25 12.52 -7.11
C TYR A 119 -1.64 12.58 -7.76
N ASP A 120 -2.33 13.68 -7.61
CA ASP A 120 -3.68 13.80 -8.22
C ASP A 120 -3.57 14.54 -9.55
N ASP A 121 -3.92 13.92 -10.64
CA ASP A 121 -3.84 14.60 -11.96
C ASP A 121 -4.73 15.85 -11.93
N GLN A 122 -5.89 15.74 -11.34
CA GLN A 122 -6.81 16.91 -11.26
C GLN A 122 -7.31 17.06 -9.82
N GLY A 123 -7.28 18.25 -9.29
CA GLY A 123 -7.75 18.45 -7.90
C GLY A 123 -9.26 18.70 -7.90
N ARG A 124 -10.03 17.73 -7.47
CA ARG A 124 -11.52 17.91 -7.44
C ARG A 124 -12.16 16.68 -6.79
N CYS A 125 -11.69 15.51 -7.12
CA CYS A 125 -12.27 14.28 -6.54
C CYS A 125 -11.93 14.20 -5.05
N GLN A 126 -11.92 15.31 -4.37
CA GLN A 126 -11.60 15.29 -2.92
C GLN A 126 -12.57 14.35 -2.21
N GLU A 127 -13.80 14.29 -2.67
CA GLU A 127 -14.78 13.39 -2.03
C GLU A 127 -14.29 11.94 -2.14
N GLY A 128 -13.66 11.60 -3.24
CA GLY A 128 -13.16 10.21 -3.40
C GLY A 128 -12.18 9.89 -2.27
N LEU A 129 -11.28 10.79 -1.98
CA LEU A 129 -10.31 10.53 -0.89
C LEU A 129 -11.05 10.43 0.45
N ARG A 130 -12.00 11.29 0.68
CA ARG A 130 -12.77 11.23 1.95
C ARG A 130 -13.55 9.91 2.00
N THR A 131 -14.20 9.57 0.93
CA THR A 131 -14.96 8.31 0.90
C THR A 131 -13.97 7.14 0.97
N LEU A 132 -12.88 7.26 0.29
CA LEU A 132 -11.86 6.19 0.30
C LEU A 132 -11.37 5.96 1.74
N ALA A 133 -11.18 7.01 2.48
CA ALA A 133 -10.71 6.84 3.88
C ALA A 133 -11.80 6.15 4.71
N GLU A 134 -13.04 6.41 4.41
CA GLU A 134 -14.14 5.77 5.18
C GLU A 134 -14.30 4.30 4.78
N ALA A 135 -14.46 4.02 3.51
CA ALA A 135 -14.64 2.61 3.07
C ALA A 135 -13.44 2.14 2.26
N GLY A 136 -12.64 3.05 1.76
CA GLY A 136 -11.45 2.62 0.97
C GLY A 136 -10.36 2.16 1.93
N ALA A 137 -10.72 1.44 2.94
CA ALA A 137 -9.71 0.96 3.92
C ALA A 137 -9.00 2.14 4.57
N LYS A 138 -8.14 1.88 5.51
CA LYS A 138 -7.42 2.98 6.20
C LYS A 138 -6.15 3.34 5.42
N ILE A 139 -5.94 4.61 5.17
CA ILE A 139 -4.71 5.03 4.42
C ILE A 139 -3.91 6.02 5.26
N SER A 140 -2.64 5.79 5.42
CA SER A 140 -1.80 6.70 6.23
C SER A 140 -0.50 7.00 5.49
N ILE A 141 0.12 8.11 5.76
CA ILE A 141 1.39 8.45 5.07
C ILE A 141 2.53 7.68 5.74
N MET A 142 3.43 7.13 4.97
CA MET A 142 4.55 6.37 5.58
C MET A 142 5.57 7.33 6.19
N THR A 143 5.91 7.14 7.42
CA THR A 143 6.90 8.04 8.08
C THR A 143 8.29 7.40 8.00
N TYR A 144 9.32 8.17 8.13
CA TYR A 144 10.70 7.59 8.05
C TYR A 144 10.81 6.45 9.07
N SER A 145 10.25 6.61 10.23
CA SER A 145 10.31 5.51 11.25
C SER A 145 9.61 4.28 10.70
N GLU A 146 8.47 4.46 10.09
CA GLU A 146 7.75 3.29 9.52
C GLU A 146 8.62 2.64 8.45
N PHE A 147 9.32 3.43 7.69
CA PHE A 147 10.19 2.86 6.64
C PHE A 147 11.22 1.94 7.28
N LYS A 148 11.75 2.31 8.41
CA LYS A 148 12.76 1.44 9.08
C LYS A 148 12.17 0.05 9.30
N HIS A 149 10.93 -0.02 9.69
CA HIS A 149 10.31 -1.36 9.92
C HIS A 149 10.25 -2.12 8.58
N CYS A 150 9.79 -1.48 7.54
CA CYS A 150 9.73 -2.16 6.23
C CYS A 150 11.14 -2.52 5.78
N TRP A 151 12.09 -1.68 6.10
CA TRP A 151 13.49 -1.95 5.70
C TRP A 151 13.95 -3.29 6.27
N ASP A 152 13.83 -3.49 7.55
CA ASP A 152 14.27 -4.79 8.15
C ASP A 152 13.32 -5.94 7.78
N THR A 153 12.04 -5.70 7.85
CA THR A 153 11.06 -6.79 7.57
C THR A 153 11.04 -7.22 6.10
N PHE A 154 10.96 -6.29 5.19
CA PHE A 154 10.87 -6.69 3.75
C PHE A 154 12.25 -7.00 3.16
N VAL A 155 13.25 -6.22 3.49
CA VAL A 155 14.61 -6.49 2.93
C VAL A 155 15.62 -6.69 4.06
N ASP A 156 16.37 -7.76 3.99
CA ASP A 156 17.38 -8.03 5.05
C ASP A 156 18.68 -7.31 4.69
N HIS A 157 19.07 -6.34 5.49
CA HIS A 157 20.33 -5.60 5.18
C HIS A 157 21.49 -6.18 6.00
N GLN A 158 21.18 -7.10 6.89
CA GLN A 158 22.23 -7.74 7.77
C GLN A 158 23.65 -7.30 7.41
N GLY A 159 24.26 -6.54 8.28
CA GLY A 159 25.66 -6.08 8.03
C GLY A 159 25.65 -4.68 7.39
N CYS A 160 24.55 -4.29 6.81
CA CYS A 160 24.47 -2.94 6.18
C CYS A 160 23.25 -2.19 6.71
N PRO A 161 23.37 -1.58 7.86
CA PRO A 161 22.24 -0.82 8.48
C PRO A 161 21.82 0.39 7.63
N PHE A 162 20.55 0.65 7.55
CA PHE A 162 20.08 1.83 6.75
C PHE A 162 20.31 3.12 7.56
N GLN A 163 20.86 4.12 6.95
CA GLN A 163 21.12 5.39 7.69
C GLN A 163 19.99 6.39 7.36
N PRO A 164 19.31 6.91 8.36
CA PRO A 164 18.21 7.88 8.12
C PRO A 164 18.72 9.24 7.64
N TRP A 165 18.06 9.81 6.67
CA TRP A 165 18.47 11.14 6.15
C TRP A 165 17.24 12.04 6.04
N ASP A 166 17.45 13.33 5.89
CA ASP A 166 16.27 14.24 5.79
C ASP A 166 15.64 14.12 4.40
N GLY A 167 15.76 12.97 3.80
CA GLY A 167 15.16 12.78 2.44
C GLY A 167 13.74 12.25 2.63
N LEU A 168 13.58 11.23 3.42
CA LEU A 168 12.23 10.68 3.66
C LEU A 168 11.35 11.76 4.28
N ASP A 169 11.94 12.58 5.13
CA ASP A 169 11.15 13.66 5.77
C ASP A 169 10.71 14.67 4.72
N GLU A 170 11.58 15.00 3.80
CA GLU A 170 11.19 15.98 2.74
C GLU A 170 10.02 15.40 1.94
N HIS A 171 10.10 14.14 1.59
CA HIS A 171 9.00 13.51 0.83
C HIS A 171 7.75 13.42 1.70
N SER A 172 7.90 12.94 2.90
CA SER A 172 6.74 12.82 3.82
C SER A 172 6.19 14.20 4.16
N GLN A 173 7.05 15.17 4.29
CA GLN A 173 6.57 16.53 4.63
C GLN A 173 5.56 17.01 3.58
N ASP A 174 5.80 16.70 2.34
CA ASP A 174 4.86 17.12 1.27
C ASP A 174 3.50 16.45 1.47
N LEU A 175 3.51 15.17 1.73
CA LEU A 175 2.22 14.45 1.93
C LEU A 175 1.55 14.93 3.21
N SER A 176 2.31 15.15 4.24
CA SER A 176 1.71 15.61 5.53
C SER A 176 1.01 16.95 5.30
N GLY A 177 1.61 17.83 4.55
CA GLY A 177 0.97 19.15 4.29
C GLY A 177 -0.25 18.99 3.38
N ARG A 178 -0.09 18.34 2.26
CA ARG A 178 -1.24 18.16 1.33
C ARG A 178 -2.32 17.31 1.97
N LEU A 179 -1.95 16.23 2.62
CA LEU A 179 -2.98 15.37 3.27
C LEU A 179 -3.67 16.14 4.39
N ARG A 180 -2.93 16.93 5.12
CA ARG A 180 -3.55 17.71 6.23
C ARG A 180 -4.68 18.58 5.68
N ALA A 181 -4.50 19.14 4.52
CA ALA A 181 -5.56 20.01 3.94
C ALA A 181 -6.83 19.19 3.65
N ILE A 182 -6.66 18.00 3.13
CA ILE A 182 -7.84 17.16 2.82
C ILE A 182 -8.63 16.87 4.09
N LEU A 183 -7.96 16.43 5.13
CA LEU A 183 -8.67 16.13 6.40
C LEU A 183 -9.28 17.42 6.96
N GLN A 184 -8.60 18.52 6.82
CA GLN A 184 -9.15 19.81 7.34
C GLN A 184 -10.44 20.16 6.60
N ASN A 185 -10.50 19.88 5.32
CA ASN A 185 -11.72 20.21 4.55
C ASN A 185 -12.73 19.08 4.70
N GLN A 186 -12.45 18.11 5.53
CA GLN A 186 -13.42 17.00 5.71
C GLN A 186 -14.76 17.60 6.11
N GLU A 187 -15.65 17.77 5.18
CA GLU A 187 -16.97 18.36 5.50
C GLU A 187 -17.79 17.37 6.31
N ASN A 188 -18.37 17.82 7.39
CA ASN A 188 -19.19 16.91 8.23
C ASN A 188 -20.55 16.67 7.57
N MET A 1 17.26 -10.57 -2.58
CA MET A 1 17.14 -9.10 -2.37
C MET A 1 18.07 -8.37 -3.35
N ASP A 2 17.57 -7.36 -4.00
CA ASP A 2 18.42 -6.60 -4.95
C ASP A 2 18.89 -5.32 -4.26
N PRO A 3 19.92 -4.71 -4.77
CA PRO A 3 20.47 -3.47 -4.19
C PRO A 3 19.34 -2.60 -3.63
N PRO A 4 19.63 -1.75 -2.66
CA PRO A 4 18.62 -0.87 -2.02
C PRO A 4 17.63 -0.25 -3.02
N THR A 5 16.77 -1.05 -3.57
CA THR A 5 15.77 -0.52 -4.55
C THR A 5 14.74 0.33 -3.81
N PHE A 6 14.40 -0.05 -2.61
CA PHE A 6 13.40 0.73 -1.84
C PHE A 6 13.94 2.13 -1.63
N THR A 7 15.19 2.24 -1.29
CA THR A 7 15.80 3.57 -1.08
C THR A 7 15.83 4.33 -2.41
N PHE A 8 16.19 3.65 -3.47
CA PHE A 8 16.24 4.31 -4.79
C PHE A 8 14.83 4.74 -5.20
N ASN A 9 13.83 3.98 -4.83
CA ASN A 9 12.43 4.34 -5.20
C ASN A 9 12.10 5.73 -4.64
N PHE A 10 12.49 6.03 -3.44
CA PHE A 10 12.18 7.38 -2.87
C PHE A 10 13.04 8.45 -3.56
N ASN A 11 14.24 8.10 -3.94
CA ASN A 11 15.13 9.09 -4.60
C ASN A 11 14.84 9.13 -6.10
N ASN A 12 13.83 8.43 -6.54
CA ASN A 12 13.52 8.44 -8.00
C ASN A 12 12.63 9.62 -8.36
N GLU A 13 12.40 10.51 -7.44
CA GLU A 13 11.55 11.69 -7.77
C GLU A 13 12.14 12.44 -8.98
N PRO A 14 13.38 12.85 -8.91
CA PRO A 14 14.03 13.56 -10.04
C PRO A 14 14.22 12.64 -11.25
N TRP A 15 14.33 11.37 -11.01
CA TRP A 15 14.47 10.39 -12.12
C TRP A 15 13.25 10.46 -13.03
N VAL A 16 12.31 11.29 -12.67
CA VAL A 16 11.07 11.40 -13.48
C VAL A 16 11.40 11.77 -14.93
N ARG A 17 11.85 10.81 -15.69
CA ARG A 17 12.16 11.08 -17.12
C ARG A 17 11.00 10.55 -17.96
N GLY A 18 9.97 10.06 -17.32
CA GLY A 18 8.79 9.53 -18.05
C GLY A 18 8.94 8.01 -18.20
N ARG A 19 10.00 7.46 -17.67
CA ARG A 19 10.19 5.98 -17.77
C ARG A 19 10.60 5.43 -16.40
N HIS A 20 9.68 5.35 -15.48
CA HIS A 20 10.01 4.82 -14.13
C HIS A 20 8.99 3.75 -13.73
N GLU A 21 9.44 2.58 -13.37
CA GLU A 21 8.48 1.52 -12.94
C GLU A 21 8.48 1.44 -11.41
N THR A 22 7.49 0.81 -10.85
CA THR A 22 7.43 0.71 -9.35
C THR A 22 7.18 -0.73 -8.93
N TYR A 23 7.69 -1.12 -7.80
CA TYR A 23 7.48 -2.50 -7.30
C TYR A 23 6.69 -2.42 -6.00
N LEU A 24 5.77 -3.33 -5.78
CA LEU A 24 4.96 -3.29 -4.54
C LEU A 24 5.38 -4.43 -3.61
N CYS A 25 5.50 -4.16 -2.34
CA CYS A 25 5.90 -5.22 -1.37
C CYS A 25 4.83 -5.33 -0.28
N TYR A 26 4.47 -6.52 0.10
CA TYR A 26 3.41 -6.65 1.14
C TYR A 26 3.75 -7.77 2.12
N GLU A 27 3.04 -7.83 3.20
CA GLU A 27 3.28 -8.89 4.21
C GLU A 27 1.91 -9.43 4.63
N VAL A 28 1.83 -10.68 4.93
CA VAL A 28 0.52 -11.27 5.33
C VAL A 28 0.67 -11.97 6.68
N GLU A 29 -0.28 -11.79 7.55
CA GLU A 29 -0.22 -12.44 8.89
C GLU A 29 -1.47 -13.27 9.11
N ARG A 30 -1.38 -14.29 9.93
CA ARG A 30 -2.57 -15.16 10.18
C ARG A 30 -2.94 -15.11 11.66
N MET A 31 -4.15 -14.72 11.96
CA MET A 31 -4.57 -14.66 13.39
C MET A 31 -5.81 -15.54 13.57
N HIS A 32 -5.81 -16.41 14.55
CA HIS A 32 -6.98 -17.29 14.79
C HIS A 32 -7.71 -16.82 16.05
N ASN A 33 -9.01 -16.94 16.11
CA ASN A 33 -9.74 -16.48 17.32
C ASN A 33 -9.20 -17.20 18.55
N ASP A 34 -8.90 -18.46 18.43
CA ASP A 34 -8.37 -19.21 19.60
C ASP A 34 -6.86 -18.98 19.74
N THR A 35 -6.18 -18.73 18.66
CA THR A 35 -4.71 -18.51 18.73
C THR A 35 -4.28 -17.43 17.74
N TRP A 36 -3.10 -16.91 17.91
CA TRP A 36 -2.60 -15.86 16.97
C TRP A 36 -1.29 -16.35 16.33
N VAL A 37 -1.20 -16.30 15.03
CA VAL A 37 0.04 -16.78 14.36
C VAL A 37 0.76 -15.59 13.72
N LEU A 38 2.01 -15.40 14.04
CA LEU A 38 2.75 -14.25 13.46
C LEU A 38 3.62 -14.73 12.28
N LEU A 39 3.28 -14.30 11.10
CA LEU A 39 4.10 -14.70 9.91
C LEU A 39 5.15 -13.62 9.64
N ASN A 40 5.40 -12.76 10.61
CA ASN A 40 6.40 -11.68 10.40
C ASN A 40 7.76 -12.29 10.05
N GLN A 41 8.03 -13.47 10.53
CA GLN A 41 9.33 -14.12 10.22
C GLN A 41 9.51 -14.21 8.70
N ARG A 42 8.42 -14.35 7.99
CA ARG A 42 8.50 -14.45 6.50
C ARG A 42 7.89 -13.20 5.86
N ARG A 43 8.21 -12.95 4.61
CA ARG A 43 7.65 -11.75 3.93
C ARG A 43 7.25 -12.13 2.50
N GLY A 44 6.55 -11.26 1.81
CA GLY A 44 6.12 -11.59 0.42
C GLY A 44 6.43 -10.42 -0.52
N PHE A 45 6.49 -10.69 -1.80
CA PHE A 45 6.78 -9.60 -2.78
C PHE A 45 5.67 -9.56 -3.82
N LEU A 46 5.45 -8.42 -4.44
CA LEU A 46 4.39 -8.32 -5.47
C LEU A 46 4.96 -7.61 -6.71
N CYS A 47 4.65 -8.12 -7.87
CA CYS A 47 5.14 -7.49 -9.12
C CYS A 47 3.98 -6.80 -9.83
N ASN A 48 4.27 -6.11 -10.90
CA ASN A 48 3.18 -5.41 -11.63
C ASN A 48 2.46 -6.38 -12.57
N GLN A 49 2.84 -7.64 -12.54
CA GLN A 49 2.17 -8.62 -13.43
C GLN A 49 0.95 -9.22 -12.74
N ALA A 50 -0.17 -9.24 -13.42
CA ALA A 50 -1.41 -9.82 -12.81
C ALA A 50 -1.48 -11.31 -13.17
N PRO A 51 -1.48 -12.20 -12.18
CA PRO A 51 -1.56 -13.67 -12.47
C PRO A 51 -2.71 -14.02 -13.41
N HIS A 52 -2.40 -14.65 -14.51
CA HIS A 52 -3.47 -15.03 -15.49
C HIS A 52 -4.42 -16.04 -14.83
N LYS A 53 -3.89 -16.87 -13.98
CA LYS A 53 -4.72 -17.90 -13.30
C LYS A 53 -5.86 -17.23 -12.52
N HIS A 54 -5.72 -15.98 -12.20
CA HIS A 54 -6.79 -15.30 -11.41
C HIS A 54 -8.06 -15.20 -12.26
N GLY A 55 -7.94 -15.25 -13.57
CA GLY A 55 -9.16 -15.16 -14.43
C GLY A 55 -8.96 -14.09 -15.51
N PHE A 56 -10.01 -13.36 -15.79
CA PHE A 56 -9.92 -12.30 -16.84
C PHE A 56 -9.26 -11.05 -16.27
N LEU A 57 -8.84 -10.15 -17.13
CA LEU A 57 -8.18 -8.92 -16.65
C LEU A 57 -9.05 -8.22 -15.62
N GLU A 58 -8.45 -7.65 -14.61
CA GLU A 58 -9.23 -6.97 -13.55
C GLU A 58 -9.11 -5.46 -13.75
N GLY A 59 -8.18 -5.04 -14.57
CA GLY A 59 -7.98 -3.59 -14.81
C GLY A 59 -6.48 -3.28 -14.79
N ARG A 60 -6.08 -2.12 -15.24
CA ARG A 60 -4.62 -1.80 -15.23
C ARG A 60 -4.31 -0.90 -14.04
N HIS A 61 -4.05 -1.49 -12.90
CA HIS A 61 -3.72 -0.68 -11.69
C HIS A 61 -2.75 -1.47 -10.81
N ALA A 62 -1.78 -0.81 -10.22
CA ALA A 62 -0.82 -1.54 -9.34
C ALA A 62 -1.57 -2.11 -8.13
N GLU A 63 -2.51 -1.37 -7.59
CA GLU A 63 -3.26 -1.86 -6.41
C GLU A 63 -4.03 -3.14 -6.78
N LEU A 64 -4.51 -3.22 -8.00
CA LEU A 64 -5.25 -4.43 -8.42
C LEU A 64 -4.33 -5.65 -8.33
N CYS A 65 -3.08 -5.49 -8.67
CA CYS A 65 -2.14 -6.64 -8.58
C CYS A 65 -2.18 -7.17 -7.15
N PHE A 66 -2.18 -6.29 -6.19
CA PHE A 66 -2.25 -6.73 -4.78
C PHE A 66 -3.57 -7.48 -4.56
N LEU A 67 -4.63 -6.99 -5.15
CA LEU A 67 -5.94 -7.66 -4.99
C LEU A 67 -5.83 -9.10 -5.47
N ASP A 68 -5.04 -9.34 -6.50
CA ASP A 68 -4.88 -10.72 -7.03
C ASP A 68 -4.20 -11.60 -5.96
N VAL A 69 -3.36 -11.01 -5.16
CA VAL A 69 -2.66 -11.79 -4.11
C VAL A 69 -3.64 -12.28 -3.03
N ILE A 70 -4.65 -11.50 -2.71
CA ILE A 70 -5.60 -11.93 -1.66
C ILE A 70 -6.11 -13.37 -1.92
N PRO A 71 -6.69 -13.64 -3.06
CA PRO A 71 -7.20 -15.02 -3.37
C PRO A 71 -6.04 -16.03 -3.42
N PHE A 72 -4.84 -15.56 -3.66
CA PHE A 72 -3.68 -16.49 -3.72
C PHE A 72 -3.32 -16.97 -2.31
N TRP A 73 -3.63 -16.20 -1.30
CA TRP A 73 -3.28 -16.63 0.08
C TRP A 73 -4.38 -17.55 0.63
N LYS A 74 -5.42 -17.77 -0.13
CA LYS A 74 -6.51 -18.66 0.36
C LYS A 74 -6.77 -18.39 1.84
N LEU A 75 -7.08 -17.18 2.20
CA LEU A 75 -7.32 -16.86 3.62
C LEU A 75 -8.69 -17.38 4.06
N ASP A 76 -8.79 -17.88 5.26
CA ASP A 76 -10.10 -18.40 5.75
C ASP A 76 -10.97 -17.25 6.24
N LEU A 77 -12.16 -17.17 5.73
CA LEU A 77 -13.09 -16.09 6.13
C LEU A 77 -13.49 -16.25 7.61
N ASP A 78 -13.46 -17.46 8.11
CA ASP A 78 -13.87 -17.68 9.53
C ASP A 78 -12.72 -17.33 10.47
N GLN A 79 -11.53 -17.16 9.95
CA GLN A 79 -10.37 -16.82 10.82
C GLN A 79 -9.96 -15.37 10.58
N ASP A 80 -9.40 -14.72 11.56
CA ASP A 80 -9.00 -13.30 11.37
C ASP A 80 -7.74 -13.22 10.51
N TYR A 81 -7.67 -12.25 9.64
CA TYR A 81 -6.47 -12.11 8.77
C TYR A 81 -5.95 -10.68 8.79
N ARG A 82 -4.67 -10.51 9.01
CA ARG A 82 -4.10 -9.13 9.01
C ARG A 82 -3.07 -9.03 7.88
N VAL A 83 -3.33 -8.17 6.93
CA VAL A 83 -2.39 -8.04 5.77
C VAL A 83 -1.91 -6.59 5.64
N THR A 84 -0.65 -6.39 5.38
CA THR A 84 -0.12 -5.01 5.22
C THR A 84 0.39 -4.84 3.78
N CYS A 85 0.32 -3.65 3.25
CA CYS A 85 0.79 -3.43 1.85
C CYS A 85 1.60 -2.13 1.77
N PHE A 86 2.77 -2.17 1.18
CA PHE A 86 3.60 -0.94 1.06
C PHE A 86 3.67 -0.53 -0.41
N THR A 87 3.20 0.65 -0.75
CA THR A 87 3.25 1.08 -2.17
C THR A 87 3.65 2.56 -2.26
N SER A 88 4.24 2.97 -3.36
CA SER A 88 4.64 4.40 -3.51
C SER A 88 3.72 5.07 -4.53
N TRP A 89 2.44 4.96 -4.34
CA TRP A 89 1.48 5.61 -5.28
C TRP A 89 0.07 5.56 -4.67
N SER A 90 -0.88 6.22 -5.28
CA SER A 90 -2.27 6.21 -4.72
C SER A 90 -3.23 5.57 -5.74
N PRO A 91 -4.33 5.03 -5.27
CA PRO A 91 -5.36 4.39 -6.14
C PRO A 91 -6.15 5.42 -6.95
N CYS A 92 -6.70 5.01 -8.07
CA CYS A 92 -7.48 5.97 -8.90
C CYS A 92 -8.96 5.87 -8.51
N PHE A 93 -9.81 6.59 -9.19
CA PHE A 93 -11.26 6.53 -8.85
C PHE A 93 -11.77 5.09 -8.97
N SER A 94 -11.43 4.41 -10.03
CA SER A 94 -11.90 3.01 -10.20
C SER A 94 -11.36 2.14 -9.06
N CYS A 95 -10.13 2.34 -8.68
CA CYS A 95 -9.55 1.53 -7.58
C CYS A 95 -10.23 1.89 -6.25
N ALA A 96 -10.59 3.13 -6.08
CA ALA A 96 -11.25 3.54 -4.81
C ALA A 96 -12.53 2.73 -4.58
N GLN A 97 -13.30 2.54 -5.62
CA GLN A 97 -14.57 1.77 -5.46
C GLN A 97 -14.26 0.31 -5.12
N GLU A 98 -13.28 -0.28 -5.76
CA GLU A 98 -12.94 -1.69 -5.46
C GLU A 98 -12.38 -1.84 -4.05
N MET A 99 -11.57 -0.91 -3.62
CA MET A 99 -10.99 -1.01 -2.25
C MET A 99 -12.10 -0.97 -1.21
N ALA A 100 -13.07 -0.12 -1.40
CA ALA A 100 -14.19 -0.03 -0.40
C ALA A 100 -15.07 -1.28 -0.49
N LYS A 101 -15.44 -1.68 -1.68
CA LYS A 101 -16.31 -2.90 -1.82
C LYS A 101 -15.60 -4.14 -1.27
N PHE A 102 -14.32 -4.25 -1.48
CA PHE A 102 -13.59 -5.45 -0.97
C PHE A 102 -13.74 -5.57 0.54
N ILE A 103 -13.46 -4.52 1.26
CA ILE A 103 -13.59 -4.58 2.73
C ILE A 103 -15.04 -4.83 3.11
N SER A 104 -15.96 -4.27 2.39
CA SER A 104 -17.40 -4.49 2.71
C SER A 104 -17.71 -5.99 2.64
N LYS A 105 -17.11 -6.68 1.71
CA LYS A 105 -17.37 -8.14 1.59
C LYS A 105 -16.46 -8.91 2.56
N ASN A 106 -15.45 -8.26 3.08
CA ASN A 106 -14.53 -8.95 4.03
C ASN A 106 -14.03 -7.95 5.07
N LYS A 107 -14.83 -7.67 6.07
CA LYS A 107 -14.40 -6.71 7.11
C LYS A 107 -13.58 -7.44 8.18
N HIS A 108 -13.48 -8.74 8.07
CA HIS A 108 -12.71 -9.53 9.07
C HIS A 108 -11.20 -9.41 8.77
N VAL A 109 -10.86 -8.85 7.65
CA VAL A 109 -9.42 -8.71 7.30
C VAL A 109 -8.92 -7.31 7.66
N SER A 110 -7.81 -7.22 8.33
CA SER A 110 -7.27 -5.87 8.68
C SER A 110 -6.38 -5.43 7.52
N LEU A 111 -6.84 -4.50 6.74
CA LEU A 111 -6.04 -4.03 5.57
C LEU A 111 -5.43 -2.65 5.83
N CYS A 112 -4.14 -2.54 5.70
CA CYS A 112 -3.48 -1.23 5.92
C CYS A 112 -2.56 -0.93 4.73
N ILE A 113 -2.78 0.17 4.05
CA ILE A 113 -1.91 0.50 2.88
C ILE A 113 -1.19 1.83 3.14
N PHE A 114 0.09 1.86 2.97
CA PHE A 114 0.84 3.13 3.19
C PHE A 114 1.28 3.69 1.85
N THR A 115 0.96 4.93 1.58
CA THR A 115 1.38 5.52 0.27
C THR A 115 2.41 6.62 0.50
N ALA A 116 3.53 6.54 -0.17
CA ALA A 116 4.58 7.58 0.01
C ALA A 116 4.08 8.90 -0.61
N ARG A 117 3.35 8.83 -1.69
CA ARG A 117 2.82 10.06 -2.33
C ARG A 117 1.42 9.79 -2.86
N ILE A 118 0.55 10.78 -2.81
CA ILE A 118 -0.84 10.57 -3.32
C ILE A 118 -1.06 11.46 -4.55
N TYR A 119 -1.35 10.86 -5.67
CA TYR A 119 -1.59 11.67 -6.91
C TYR A 119 -3.02 11.44 -7.40
N ASP A 120 -3.76 12.49 -7.64
CA ASP A 120 -5.16 12.32 -8.12
C ASP A 120 -5.17 12.28 -9.65
N ASP A 121 -5.64 11.21 -10.24
CA ASP A 121 -5.68 11.12 -11.72
C ASP A 121 -6.55 12.24 -12.27
N GLN A 122 -7.64 12.53 -11.60
CA GLN A 122 -8.55 13.61 -12.08
C GLN A 122 -8.88 14.55 -10.92
N GLY A 123 -9.38 15.71 -11.21
CA GLY A 123 -9.71 16.67 -10.12
C GLY A 123 -11.04 16.26 -9.47
N ARG A 124 -11.52 17.04 -8.53
CA ARG A 124 -12.79 16.69 -7.85
C ARG A 124 -12.72 15.27 -7.28
N CYS A 125 -11.58 14.63 -7.41
CA CYS A 125 -11.43 13.26 -6.88
C CYS A 125 -11.29 13.30 -5.36
N GLN A 126 -11.19 14.47 -4.80
CA GLN A 126 -11.03 14.59 -3.32
C GLN A 126 -12.21 13.89 -2.63
N GLU A 127 -13.38 13.97 -3.20
CA GLU A 127 -14.54 13.30 -2.58
C GLU A 127 -14.32 11.80 -2.52
N GLY A 128 -13.79 11.24 -3.56
CA GLY A 128 -13.53 9.77 -3.58
C GLY A 128 -12.53 9.41 -2.47
N LEU A 129 -11.55 10.25 -2.26
CA LEU A 129 -10.55 9.96 -1.20
C LEU A 129 -11.25 9.86 0.17
N ARG A 130 -12.22 10.69 0.41
CA ARG A 130 -12.93 10.64 1.72
C ARG A 130 -13.54 9.25 1.90
N THR A 131 -14.17 8.74 0.88
CA THR A 131 -14.77 7.39 0.98
C THR A 131 -13.64 6.37 1.10
N LEU A 132 -12.58 6.58 0.38
CA LEU A 132 -11.44 5.63 0.43
C LEU A 132 -10.89 5.54 1.85
N ALA A 133 -10.79 6.65 2.52
CA ALA A 133 -10.26 6.61 3.91
C ALA A 133 -11.24 5.85 4.81
N GLU A 134 -12.52 6.02 4.59
CA GLU A 134 -13.53 5.31 5.42
C GLU A 134 -13.62 3.83 5.03
N ALA A 135 -13.76 3.53 3.77
CA ALA A 135 -13.87 2.10 3.34
C ALA A 135 -12.64 1.67 2.54
N GLY A 136 -11.88 2.59 2.03
CA GLY A 136 -10.68 2.19 1.25
C GLY A 136 -9.58 1.75 2.21
N ALA A 137 -9.94 1.02 3.22
CA ALA A 137 -8.92 0.55 4.21
C ALA A 137 -8.20 1.73 4.83
N LYS A 138 -7.33 1.46 5.76
CA LYS A 138 -6.57 2.54 6.45
C LYS A 138 -5.41 2.99 5.57
N ILE A 139 -5.30 4.27 5.31
CA ILE A 139 -4.19 4.78 4.46
C ILE A 139 -3.42 5.87 5.20
N SER A 140 -2.12 5.77 5.26
CA SER A 140 -1.32 6.80 5.97
C SER A 140 -0.03 7.07 5.19
N ILE A 141 0.57 8.21 5.38
CA ILE A 141 1.83 8.52 4.67
C ILE A 141 2.99 7.81 5.37
N MET A 142 3.94 7.32 4.62
CA MET A 142 5.08 6.60 5.26
C MET A 142 5.93 7.57 6.08
N THR A 143 6.43 7.13 7.21
CA THR A 143 7.26 8.01 8.07
C THR A 143 8.66 7.40 8.24
N TYR A 144 9.60 8.17 8.70
CA TYR A 144 10.98 7.63 8.87
C TYR A 144 10.94 6.36 9.72
N SER A 145 10.15 6.35 10.76
CA SER A 145 10.08 5.14 11.63
C SER A 145 9.62 3.93 10.80
N GLU A 146 8.60 4.11 10.01
CA GLU A 146 8.11 2.97 9.18
C GLU A 146 9.14 2.63 8.11
N PHE A 147 9.80 3.64 7.57
CA PHE A 147 10.81 3.38 6.52
C PHE A 147 11.95 2.53 7.09
N LYS A 148 12.38 2.83 8.28
CA LYS A 148 13.49 2.04 8.89
C LYS A 148 13.12 0.56 8.93
N HIS A 149 11.93 0.25 9.36
CA HIS A 149 11.51 -1.18 9.41
C HIS A 149 11.45 -1.73 7.99
N CYS A 150 10.84 -1.02 7.10
CA CYS A 150 10.75 -1.49 5.69
C CYS A 150 12.16 -1.60 5.12
N TRP A 151 13.03 -0.73 5.55
CA TRP A 151 14.43 -0.74 5.05
C TRP A 151 15.13 -2.05 5.44
N ASP A 152 15.17 -2.37 6.71
CA ASP A 152 15.86 -3.62 7.12
C ASP A 152 15.03 -4.88 6.80
N THR A 153 13.73 -4.78 6.85
CA THR A 153 12.89 -5.99 6.59
C THR A 153 12.86 -6.40 5.11
N PHE A 154 12.59 -5.50 4.22
CA PHE A 154 12.51 -5.89 2.78
C PHE A 154 13.89 -6.03 2.16
N VAL A 155 14.80 -5.15 2.49
CA VAL A 155 16.17 -5.24 1.90
C VAL A 155 17.23 -5.17 3.00
N ASP A 156 18.21 -6.03 2.93
CA ASP A 156 19.29 -6.01 3.96
C ASP A 156 20.42 -5.10 3.50
N HIS A 157 20.67 -4.03 4.21
CA HIS A 157 21.76 -3.10 3.81
C HIS A 157 23.06 -3.51 4.51
N GLN A 158 22.99 -4.50 5.37
CA GLN A 158 24.17 -5.00 6.13
C GLN A 158 25.48 -4.32 5.70
N GLY A 159 26.04 -3.52 6.56
CA GLY A 159 27.32 -2.83 6.23
C GLY A 159 27.04 -1.42 5.68
N CYS A 160 25.85 -1.19 5.19
CA CYS A 160 25.52 0.16 4.64
C CYS A 160 24.24 0.67 5.29
N PRO A 161 24.33 1.24 6.47
CA PRO A 161 23.14 1.77 7.20
C PRO A 161 22.41 2.85 6.41
N PHE A 162 21.10 2.84 6.45
CA PHE A 162 20.33 3.88 5.70
C PHE A 162 20.42 5.21 6.44
N GLN A 163 20.72 6.26 5.72
CA GLN A 163 20.84 7.60 6.38
C GLN A 163 19.55 8.40 6.13
N PRO A 164 18.89 8.86 7.17
CA PRO A 164 17.63 9.63 7.00
C PRO A 164 17.88 11.03 6.43
N TRP A 165 17.06 11.44 5.51
CA TRP A 165 17.23 12.80 4.90
C TRP A 165 15.91 13.56 5.00
N ASP A 166 15.93 14.85 4.82
CA ASP A 166 14.66 15.62 4.92
C ASP A 166 13.90 15.53 3.60
N GLY A 167 14.05 14.44 2.90
CA GLY A 167 13.30 14.28 1.61
C GLY A 167 11.90 13.79 1.92
N LEU A 168 11.79 12.79 2.75
CA LEU A 168 10.46 12.25 3.12
C LEU A 168 9.65 13.35 3.83
N ASP A 169 10.30 14.16 4.60
CA ASP A 169 9.58 15.24 5.32
C ASP A 169 8.99 16.22 4.32
N GLU A 170 9.71 16.56 3.29
CA GLU A 170 9.14 17.50 2.28
C GLU A 170 7.93 16.83 1.62
N HIS A 171 8.03 15.57 1.33
CA HIS A 171 6.88 14.85 0.72
C HIS A 171 5.72 14.87 1.69
N SER A 172 5.98 14.54 2.93
CA SER A 172 4.91 14.53 3.96
C SER A 172 4.29 15.92 4.09
N GLN A 173 5.07 16.95 3.93
CA GLN A 173 4.52 18.33 4.07
C GLN A 173 3.36 18.54 3.09
N ASP A 174 3.53 18.18 1.85
CA ASP A 174 2.43 18.36 0.86
C ASP A 174 1.29 17.40 1.17
N LEU A 175 1.60 16.16 1.44
CA LEU A 175 0.55 15.16 1.74
C LEU A 175 -0.15 15.53 3.06
N SER A 176 0.61 15.92 4.03
CA SER A 176 0.02 16.29 5.35
C SER A 176 -0.92 17.48 5.15
N GLY A 177 -0.50 18.44 4.37
CA GLY A 177 -1.38 19.62 4.13
C GLY A 177 -2.57 19.22 3.28
N ARG A 178 -2.33 18.57 2.16
CA ARG A 178 -3.47 18.16 1.29
C ARG A 178 -4.36 17.15 2.01
N LEU A 179 -3.79 16.15 2.62
CA LEU A 179 -4.62 15.14 3.32
C LEU A 179 -5.35 15.80 4.50
N ARG A 180 -4.66 16.65 5.22
CA ARG A 180 -5.31 17.34 6.38
C ARG A 180 -6.53 18.14 5.92
N ALA A 181 -6.43 18.78 4.78
CA ALA A 181 -7.58 19.59 4.29
C ALA A 181 -8.82 18.71 4.11
N ILE A 182 -8.65 17.57 3.51
CA ILE A 182 -9.81 16.67 3.30
C ILE A 182 -10.33 16.18 4.65
N LEU A 183 -9.45 15.77 5.52
CA LEU A 183 -9.88 15.28 6.86
C LEU A 183 -10.48 16.45 7.65
N GLN A 184 -9.98 17.63 7.46
CA GLN A 184 -10.53 18.80 8.20
C GLN A 184 -12.00 18.99 7.83
N ASN A 185 -12.35 18.77 6.59
CA ASN A 185 -13.75 18.93 6.18
C ASN A 185 -14.52 17.66 6.49
N GLN A 186 -13.88 16.72 7.14
CA GLN A 186 -14.57 15.45 7.48
C GLN A 186 -15.82 15.80 8.30
N GLU A 187 -16.95 15.84 7.67
CA GLU A 187 -18.20 16.20 8.42
C GLU A 187 -18.55 15.05 9.37
N ASN A 188 -18.85 15.37 10.60
CA ASN A 188 -19.21 14.32 11.58
C ASN A 188 -20.71 14.02 11.48
N MET A 1 17.16 -10.45 -6.04
CA MET A 1 16.97 -9.06 -5.54
C MET A 1 18.01 -8.14 -6.19
N ASP A 2 17.58 -7.01 -6.66
CA ASP A 2 18.53 -6.06 -7.30
C ASP A 2 18.85 -4.95 -6.29
N PRO A 3 19.91 -4.23 -6.49
CA PRO A 3 20.30 -3.14 -5.58
C PRO A 3 19.05 -2.42 -5.06
N PRO A 4 19.14 -1.78 -3.93
CA PRO A 4 17.98 -1.06 -3.31
C PRO A 4 17.11 -0.30 -4.32
N THR A 5 16.48 -1.00 -5.23
CA THR A 5 15.60 -0.33 -6.24
C THR A 5 14.36 0.20 -5.54
N PHE A 6 13.79 -0.59 -4.66
CA PHE A 6 12.58 -0.12 -3.93
C PHE A 6 12.96 1.13 -3.14
N THR A 7 14.11 1.12 -2.54
CA THR A 7 14.56 2.30 -1.76
C THR A 7 14.66 3.52 -2.68
N PHE A 8 15.20 3.34 -3.85
CA PHE A 8 15.32 4.48 -4.79
C PHE A 8 13.92 4.98 -5.17
N ASN A 9 12.98 4.10 -5.26
CA ASN A 9 11.60 4.52 -5.64
C ASN A 9 11.09 5.56 -4.63
N PHE A 10 11.36 5.38 -3.37
CA PHE A 10 10.88 6.37 -2.36
C PHE A 10 11.72 7.66 -2.48
N ASN A 11 12.99 7.54 -2.72
CA ASN A 11 13.85 8.75 -2.85
C ASN A 11 13.83 9.25 -4.29
N ASN A 12 12.99 8.69 -5.12
CA ASN A 12 12.94 9.13 -6.55
C ASN A 12 12.16 10.44 -6.68
N GLU A 13 12.09 11.22 -5.64
CA GLU A 13 11.33 12.51 -5.74
C GLU A 13 11.90 13.34 -6.90
N PRO A 14 13.19 13.61 -6.91
CA PRO A 14 13.82 14.40 -8.00
C PRO A 14 13.97 13.57 -9.28
N TRP A 15 14.09 12.29 -9.14
CA TRP A 15 14.21 11.40 -10.33
C TRP A 15 12.98 11.55 -11.21
N VAL A 16 11.91 12.02 -10.65
CA VAL A 16 10.66 12.18 -11.42
C VAL A 16 10.88 13.13 -12.60
N ARG A 17 10.87 12.60 -13.80
CA ARG A 17 11.05 13.47 -15.01
C ARG A 17 9.69 13.58 -15.72
N GLY A 18 8.67 13.07 -15.09
CA GLY A 18 7.31 13.12 -15.70
C GLY A 18 7.03 11.78 -16.40
N ARG A 19 7.97 10.89 -16.36
CA ARG A 19 7.77 9.56 -17.00
C ARG A 19 8.22 8.47 -16.02
N HIS A 20 7.45 8.22 -14.99
CA HIS A 20 7.86 7.18 -14.00
C HIS A 20 6.70 6.22 -13.73
N GLU A 21 7.00 4.96 -13.59
CA GLU A 21 5.93 3.96 -13.30
C GLU A 21 5.99 3.62 -11.81
N THR A 22 5.00 2.97 -11.28
CA THR A 22 5.02 2.64 -9.82
C THR A 22 4.85 1.13 -9.63
N TYR A 23 5.45 0.60 -8.59
CA TYR A 23 5.32 -0.85 -8.31
C TYR A 23 4.59 -1.04 -6.99
N LEU A 24 3.78 -2.06 -6.89
CA LEU A 24 3.01 -2.28 -5.63
C LEU A 24 3.60 -3.50 -4.89
N CYS A 25 3.71 -3.41 -3.59
CA CYS A 25 4.27 -4.54 -2.80
C CYS A 25 3.21 -5.01 -1.81
N TYR A 26 3.07 -6.30 -1.63
CA TYR A 26 2.03 -6.81 -0.68
C TYR A 26 2.58 -7.96 0.16
N GLU A 27 1.90 -8.30 1.22
CA GLU A 27 2.34 -9.41 2.10
C GLU A 27 1.10 -10.20 2.51
N VAL A 28 1.27 -11.43 2.89
CA VAL A 28 0.09 -12.25 3.29
C VAL A 28 0.37 -12.96 4.62
N GLU A 29 -0.61 -13.01 5.48
CA GLU A 29 -0.43 -13.67 6.80
C GLU A 29 -1.70 -14.48 7.13
N ARG A 30 -1.58 -15.50 7.95
CA ARG A 30 -2.78 -16.32 8.30
C ARG A 30 -3.10 -16.17 9.79
N MET A 31 -4.32 -15.83 10.11
CA MET A 31 -4.70 -15.69 11.55
C MET A 31 -5.88 -16.61 11.86
N HIS A 32 -5.77 -17.38 12.91
CA HIS A 32 -6.89 -18.29 13.28
C HIS A 32 -7.77 -17.59 14.32
N ASN A 33 -9.05 -17.83 14.30
CA ASN A 33 -9.95 -17.15 15.26
C ASN A 33 -9.50 -17.42 16.71
N ASP A 34 -9.06 -18.62 16.98
CA ASP A 34 -8.60 -18.93 18.36
C ASP A 34 -7.08 -18.79 18.45
N THR A 35 -6.41 -18.82 17.33
CA THR A 35 -4.93 -18.70 17.34
C THR A 35 -4.47 -17.89 16.14
N TRP A 36 -3.26 -17.38 16.18
CA TRP A 36 -2.74 -16.60 15.02
C TRP A 36 -1.61 -17.39 14.36
N VAL A 37 -1.55 -17.40 13.05
CA VAL A 37 -0.47 -18.16 12.35
C VAL A 37 0.47 -17.20 11.62
N LEU A 38 1.74 -17.28 11.92
CA LEU A 38 2.74 -16.38 11.27
C LEU A 38 3.48 -17.15 10.17
N LEU A 39 3.01 -18.31 9.81
CA LEU A 39 3.69 -19.11 8.77
C LEU A 39 3.55 -18.44 7.41
N ASN A 40 2.40 -17.88 7.14
CA ASN A 40 2.19 -17.20 5.83
C ASN A 40 2.91 -15.85 5.83
N GLN A 41 3.44 -15.44 6.95
CA GLN A 41 4.15 -14.13 7.01
C GLN A 41 5.30 -14.11 6.00
N ARG A 42 4.99 -14.06 4.74
CA ARG A 42 6.05 -14.03 3.69
C ARG A 42 6.02 -12.68 2.98
N ARG A 43 6.91 -12.46 2.05
CA ARG A 43 6.92 -11.16 1.32
C ARG A 43 6.63 -11.42 -0.16
N GLY A 44 5.93 -10.55 -0.81
CA GLY A 44 5.62 -10.75 -2.25
C GLY A 44 5.72 -9.42 -3.00
N PHE A 45 5.76 -9.46 -4.30
CA PHE A 45 5.85 -8.20 -5.08
C PHE A 45 4.73 -8.17 -6.13
N LEU A 46 4.29 -7.00 -6.50
CA LEU A 46 3.23 -6.88 -7.54
C LEU A 46 3.75 -5.98 -8.65
N CYS A 47 3.51 -6.37 -9.87
CA CYS A 47 4.00 -5.55 -11.02
C CYS A 47 2.84 -5.24 -11.96
N ASN A 48 3.09 -4.50 -13.01
CA ASN A 48 2.00 -4.17 -13.96
C ASN A 48 1.55 -5.45 -14.67
N GLN A 49 1.98 -6.59 -14.20
CA GLN A 49 1.56 -7.87 -14.83
C GLN A 49 0.46 -8.49 -13.98
N ALA A 50 -0.75 -8.51 -14.47
CA ALA A 50 -1.86 -9.12 -13.67
C ALA A 50 -1.99 -10.60 -14.06
N PRO A 51 -2.33 -11.47 -13.15
CA PRO A 51 -2.48 -12.92 -13.48
C PRO A 51 -3.37 -13.11 -14.70
N HIS A 52 -2.83 -13.66 -15.76
CA HIS A 52 -3.65 -13.89 -16.99
C HIS A 52 -4.85 -14.75 -16.63
N LYS A 53 -4.66 -15.64 -15.70
CA LYS A 53 -5.76 -16.54 -15.24
C LYS A 53 -6.94 -15.71 -14.74
N HIS A 54 -6.71 -14.48 -14.38
CA HIS A 54 -7.83 -13.64 -13.85
C HIS A 54 -8.85 -13.38 -14.96
N GLY A 55 -8.45 -13.50 -16.20
CA GLY A 55 -9.43 -13.27 -17.32
C GLY A 55 -9.01 -12.05 -18.14
N PHE A 56 -9.98 -11.28 -18.57
CA PHE A 56 -9.66 -10.07 -19.39
C PHE A 56 -9.22 -8.92 -18.48
N LEU A 57 -8.61 -7.91 -19.05
CA LEU A 57 -8.15 -6.76 -18.22
C LEU A 57 -9.33 -6.21 -17.41
N GLU A 58 -9.08 -5.80 -16.19
CA GLU A 58 -10.17 -5.27 -15.34
C GLU A 58 -10.06 -3.75 -15.25
N GLY A 59 -9.52 -3.13 -16.26
CA GLY A 59 -9.37 -1.65 -16.24
C GLY A 59 -7.90 -1.31 -15.95
N ARG A 60 -7.56 -0.05 -15.95
CA ARG A 60 -6.15 0.33 -15.69
C ARG A 60 -6.01 0.88 -14.27
N HIS A 61 -5.78 0.03 -13.31
CA HIS A 61 -5.61 0.50 -11.91
C HIS A 61 -4.62 -0.40 -11.17
N ALA A 62 -3.67 0.17 -10.47
CA ALA A 62 -2.68 -0.67 -9.73
C ALA A 62 -3.38 -1.46 -8.63
N GLU A 63 -4.33 -0.87 -7.95
CA GLU A 63 -5.02 -1.59 -6.85
C GLU A 63 -5.78 -2.80 -7.41
N LEU A 64 -6.35 -2.66 -8.59
CA LEU A 64 -7.10 -3.80 -9.18
C LEU A 64 -6.16 -4.98 -9.40
N CYS A 65 -4.94 -4.74 -9.83
CA CYS A 65 -4.00 -5.87 -10.03
C CYS A 65 -3.87 -6.63 -8.71
N PHE A 66 -3.69 -5.92 -7.64
CA PHE A 66 -3.59 -6.58 -6.31
C PHE A 66 -4.93 -7.24 -5.99
N LEU A 67 -6.01 -6.58 -6.34
CA LEU A 67 -7.36 -7.15 -6.06
C LEU A 67 -7.47 -8.51 -6.75
N ASP A 68 -6.86 -8.66 -7.91
CA ASP A 68 -6.93 -9.96 -8.64
C ASP A 68 -6.15 -11.03 -7.87
N VAL A 69 -5.11 -10.64 -7.19
CA VAL A 69 -4.29 -11.62 -6.43
C VAL A 69 -5.08 -12.19 -5.24
N ILE A 70 -5.92 -11.40 -4.61
CA ILE A 70 -6.69 -11.91 -3.44
C ILE A 70 -7.45 -13.20 -3.78
N PRO A 71 -8.30 -13.20 -4.80
CA PRO A 71 -9.06 -14.43 -5.17
C PRO A 71 -8.14 -15.56 -5.61
N PHE A 72 -6.95 -15.25 -6.05
CA PHE A 72 -6.01 -16.32 -6.47
C PHE A 72 -5.45 -17.04 -5.24
N TRP A 73 -5.43 -16.40 -4.10
CA TRP A 73 -4.91 -17.06 -2.88
C TRP A 73 -6.00 -17.92 -2.25
N LYS A 74 -7.16 -17.95 -2.84
CA LYS A 74 -8.27 -18.77 -2.29
C LYS A 74 -8.28 -18.67 -0.76
N LEU A 75 -8.53 -17.50 -0.24
CA LEU A 75 -8.55 -17.34 1.25
C LEU A 75 -9.79 -18.01 1.82
N ASP A 76 -9.67 -18.65 2.95
CA ASP A 76 -10.86 -19.33 3.56
C ASP A 76 -11.73 -18.29 4.26
N LEU A 77 -13.00 -18.27 3.96
CA LEU A 77 -13.92 -17.30 4.60
C LEU A 77 -14.05 -17.61 6.10
N ASP A 78 -13.85 -18.84 6.48
CA ASP A 78 -13.98 -19.20 7.92
C ASP A 78 -12.71 -18.85 8.69
N GLN A 79 -11.64 -18.56 7.99
CA GLN A 79 -10.37 -18.22 8.69
C GLN A 79 -10.07 -16.73 8.50
N ASP A 80 -9.49 -16.10 9.48
CA ASP A 80 -9.17 -14.65 9.34
C ASP A 80 -7.87 -14.48 8.56
N TYR A 81 -7.80 -13.48 7.73
CA TYR A 81 -6.56 -13.25 6.94
C TYR A 81 -6.08 -11.81 7.12
N ARG A 82 -4.79 -11.63 7.30
CA ARG A 82 -4.26 -10.25 7.46
C ARG A 82 -3.32 -9.95 6.28
N VAL A 83 -3.65 -8.95 5.51
CA VAL A 83 -2.82 -8.61 4.32
C VAL A 83 -2.34 -7.16 4.41
N THR A 84 -1.10 -6.90 4.11
CA THR A 84 -0.57 -5.52 4.15
C THR A 84 -0.25 -5.06 2.73
N CYS A 85 -0.38 -3.79 2.46
CA CYS A 85 -0.09 -3.29 1.08
C CYS A 85 0.71 -1.99 1.14
N PHE A 86 1.84 -1.96 0.48
CA PHE A 86 2.67 -0.71 0.48
C PHE A 86 2.54 -0.05 -0.91
N THR A 87 2.11 1.18 -0.95
CA THR A 87 1.95 1.86 -2.27
C THR A 87 2.45 3.30 -2.18
N SER A 88 2.87 3.88 -3.28
CA SER A 88 3.36 5.28 -3.25
C SER A 88 2.53 6.16 -4.19
N TRP A 89 1.24 6.16 -4.04
CA TRP A 89 0.38 7.01 -4.91
C TRP A 89 -1.01 7.19 -4.29
N SER A 90 -1.69 8.25 -4.63
CA SER A 90 -3.05 8.48 -4.05
C SER A 90 -4.06 7.54 -4.72
N PRO A 91 -5.08 7.13 -4.00
CA PRO A 91 -6.14 6.24 -4.54
C PRO A 91 -7.05 6.95 -5.54
N CYS A 92 -7.64 6.23 -6.45
CA CYS A 92 -8.54 6.88 -7.45
C CYS A 92 -9.97 6.88 -6.92
N PHE A 93 -10.76 7.85 -7.28
CA PHE A 93 -12.16 7.90 -6.79
C PHE A 93 -12.85 6.57 -7.08
N SER A 94 -12.74 6.08 -8.29
CA SER A 94 -13.38 4.79 -8.62
C SER A 94 -12.76 3.69 -7.77
N CYS A 95 -11.46 3.73 -7.58
CA CYS A 95 -10.79 2.69 -6.76
C CYS A 95 -11.21 2.82 -5.30
N ALA A 96 -11.41 4.02 -4.83
CA ALA A 96 -11.82 4.21 -3.41
C ALA A 96 -13.17 3.52 -3.17
N GLN A 97 -14.09 3.70 -4.07
CA GLN A 97 -15.42 3.04 -3.89
C GLN A 97 -15.28 1.52 -3.95
N GLU A 98 -14.43 1.02 -4.80
CA GLU A 98 -14.26 -0.45 -4.91
C GLU A 98 -13.56 -0.98 -3.65
N MET A 99 -12.61 -0.24 -3.15
CA MET A 99 -11.89 -0.69 -1.93
C MET A 99 -12.87 -0.79 -0.76
N ALA A 100 -13.76 0.16 -0.62
CA ALA A 100 -14.73 0.09 0.50
C ALA A 100 -15.63 -1.13 0.33
N LYS A 101 -16.08 -1.39 -0.87
CA LYS A 101 -16.97 -2.56 -1.10
C LYS A 101 -16.20 -3.85 -0.79
N PHE A 102 -14.92 -3.89 -1.08
CA PHE A 102 -14.14 -5.13 -0.81
C PHE A 102 -14.26 -5.52 0.65
N ILE A 103 -14.03 -4.61 1.55
CA ILE A 103 -14.13 -4.95 3.00
C ILE A 103 -15.56 -5.38 3.33
N SER A 104 -16.53 -4.75 2.73
CA SER A 104 -17.94 -5.14 3.00
C SER A 104 -18.13 -6.61 2.64
N LYS A 105 -17.55 -7.04 1.54
CA LYS A 105 -17.69 -8.46 1.12
C LYS A 105 -16.75 -9.33 1.96
N ASN A 106 -15.74 -8.74 2.54
CA ASN A 106 -14.79 -9.52 3.37
C ASN A 106 -14.38 -8.70 4.59
N LYS A 107 -15.18 -8.72 5.61
CA LYS A 107 -14.84 -7.93 6.84
C LYS A 107 -13.92 -8.75 7.74
N HIS A 108 -13.65 -9.98 7.37
CA HIS A 108 -12.77 -10.83 8.21
C HIS A 108 -11.31 -10.64 7.77
N VAL A 109 -11.07 -9.82 6.80
CA VAL A 109 -9.68 -9.61 6.33
C VAL A 109 -9.14 -8.28 6.88
N SER A 110 -7.96 -8.29 7.44
CA SER A 110 -7.39 -7.02 7.95
C SER A 110 -6.61 -6.37 6.81
N LEU A 111 -7.13 -5.31 6.26
CA LEU A 111 -6.43 -4.66 5.10
C LEU A 111 -5.80 -3.35 5.54
N CYS A 112 -4.53 -3.19 5.29
CA CYS A 112 -3.83 -1.92 5.65
C CYS A 112 -3.04 -1.43 4.44
N ILE A 113 -3.30 -0.23 4.00
CA ILE A 113 -2.57 0.31 2.81
C ILE A 113 -1.74 1.53 3.22
N PHE A 114 -0.47 1.51 2.94
CA PHE A 114 0.38 2.67 3.31
C PHE A 114 0.68 3.48 2.04
N THR A 115 0.35 4.75 2.05
CA THR A 115 0.62 5.58 0.84
C THR A 115 1.91 6.39 1.05
N ALA A 116 2.94 6.10 0.31
CA ALA A 116 4.20 6.88 0.47
C ALA A 116 3.95 8.32 0.07
N ARG A 117 3.23 8.54 -1.00
CA ARG A 117 2.95 9.94 -1.43
C ARG A 117 1.52 10.02 -1.98
N ILE A 118 0.83 11.09 -1.72
CA ILE A 118 -0.57 11.23 -2.22
C ILE A 118 -0.64 12.37 -3.24
N TYR A 119 -0.87 12.05 -4.49
CA TYR A 119 -0.95 13.11 -5.53
C TYR A 119 -2.34 13.10 -6.18
N ASP A 120 -2.98 14.23 -6.27
CA ASP A 120 -4.33 14.27 -6.91
C ASP A 120 -4.15 14.41 -8.43
N ASP A 121 -4.64 13.47 -9.19
CA ASP A 121 -4.46 13.55 -10.67
C ASP A 121 -5.12 14.82 -11.22
N GLN A 122 -6.33 15.12 -10.82
CA GLN A 122 -6.99 16.35 -11.35
C GLN A 122 -8.32 16.61 -10.63
N GLY A 123 -8.29 17.24 -9.49
CA GLY A 123 -9.57 17.53 -8.78
C GLY A 123 -9.40 17.41 -7.27
N ARG A 124 -10.48 17.50 -6.54
CA ARG A 124 -10.40 17.38 -5.06
C ARG A 124 -11.51 16.46 -4.57
N CYS A 125 -11.22 15.59 -3.64
CA CYS A 125 -12.28 14.67 -3.14
C CYS A 125 -12.08 14.42 -1.64
N GLN A 126 -12.28 15.43 -0.83
CA GLN A 126 -12.11 15.25 0.63
C GLN A 126 -13.07 14.16 1.13
N GLU A 127 -14.25 14.12 0.58
CA GLU A 127 -15.24 13.09 1.02
C GLU A 127 -14.70 11.69 0.74
N GLY A 128 -14.06 11.51 -0.39
CA GLY A 128 -13.51 10.16 -0.71
C GLY A 128 -12.55 9.72 0.39
N LEU A 129 -11.72 10.61 0.86
CA LEU A 129 -10.76 10.24 1.93
C LEU A 129 -11.53 9.88 3.20
N ARG A 130 -12.58 10.60 3.51
CA ARG A 130 -13.36 10.29 4.73
C ARG A 130 -13.99 8.90 4.58
N THR A 131 -14.61 8.65 3.46
CA THR A 131 -15.23 7.32 3.24
C THR A 131 -14.14 6.26 3.11
N LEU A 132 -13.09 6.58 2.41
CA LEU A 132 -11.99 5.62 2.23
C LEU A 132 -11.39 5.27 3.59
N ALA A 133 -11.24 6.22 4.45
CA ALA A 133 -10.65 5.92 5.79
C ALA A 133 -11.62 5.03 6.58
N GLU A 134 -12.90 5.25 6.43
CA GLU A 134 -13.89 4.42 7.17
C GLU A 134 -14.01 3.03 6.55
N ALA A 135 -14.22 2.95 5.25
CA ALA A 135 -14.37 1.61 4.61
C ALA A 135 -13.19 1.32 3.68
N GLY A 136 -12.44 2.32 3.29
CA GLY A 136 -11.29 2.05 2.40
C GLY A 136 -10.14 1.49 3.20
N ALA A 137 -10.44 0.61 4.12
CA ALA A 137 -9.38 -0.01 4.95
C ALA A 137 -8.59 1.08 5.69
N LYS A 138 -7.66 0.66 6.51
CA LYS A 138 -6.85 1.64 7.29
C LYS A 138 -5.72 2.18 6.41
N ILE A 139 -5.57 3.48 6.34
CA ILE A 139 -4.48 4.07 5.51
C ILE A 139 -3.60 4.97 6.36
N SER A 140 -2.31 4.80 6.28
CA SER A 140 -1.38 5.65 7.08
C SER A 140 -0.15 6.00 6.25
N ILE A 141 0.55 7.03 6.61
CA ILE A 141 1.78 7.40 5.84
C ILE A 141 2.93 6.50 6.29
N MET A 142 3.73 6.04 5.37
CA MET A 142 4.85 5.15 5.75
C MET A 142 5.83 5.92 6.63
N THR A 143 6.17 5.37 7.77
CA THR A 143 7.12 6.07 8.69
C THR A 143 8.51 5.47 8.54
N TYR A 144 9.51 6.16 8.99
CA TYR A 144 10.90 5.63 8.88
C TYR A 144 10.97 4.23 9.49
N SER A 145 10.32 4.03 10.60
CA SER A 145 10.37 2.68 11.25
C SER A 145 9.86 1.63 10.24
N GLU A 146 8.79 1.92 9.58
CA GLU A 146 8.24 0.96 8.58
C GLU A 146 9.17 0.90 7.37
N PHE A 147 9.75 2.01 7.00
CA PHE A 147 10.65 2.03 5.82
C PHE A 147 11.84 1.11 6.07
N LYS A 148 12.45 1.18 7.23
CA LYS A 148 13.61 0.31 7.52
C LYS A 148 13.21 -1.15 7.34
N HIS A 149 12.07 -1.53 7.84
CA HIS A 149 11.62 -2.94 7.69
C HIS A 149 11.41 -3.24 6.21
N CYS A 150 10.74 -2.37 5.51
CA CYS A 150 10.50 -2.59 4.06
C CYS A 150 11.86 -2.63 3.35
N TRP A 151 12.75 -1.78 3.74
CA TRP A 151 14.10 -1.76 3.11
C TRP A 151 14.76 -3.12 3.25
N ASP A 152 14.86 -3.64 4.44
CA ASP A 152 15.50 -4.97 4.62
C ASP A 152 14.60 -6.11 4.09
N THR A 153 13.31 -5.99 4.28
CA THR A 153 12.39 -7.08 3.83
C THR A 153 12.39 -7.22 2.30
N PHE A 154 12.23 -6.15 1.57
CA PHE A 154 12.19 -6.26 0.09
C PHE A 154 13.58 -6.55 -0.47
N VAL A 155 14.61 -6.01 0.12
CA VAL A 155 15.99 -6.25 -0.38
C VAL A 155 16.87 -6.72 0.76
N ASP A 156 17.82 -7.58 0.47
CA ASP A 156 18.73 -8.07 1.55
C ASP A 156 19.76 -6.99 1.85
N HIS A 157 19.77 -6.49 3.05
CA HIS A 157 20.74 -5.42 3.40
C HIS A 157 22.17 -5.97 3.30
N GLN A 158 22.31 -7.25 3.08
CA GLN A 158 23.68 -7.83 2.98
C GLN A 158 24.36 -7.34 1.70
N GLY A 159 25.37 -6.53 1.84
CA GLY A 159 26.10 -6.02 0.65
C GLY A 159 25.41 -4.74 0.14
N CYS A 160 24.17 -4.54 0.50
CA CYS A 160 23.45 -3.32 0.03
C CYS A 160 22.86 -2.59 1.24
N PRO A 161 23.65 -1.78 1.91
CA PRO A 161 23.19 -1.02 3.10
C PRO A 161 22.40 0.24 2.72
N PHE A 162 21.35 0.53 3.45
CA PHE A 162 20.54 1.73 3.13
C PHE A 162 21.12 2.94 3.88
N GLN A 163 21.23 4.06 3.21
CA GLN A 163 21.77 5.28 3.85
C GLN A 163 20.66 6.33 4.00
N PRO A 164 20.04 6.41 5.16
CA PRO A 164 18.95 7.39 5.40
C PRO A 164 19.38 8.83 5.18
N TRP A 165 18.54 9.60 4.53
CA TRP A 165 18.84 11.03 4.28
C TRP A 165 17.60 11.85 4.61
N ASP A 166 17.71 13.14 4.78
CA ASP A 166 16.50 13.94 5.12
C ASP A 166 15.66 14.15 3.86
N GLY A 167 15.72 13.21 2.95
CA GLY A 167 14.91 13.32 1.71
C GLY A 167 13.59 12.61 1.94
N LEU A 168 13.64 11.36 2.32
CA LEU A 168 12.39 10.60 2.58
C LEU A 168 11.66 11.27 3.74
N ASP A 169 12.39 11.77 4.70
CA ASP A 169 11.74 12.44 5.87
C ASP A 169 11.04 13.71 5.37
N GLU A 170 11.62 14.39 4.42
CA GLU A 170 10.98 15.63 3.91
C GLU A 170 9.58 15.30 3.35
N HIS A 171 9.45 14.19 2.68
CA HIS A 171 8.11 13.83 2.12
C HIS A 171 7.13 13.54 3.25
N SER A 172 7.55 12.82 4.25
CA SER A 172 6.64 12.48 5.37
C SER A 172 6.16 13.74 6.08
N GLN A 173 7.00 14.74 6.19
CA GLN A 173 6.58 15.99 6.88
C GLN A 173 5.41 16.64 6.14
N ASP A 174 5.47 16.70 4.85
CA ASP A 174 4.36 17.32 4.07
C ASP A 174 3.12 16.43 4.12
N LEU A 175 3.29 15.16 3.90
CA LEU A 175 2.12 14.24 3.92
C LEU A 175 1.49 14.26 5.32
N SER A 176 2.30 14.30 6.34
CA SER A 176 1.73 14.33 7.71
C SER A 176 0.92 15.62 7.86
N GLY A 177 1.42 16.70 7.33
CA GLY A 177 0.67 17.98 7.43
C GLY A 177 -0.57 17.93 6.54
N ARG A 178 -0.40 17.59 5.29
CA ARG A 178 -1.58 17.53 4.38
C ARG A 178 -2.57 16.50 4.89
N LEU A 179 -2.10 15.34 5.27
CA LEU A 179 -3.03 14.31 5.79
C LEU A 179 -3.71 14.85 7.05
N ARG A 180 -2.98 15.55 7.86
CA ARG A 180 -3.58 16.13 9.09
C ARG A 180 -4.76 17.02 8.70
N ALA A 181 -4.64 17.72 7.61
CA ALA A 181 -5.73 18.63 7.18
C ALA A 181 -7.01 17.82 6.96
N ILE A 182 -6.90 16.66 6.36
CA ILE A 182 -8.12 15.84 6.14
C ILE A 182 -8.76 15.51 7.48
N LEU A 183 -8.01 14.99 8.41
CA LEU A 183 -8.58 14.66 9.74
C LEU A 183 -8.90 15.95 10.50
N GLN A 184 -8.12 16.98 10.30
CA GLN A 184 -8.40 18.26 11.02
C GLN A 184 -9.76 18.80 10.60
N ASN A 185 -10.11 18.62 9.35
CA ASN A 185 -11.42 19.12 8.87
C ASN A 185 -12.50 18.10 9.23
N GLN A 186 -12.16 17.10 10.00
CA GLN A 186 -13.17 16.09 10.38
C GLN A 186 -14.39 16.82 10.94
N GLU A 187 -15.40 17.00 10.13
CA GLU A 187 -16.61 17.72 10.61
C GLU A 187 -17.33 16.85 11.64
N ASN A 188 -17.76 17.44 12.72
CA ASN A 188 -18.48 16.66 13.77
C ASN A 188 -19.23 17.63 14.69
N MET A 1 18.02 -9.60 -2.82
CA MET A 1 17.73 -8.17 -2.53
C MET A 1 18.70 -7.29 -3.31
N ASP A 2 18.20 -6.28 -3.97
CA ASP A 2 19.08 -5.38 -4.75
C ASP A 2 19.57 -4.27 -3.83
N PRO A 3 20.63 -3.60 -4.19
CA PRO A 3 21.19 -2.50 -3.38
C PRO A 3 20.08 -1.72 -2.68
N PRO A 4 20.38 -1.06 -1.59
CA PRO A 4 19.38 -0.27 -0.81
C PRO A 4 18.41 0.53 -1.69
N THR A 5 17.55 -0.14 -2.40
CA THR A 5 16.58 0.56 -3.27
C THR A 5 15.53 1.26 -2.40
N PHE A 6 15.16 0.67 -1.30
CA PHE A 6 14.14 1.30 -0.42
C PHE A 6 14.68 2.63 0.10
N THR A 7 15.92 2.66 0.47
CA THR A 7 16.52 3.91 0.98
C THR A 7 16.62 4.91 -0.17
N PHE A 8 17.11 4.46 -1.30
CA PHE A 8 17.24 5.36 -2.47
C PHE A 8 15.85 5.84 -2.88
N ASN A 9 14.90 4.98 -2.80
CA ASN A 9 13.51 5.35 -3.20
C ASN A 9 13.01 6.54 -2.37
N PHE A 10 13.23 6.55 -1.09
CA PHE A 10 12.77 7.71 -0.27
C PHE A 10 13.65 8.92 -0.55
N ASN A 11 14.92 8.72 -0.77
CA ASN A 11 15.83 9.86 -1.06
C ASN A 11 15.79 10.15 -2.56
N ASN A 12 14.89 9.52 -3.27
CA ASN A 12 14.80 9.73 -4.74
C ASN A 12 14.23 11.12 -5.07
N GLU A 13 14.37 12.07 -4.18
CA GLU A 13 13.82 13.42 -4.48
C GLU A 13 14.41 13.95 -5.79
N PRO A 14 15.72 14.04 -5.89
CA PRO A 14 16.40 14.54 -7.14
C PRO A 14 16.41 13.48 -8.25
N TRP A 15 16.40 12.23 -7.87
CA TRP A 15 16.43 11.13 -8.88
C TRP A 15 15.21 11.22 -9.79
N VAL A 16 14.32 12.15 -9.54
CA VAL A 16 13.11 12.27 -10.39
C VAL A 16 13.50 12.44 -11.87
N ARG A 17 13.98 11.40 -12.49
CA ARG A 17 14.38 11.50 -13.92
C ARG A 17 13.20 11.03 -14.78
N GLY A 18 12.21 10.42 -14.17
CA GLY A 18 11.04 9.94 -14.94
C GLY A 18 11.30 8.53 -15.47
N ARG A 19 12.26 7.84 -14.92
CA ARG A 19 12.57 6.46 -15.41
C ARG A 19 12.64 5.48 -14.23
N HIS A 20 11.50 5.12 -13.68
CA HIS A 20 11.49 4.16 -12.54
C HIS A 20 10.45 3.06 -12.83
N GLU A 21 10.26 2.15 -11.93
CA GLU A 21 9.25 1.08 -12.14
C GLU A 21 8.34 1.01 -10.91
N THR A 22 7.12 0.57 -11.06
CA THR A 22 6.22 0.51 -9.88
C THR A 22 6.17 -0.92 -9.33
N TYR A 23 6.53 -1.09 -8.08
CA TYR A 23 6.49 -2.43 -7.47
C TYR A 23 5.84 -2.32 -6.09
N LEU A 24 5.02 -3.27 -5.71
CA LEU A 24 4.36 -3.18 -4.38
C LEU A 24 4.69 -4.43 -3.54
N CYS A 25 4.93 -4.24 -2.27
CA CYS A 25 5.26 -5.40 -1.39
C CYS A 25 4.03 -5.71 -0.53
N TYR A 26 3.71 -6.96 -0.35
CA TYR A 26 2.51 -7.30 0.48
C TYR A 26 2.81 -8.44 1.44
N GLU A 27 1.96 -8.62 2.41
CA GLU A 27 2.16 -9.71 3.40
C GLU A 27 0.85 -10.51 3.49
N VAL A 28 0.92 -11.77 3.80
CA VAL A 28 -0.32 -12.57 3.87
C VAL A 28 -0.33 -13.43 5.14
N GLU A 29 -1.46 -13.51 5.79
CA GLU A 29 -1.56 -14.32 7.03
C GLU A 29 -2.91 -15.05 7.02
N ARG A 30 -3.01 -16.18 7.69
CA ARG A 30 -4.30 -16.92 7.69
C ARG A 30 -4.94 -16.80 9.07
N MET A 31 -6.14 -16.27 9.14
CA MET A 31 -6.82 -16.13 10.45
C MET A 31 -8.18 -16.83 10.43
N HIS A 32 -8.43 -17.65 11.41
CA HIS A 32 -9.75 -18.36 11.47
C HIS A 32 -10.51 -17.84 12.70
N ASN A 33 -11.80 -17.66 12.60
CA ASN A 33 -12.55 -17.13 13.77
C ASN A 33 -12.34 -18.07 14.97
N ASP A 34 -12.33 -19.35 14.74
CA ASP A 34 -12.14 -20.30 15.86
C ASP A 34 -10.66 -20.36 16.26
N THR A 35 -9.76 -20.19 15.33
CA THR A 35 -8.31 -20.28 15.66
C THR A 35 -7.51 -19.26 14.86
N TRP A 36 -6.28 -19.02 15.27
CA TRP A 36 -5.42 -18.05 14.54
C TRP A 36 -4.26 -18.83 13.93
N VAL A 37 -3.96 -18.62 12.67
CA VAL A 37 -2.84 -19.37 12.03
C VAL A 37 -1.83 -18.40 11.41
N LEU A 38 -0.57 -18.61 11.69
CA LEU A 38 0.46 -17.72 11.11
C LEU A 38 1.06 -18.40 9.87
N LEU A 39 0.87 -17.83 8.72
CA LEU A 39 1.40 -18.44 7.48
C LEU A 39 2.91 -18.18 7.41
N ASN A 40 3.66 -19.15 6.99
CA ASN A 40 5.15 -18.97 6.90
C ASN A 40 5.45 -17.84 5.92
N GLN A 41 4.62 -17.64 4.95
CA GLN A 41 4.88 -16.54 3.96
C GLN A 41 4.37 -15.22 4.56
N ARG A 42 5.22 -14.53 5.26
CA ARG A 42 4.78 -13.23 5.87
C ARG A 42 5.16 -12.08 4.94
N ARG A 43 5.73 -12.38 3.80
CA ARG A 43 6.13 -11.30 2.86
C ARG A 43 6.05 -11.81 1.43
N GLY A 44 5.98 -10.92 0.47
CA GLY A 44 5.90 -11.36 -0.94
C GLY A 44 6.19 -10.17 -1.86
N PHE A 45 6.25 -10.38 -3.15
CA PHE A 45 6.53 -9.26 -4.09
C PHE A 45 5.40 -9.17 -5.11
N LEU A 46 5.03 -7.99 -5.50
CA LEU A 46 3.94 -7.82 -6.51
C LEU A 46 4.53 -7.18 -7.75
N CYS A 47 4.24 -7.72 -8.90
CA CYS A 47 4.79 -7.13 -10.16
C CYS A 47 3.72 -6.25 -10.80
N ASN A 48 4.12 -5.27 -11.54
CA ASN A 48 3.11 -4.38 -12.19
C ASN A 48 2.54 -5.08 -13.41
N GLN A 49 2.82 -6.35 -13.56
CA GLN A 49 2.28 -7.10 -14.73
C GLN A 49 0.90 -7.65 -14.38
N ALA A 50 -0.05 -7.50 -15.26
CA ALA A 50 -1.41 -8.02 -14.97
C ALA A 50 -1.51 -9.47 -15.48
N PRO A 51 -1.65 -10.44 -14.61
CA PRO A 51 -1.76 -11.87 -15.04
C PRO A 51 -2.82 -12.06 -16.13
N HIS A 52 -2.44 -12.61 -17.25
CA HIS A 52 -3.43 -12.83 -18.33
C HIS A 52 -4.53 -13.77 -17.84
N LYS A 53 -4.15 -14.71 -17.03
CA LYS A 53 -5.14 -15.70 -16.49
C LYS A 53 -6.23 -14.96 -15.71
N HIS A 54 -5.97 -13.77 -15.25
CA HIS A 54 -7.00 -13.04 -14.46
C HIS A 54 -8.18 -12.69 -15.35
N GLY A 55 -7.99 -12.60 -16.65
CA GLY A 55 -9.12 -12.27 -17.55
C GLY A 55 -8.75 -11.13 -18.50
N PHE A 56 -9.68 -10.25 -18.76
CA PHE A 56 -9.42 -9.11 -19.68
C PHE A 56 -8.68 -7.99 -18.94
N LEU A 57 -8.11 -7.08 -19.69
CA LEU A 57 -7.36 -5.94 -19.07
C LEU A 57 -8.26 -5.22 -18.05
N GLU A 58 -7.70 -4.81 -16.94
CA GLU A 58 -8.52 -4.11 -15.91
C GLU A 58 -8.20 -2.61 -15.97
N GLY A 59 -7.23 -2.23 -16.74
CA GLY A 59 -6.85 -0.79 -16.84
C GLY A 59 -5.36 -0.64 -16.50
N ARG A 60 -4.78 0.48 -16.81
CA ARG A 60 -3.33 0.65 -16.50
C ARG A 60 -3.18 1.36 -15.15
N HIS A 61 -3.16 0.62 -14.08
CA HIS A 61 -3.01 1.25 -12.73
C HIS A 61 -2.25 0.29 -11.81
N ALA A 62 -1.26 0.77 -11.12
CA ALA A 62 -0.50 -0.12 -10.20
C ALA A 62 -1.40 -0.62 -9.07
N GLU A 63 -2.27 0.22 -8.57
CA GLU A 63 -3.17 -0.23 -7.47
C GLU A 63 -4.05 -1.36 -7.96
N LEU A 64 -4.49 -1.31 -9.19
CA LEU A 64 -5.34 -2.38 -9.75
C LEU A 64 -4.54 -3.69 -9.77
N CYS A 65 -3.28 -3.62 -10.09
CA CYS A 65 -2.46 -4.86 -10.11
C CYS A 65 -2.55 -5.54 -8.76
N PHE A 66 -2.60 -4.78 -7.71
CA PHE A 66 -2.72 -5.38 -6.34
C PHE A 66 -4.03 -6.16 -6.27
N LEU A 67 -5.08 -5.60 -6.79
CA LEU A 67 -6.39 -6.30 -6.78
C LEU A 67 -6.26 -7.63 -7.53
N ASP A 68 -5.45 -7.67 -8.54
CA ASP A 68 -5.28 -8.93 -9.34
C ASP A 68 -4.61 -10.01 -8.48
N VAL A 69 -3.76 -9.62 -7.58
CA VAL A 69 -3.05 -10.60 -6.72
C VAL A 69 -4.04 -11.31 -5.76
N ILE A 70 -4.98 -10.60 -5.20
CA ILE A 70 -5.93 -11.24 -4.26
C ILE A 70 -6.56 -12.52 -4.85
N PRO A 71 -7.20 -12.44 -6.00
CA PRO A 71 -7.83 -13.63 -6.64
C PRO A 71 -6.82 -14.72 -6.98
N PHE A 72 -5.58 -14.34 -7.18
CA PHE A 72 -4.55 -15.36 -7.51
C PHE A 72 -4.22 -16.19 -6.26
N TRP A 73 -4.40 -15.62 -5.10
CA TRP A 73 -4.10 -16.37 -3.84
C TRP A 73 -5.35 -17.11 -3.38
N LYS A 74 -6.38 -17.14 -4.20
CA LYS A 74 -7.63 -17.85 -3.80
C LYS A 74 -7.95 -17.59 -2.33
N LEU A 75 -8.24 -16.36 -1.97
CA LEU A 75 -8.56 -16.04 -0.56
C LEU A 75 -9.89 -16.71 -0.18
N ASP A 76 -9.96 -17.31 0.98
CA ASP A 76 -11.23 -17.96 1.40
C ASP A 76 -12.18 -16.92 2.00
N LEU A 77 -13.32 -16.74 1.40
CA LEU A 77 -14.29 -15.74 1.91
C LEU A 77 -14.87 -16.19 3.26
N ASP A 78 -14.92 -17.48 3.50
CA ASP A 78 -15.50 -17.98 4.78
C ASP A 78 -14.47 -17.88 5.91
N GLN A 79 -13.23 -17.66 5.58
CA GLN A 79 -12.18 -17.56 6.63
C GLN A 79 -11.62 -16.13 6.66
N ASP A 80 -11.22 -15.66 7.81
CA ASP A 80 -10.67 -14.28 7.88
C ASP A 80 -9.23 -14.27 7.39
N TYR A 81 -8.84 -13.24 6.69
CA TYR A 81 -7.44 -13.15 6.18
C TYR A 81 -6.87 -11.75 6.44
N ARG A 82 -5.63 -11.67 6.81
CA ARG A 82 -5.01 -10.33 7.08
C ARG A 82 -3.93 -10.07 6.02
N VAL A 83 -4.13 -9.07 5.20
CA VAL A 83 -3.13 -8.75 4.14
C VAL A 83 -2.65 -7.30 4.28
N THR A 84 -1.37 -7.06 4.13
CA THR A 84 -0.85 -5.68 4.24
C THR A 84 -0.25 -5.25 2.89
N CYS A 85 -0.26 -3.99 2.59
CA CYS A 85 0.30 -3.51 1.29
C CYS A 85 1.21 -2.30 1.50
N PHE A 86 2.42 -2.35 0.98
CA PHE A 86 3.34 -1.19 1.12
C PHE A 86 3.48 -0.51 -0.24
N THR A 87 3.05 0.72 -0.34
CA THR A 87 3.15 1.45 -1.64
C THR A 87 3.58 2.90 -1.40
N SER A 88 4.18 3.52 -2.38
CA SER A 88 4.63 4.94 -2.20
C SER A 88 3.87 5.85 -3.18
N TRP A 89 2.57 5.78 -3.18
CA TRP A 89 1.76 6.65 -4.09
C TRP A 89 0.31 6.65 -3.60
N SER A 90 -0.53 7.48 -4.18
CA SER A 90 -1.96 7.51 -3.76
C SER A 90 -2.85 6.92 -4.87
N PRO A 91 -3.98 6.39 -4.51
CA PRO A 91 -4.94 5.79 -5.49
C PRO A 91 -5.67 6.85 -6.32
N CYS A 92 -6.11 6.49 -7.49
CA CYS A 92 -6.83 7.49 -8.34
C CYS A 92 -8.29 7.56 -7.90
N PHE A 93 -9.01 8.55 -8.35
CA PHE A 93 -10.44 8.67 -7.92
C PHE A 93 -11.20 7.40 -8.30
N SER A 94 -11.10 6.96 -9.53
CA SER A 94 -11.81 5.72 -9.94
C SER A 94 -11.20 4.51 -9.24
N CYS A 95 -9.90 4.53 -9.06
CA CYS A 95 -9.23 3.39 -8.37
C CYS A 95 -9.62 3.37 -6.89
N ALA A 96 -9.79 4.52 -6.30
CA ALA A 96 -10.17 4.57 -4.87
C ALA A 96 -11.52 3.89 -4.67
N GLN A 97 -12.45 4.11 -5.57
CA GLN A 97 -13.78 3.49 -5.45
C GLN A 97 -13.65 1.96 -5.53
N GLU A 98 -12.73 1.49 -6.33
CA GLU A 98 -12.56 0.01 -6.47
C GLU A 98 -12.17 -0.60 -5.12
N MET A 99 -11.33 0.07 -4.37
CA MET A 99 -10.91 -0.50 -3.05
C MET A 99 -12.14 -0.60 -2.14
N ALA A 100 -13.01 0.37 -2.20
CA ALA A 100 -14.22 0.34 -1.35
C ALA A 100 -15.13 -0.81 -1.78
N LYS A 101 -15.30 -1.00 -3.06
CA LYS A 101 -16.19 -2.11 -3.55
C LYS A 101 -15.60 -3.47 -3.12
N PHE A 102 -14.30 -3.62 -3.19
CA PHE A 102 -13.68 -4.91 -2.82
C PHE A 102 -13.96 -5.23 -1.35
N ILE A 103 -13.70 -4.31 -0.47
CA ILE A 103 -13.94 -4.58 0.96
C ILE A 103 -15.43 -4.83 1.20
N SER A 104 -16.27 -4.10 0.52
CA SER A 104 -17.74 -4.31 0.70
C SER A 104 -18.09 -5.75 0.36
N LYS A 105 -17.45 -6.30 -0.65
CA LYS A 105 -17.74 -7.71 -1.03
C LYS A 105 -16.89 -8.65 -0.18
N ASN A 106 -15.92 -8.12 0.51
CA ASN A 106 -15.06 -8.99 1.36
C ASN A 106 -14.64 -8.21 2.61
N LYS A 107 -15.50 -8.11 3.59
CA LYS A 107 -15.14 -7.38 4.83
C LYS A 107 -14.41 -8.31 5.79
N HIS A 108 -14.28 -9.57 5.44
CA HIS A 108 -13.58 -10.53 6.34
C HIS A 108 -12.08 -10.41 6.16
N VAL A 109 -11.64 -9.65 5.19
CA VAL A 109 -10.17 -9.49 4.97
C VAL A 109 -9.69 -8.17 5.57
N SER A 110 -8.64 -8.20 6.34
CA SER A 110 -8.11 -6.94 6.92
C SER A 110 -7.16 -6.33 5.91
N LEU A 111 -7.55 -5.28 5.26
CA LEU A 111 -6.67 -4.65 4.23
C LEU A 111 -6.08 -3.34 4.76
N CYS A 112 -4.78 -3.24 4.74
CA CYS A 112 -4.12 -1.99 5.21
C CYS A 112 -3.11 -1.52 4.17
N ILE A 113 -3.21 -0.29 3.74
CA ILE A 113 -2.26 0.23 2.71
C ILE A 113 -1.48 1.41 3.28
N PHE A 114 -0.17 1.36 3.21
CA PHE A 114 0.65 2.49 3.72
C PHE A 114 1.15 3.30 2.54
N THR A 115 0.93 4.60 2.54
CA THR A 115 1.41 5.44 1.42
C THR A 115 2.45 6.43 1.92
N ALA A 116 3.56 6.53 1.25
CA ALA A 116 4.62 7.49 1.68
C ALA A 116 4.09 8.90 1.48
N ARG A 117 3.36 9.12 0.42
CA ARG A 117 2.81 10.48 0.15
C ARG A 117 1.60 10.37 -0.78
N ILE A 118 0.77 11.38 -0.79
CA ILE A 118 -0.44 11.35 -1.67
C ILE A 118 -0.35 12.46 -2.73
N TYR A 119 -0.39 12.09 -3.97
CA TYR A 119 -0.32 13.12 -5.06
C TYR A 119 -1.69 13.20 -5.74
N ASP A 120 -2.27 14.37 -5.78
CA ASP A 120 -3.61 14.50 -6.42
C ASP A 120 -3.46 14.82 -7.91
N ASP A 121 -3.92 13.95 -8.77
CA ASP A 121 -3.81 14.21 -10.23
C ASP A 121 -4.79 15.32 -10.62
N GLN A 122 -5.97 15.30 -10.06
CA GLN A 122 -6.98 16.35 -10.41
C GLN A 122 -7.63 16.88 -9.12
N GLY A 123 -8.30 18.00 -9.20
CA GLY A 123 -8.96 18.56 -7.98
C GLY A 123 -10.21 17.74 -7.63
N ARG A 124 -10.92 18.13 -6.61
CA ARG A 124 -12.15 17.39 -6.21
C ARG A 124 -11.78 15.96 -5.78
N CYS A 125 -10.59 15.52 -6.07
CA CYS A 125 -10.17 14.15 -5.67
C CYS A 125 -10.21 14.04 -4.14
N GLN A 126 -10.15 15.13 -3.45
CA GLN A 126 -10.17 15.08 -1.96
C GLN A 126 -11.40 14.33 -1.50
N GLU A 127 -12.51 14.50 -2.18
CA GLU A 127 -13.75 13.78 -1.77
C GLU A 127 -13.49 12.28 -1.80
N GLY A 128 -12.72 11.82 -2.75
CA GLY A 128 -12.43 10.35 -2.84
C GLY A 128 -11.70 9.91 -1.56
N LEU A 129 -10.83 10.74 -1.04
CA LEU A 129 -10.09 10.36 0.20
C LEU A 129 -11.06 10.12 1.34
N ARG A 130 -12.10 10.92 1.43
CA ARG A 130 -13.08 10.73 2.53
C ARG A 130 -13.71 9.35 2.42
N THR A 131 -14.14 9.00 1.25
CA THR A 131 -14.77 7.67 1.04
C THR A 131 -13.70 6.58 1.14
N LEU A 132 -12.55 6.83 0.57
CA LEU A 132 -11.46 5.81 0.61
C LEU A 132 -11.10 5.48 2.06
N ALA A 133 -11.04 6.46 2.91
CA ALA A 133 -10.67 6.17 4.33
C ALA A 133 -11.78 5.33 4.97
N GLU A 134 -13.00 5.57 4.62
CA GLU A 134 -14.13 4.79 5.22
C GLU A 134 -14.18 3.38 4.62
N ALA A 135 -14.22 3.27 3.32
CA ALA A 135 -14.30 1.92 2.70
C ALA A 135 -13.01 1.57 1.96
N GLY A 136 -12.19 2.54 1.66
CA GLY A 136 -10.93 2.24 0.93
C GLY A 136 -9.94 1.60 1.90
N ALA A 137 -10.41 0.75 2.76
CA ALA A 137 -9.51 0.08 3.73
C ALA A 137 -8.80 1.12 4.60
N LYS A 138 -8.03 0.66 5.54
CA LYS A 138 -7.30 1.57 6.46
C LYS A 138 -6.00 2.04 5.80
N ILE A 139 -5.75 3.33 5.81
CA ILE A 139 -4.49 3.85 5.21
C ILE A 139 -3.74 4.68 6.24
N SER A 140 -2.44 4.57 6.27
CA SER A 140 -1.65 5.35 7.26
C SER A 140 -0.35 5.83 6.59
N ILE A 141 0.27 6.82 7.17
CA ILE A 141 1.54 7.34 6.57
C ILE A 141 2.70 6.48 7.05
N MET A 142 3.60 6.13 6.18
CA MET A 142 4.75 5.28 6.59
C MET A 142 5.68 6.08 7.49
N THR A 143 6.14 5.50 8.56
CA THR A 143 7.04 6.23 9.50
C THR A 143 8.32 5.43 9.72
N TYR A 144 9.27 6.03 10.38
CA TYR A 144 10.57 5.34 10.64
C TYR A 144 10.32 3.97 11.28
N SER A 145 9.43 3.90 12.23
CA SER A 145 9.18 2.58 12.89
C SER A 145 8.70 1.58 11.84
N GLU A 146 7.77 1.96 11.03
CA GLU A 146 7.26 1.03 9.97
C GLU A 146 8.34 0.85 8.90
N PHE A 147 9.05 1.89 8.57
CA PHE A 147 10.11 1.79 7.53
C PHE A 147 11.19 0.80 7.99
N LYS A 148 11.59 0.88 9.24
CA LYS A 148 12.65 -0.06 9.73
C LYS A 148 12.20 -1.50 9.50
N HIS A 149 10.97 -1.81 9.82
CA HIS A 149 10.48 -3.20 9.60
C HIS A 149 10.46 -3.50 8.11
N CYS A 150 9.91 -2.62 7.33
CA CYS A 150 9.87 -2.85 5.86
C CYS A 150 11.30 -2.92 5.33
N TRP A 151 12.18 -2.15 5.91
CA TRP A 151 13.60 -2.16 5.46
C TRP A 151 14.18 -3.57 5.63
N ASP A 152 14.09 -4.11 6.82
CA ASP A 152 14.65 -5.48 7.05
C ASP A 152 13.77 -6.55 6.38
N THR A 153 12.49 -6.33 6.32
CA THR A 153 11.59 -7.36 5.72
C THR A 153 11.88 -7.60 4.24
N PHE A 154 12.00 -6.57 3.45
CA PHE A 154 12.26 -6.79 1.99
C PHE A 154 13.75 -6.90 1.74
N VAL A 155 14.54 -6.10 2.39
CA VAL A 155 16.02 -6.16 2.19
C VAL A 155 16.72 -6.31 3.54
N ASP A 156 17.64 -7.23 3.63
CA ASP A 156 18.36 -7.45 4.92
C ASP A 156 19.33 -6.29 5.17
N HIS A 157 19.37 -5.79 6.38
CA HIS A 157 20.29 -4.67 6.70
C HIS A 157 21.67 -5.25 7.05
N GLN A 158 21.77 -6.55 7.11
CA GLN A 158 23.08 -7.17 7.47
C GLN A 158 24.16 -6.64 6.53
N GLY A 159 25.25 -6.19 7.08
CA GLY A 159 26.35 -5.65 6.23
C GLY A 159 25.93 -4.27 5.71
N CYS A 160 24.66 -3.97 5.74
CA CYS A 160 24.18 -2.65 5.26
C CYS A 160 23.34 -1.98 6.35
N PRO A 161 23.98 -1.33 7.29
CA PRO A 161 23.28 -0.63 8.41
C PRO A 161 22.44 0.54 7.90
N PHE A 162 21.29 0.77 8.49
CA PHE A 162 20.45 1.91 8.03
C PHE A 162 20.74 3.13 8.91
N GLN A 163 20.97 4.26 8.30
CA GLN A 163 21.28 5.49 9.09
C GLN A 163 20.05 6.40 9.08
N PRO A 164 19.33 6.50 10.17
CA PRO A 164 18.12 7.37 10.24
C PRO A 164 18.47 8.83 9.94
N TRP A 165 17.65 9.48 9.15
CA TRP A 165 17.90 10.90 8.80
C TRP A 165 16.60 11.68 8.94
N ASP A 166 16.67 12.98 9.00
CA ASP A 166 15.41 13.78 9.13
C ASP A 166 14.73 13.87 7.77
N GLY A 167 14.88 12.86 6.96
CA GLY A 167 14.22 12.87 5.63
C GLY A 167 12.83 12.25 5.77
N LEU A 168 12.76 11.08 6.34
CA LEU A 168 11.44 10.42 6.53
C LEU A 168 10.57 11.31 7.42
N ASP A 169 11.17 11.96 8.38
CA ASP A 169 10.37 12.83 9.30
C ASP A 169 9.79 14.00 8.50
N GLU A 170 10.56 14.60 7.63
CA GLU A 170 10.02 15.73 6.83
C GLU A 170 8.90 15.22 5.93
N HIS A 171 9.07 14.06 5.36
CA HIS A 171 8.02 13.50 4.48
C HIS A 171 6.77 13.22 5.31
N SER A 172 6.93 12.63 6.47
CA SER A 172 5.77 12.32 7.33
C SER A 172 5.06 13.62 7.74
N GLN A 173 5.80 14.64 8.04
CA GLN A 173 5.15 15.93 8.45
C GLN A 173 4.31 16.46 7.29
N ASP A 174 4.75 16.22 6.09
CA ASP A 174 3.98 16.72 4.92
C ASP A 174 2.62 16.03 4.87
N LEU A 175 2.60 14.73 4.95
CA LEU A 175 1.32 13.99 4.91
C LEU A 175 0.53 14.26 6.19
N SER A 176 1.21 14.37 7.31
CA SER A 176 0.50 14.60 8.59
C SER A 176 -0.33 15.88 8.49
N GLY A 177 0.21 16.91 7.90
CA GLY A 177 -0.55 18.18 7.78
C GLY A 177 -1.70 18.02 6.77
N ARG A 178 -1.40 17.54 5.59
CA ARG A 178 -2.47 17.37 4.57
C ARG A 178 -3.51 16.37 5.05
N LEU A 179 -3.08 15.27 5.62
CA LEU A 179 -4.06 14.26 6.11
C LEU A 179 -4.92 14.86 7.22
N ARG A 180 -4.34 15.68 8.04
CA ARG A 180 -5.14 16.30 9.15
C ARG A 180 -6.35 17.03 8.56
N ALA A 181 -6.15 17.72 7.48
CA ALA A 181 -7.29 18.46 6.86
C ALA A 181 -8.38 17.48 6.44
N ILE A 182 -8.00 16.38 5.86
CA ILE A 182 -9.02 15.37 5.43
C ILE A 182 -9.78 14.87 6.65
N LEU A 183 -9.09 14.50 7.68
CA LEU A 183 -9.77 13.99 8.91
C LEU A 183 -10.57 15.12 9.55
N GLN A 184 -10.09 16.33 9.44
CA GLN A 184 -10.79 17.50 10.05
C GLN A 184 -12.17 17.68 9.39
N ASN A 185 -12.30 17.31 8.14
CA ASN A 185 -13.60 17.49 7.46
C ASN A 185 -14.57 16.37 7.84
N GLN A 186 -14.18 15.52 8.75
CA GLN A 186 -15.11 14.43 9.16
C GLN A 186 -16.31 15.09 9.83
N GLU A 187 -17.37 15.27 9.09
CA GLU A 187 -18.57 15.91 9.68
C GLU A 187 -19.19 14.99 10.73
N ASN A 188 -19.54 15.52 11.85
CA ASN A 188 -20.15 14.68 12.92
C ASN A 188 -21.42 14.02 12.38
N MET A 1 12.76 -11.04 -1.96
CA MET A 1 13.16 -9.62 -1.81
C MET A 1 13.82 -9.16 -3.12
N ASP A 2 13.42 -8.02 -3.61
CA ASP A 2 14.03 -7.50 -4.86
C ASP A 2 15.02 -6.40 -4.48
N PRO A 3 15.93 -6.07 -5.36
CA PRO A 3 16.92 -5.01 -5.09
C PRO A 3 16.25 -3.87 -4.32
N PRO A 4 17.00 -3.07 -3.62
CA PRO A 4 16.44 -1.93 -2.82
C PRO A 4 15.27 -1.23 -3.52
N THR A 5 14.14 -1.87 -3.57
CA THR A 5 12.95 -1.28 -4.23
C THR A 5 12.42 -0.11 -3.39
N PHE A 6 12.47 -0.23 -2.10
CA PHE A 6 11.97 0.88 -1.25
C PHE A 6 12.89 2.08 -1.39
N THR A 7 14.18 1.85 -1.39
CA THR A 7 15.13 2.97 -1.55
C THR A 7 15.02 3.52 -2.96
N PHE A 8 15.00 2.64 -3.94
CA PHE A 8 14.90 3.09 -5.35
C PHE A 8 13.57 3.80 -5.55
N ASN A 9 12.50 3.18 -5.13
CA ASN A 9 11.16 3.81 -5.30
C ASN A 9 11.12 5.15 -4.58
N PHE A 10 11.66 5.24 -3.38
CA PHE A 10 11.63 6.55 -2.67
C PHE A 10 12.63 7.51 -3.33
N ASN A 11 13.76 7.01 -3.74
CA ASN A 11 14.77 7.88 -4.41
C ASN A 11 14.38 8.07 -5.88
N ASN A 12 13.21 7.62 -6.25
CA ASN A 12 12.78 7.74 -7.67
C ASN A 12 12.20 9.14 -7.93
N GLU A 13 12.49 10.08 -7.07
CA GLU A 13 11.94 11.46 -7.29
C GLU A 13 12.33 11.94 -8.69
N PRO A 14 13.57 11.73 -9.07
CA PRO A 14 14.08 12.12 -10.41
C PRO A 14 13.41 11.29 -11.51
N TRP A 15 12.65 10.30 -11.12
CA TRP A 15 11.96 9.43 -12.11
C TRP A 15 11.07 10.28 -13.01
N VAL A 16 10.67 11.44 -12.56
CA VAL A 16 9.80 12.31 -13.40
C VAL A 16 10.52 12.64 -14.71
N ARG A 17 10.65 11.67 -15.58
CA ARG A 17 11.33 11.89 -16.88
C ARG A 17 10.37 11.60 -18.03
N GLY A 18 9.10 11.47 -17.73
CA GLY A 18 8.12 11.17 -18.80
C GLY A 18 7.73 9.69 -18.73
N ARG A 19 8.20 8.99 -17.73
CA ARG A 19 7.86 7.56 -17.58
C ARG A 19 7.01 7.41 -16.32
N HIS A 20 5.91 6.70 -16.38
CA HIS A 20 5.06 6.57 -15.17
C HIS A 20 4.67 5.11 -14.90
N GLU A 21 5.53 4.38 -14.23
CA GLU A 21 5.22 2.96 -13.90
C GLU A 21 5.48 2.77 -12.40
N THR A 22 4.64 2.03 -11.72
CA THR A 22 4.85 1.85 -10.25
C THR A 22 4.64 0.39 -9.85
N TYR A 23 5.34 -0.05 -8.84
CA TYR A 23 5.20 -1.46 -8.37
C TYR A 23 4.68 -1.42 -6.93
N LEU A 24 3.76 -2.29 -6.57
CA LEU A 24 3.24 -2.28 -5.18
C LEU A 24 3.75 -3.50 -4.42
N CYS A 25 4.12 -3.33 -3.18
CA CYS A 25 4.63 -4.47 -2.38
C CYS A 25 3.59 -4.80 -1.29
N TYR A 26 3.33 -6.06 -1.06
CA TYR A 26 2.33 -6.42 -0.02
C TYR A 26 2.80 -7.62 0.78
N GLU A 27 2.16 -7.87 1.89
CA GLU A 27 2.52 -9.02 2.74
C GLU A 27 1.24 -9.72 3.16
N VAL A 28 1.31 -10.96 3.54
CA VAL A 28 0.08 -11.68 3.95
C VAL A 28 0.31 -12.36 5.29
N GLU A 29 -0.68 -12.33 6.15
CA GLU A 29 -0.53 -12.96 7.50
C GLU A 29 -1.74 -13.87 7.74
N ARG A 30 -1.57 -14.89 8.55
CA ARG A 30 -2.72 -15.81 8.81
C ARG A 30 -3.12 -15.71 10.28
N MET A 31 -4.38 -15.42 10.53
CA MET A 31 -4.85 -15.29 11.94
C MET A 31 -6.00 -16.26 12.19
N HIS A 32 -5.91 -17.03 13.24
CA HIS A 32 -7.01 -17.98 13.58
C HIS A 32 -7.64 -17.54 14.91
N ASN A 33 -8.93 -17.66 15.04
CA ASN A 33 -9.58 -17.21 16.30
C ASN A 33 -8.96 -17.96 17.48
N ASP A 34 -8.73 -19.24 17.33
CA ASP A 34 -8.14 -20.02 18.45
C ASP A 34 -6.62 -19.75 18.56
N THR A 35 -5.97 -19.47 17.47
CA THR A 35 -4.50 -19.23 17.53
C THR A 35 -4.09 -18.11 16.57
N TRP A 36 -2.92 -17.57 16.76
CA TRP A 36 -2.42 -16.50 15.85
C TRP A 36 -1.19 -17.03 15.10
N VAL A 37 -1.14 -16.84 13.81
CA VAL A 37 0.03 -17.35 13.03
C VAL A 37 0.69 -16.20 12.27
N LEU A 38 1.98 -16.03 12.41
CA LEU A 38 2.68 -14.93 11.71
C LEU A 38 3.34 -15.47 10.44
N LEU A 39 2.82 -15.15 9.30
CA LEU A 39 3.42 -15.62 8.02
C LEU A 39 4.45 -14.59 7.56
N ASN A 40 4.93 -13.78 8.46
CA ASN A 40 5.92 -12.73 8.08
C ASN A 40 7.18 -13.40 7.50
N GLN A 41 7.40 -14.64 7.82
CA GLN A 41 8.61 -15.34 7.28
C GLN A 41 8.62 -15.25 5.76
N ARG A 42 7.45 -15.18 5.16
CA ARG A 42 7.38 -15.09 3.68
C ARG A 42 6.84 -13.71 3.28
N ARG A 43 7.33 -13.16 2.18
CA ARG A 43 6.85 -11.83 1.74
C ARG A 43 6.31 -11.93 0.31
N GLY A 44 5.62 -10.92 -0.15
CA GLY A 44 5.07 -10.97 -1.53
C GLY A 44 5.29 -9.62 -2.23
N PHE A 45 5.24 -9.60 -3.53
CA PHE A 45 5.46 -8.32 -4.27
C PHE A 45 4.42 -8.20 -5.39
N LEU A 46 4.16 -7.01 -5.84
CA LEU A 46 3.16 -6.82 -6.93
C LEU A 46 3.85 -6.14 -8.12
N CYS A 47 3.65 -6.65 -9.30
CA CYS A 47 4.29 -6.05 -10.51
C CYS A 47 3.21 -5.78 -11.56
N ASN A 48 3.58 -5.20 -12.67
CA ASN A 48 2.58 -4.91 -13.73
C ASN A 48 2.16 -6.22 -14.39
N GLN A 49 2.52 -7.33 -13.80
CA GLN A 49 2.12 -8.64 -14.39
C GLN A 49 1.02 -9.27 -13.54
N ALA A 50 -0.18 -9.34 -14.05
CA ALA A 50 -1.29 -9.94 -13.26
C ALA A 50 -1.38 -11.44 -13.58
N PRO A 51 -1.97 -12.20 -12.71
CA PRO A 51 -2.10 -13.67 -12.92
C PRO A 51 -2.76 -13.99 -14.26
N HIS A 52 -2.01 -14.61 -15.15
CA HIS A 52 -2.57 -14.97 -16.47
C HIS A 52 -3.81 -15.85 -16.31
N LYS A 53 -3.80 -16.68 -15.31
CA LYS A 53 -4.96 -17.58 -15.07
C LYS A 53 -6.23 -16.76 -14.86
N HIS A 54 -6.10 -15.52 -14.47
CA HIS A 54 -7.31 -14.69 -14.24
C HIS A 54 -8.01 -14.43 -15.57
N GLY A 55 -7.30 -14.53 -16.66
CA GLY A 55 -7.93 -14.31 -18.00
C GLY A 55 -7.34 -13.06 -18.66
N PHE A 56 -8.13 -12.37 -19.43
CA PHE A 56 -7.63 -11.14 -20.13
C PHE A 56 -7.66 -9.96 -19.16
N LEU A 57 -6.96 -8.91 -19.48
CA LEU A 57 -6.94 -7.72 -18.58
C LEU A 57 -8.37 -7.24 -18.34
N GLU A 58 -8.67 -6.81 -17.15
CA GLU A 58 -10.05 -6.34 -16.85
C GLU A 58 -10.07 -4.81 -16.78
N GLY A 59 -8.98 -4.19 -17.13
CA GLY A 59 -8.93 -2.70 -17.08
C GLY A 59 -7.51 -2.26 -16.71
N ARG A 60 -7.28 -0.98 -16.62
CA ARG A 60 -5.91 -0.50 -16.27
C ARG A 60 -5.93 0.14 -14.87
N HIS A 61 -5.74 -0.65 -13.85
CA HIS A 61 -5.74 -0.10 -12.46
C HIS A 61 -4.77 -0.92 -11.61
N ALA A 62 -3.84 -0.27 -10.97
CA ALA A 62 -2.88 -1.03 -10.09
C ALA A 62 -3.63 -1.66 -8.93
N GLU A 63 -4.61 -0.98 -8.39
CA GLU A 63 -5.37 -1.55 -7.24
C GLU A 63 -6.10 -2.83 -7.67
N LEU A 64 -6.65 -2.84 -8.85
CA LEU A 64 -7.37 -4.05 -9.33
C LEU A 64 -6.41 -5.24 -9.38
N CYS A 65 -5.19 -5.01 -9.78
CA CYS A 65 -4.22 -6.13 -9.86
C CYS A 65 -4.10 -6.76 -8.47
N PHE A 66 -4.06 -5.95 -7.45
CA PHE A 66 -3.98 -6.49 -6.06
C PHE A 66 -5.22 -7.32 -5.77
N LEU A 67 -6.36 -6.87 -6.23
CA LEU A 67 -7.61 -7.64 -6.00
C LEU A 67 -7.48 -9.02 -6.63
N ASP A 68 -6.77 -9.12 -7.72
CA ASP A 68 -6.59 -10.44 -8.39
C ASP A 68 -5.78 -11.38 -7.47
N VAL A 69 -4.89 -10.82 -6.70
CA VAL A 69 -4.07 -11.66 -5.79
C VAL A 69 -4.93 -12.26 -4.67
N ILE A 70 -5.93 -11.54 -4.22
CA ILE A 70 -6.78 -12.09 -3.11
C ILE A 70 -7.29 -13.50 -3.43
N PRO A 71 -7.97 -13.71 -4.54
CA PRO A 71 -8.47 -15.07 -4.92
C PRO A 71 -7.32 -16.04 -5.13
N PHE A 72 -6.15 -15.53 -5.42
CA PHE A 72 -4.99 -16.44 -5.64
C PHE A 72 -4.51 -17.00 -4.30
N TRP A 73 -4.76 -16.30 -3.23
CA TRP A 73 -4.32 -16.81 -1.89
C TRP A 73 -5.40 -17.71 -1.30
N LYS A 74 -6.51 -17.86 -1.98
CA LYS A 74 -7.61 -18.73 -1.45
C LYS A 74 -7.74 -18.53 0.06
N LEU A 75 -8.13 -17.35 0.49
CA LEU A 75 -8.27 -17.11 1.95
C LEU A 75 -9.59 -17.71 2.45
N ASP A 76 -9.58 -18.31 3.60
CA ASP A 76 -10.84 -18.91 4.14
C ASP A 76 -11.70 -17.81 4.78
N LEU A 77 -12.94 -17.74 4.40
CA LEU A 77 -13.84 -16.70 4.98
C LEU A 77 -14.07 -16.97 6.46
N ASP A 78 -13.95 -18.20 6.89
CA ASP A 78 -14.19 -18.52 8.33
C ASP A 78 -12.93 -18.22 9.14
N GLN A 79 -11.82 -17.99 8.50
CA GLN A 79 -10.57 -17.70 9.26
C GLN A 79 -10.22 -16.22 9.10
N ASP A 80 -9.64 -15.61 10.11
CA ASP A 80 -9.29 -14.17 10.00
C ASP A 80 -8.01 -14.01 9.19
N TYR A 81 -7.94 -12.98 8.38
CA TYR A 81 -6.72 -12.76 7.57
C TYR A 81 -6.28 -11.29 7.66
N ARG A 82 -5.01 -11.06 7.81
CA ARG A 82 -4.52 -9.66 7.89
C ARG A 82 -3.54 -9.42 6.73
N VAL A 83 -3.85 -8.49 5.87
CA VAL A 83 -2.97 -8.22 4.69
C VAL A 83 -2.54 -6.75 4.70
N THR A 84 -1.29 -6.48 4.43
CA THR A 84 -0.81 -5.08 4.41
C THR A 84 -0.30 -4.73 3.02
N CYS A 85 -0.37 -3.49 2.65
CA CYS A 85 0.10 -3.08 1.29
C CYS A 85 0.95 -1.81 1.39
N PHE A 86 2.14 -1.84 0.84
CA PHE A 86 3.00 -0.62 0.88
C PHE A 86 3.01 0.00 -0.52
N THR A 87 2.50 1.18 -0.66
CA THR A 87 2.47 1.82 -2.00
C THR A 87 2.82 3.30 -1.90
N SER A 88 3.32 3.89 -2.95
CA SER A 88 3.66 5.33 -2.93
C SER A 88 2.72 6.06 -3.89
N TRP A 89 1.45 5.85 -3.75
CA TRP A 89 0.47 6.53 -4.65
C TRP A 89 -0.95 6.36 -4.07
N SER A 90 -1.91 7.04 -4.63
CA SER A 90 -3.30 6.92 -4.11
C SER A 90 -4.19 6.30 -5.19
N PRO A 91 -5.26 5.64 -4.80
CA PRO A 91 -6.21 4.99 -5.76
C PRO A 91 -7.00 6.01 -6.57
N CYS A 92 -7.37 5.66 -7.77
CA CYS A 92 -8.15 6.61 -8.61
C CYS A 92 -9.61 6.62 -8.13
N PHE A 93 -10.45 7.41 -8.73
CA PHE A 93 -11.87 7.46 -8.30
C PHE A 93 -12.50 6.06 -8.40
N SER A 94 -12.27 5.39 -9.51
CA SER A 94 -12.86 4.03 -9.68
C SER A 94 -12.29 3.08 -8.61
N CYS A 95 -11.02 3.17 -8.35
CA CYS A 95 -10.41 2.27 -7.32
C CYS A 95 -10.84 2.70 -5.92
N ALA A 96 -10.94 3.98 -5.68
CA ALA A 96 -11.34 4.44 -4.32
C ALA A 96 -12.75 3.95 -3.99
N GLN A 97 -13.68 4.14 -4.89
CA GLN A 97 -15.07 3.67 -4.63
C GLN A 97 -15.12 2.14 -4.63
N GLU A 98 -14.39 1.52 -5.51
CA GLU A 98 -14.40 0.03 -5.57
C GLU A 98 -13.68 -0.53 -4.35
N MET A 99 -12.59 0.07 -3.98
CA MET A 99 -11.83 -0.43 -2.80
C MET A 99 -12.71 -0.35 -1.55
N ALA A 100 -13.49 0.69 -1.41
CA ALA A 100 -14.36 0.80 -0.22
C ALA A 100 -15.33 -0.38 -0.19
N LYS A 101 -15.83 -0.78 -1.32
CA LYS A 101 -16.76 -1.94 -1.35
C LYS A 101 -16.04 -3.20 -0.87
N PHE A 102 -14.77 -3.34 -1.17
CA PHE A 102 -14.04 -4.54 -0.73
C PHE A 102 -14.12 -4.69 0.80
N ILE A 103 -13.86 -3.65 1.53
CA ILE A 103 -13.93 -3.75 3.00
C ILE A 103 -15.36 -4.13 3.41
N SER A 104 -16.34 -3.50 2.83
CA SER A 104 -17.75 -3.83 3.18
C SER A 104 -18.03 -5.29 2.84
N LYS A 105 -17.53 -5.75 1.73
CA LYS A 105 -17.76 -7.17 1.33
C LYS A 105 -16.81 -8.08 2.10
N ASN A 106 -15.76 -7.54 2.65
CA ASN A 106 -14.79 -8.38 3.41
C ASN A 106 -14.34 -7.63 4.67
N LYS A 107 -15.15 -7.64 5.68
CA LYS A 107 -14.78 -6.94 6.94
C LYS A 107 -13.98 -7.89 7.82
N HIS A 108 -13.83 -9.12 7.40
CA HIS A 108 -13.07 -10.10 8.23
C HIS A 108 -11.57 -9.99 7.90
N VAL A 109 -11.23 -9.25 6.87
CA VAL A 109 -9.80 -9.11 6.51
C VAL A 109 -9.28 -7.76 7.02
N SER A 110 -8.15 -7.75 7.66
CA SER A 110 -7.59 -6.45 8.14
C SER A 110 -6.67 -5.91 7.05
N LEU A 111 -7.10 -4.87 6.37
CA LEU A 111 -6.26 -4.31 5.27
C LEU A 111 -5.72 -2.94 5.67
N CYS A 112 -4.43 -2.76 5.59
CA CYS A 112 -3.83 -1.44 5.94
C CYS A 112 -2.94 -0.99 4.78
N ILE A 113 -3.10 0.21 4.32
CA ILE A 113 -2.28 0.69 3.17
C ILE A 113 -1.38 1.86 3.59
N PHE A 114 -0.13 1.81 3.24
CA PHE A 114 0.78 2.93 3.58
C PHE A 114 1.05 3.75 2.33
N THR A 115 0.72 5.02 2.34
CA THR A 115 0.97 5.85 1.13
C THR A 115 2.19 6.75 1.36
N ALA A 116 3.23 6.52 0.61
CA ALA A 116 4.45 7.36 0.77
C ALA A 116 4.13 8.79 0.36
N ARG A 117 3.31 8.96 -0.63
CA ARG A 117 2.95 10.33 -1.10
C ARG A 117 1.52 10.33 -1.66
N ILE A 118 0.84 11.44 -1.56
CA ILE A 118 -0.56 11.50 -2.08
C ILE A 118 -0.65 12.59 -3.16
N TYR A 119 -0.95 12.21 -4.37
CA TYR A 119 -1.07 13.22 -5.46
C TYR A 119 -2.49 13.18 -6.02
N ASP A 120 -3.15 14.29 -6.09
CA ASP A 120 -4.55 14.30 -6.62
C ASP A 120 -4.52 14.60 -8.12
N ASP A 121 -4.99 13.68 -8.93
CA ASP A 121 -4.99 13.92 -10.41
C ASP A 121 -5.95 15.07 -10.72
N GLN A 122 -7.02 15.18 -9.98
CA GLN A 122 -8.00 16.27 -10.23
C GLN A 122 -8.30 17.00 -8.91
N GLY A 123 -8.89 18.16 -8.97
CA GLY A 123 -9.19 18.90 -7.72
C GLY A 123 -10.45 18.34 -7.09
N ARG A 124 -10.88 18.89 -5.98
CA ARG A 124 -12.11 18.39 -5.31
C ARG A 124 -11.98 16.89 -5.04
N CYS A 125 -10.87 16.30 -5.39
CA CYS A 125 -10.67 14.85 -5.14
C CYS A 125 -10.57 14.59 -3.63
N GLN A 126 -10.48 15.63 -2.86
CA GLN A 126 -10.36 15.46 -1.38
C GLN A 126 -11.56 14.64 -0.86
N GLU A 127 -12.72 14.84 -1.44
CA GLU A 127 -13.91 14.08 -0.97
C GLU A 127 -13.65 12.57 -1.12
N GLY A 128 -13.00 12.17 -2.18
CA GLY A 128 -12.72 10.72 -2.37
C GLY A 128 -11.84 10.22 -1.23
N LEU A 129 -10.87 11.00 -0.83
CA LEU A 129 -9.97 10.57 0.27
C LEU A 129 -10.77 10.40 1.56
N ARG A 130 -11.72 11.25 1.80
CA ARG A 130 -12.53 11.14 3.04
C ARG A 130 -13.24 9.79 3.06
N THR A 131 -13.85 9.44 1.96
CA THR A 131 -14.56 8.14 1.88
C THR A 131 -13.54 7.01 1.95
N LEU A 132 -12.43 7.17 1.28
CA LEU A 132 -11.40 6.11 1.28
C LEU A 132 -10.92 5.84 2.71
N ALA A 133 -10.74 6.86 3.48
CA ALA A 133 -10.27 6.64 4.88
C ALA A 133 -11.34 5.89 5.67
N GLU A 134 -12.59 6.18 5.42
CA GLU A 134 -13.68 5.49 6.16
C GLU A 134 -13.87 4.05 5.67
N ALA A 135 -14.02 3.87 4.38
CA ALA A 135 -14.23 2.48 3.85
C ALA A 135 -13.02 2.02 3.03
N GLY A 136 -12.19 2.93 2.60
CA GLY A 136 -11.01 2.50 1.79
C GLY A 136 -9.96 1.89 2.71
N ALA A 137 -10.38 1.10 3.66
CA ALA A 137 -9.41 0.47 4.59
C ALA A 137 -8.59 1.53 5.30
N LYS A 138 -7.73 1.13 6.19
CA LYS A 138 -6.90 2.10 6.94
C LYS A 138 -5.74 2.59 6.06
N ILE A 139 -5.52 3.88 6.02
CA ILE A 139 -4.40 4.42 5.20
C ILE A 139 -3.39 5.10 6.14
N SER A 140 -2.13 4.98 5.83
CA SER A 140 -1.10 5.60 6.71
C SER A 140 0.03 6.18 5.87
N ILE A 141 0.81 7.06 6.43
CA ILE A 141 1.95 7.66 5.67
C ILE A 141 3.24 6.96 6.10
N MET A 142 4.13 6.70 5.18
CA MET A 142 5.39 6.01 5.54
C MET A 142 6.31 6.96 6.30
N THR A 143 6.90 6.49 7.36
CA THR A 143 7.81 7.35 8.17
C THR A 143 9.16 6.64 8.32
N TYR A 144 10.13 7.35 8.84
CA TYR A 144 11.48 6.74 9.01
C TYR A 144 11.38 5.45 9.82
N SER A 145 10.62 5.44 10.88
CA SER A 145 10.51 4.20 11.69
C SER A 145 9.93 3.07 10.83
N GLU A 146 8.85 3.32 10.15
CA GLU A 146 8.25 2.27 9.29
C GLU A 146 9.15 1.99 8.09
N PHE A 147 9.79 3.00 7.57
CA PHE A 147 10.69 2.80 6.41
C PHE A 147 11.80 1.82 6.78
N LYS A 148 12.40 1.99 7.92
CA LYS A 148 13.50 1.07 8.32
C LYS A 148 12.97 -0.37 8.34
N HIS A 149 11.78 -0.56 8.84
CA HIS A 149 11.22 -1.95 8.88
C HIS A 149 11.07 -2.49 7.46
N CYS A 150 10.48 -1.74 6.58
CA CYS A 150 10.31 -2.22 5.18
C CYS A 150 11.69 -2.42 4.57
N TRP A 151 12.60 -1.54 4.87
CA TRP A 151 13.98 -1.66 4.32
C TRP A 151 14.59 -2.99 4.75
N ASP A 152 14.58 -3.28 6.03
CA ASP A 152 15.16 -4.56 6.50
C ASP A 152 14.25 -5.73 6.12
N THR A 153 12.97 -5.58 6.29
CA THR A 153 12.02 -6.69 5.97
C THR A 153 11.93 -6.96 4.48
N PHE A 154 11.73 -5.95 3.68
CA PHE A 154 11.60 -6.19 2.22
C PHE A 154 12.96 -6.44 1.58
N VAL A 155 13.97 -5.72 1.99
CA VAL A 155 15.33 -5.92 1.41
C VAL A 155 16.29 -6.34 2.51
N ASP A 156 17.18 -7.26 2.23
CA ASP A 156 18.14 -7.72 3.26
C ASP A 156 19.10 -6.59 3.64
N HIS A 157 19.19 -6.29 4.90
CA HIS A 157 20.11 -5.21 5.36
C HIS A 157 21.56 -5.61 5.07
N GLN A 158 21.82 -6.88 4.91
CA GLN A 158 23.22 -7.31 4.65
C GLN A 158 23.55 -7.14 3.17
N GLY A 159 24.45 -6.26 2.85
CA GLY A 159 24.83 -6.05 1.42
C GLY A 159 24.02 -4.89 0.84
N CYS A 160 22.92 -4.54 1.46
CA CYS A 160 22.09 -3.42 0.95
C CYS A 160 21.86 -2.40 2.07
N PRO A 161 22.79 -1.51 2.28
CA PRO A 161 22.68 -0.47 3.34
C PRO A 161 21.78 0.70 2.92
N PHE A 162 20.98 1.20 3.83
CA PHE A 162 20.09 2.35 3.48
C PHE A 162 20.75 3.65 3.92
N GLN A 163 20.72 4.65 3.09
CA GLN A 163 21.35 5.96 3.44
C GLN A 163 20.26 7.01 3.68
N PRO A 164 19.92 7.30 4.92
CA PRO A 164 18.87 8.30 5.24
C PRO A 164 19.21 9.68 4.66
N TRP A 165 18.23 10.34 4.11
CA TRP A 165 18.46 11.69 3.54
C TRP A 165 17.32 12.62 3.99
N ASP A 166 17.51 13.91 3.88
CA ASP A 166 16.42 14.84 4.31
C ASP A 166 15.33 14.89 3.25
N GLY A 167 15.16 13.82 2.53
CA GLY A 167 14.10 13.77 1.49
C GLY A 167 12.83 13.20 2.11
N LEU A 168 12.95 12.11 2.80
CA LEU A 168 11.76 11.50 3.46
C LEU A 168 11.18 12.51 4.45
N ASP A 169 12.03 13.25 5.11
CA ASP A 169 11.54 14.25 6.09
C ASP A 169 10.78 15.35 5.36
N GLU A 170 11.32 15.87 4.29
CA GLU A 170 10.61 16.94 3.54
C GLU A 170 9.37 16.34 2.88
N HIS A 171 9.51 15.20 2.28
CA HIS A 171 8.36 14.55 1.61
C HIS A 171 7.33 14.07 2.64
N SER A 172 7.79 13.39 3.67
CA SER A 172 6.85 12.86 4.69
C SER A 172 6.22 13.98 5.52
N GLN A 173 7.00 14.91 5.98
CA GLN A 173 6.43 16.01 6.83
C GLN A 173 5.44 16.85 6.01
N ASP A 174 5.81 17.20 4.81
CA ASP A 174 4.89 18.04 3.98
C ASP A 174 3.67 17.21 3.56
N LEU A 175 3.87 16.00 3.15
CA LEU A 175 2.71 15.16 2.73
C LEU A 175 1.80 14.90 3.93
N SER A 176 2.38 14.67 5.08
CA SER A 176 1.54 14.44 6.27
C SER A 176 0.63 15.65 6.49
N GLY A 177 1.13 16.82 6.19
CA GLY A 177 0.30 18.05 6.37
C GLY A 177 -0.94 17.96 5.49
N ARG A 178 -0.80 17.55 4.26
CA ARG A 178 -2.00 17.44 3.38
C ARG A 178 -2.97 16.42 3.96
N LEU A 179 -2.46 15.27 4.34
CA LEU A 179 -3.35 14.24 4.95
C LEU A 179 -3.86 14.78 6.27
N ARG A 180 -3.02 15.49 6.98
CA ARG A 180 -3.42 16.06 8.29
C ARG A 180 -4.66 16.93 8.11
N ALA A 181 -4.72 17.67 7.03
CA ALA A 181 -5.90 18.55 6.80
C ALA A 181 -7.15 17.69 6.61
N ILE A 182 -7.05 16.60 5.92
CA ILE A 182 -8.22 15.72 5.70
C ILE A 182 -8.75 15.24 7.05
N LEU A 183 -7.89 14.76 7.91
CA LEU A 183 -8.33 14.28 9.24
C LEU A 183 -8.88 15.46 10.05
N GLN A 184 -8.33 16.63 9.86
CA GLN A 184 -8.82 17.81 10.63
C GLN A 184 -10.28 18.08 10.27
N ASN A 185 -10.65 17.85 9.04
CA ASN A 185 -12.06 18.10 8.63
C ASN A 185 -12.91 16.89 9.00
N GLN A 186 -12.35 15.94 9.68
CA GLN A 186 -13.14 14.75 10.08
C GLN A 186 -14.38 15.23 10.84
N GLU A 187 -15.49 15.34 10.17
CA GLU A 187 -16.72 15.81 10.87
C GLU A 187 -17.20 14.74 11.83
N ASN A 188 -17.49 15.12 13.05
CA ASN A 188 -17.96 14.13 14.05
C ASN A 188 -19.49 14.05 13.99
N MET A 1 18.05 -8.99 -2.11
CA MET A 1 17.52 -7.61 -2.20
C MET A 1 18.39 -6.78 -3.15
N ASP A 2 17.78 -6.06 -4.04
CA ASP A 2 18.56 -5.22 -4.99
C ASP A 2 19.03 -3.97 -4.26
N PRO A 3 20.02 -3.30 -4.78
CA PRO A 3 20.56 -2.07 -4.14
C PRO A 3 19.44 -1.26 -3.49
N PRO A 4 19.75 -0.44 -2.52
CA PRO A 4 18.75 0.39 -1.79
C PRO A 4 17.67 0.99 -2.70
N THR A 5 16.83 0.17 -3.27
CA THR A 5 15.76 0.68 -4.16
C THR A 5 14.70 1.40 -3.33
N PHE A 6 14.42 0.93 -2.15
CA PHE A 6 13.39 1.60 -1.30
C PHE A 6 13.86 3.01 -0.97
N THR A 7 15.09 3.14 -0.55
CA THR A 7 15.63 4.49 -0.24
C THR A 7 15.74 5.29 -1.53
N PHE A 8 16.16 4.64 -2.58
CA PHE A 8 16.30 5.33 -3.90
C PHE A 8 14.95 5.88 -4.33
N ASN A 9 13.91 5.12 -4.13
CA ASN A 9 12.55 5.57 -4.54
C ASN A 9 12.20 6.90 -3.86
N PHE A 10 12.53 7.05 -2.60
CA PHE A 10 12.20 8.33 -1.90
C PHE A 10 13.10 9.45 -2.43
N ASN A 11 14.34 9.15 -2.73
CA ASN A 11 15.27 10.20 -3.23
C ASN A 11 15.16 10.30 -4.75
N ASN A 12 14.21 9.64 -5.34
CA ASN A 12 14.07 9.68 -6.84
C ASN A 12 13.48 11.01 -7.31
N GLU A 13 13.65 12.08 -6.57
CA GLU A 13 13.08 13.37 -7.04
C GLU A 13 13.64 13.69 -8.44
N PRO A 14 14.94 13.68 -8.60
CA PRO A 14 15.58 13.98 -9.91
C PRO A 14 15.49 12.77 -10.86
N TRP A 15 15.45 11.59 -10.32
CA TRP A 15 15.35 10.36 -11.16
C TRP A 15 14.07 10.43 -11.98
N VAL A 16 13.27 11.44 -11.77
CA VAL A 16 12.00 11.57 -12.53
C VAL A 16 12.32 11.68 -14.03
N ARG A 17 12.41 10.57 -14.72
CA ARG A 17 12.71 10.62 -16.17
C ARG A 17 11.41 10.35 -16.95
N GLY A 18 10.35 10.06 -16.26
CA GLY A 18 9.05 9.79 -16.95
C GLY A 18 8.97 8.31 -17.33
N ARG A 19 9.84 7.49 -16.81
CA ARG A 19 9.80 6.04 -17.17
C ARG A 19 9.85 5.19 -15.89
N HIS A 20 8.78 5.16 -15.14
CA HIS A 20 8.77 4.34 -13.89
C HIS A 20 7.49 3.50 -13.85
N GLU A 21 7.61 2.20 -13.76
CA GLU A 21 6.38 1.36 -13.70
C GLU A 21 5.91 1.31 -12.25
N THR A 22 4.63 1.13 -12.02
CA THR A 22 4.13 1.10 -10.62
C THR A 22 4.26 -0.31 -10.03
N TYR A 23 4.85 -0.41 -8.87
CA TYR A 23 5.00 -1.74 -8.22
C TYR A 23 4.58 -1.62 -6.75
N LEU A 24 3.97 -2.63 -6.20
CA LEU A 24 3.54 -2.54 -4.76
C LEU A 24 4.15 -3.70 -3.97
N CYS A 25 4.58 -3.43 -2.77
CA CYS A 25 5.18 -4.50 -1.92
C CYS A 25 4.16 -4.89 -0.86
N TYR A 26 3.96 -6.16 -0.62
CA TYR A 26 2.96 -6.57 0.40
C TYR A 26 3.47 -7.75 1.23
N GLU A 27 2.79 -8.05 2.30
CA GLU A 27 3.18 -9.18 3.17
C GLU A 27 1.92 -10.00 3.44
N VAL A 28 2.05 -11.23 3.82
CA VAL A 28 0.84 -12.05 4.07
C VAL A 28 0.95 -12.74 5.43
N GLU A 29 -0.13 -12.78 6.16
CA GLU A 29 -0.13 -13.43 7.50
C GLU A 29 -1.32 -14.37 7.60
N ARG A 30 -1.24 -15.40 8.39
CA ARG A 30 -2.38 -16.35 8.52
C ARG A 30 -2.92 -16.28 9.94
N MET A 31 -4.20 -16.00 10.09
CA MET A 31 -4.80 -15.91 11.45
C MET A 31 -5.97 -16.89 11.56
N HIS A 32 -5.98 -17.68 12.61
CA HIS A 32 -7.09 -18.65 12.82
C HIS A 32 -7.80 -18.29 14.13
N ASN A 33 -9.09 -18.37 14.17
CA ASN A 33 -9.81 -18.02 15.43
C ASN A 33 -9.28 -18.88 16.59
N ASP A 34 -9.07 -20.14 16.34
CA ASP A 34 -8.55 -21.02 17.42
C ASP A 34 -7.07 -20.72 17.70
N THR A 35 -6.32 -20.38 16.68
CA THR A 35 -4.86 -20.11 16.89
C THR A 35 -4.39 -18.95 16.01
N TRP A 36 -3.26 -18.39 16.33
CA TRP A 36 -2.71 -17.28 15.50
C TRP A 36 -1.41 -17.76 14.86
N VAL A 37 -1.25 -17.53 13.57
CA VAL A 37 0.00 -17.99 12.88
C VAL A 37 0.69 -16.79 12.23
N LEU A 38 1.96 -16.64 12.47
CA LEU A 38 2.70 -15.50 11.85
C LEU A 38 3.46 -15.98 10.61
N LEU A 39 3.03 -15.57 9.45
CA LEU A 39 3.73 -15.98 8.20
C LEU A 39 4.67 -14.86 7.77
N ASN A 40 5.01 -13.99 8.69
CA ASN A 40 5.92 -12.85 8.36
C ASN A 40 7.27 -13.39 7.88
N GLN A 41 7.61 -14.60 8.26
CA GLN A 41 8.91 -15.17 7.81
C GLN A 41 9.01 -15.10 6.29
N ARG A 42 7.90 -15.22 5.61
CA ARG A 42 7.93 -15.16 4.12
C ARG A 42 7.41 -13.79 3.67
N ARG A 43 7.93 -13.27 2.59
CA ARG A 43 7.48 -11.93 2.09
C ARG A 43 6.98 -12.07 0.65
N GLY A 44 6.28 -11.08 0.17
CA GLY A 44 5.77 -11.16 -1.24
C GLY A 44 5.89 -9.79 -1.89
N PHE A 45 5.80 -9.73 -3.20
CA PHE A 45 5.90 -8.43 -3.90
C PHE A 45 4.90 -8.39 -5.04
N LEU A 46 4.52 -7.21 -5.47
CA LEU A 46 3.55 -7.10 -6.61
C LEU A 46 4.27 -6.54 -7.82
N CYS A 47 4.11 -7.16 -8.94
CA CYS A 47 4.79 -6.67 -10.18
C CYS A 47 3.87 -5.70 -10.92
N ASN A 48 4.42 -4.79 -11.65
CA ASN A 48 3.59 -3.81 -12.40
C ASN A 48 2.81 -4.55 -13.50
N GLN A 49 3.26 -5.70 -13.89
CA GLN A 49 2.53 -6.45 -14.95
C GLN A 49 1.48 -7.34 -14.30
N ALA A 50 0.25 -7.23 -14.73
CA ALA A 50 -0.82 -8.07 -14.12
C ALA A 50 -0.63 -9.52 -14.55
N PRO A 51 -0.87 -10.47 -13.68
CA PRO A 51 -0.72 -11.91 -14.00
C PRO A 51 -1.67 -12.36 -15.12
N HIS A 52 -1.15 -13.05 -16.11
CA HIS A 52 -2.00 -13.52 -17.24
C HIS A 52 -2.95 -14.62 -16.76
N LYS A 53 -2.50 -15.42 -15.85
CA LYS A 53 -3.36 -16.54 -15.33
C LYS A 53 -4.65 -15.98 -14.73
N HIS A 54 -4.66 -14.73 -14.35
CA HIS A 54 -5.89 -14.16 -13.74
C HIS A 54 -7.02 -14.11 -14.77
N GLY A 55 -6.69 -14.10 -16.04
CA GLY A 55 -7.76 -14.07 -17.09
C GLY A 55 -7.59 -12.85 -17.99
N PHE A 56 -8.67 -12.30 -18.44
CA PHE A 56 -8.61 -11.11 -19.34
C PHE A 56 -8.40 -9.83 -18.51
N LEU A 57 -8.00 -8.77 -19.13
CA LEU A 57 -7.77 -7.50 -18.38
C LEU A 57 -9.03 -7.15 -17.58
N GLU A 58 -8.87 -6.92 -16.31
CA GLU A 58 -10.06 -6.58 -15.46
C GLU A 58 -10.05 -5.09 -15.14
N GLY A 59 -9.32 -4.32 -15.90
CA GLY A 59 -9.24 -2.85 -15.65
C GLY A 59 -7.78 -2.43 -15.53
N ARG A 60 -7.48 -1.19 -15.78
CA ARG A 60 -6.06 -0.74 -15.68
C ARG A 60 -5.84 -0.01 -14.36
N HIS A 61 -5.51 -0.73 -13.32
CA HIS A 61 -5.26 -0.07 -12.00
C HIS A 61 -4.21 -0.87 -11.23
N ALA A 62 -3.30 -0.20 -10.57
CA ALA A 62 -2.26 -0.93 -9.81
C ALA A 62 -2.90 -1.72 -8.66
N GLU A 63 -3.87 -1.15 -8.00
CA GLU A 63 -4.54 -1.86 -6.88
C GLU A 63 -5.25 -3.11 -7.42
N LEU A 64 -5.84 -3.01 -8.58
CA LEU A 64 -6.56 -4.19 -9.16
C LEU A 64 -5.57 -5.34 -9.33
N CYS A 65 -4.37 -5.05 -9.76
CA CYS A 65 -3.36 -6.13 -9.92
C CYS A 65 -3.23 -6.85 -8.58
N PHE A 66 -3.22 -6.12 -7.52
CA PHE A 66 -3.11 -6.75 -6.17
C PHE A 66 -4.33 -7.64 -5.96
N LEU A 67 -5.49 -7.18 -6.39
CA LEU A 67 -6.72 -8.00 -6.23
C LEU A 67 -6.54 -9.33 -6.95
N ASP A 68 -5.81 -9.35 -8.03
CA ASP A 68 -5.59 -10.62 -8.78
C ASP A 68 -4.79 -11.61 -7.92
N VAL A 69 -3.89 -11.10 -7.12
CA VAL A 69 -3.06 -12.00 -6.28
C VAL A 69 -3.91 -12.68 -5.19
N ILE A 70 -4.89 -12.01 -4.65
CA ILE A 70 -5.72 -12.62 -3.58
C ILE A 70 -6.25 -14.02 -4.01
N PRO A 71 -6.95 -14.13 -5.12
CA PRO A 71 -7.49 -15.43 -5.59
C PRO A 71 -6.36 -16.42 -5.90
N PHE A 72 -5.19 -15.93 -6.20
CA PHE A 72 -4.06 -16.84 -6.50
C PHE A 72 -3.56 -17.48 -5.21
N TRP A 73 -3.77 -16.83 -4.09
CA TRP A 73 -3.31 -17.42 -2.80
C TRP A 73 -4.38 -18.35 -2.26
N LYS A 74 -5.48 -18.48 -2.96
CA LYS A 74 -6.58 -19.38 -2.49
C LYS A 74 -6.76 -19.25 -0.97
N LEU A 75 -7.15 -18.09 -0.51
CA LEU A 75 -7.34 -17.90 0.96
C LEU A 75 -8.69 -18.49 1.37
N ASP A 76 -8.76 -19.11 2.51
CA ASP A 76 -10.05 -19.69 2.97
C ASP A 76 -10.95 -18.59 3.52
N LEU A 77 -12.18 -18.53 3.08
CA LEU A 77 -13.12 -17.50 3.56
C LEU A 77 -13.44 -17.74 5.04
N ASP A 78 -13.36 -18.97 5.49
CA ASP A 78 -13.69 -19.26 6.91
C ASP A 78 -12.49 -18.96 7.81
N GLN A 79 -11.34 -18.74 7.24
CA GLN A 79 -10.14 -18.43 8.07
C GLN A 79 -9.82 -16.93 7.96
N ASP A 80 -9.36 -16.34 9.03
CA ASP A 80 -9.05 -14.88 8.98
C ASP A 80 -7.68 -14.66 8.31
N TYR A 81 -7.56 -13.63 7.53
CA TYR A 81 -6.26 -13.36 6.84
C TYR A 81 -5.88 -11.89 7.02
N ARG A 82 -4.64 -11.62 7.34
CA ARG A 82 -4.19 -10.21 7.50
C ARG A 82 -3.10 -9.91 6.47
N VAL A 83 -3.34 -8.96 5.61
CA VAL A 83 -2.34 -8.63 4.55
C VAL A 83 -1.95 -7.16 4.64
N THR A 84 -0.68 -6.86 4.52
CA THR A 84 -0.23 -5.44 4.57
C THR A 84 0.20 -5.00 3.17
N CYS A 85 0.03 -3.75 2.85
CA CYS A 85 0.43 -3.26 1.50
C CYS A 85 1.13 -1.91 1.61
N PHE A 86 2.32 -1.81 1.06
CA PHE A 86 3.06 -0.52 1.12
C PHE A 86 3.10 0.10 -0.28
N THR A 87 2.69 1.33 -0.41
CA THR A 87 2.71 1.99 -1.75
C THR A 87 3.21 3.43 -1.60
N SER A 88 3.76 4.00 -2.65
CA SER A 88 4.28 5.40 -2.57
C SER A 88 3.58 6.28 -3.61
N TRP A 89 2.28 6.33 -3.59
CA TRP A 89 1.56 7.19 -4.57
C TRP A 89 0.12 7.43 -4.10
N SER A 90 -0.60 8.29 -4.77
CA SER A 90 -2.01 8.57 -4.36
C SER A 90 -2.95 7.55 -5.03
N PRO A 91 -4.06 7.25 -4.39
CA PRO A 91 -5.06 6.28 -4.94
C PRO A 91 -5.89 6.90 -6.06
N CYS A 92 -6.44 6.09 -6.92
CA CYS A 92 -7.27 6.64 -8.04
C CYS A 92 -8.75 6.69 -7.60
N PHE A 93 -9.49 7.63 -8.10
CA PHE A 93 -10.92 7.73 -7.69
C PHE A 93 -11.62 6.40 -7.98
N SER A 94 -11.40 5.83 -9.13
CA SER A 94 -12.05 4.54 -9.46
C SER A 94 -11.52 3.45 -8.51
N CYS A 95 -10.28 3.54 -8.13
CA CYS A 95 -9.70 2.53 -7.21
C CYS A 95 -10.36 2.64 -5.83
N ALA A 96 -10.65 3.84 -5.40
CA ALA A 96 -11.28 4.00 -4.06
C ALA A 96 -12.64 3.30 -4.03
N GLN A 97 -13.42 3.48 -5.06
CA GLN A 97 -14.77 2.82 -5.10
C GLN A 97 -14.60 1.30 -5.15
N GLU A 98 -13.67 0.82 -5.93
CA GLU A 98 -13.46 -0.65 -6.03
C GLU A 98 -12.86 -1.17 -4.73
N MET A 99 -11.97 -0.41 -4.13
CA MET A 99 -11.35 -0.87 -2.87
C MET A 99 -12.41 -1.08 -1.79
N ALA A 100 -13.36 -0.19 -1.69
CA ALA A 100 -14.41 -0.34 -0.66
C ALA A 100 -15.24 -1.60 -0.95
N LYS A 101 -15.56 -1.83 -2.20
CA LYS A 101 -16.36 -3.03 -2.56
C LYS A 101 -15.60 -4.32 -2.22
N PHE A 102 -14.30 -4.30 -2.36
CA PHE A 102 -13.50 -5.52 -2.07
C PHE A 102 -13.69 -5.95 -0.61
N ILE A 103 -13.48 -5.07 0.32
CA ILE A 103 -13.66 -5.44 1.74
C ILE A 103 -15.11 -5.81 1.99
N SER A 104 -16.02 -5.13 1.37
CA SER A 104 -17.45 -5.46 1.58
C SER A 104 -17.70 -6.91 1.18
N LYS A 105 -17.04 -7.38 0.15
CA LYS A 105 -17.22 -8.79 -0.27
C LYS A 105 -16.26 -9.68 0.54
N ASN A 106 -15.33 -9.08 1.22
CA ASN A 106 -14.37 -9.89 2.02
C ASN A 106 -13.99 -9.11 3.29
N LYS A 107 -14.83 -9.13 4.28
CA LYS A 107 -14.53 -8.39 5.54
C LYS A 107 -13.66 -9.26 6.44
N HIS A 108 -13.40 -10.48 6.04
CA HIS A 108 -12.57 -11.39 6.88
C HIS A 108 -11.08 -11.09 6.65
N VAL A 109 -10.77 -10.29 5.67
CA VAL A 109 -9.34 -9.96 5.40
C VAL A 109 -9.00 -8.60 5.97
N SER A 110 -7.92 -8.50 6.70
CA SER A 110 -7.52 -7.17 7.24
C SER A 110 -6.60 -6.51 6.22
N LEU A 111 -7.08 -5.52 5.53
CA LEU A 111 -6.23 -4.87 4.49
C LEU A 111 -5.78 -3.49 4.95
N CYS A 112 -4.50 -3.24 4.93
CA CYS A 112 -3.98 -1.92 5.34
C CYS A 112 -3.02 -1.41 4.26
N ILE A 113 -3.22 -0.20 3.79
CA ILE A 113 -2.33 0.34 2.72
C ILE A 113 -1.56 1.55 3.24
N PHE A 114 -0.26 1.54 3.11
CA PHE A 114 0.54 2.70 3.58
C PHE A 114 0.94 3.53 2.36
N THR A 115 0.56 4.78 2.33
CA THR A 115 0.92 5.63 1.16
C THR A 115 2.06 6.56 1.54
N ALA A 116 3.14 6.53 0.80
CA ALA A 116 4.27 7.44 1.13
C ALA A 116 3.80 8.88 0.93
N ARG A 117 2.98 9.10 -0.07
CA ARG A 117 2.49 10.49 -0.30
C ARG A 117 1.21 10.45 -1.15
N ILE A 118 0.38 11.45 -1.02
CA ILE A 118 -0.87 11.50 -1.80
C ILE A 118 -0.88 12.77 -2.66
N TYR A 119 -0.90 12.63 -3.96
CA TYR A 119 -0.90 13.83 -4.84
C TYR A 119 -2.19 13.87 -5.67
N ASP A 120 -2.94 14.93 -5.56
CA ASP A 120 -4.20 15.03 -6.34
C ASP A 120 -4.27 16.42 -7.01
N ASP A 121 -4.43 16.46 -8.30
CA ASP A 121 -4.51 17.77 -8.99
C ASP A 121 -5.67 18.58 -8.42
N GLN A 122 -6.78 17.93 -8.18
CA GLN A 122 -7.96 18.65 -7.60
C GLN A 122 -8.77 17.68 -6.75
N GLY A 123 -9.48 18.17 -5.77
CA GLY A 123 -10.29 17.27 -4.92
C GLY A 123 -11.72 17.23 -5.46
N ARG A 124 -12.10 16.14 -6.08
CA ARG A 124 -13.49 16.03 -6.64
C ARG A 124 -14.26 14.97 -5.87
N CYS A 125 -13.65 14.34 -4.90
CA CYS A 125 -14.35 13.28 -4.13
C CYS A 125 -13.90 13.30 -2.67
N GLN A 126 -14.06 14.41 -2.00
CA GLN A 126 -13.65 14.48 -0.57
C GLN A 126 -14.37 13.37 0.19
N GLU A 127 -15.59 13.11 -0.16
CA GLU A 127 -16.35 12.03 0.52
C GLU A 127 -15.67 10.68 0.27
N GLY A 128 -15.13 10.51 -0.90
CA GLY A 128 -14.45 9.22 -1.22
C GLY A 128 -13.36 8.94 -0.19
N LEU A 129 -12.60 9.94 0.19
CA LEU A 129 -11.54 9.71 1.20
C LEU A 129 -12.19 9.29 2.52
N ARG A 130 -13.28 9.91 2.88
CA ARG A 130 -13.96 9.53 4.16
C ARG A 130 -14.41 8.08 4.05
N THR A 131 -15.05 7.74 2.96
CA THR A 131 -15.51 6.35 2.76
C THR A 131 -14.30 5.43 2.57
N LEU A 132 -13.28 5.92 1.91
CA LEU A 132 -12.09 5.08 1.68
C LEU A 132 -11.50 4.64 3.03
N ALA A 133 -11.46 5.50 3.98
CA ALA A 133 -10.91 5.12 5.30
C ALA A 133 -11.84 4.07 5.95
N GLU A 134 -13.12 4.21 5.74
CA GLU A 134 -14.09 3.24 6.33
C GLU A 134 -14.05 1.91 5.57
N ALA A 135 -14.20 1.95 4.27
CA ALA A 135 -14.21 0.68 3.49
C ALA A 135 -12.96 0.59 2.60
N GLY A 136 -12.29 1.67 2.36
CA GLY A 136 -11.07 1.61 1.50
C GLY A 136 -9.91 1.11 2.33
N ALA A 137 -10.16 0.12 3.15
CA ALA A 137 -9.08 -0.44 4.01
C ALA A 137 -8.47 0.65 4.87
N LYS A 138 -7.55 0.29 5.73
CA LYS A 138 -6.93 1.29 6.63
C LYS A 138 -5.74 1.97 5.92
N ILE A 139 -5.71 3.27 5.90
CA ILE A 139 -4.58 3.98 5.23
C ILE A 139 -3.87 4.88 6.24
N SER A 140 -2.56 4.84 6.24
CA SER A 140 -1.79 5.68 7.19
C SER A 140 -0.54 6.25 6.51
N ILE A 141 0.03 7.27 7.06
CA ILE A 141 1.25 7.86 6.46
C ILE A 141 2.48 7.12 6.97
N MET A 142 3.46 6.93 6.14
CA MET A 142 4.69 6.19 6.57
C MET A 142 5.43 7.00 7.64
N THR A 143 5.93 6.35 8.64
CA THR A 143 6.67 7.07 9.73
C THR A 143 8.09 6.51 9.82
N TYR A 144 8.98 7.23 10.45
CA TYR A 144 10.38 6.73 10.57
C TYR A 144 10.39 5.34 11.20
N SER A 145 9.58 5.12 12.20
CA SER A 145 9.55 3.78 12.85
C SER A 145 9.07 2.73 11.83
N GLU A 146 8.02 3.04 11.12
CA GLU A 146 7.50 2.07 10.11
C GLU A 146 8.49 1.96 8.95
N PHE A 147 9.11 3.04 8.58
CA PHE A 147 10.09 2.99 7.46
C PHE A 147 11.23 2.04 7.81
N LYS A 148 11.75 2.12 9.00
CA LYS A 148 12.87 1.22 9.39
C LYS A 148 12.42 -0.24 9.22
N HIS A 149 11.23 -0.55 9.63
CA HIS A 149 10.75 -1.95 9.50
C HIS A 149 10.66 -2.32 8.01
N CYS A 150 10.07 -1.48 7.22
CA CYS A 150 9.97 -1.78 5.76
C CYS A 150 11.38 -1.84 5.17
N TRP A 151 12.22 -0.94 5.58
CA TRP A 151 13.61 -0.94 5.06
C TRP A 151 14.30 -2.25 5.42
N ASP A 152 14.27 -2.62 6.68
CA ASP A 152 14.93 -3.89 7.09
C ASP A 152 14.14 -5.12 6.63
N THR A 153 12.83 -5.06 6.73
CA THR A 153 11.99 -6.24 6.34
C THR A 153 12.08 -6.53 4.83
N PHE A 154 11.90 -5.55 4.00
CA PHE A 154 11.94 -5.82 2.53
C PHE A 154 13.39 -5.93 2.06
N VAL A 155 14.26 -5.10 2.55
CA VAL A 155 15.69 -5.16 2.12
C VAL A 155 16.61 -5.23 3.35
N ASP A 156 17.63 -6.05 3.29
CA ASP A 156 18.54 -6.17 4.45
C ASP A 156 19.44 -4.94 4.54
N HIS A 157 19.56 -4.37 5.71
CA HIS A 157 20.43 -3.18 5.88
C HIS A 157 21.85 -3.62 6.20
N GLN A 158 22.06 -4.90 6.36
CA GLN A 158 23.43 -5.39 6.68
C GLN A 158 24.44 -4.82 5.69
N GLY A 159 25.51 -4.27 6.18
CA GLY A 159 26.53 -3.69 5.27
C GLY A 159 26.01 -2.35 4.72
N CYS A 160 24.73 -2.13 4.81
CA CYS A 160 24.15 -0.86 4.29
C CYS A 160 23.33 -0.18 5.40
N PRO A 161 23.99 0.54 6.27
CA PRO A 161 23.32 1.26 7.39
C PRO A 161 22.32 2.31 6.88
N PHE A 162 21.26 2.53 7.59
CA PHE A 162 20.26 3.55 7.13
C PHE A 162 20.61 4.92 7.71
N GLN A 163 20.62 5.93 6.88
CA GLN A 163 20.95 7.30 7.36
C GLN A 163 19.72 8.19 7.24
N PRO A 164 18.97 8.35 8.31
CA PRO A 164 17.75 9.21 8.28
C PRO A 164 18.06 10.65 7.87
N TRP A 165 17.23 11.21 7.03
CA TRP A 165 17.44 12.61 6.57
C TRP A 165 16.13 13.39 6.72
N ASP A 166 16.19 14.69 6.69
CA ASP A 166 14.94 15.48 6.84
C ASP A 166 14.12 15.39 5.55
N GLY A 167 14.24 14.31 4.86
CA GLY A 167 13.44 14.13 3.60
C GLY A 167 12.06 13.61 3.98
N LEU A 168 12.03 12.62 4.83
CA LEU A 168 10.72 12.04 5.27
C LEU A 168 9.93 13.14 5.98
N ASP A 169 10.61 14.00 6.70
CA ASP A 169 9.89 15.08 7.42
C ASP A 169 9.22 16.01 6.41
N GLU A 170 9.88 16.30 5.32
CA GLU A 170 9.26 17.20 4.31
C GLU A 170 8.01 16.52 3.73
N HIS A 171 8.08 15.26 3.42
CA HIS A 171 6.89 14.56 2.87
C HIS A 171 5.83 14.47 3.96
N SER A 172 6.24 14.21 5.16
CA SER A 172 5.26 14.13 6.28
C SER A 172 4.54 15.48 6.41
N GLN A 173 5.23 16.55 6.15
CA GLN A 173 4.59 17.88 6.27
C GLN A 173 3.40 17.99 5.30
N ASP A 174 3.57 17.53 4.09
CA ASP A 174 2.44 17.61 3.11
C ASP A 174 1.35 16.62 3.53
N LEU A 175 1.72 15.40 3.77
CA LEU A 175 0.70 14.38 4.16
C LEU A 175 0.14 14.71 5.53
N SER A 176 0.97 15.07 6.46
CA SER A 176 0.44 15.41 7.82
C SER A 176 -0.46 16.63 7.70
N GLY A 177 -0.04 17.63 6.96
CA GLY A 177 -0.88 18.84 6.80
C GLY A 177 -2.07 18.55 5.90
N ARG A 178 -1.81 18.02 4.73
CA ARG A 178 -2.92 17.72 3.78
C ARG A 178 -3.84 16.63 4.32
N LEU A 179 -3.29 15.56 4.83
CA LEU A 179 -4.16 14.47 5.37
C LEU A 179 -4.99 15.01 6.51
N ARG A 180 -4.41 15.86 7.33
CA ARG A 180 -5.18 16.43 8.46
C ARG A 180 -6.43 17.14 7.93
N ALA A 181 -6.30 17.80 6.81
CA ALA A 181 -7.47 18.52 6.24
C ALA A 181 -8.61 17.53 5.97
N ILE A 182 -8.29 16.37 5.45
CA ILE A 182 -9.35 15.38 5.17
C ILE A 182 -10.03 14.97 6.49
N LEU A 183 -9.26 14.57 7.46
CA LEU A 183 -9.85 14.17 8.77
C LEU A 183 -10.39 15.40 9.50
N GLN A 184 -9.76 16.53 9.33
CA GLN A 184 -10.24 17.77 10.01
C GLN A 184 -11.63 18.12 9.51
N ASN A 185 -11.92 17.83 8.27
CA ASN A 185 -13.25 18.16 7.72
C ASN A 185 -14.27 17.14 8.24
N GLN A 186 -13.87 16.33 9.19
CA GLN A 186 -14.83 15.33 9.73
C GLN A 186 -16.16 16.02 9.99
N GLU A 187 -17.08 15.91 9.08
CA GLU A 187 -18.41 16.57 9.28
C GLU A 187 -19.17 15.86 10.39
N ASN A 188 -19.73 16.60 11.30
CA ASN A 188 -20.49 15.98 12.41
C ASN A 188 -21.71 15.23 11.85
N MET A 1 15.73 -12.04 -5.35
CA MET A 1 15.72 -10.61 -4.92
C MET A 1 16.68 -9.81 -5.80
N ASP A 2 16.26 -8.68 -6.29
CA ASP A 2 17.14 -7.86 -7.14
C ASP A 2 17.65 -6.68 -6.31
N PRO A 3 18.72 -6.07 -6.74
CA PRO A 3 19.29 -4.90 -6.01
C PRO A 3 18.14 -4.02 -5.50
N PRO A 4 18.35 -3.33 -4.42
CA PRO A 4 17.32 -2.45 -3.80
C PRO A 4 16.41 -1.76 -4.84
N THR A 5 15.54 -2.50 -5.46
CA THR A 5 14.63 -1.88 -6.47
C THR A 5 13.62 -0.99 -5.75
N PHE A 6 13.09 -1.46 -4.66
CA PHE A 6 12.11 -0.63 -3.91
C PHE A 6 12.81 0.65 -3.48
N THR A 7 14.03 0.52 -3.03
CA THR A 7 14.80 1.73 -2.61
C THR A 7 14.99 2.62 -3.83
N PHE A 8 15.29 2.05 -4.96
CA PHE A 8 15.49 2.85 -6.19
C PHE A 8 14.18 3.53 -6.56
N ASN A 9 13.10 2.81 -6.48
CA ASN A 9 11.77 3.40 -6.84
C ASN A 9 11.49 4.62 -5.96
N PHE A 10 11.89 4.59 -4.72
CA PHE A 10 11.63 5.76 -3.82
C PHE A 10 12.43 6.97 -4.31
N ASN A 11 13.66 6.78 -4.68
CA ASN A 11 14.49 7.93 -5.17
C ASN A 11 14.31 8.11 -6.67
N ASN A 12 13.40 7.39 -7.27
CA ASN A 12 13.19 7.51 -8.73
C ASN A 12 12.31 8.73 -9.04
N GLU A 13 12.27 9.69 -8.16
CA GLU A 13 11.43 10.88 -8.45
C GLU A 13 11.85 11.51 -9.79
N PRO A 14 13.13 11.63 -10.03
CA PRO A 14 13.67 12.20 -11.30
C PRO A 14 13.44 11.28 -12.50
N TRP A 15 13.12 10.05 -12.24
CA TRP A 15 12.88 9.06 -13.33
C TRP A 15 11.72 9.54 -14.22
N VAL A 16 11.15 10.68 -13.90
CA VAL A 16 10.02 11.19 -14.70
C VAL A 16 10.40 11.28 -16.18
N ARG A 17 10.17 10.22 -16.91
CA ARG A 17 10.49 10.22 -18.37
C ARG A 17 9.20 9.95 -19.16
N GLY A 18 8.14 9.64 -18.46
CA GLY A 18 6.83 9.37 -19.13
C GLY A 18 6.59 7.86 -19.27
N ARG A 19 7.52 7.04 -18.84
CA ARG A 19 7.31 5.57 -18.93
C ARG A 19 7.71 4.93 -17.60
N HIS A 20 6.88 5.08 -16.59
CA HIS A 20 7.24 4.50 -15.26
C HIS A 20 6.06 3.73 -14.68
N GLU A 21 6.20 2.43 -14.55
CA GLU A 21 5.09 1.64 -13.93
C GLU A 21 5.46 1.46 -12.45
N THR A 22 4.54 1.02 -11.64
CA THR A 22 4.86 0.85 -10.19
C THR A 22 4.45 -0.54 -9.71
N TYR A 23 5.18 -1.07 -8.75
CA TYR A 23 4.86 -2.41 -8.20
C TYR A 23 4.48 -2.25 -6.74
N LEU A 24 3.53 -3.02 -6.25
CA LEU A 24 3.14 -2.89 -4.83
C LEU A 24 3.65 -4.10 -4.05
N CYS A 25 4.24 -3.87 -2.90
CA CYS A 25 4.76 -5.01 -2.09
C CYS A 25 3.83 -5.23 -0.91
N TYR A 26 3.42 -6.45 -0.69
CA TYR A 26 2.50 -6.73 0.45
C TYR A 26 2.89 -8.03 1.13
N GLU A 27 2.43 -8.23 2.34
CA GLU A 27 2.76 -9.47 3.09
C GLU A 27 1.46 -10.12 3.56
N VAL A 28 1.49 -11.40 3.83
CA VAL A 28 0.26 -12.10 4.30
C VAL A 28 0.52 -12.73 5.66
N GLU A 29 -0.44 -12.67 6.53
CA GLU A 29 -0.27 -13.26 7.89
C GLU A 29 -1.49 -14.13 8.21
N ARG A 30 -1.29 -15.18 8.97
CA ARG A 30 -2.45 -16.06 9.31
C ARG A 30 -2.76 -15.95 10.80
N MET A 31 -3.98 -15.63 11.13
CA MET A 31 -4.34 -15.50 12.58
C MET A 31 -5.50 -16.45 12.91
N HIS A 32 -5.34 -17.22 13.96
CA HIS A 32 -6.42 -18.17 14.36
C HIS A 32 -7.06 -17.66 15.65
N ASN A 33 -8.35 -17.82 15.81
CA ASN A 33 -9.01 -17.32 17.04
C ASN A 33 -8.37 -17.94 18.28
N ASP A 34 -7.99 -19.18 18.23
CA ASP A 34 -7.38 -19.83 19.43
C ASP A 34 -5.85 -19.70 19.37
N THR A 35 -5.29 -19.44 18.21
CA THR A 35 -3.81 -19.33 18.12
C THR A 35 -3.42 -18.21 17.15
N TRP A 36 -2.18 -17.81 17.20
CA TRP A 36 -1.69 -16.74 16.27
C TRP A 36 -0.53 -17.30 15.46
N VAL A 37 -0.56 -17.16 14.17
CA VAL A 37 0.56 -17.68 13.32
C VAL A 37 1.18 -16.55 12.51
N LEU A 38 2.47 -16.38 12.59
CA LEU A 38 3.13 -15.30 11.83
C LEU A 38 3.76 -15.85 10.56
N LEU A 39 3.18 -15.54 9.43
CA LEU A 39 3.73 -16.04 8.15
C LEU A 39 4.75 -15.03 7.62
N ASN A 40 5.23 -14.17 8.48
CA ASN A 40 6.22 -13.14 8.03
C ASN A 40 7.48 -13.84 7.50
N GLN A 41 7.62 -15.10 7.76
CA GLN A 41 8.82 -15.82 7.25
C GLN A 41 8.89 -15.67 5.74
N ARG A 42 7.76 -15.58 5.10
CA ARG A 42 7.75 -15.42 3.61
C ARG A 42 7.22 -14.03 3.25
N ARG A 43 7.50 -13.56 2.06
CA ARG A 43 7.02 -12.22 1.65
C ARG A 43 6.34 -12.33 0.29
N GLY A 44 5.60 -11.33 -0.12
CA GLY A 44 4.92 -11.40 -1.44
C GLY A 44 5.10 -10.08 -2.19
N PHE A 45 4.93 -10.09 -3.48
CA PHE A 45 5.08 -8.85 -4.27
C PHE A 45 3.97 -8.77 -5.31
N LEU A 46 3.62 -7.59 -5.74
CA LEU A 46 2.55 -7.46 -6.77
C LEU A 46 3.15 -6.86 -8.04
N CYS A 47 2.88 -7.45 -9.17
CA CYS A 47 3.44 -6.92 -10.44
C CYS A 47 2.51 -5.85 -11.01
N ASN A 48 3.02 -4.97 -11.81
CA ASN A 48 2.16 -3.91 -12.39
C ASN A 48 1.14 -4.53 -13.34
N GLN A 49 1.40 -5.73 -13.79
CA GLN A 49 0.44 -6.39 -14.71
C GLN A 49 -0.58 -7.18 -13.87
N ALA A 50 -1.85 -6.96 -14.11
CA ALA A 50 -2.88 -7.68 -13.32
C ALA A 50 -2.83 -9.18 -13.65
N PRO A 51 -3.22 -10.01 -12.73
CA PRO A 51 -3.21 -11.49 -12.92
C PRO A 51 -4.19 -11.95 -14.01
N HIS A 52 -3.71 -12.69 -14.96
CA HIS A 52 -4.59 -13.17 -16.06
C HIS A 52 -5.58 -14.21 -15.52
N LYS A 53 -5.17 -14.99 -14.56
CA LYS A 53 -6.08 -16.04 -13.99
C LYS A 53 -7.34 -15.38 -13.42
N HIS A 54 -7.27 -14.12 -13.09
CA HIS A 54 -8.47 -13.45 -12.51
C HIS A 54 -9.57 -13.35 -13.56
N GLY A 55 -9.22 -13.40 -14.83
CA GLY A 55 -10.26 -13.31 -15.89
C GLY A 55 -10.07 -12.04 -16.70
N PHE A 56 -11.14 -11.40 -17.07
CA PHE A 56 -11.04 -10.15 -17.88
C PHE A 56 -10.71 -8.96 -16.97
N LEU A 57 -10.26 -7.88 -17.54
CA LEU A 57 -9.91 -6.69 -16.72
C LEU A 57 -11.15 -6.15 -16.02
N GLU A 58 -11.01 -5.71 -14.81
CA GLU A 58 -12.19 -5.17 -14.06
C GLU A 58 -12.10 -3.65 -14.03
N GLY A 59 -10.94 -3.11 -14.32
CA GLY A 59 -10.75 -1.64 -14.31
C GLY A 59 -9.26 -1.32 -14.40
N ARG A 60 -8.90 -0.07 -14.50
CA ARG A 60 -7.44 0.26 -14.58
C ARG A 60 -7.01 0.93 -13.28
N HIS A 61 -6.62 0.15 -12.31
CA HIS A 61 -6.17 0.73 -11.02
C HIS A 61 -5.12 -0.18 -10.39
N ALA A 62 -4.07 0.39 -9.85
CA ALA A 62 -3.02 -0.46 -9.22
C ALA A 62 -3.61 -1.17 -8.00
N GLU A 63 -4.41 -0.49 -7.24
CA GLU A 63 -5.03 -1.13 -6.03
C GLU A 63 -5.93 -2.28 -6.46
N LEU A 64 -6.60 -2.14 -7.57
CA LEU A 64 -7.49 -3.24 -8.05
C LEU A 64 -6.66 -4.51 -8.22
N CYS A 65 -5.46 -4.39 -8.72
CA CYS A 65 -4.61 -5.60 -8.89
C CYS A 65 -4.47 -6.27 -7.52
N PHE A 66 -4.30 -5.48 -6.50
CA PHE A 66 -4.18 -6.05 -5.13
C PHE A 66 -5.49 -6.77 -4.77
N LEU A 67 -6.60 -6.18 -5.13
CA LEU A 67 -7.91 -6.82 -4.84
C LEU A 67 -7.98 -8.19 -5.52
N ASP A 68 -7.36 -8.32 -6.66
CA ASP A 68 -7.38 -9.63 -7.38
C ASP A 68 -6.63 -10.69 -6.56
N VAL A 69 -5.60 -10.30 -5.87
CA VAL A 69 -4.81 -11.26 -5.07
C VAL A 69 -5.63 -11.80 -3.89
N ILE A 70 -6.46 -10.99 -3.28
CA ILE A 70 -7.25 -11.47 -2.11
C ILE A 70 -7.98 -12.80 -2.43
N PRO A 71 -8.80 -12.85 -3.47
CA PRO A 71 -9.51 -14.10 -3.83
C PRO A 71 -8.55 -15.22 -4.22
N PHE A 72 -7.37 -14.86 -4.65
CA PHE A 72 -6.38 -15.92 -5.05
C PHE A 72 -5.82 -16.60 -3.79
N TRP A 73 -5.82 -15.93 -2.68
CA TRP A 73 -5.28 -16.56 -1.43
C TRP A 73 -6.36 -17.41 -0.77
N LYS A 74 -7.54 -17.43 -1.32
CA LYS A 74 -8.64 -18.25 -0.71
C LYS A 74 -8.58 -18.14 0.82
N LEU A 75 -8.79 -16.97 1.36
CA LEU A 75 -8.74 -16.82 2.84
C LEU A 75 -10.04 -17.36 3.47
N ASP A 76 -9.94 -18.01 4.59
CA ASP A 76 -11.16 -18.57 5.24
C ASP A 76 -11.92 -17.44 5.96
N LEU A 77 -13.20 -17.38 5.78
CA LEU A 77 -14.01 -16.32 6.43
C LEU A 77 -14.00 -16.52 7.96
N ASP A 78 -13.86 -17.74 8.40
CA ASP A 78 -13.87 -18.00 9.87
C ASP A 78 -12.49 -17.70 10.48
N GLN A 79 -11.49 -17.53 9.66
CA GLN A 79 -10.13 -17.24 10.20
C GLN A 79 -9.78 -15.77 9.95
N ASP A 80 -9.10 -15.15 10.88
CA ASP A 80 -8.73 -13.72 10.71
C ASP A 80 -7.41 -13.62 9.95
N TYR A 81 -7.27 -12.66 9.07
CA TYR A 81 -6.01 -12.50 8.31
C TYR A 81 -5.50 -11.07 8.40
N ARG A 82 -4.22 -10.90 8.60
CA ARG A 82 -3.66 -9.52 8.66
C ARG A 82 -2.72 -9.33 7.47
N VAL A 83 -3.02 -8.38 6.62
CA VAL A 83 -2.18 -8.16 5.41
C VAL A 83 -1.65 -6.72 5.39
N THR A 84 -0.41 -6.56 5.06
CA THR A 84 0.17 -5.18 4.99
C THR A 84 0.42 -4.82 3.53
N CYS A 85 0.34 -3.57 3.20
CA CYS A 85 0.55 -3.16 1.77
C CYS A 85 1.43 -1.92 1.69
N PHE A 86 2.51 -1.99 0.96
CA PHE A 86 3.41 -0.81 0.82
C PHE A 86 3.29 -0.27 -0.60
N THR A 87 3.02 1.00 -0.75
CA THR A 87 2.88 1.57 -2.13
C THR A 87 3.56 2.94 -2.20
N SER A 88 3.99 3.33 -3.37
CA SER A 88 4.66 4.66 -3.52
C SER A 88 3.83 5.57 -4.43
N TRP A 89 2.58 5.75 -4.12
CA TRP A 89 1.73 6.64 -4.97
C TRP A 89 0.47 7.03 -4.20
N SER A 90 -0.32 7.92 -4.74
CA SER A 90 -1.55 8.36 -4.03
C SER A 90 -2.74 7.48 -4.44
N PRO A 91 -3.76 7.43 -3.60
CA PRO A 91 -4.98 6.62 -3.87
C PRO A 91 -5.90 7.30 -4.90
N CYS A 92 -7.01 6.68 -5.23
CA CYS A 92 -7.93 7.27 -6.22
C CYS A 92 -9.37 7.24 -5.66
N PHE A 93 -10.19 8.19 -6.05
CA PHE A 93 -11.58 8.22 -5.53
C PHE A 93 -12.27 6.88 -5.84
N SER A 94 -12.14 6.39 -7.04
CA SER A 94 -12.80 5.10 -7.38
C SER A 94 -12.21 3.99 -6.50
N CYS A 95 -10.93 4.08 -6.21
CA CYS A 95 -10.29 3.06 -5.36
C CYS A 95 -10.73 3.25 -3.90
N ALA A 96 -10.91 4.48 -3.49
CA ALA A 96 -11.34 4.75 -2.09
C ALA A 96 -12.70 4.10 -1.83
N GLN A 97 -13.60 4.20 -2.76
CA GLN A 97 -14.94 3.60 -2.57
C GLN A 97 -14.84 2.09 -2.46
N GLU A 98 -13.99 1.48 -3.26
CA GLU A 98 -13.87 -0.01 -3.21
C GLU A 98 -13.20 -0.44 -1.90
N MET A 99 -12.15 0.23 -1.49
CA MET A 99 -11.47 -0.16 -0.23
C MET A 99 -12.43 -0.01 0.95
N ALA A 100 -13.23 1.02 0.95
CA ALA A 100 -14.18 1.20 2.09
C ALA A 100 -15.18 0.04 2.10
N LYS A 101 -15.75 -0.28 0.97
CA LYS A 101 -16.73 -1.41 0.92
C LYS A 101 -16.03 -2.74 1.17
N PHE A 102 -14.81 -2.88 0.72
CA PHE A 102 -14.09 -4.17 0.93
C PHE A 102 -14.03 -4.52 2.42
N ILE A 103 -13.56 -3.63 3.23
CA ILE A 103 -13.48 -3.91 4.68
C ILE A 103 -14.88 -4.10 5.25
N SER A 104 -15.83 -3.33 4.77
CA SER A 104 -17.21 -3.47 5.27
C SER A 104 -17.69 -4.90 5.02
N LYS A 105 -17.30 -5.48 3.92
CA LYS A 105 -17.72 -6.88 3.64
C LYS A 105 -16.72 -7.85 4.29
N ASN A 106 -15.62 -7.33 4.75
CA ASN A 106 -14.59 -8.20 5.41
C ASN A 106 -13.91 -7.41 6.53
N LYS A 107 -14.55 -7.30 7.66
CA LYS A 107 -13.93 -6.54 8.79
C LYS A 107 -12.98 -7.45 9.57
N HIS A 108 -12.90 -8.70 9.20
CA HIS A 108 -12.00 -9.63 9.91
C HIS A 108 -10.58 -9.54 9.35
N VAL A 109 -10.41 -8.81 8.29
CA VAL A 109 -9.04 -8.67 7.70
C VAL A 109 -8.42 -7.35 8.13
N SER A 110 -7.19 -7.39 8.61
CA SER A 110 -6.54 -6.11 9.00
C SER A 110 -5.76 -5.60 7.79
N LEU A 111 -6.25 -4.56 7.17
CA LEU A 111 -5.57 -4.03 5.95
C LEU A 111 -4.89 -2.69 6.27
N CYS A 112 -3.62 -2.59 5.97
CA CYS A 112 -2.89 -1.32 6.21
C CYS A 112 -2.13 -0.92 4.94
N ILE A 113 -2.30 0.28 4.48
CA ILE A 113 -1.60 0.71 3.23
C ILE A 113 -0.64 1.88 3.56
N PHE A 114 0.60 1.75 3.20
CA PHE A 114 1.57 2.86 3.48
C PHE A 114 1.87 3.59 2.18
N THR A 115 1.67 4.87 2.15
CA THR A 115 1.96 5.65 0.91
C THR A 115 3.22 6.48 1.12
N ALA A 116 4.27 6.20 0.39
CA ALA A 116 5.51 6.99 0.55
C ALA A 116 5.25 8.43 0.12
N ARG A 117 4.54 8.60 -0.96
CA ARG A 117 4.24 9.99 -1.43
C ARG A 117 2.84 10.01 -2.07
N ILE A 118 2.10 11.07 -1.87
CA ILE A 118 0.74 11.15 -2.47
C ILE A 118 0.69 12.34 -3.44
N TYR A 119 0.37 12.08 -4.67
CA TYR A 119 0.29 13.18 -5.68
C TYR A 119 -1.14 13.29 -6.20
N ASP A 120 -1.80 14.37 -5.92
CA ASP A 120 -3.20 14.55 -6.41
C ASP A 120 -3.35 15.96 -6.99
N ASP A 121 -3.66 16.07 -8.25
CA ASP A 121 -3.82 17.41 -8.87
C ASP A 121 -4.90 18.18 -8.10
N GLN A 122 -5.97 17.51 -7.75
CA GLN A 122 -7.06 18.18 -6.99
C GLN A 122 -7.75 17.15 -6.10
N GLY A 123 -8.46 17.57 -5.10
CA GLY A 123 -9.17 16.60 -4.22
C GLY A 123 -10.61 16.45 -4.68
N ARG A 124 -10.95 15.35 -5.29
CA ARG A 124 -12.34 15.15 -5.77
C ARG A 124 -13.30 15.21 -4.58
N CYS A 125 -12.93 14.62 -3.47
CA CYS A 125 -13.83 14.64 -2.28
C CYS A 125 -13.00 14.61 -1.00
N GLN A 126 -12.94 15.70 -0.28
CA GLN A 126 -12.16 15.70 0.99
C GLN A 126 -12.74 14.63 1.91
N GLU A 127 -14.03 14.45 1.87
CA GLU A 127 -14.67 13.41 2.73
C GLU A 127 -14.15 12.03 2.31
N GLY A 128 -13.84 11.87 1.05
CA GLY A 128 -13.33 10.55 0.59
C GLY A 128 -12.07 10.20 1.38
N LEU A 129 -11.17 11.12 1.54
CA LEU A 129 -9.94 10.81 2.33
C LEU A 129 -10.33 10.52 3.77
N ARG A 130 -11.21 11.30 4.33
CA ARG A 130 -11.64 11.06 5.74
C ARG A 130 -12.31 9.69 5.80
N THR A 131 -13.21 9.42 4.89
CA THR A 131 -13.89 8.11 4.86
C THR A 131 -12.86 7.03 4.58
N LEU A 132 -11.92 7.32 3.73
CA LEU A 132 -10.88 6.32 3.39
C LEU A 132 -10.15 5.90 4.67
N ALA A 133 -9.85 6.83 5.53
CA ALA A 133 -9.15 6.46 6.79
C ALA A 133 -10.07 5.59 7.65
N GLU A 134 -11.34 5.86 7.63
CA GLU A 134 -12.29 5.06 8.45
C GLU A 134 -12.51 3.67 7.83
N ALA A 135 -12.88 3.63 6.57
CA ALA A 135 -13.13 2.30 5.92
C ALA A 135 -12.07 2.00 4.86
N GLY A 136 -11.36 3.00 4.41
CA GLY A 136 -10.31 2.74 3.38
C GLY A 136 -9.07 2.19 4.06
N ALA A 137 -9.27 1.29 4.99
CA ALA A 137 -8.13 0.68 5.71
C ALA A 137 -7.30 1.77 6.39
N LYS A 138 -6.31 1.38 7.12
CA LYS A 138 -5.45 2.36 7.85
C LYS A 138 -4.31 2.82 6.93
N ILE A 139 -4.15 4.11 6.77
CA ILE A 139 -3.05 4.62 5.90
C ILE A 139 -2.11 5.52 6.72
N SER A 140 -0.84 5.37 6.52
CA SER A 140 0.14 6.21 7.29
C SER A 140 1.30 6.60 6.38
N ILE A 141 2.03 7.63 6.76
CA ILE A 141 3.18 8.06 5.94
C ILE A 141 4.40 7.17 6.26
N MET A 142 5.21 6.90 5.29
CA MET A 142 6.40 6.04 5.55
C MET A 142 7.46 6.82 6.33
N THR A 143 8.12 6.18 7.25
CA THR A 143 9.16 6.87 8.06
C THR A 143 10.47 6.10 7.98
N TYR A 144 11.53 6.68 8.47
CA TYR A 144 12.86 6.00 8.44
C TYR A 144 12.77 4.65 9.13
N SER A 145 12.15 4.58 10.27
CA SER A 145 12.05 3.27 10.98
C SER A 145 11.30 2.26 10.11
N GLU A 146 10.20 2.67 9.53
CA GLU A 146 9.44 1.75 8.67
C GLU A 146 10.22 1.46 7.38
N PHE A 147 10.84 2.45 6.83
CA PHE A 147 11.62 2.24 5.57
C PHE A 147 12.77 1.25 5.81
N LYS A 148 13.47 1.39 6.90
CA LYS A 148 14.60 0.46 7.17
C LYS A 148 14.10 -0.99 7.17
N HIS A 149 12.99 -1.23 7.79
CA HIS A 149 12.45 -2.63 7.82
C HIS A 149 12.11 -3.08 6.39
N CYS A 150 11.44 -2.23 5.65
CA CYS A 150 11.08 -2.61 4.25
C CYS A 150 12.36 -2.84 3.44
N TRP A 151 13.36 -2.04 3.68
CA TRP A 151 14.64 -2.20 2.94
C TRP A 151 15.24 -3.59 3.19
N ASP A 152 15.34 -3.99 4.43
CA ASP A 152 15.93 -5.32 4.73
C ASP A 152 14.98 -6.47 4.34
N THR A 153 13.72 -6.34 4.63
CA THR A 153 12.76 -7.45 4.32
C THR A 153 12.53 -7.63 2.81
N PHE A 154 12.23 -6.57 2.11
CA PHE A 154 11.97 -6.73 0.64
C PHE A 154 13.27 -6.94 -0.14
N VAL A 155 14.35 -6.35 0.30
CA VAL A 155 15.64 -6.53 -0.43
C VAL A 155 16.71 -7.03 0.54
N ASP A 156 17.54 -7.94 0.10
CA ASP A 156 18.60 -8.46 1.00
C ASP A 156 19.63 -7.35 1.26
N HIS A 157 19.97 -7.13 2.49
CA HIS A 157 20.97 -6.07 2.80
C HIS A 157 22.38 -6.63 2.59
N GLN A 158 22.50 -7.89 2.28
CA GLN A 158 23.85 -8.48 2.07
C GLN A 158 24.40 -8.04 0.72
N GLY A 159 25.52 -7.38 0.71
CA GLY A 159 26.12 -6.92 -0.57
C GLY A 159 25.32 -5.72 -1.08
N CYS A 160 24.16 -5.49 -0.54
CA CYS A 160 23.33 -4.33 -1.00
C CYS A 160 22.95 -3.46 0.20
N PRO A 161 23.83 -2.59 0.61
CA PRO A 161 23.59 -1.69 1.77
C PRO A 161 22.71 -0.48 1.41
N PHE A 162 21.84 -0.10 2.30
CA PHE A 162 20.96 1.08 2.02
C PHE A 162 21.67 2.36 2.47
N GLN A 163 21.63 3.39 1.67
CA GLN A 163 22.29 4.67 2.03
C GLN A 163 21.23 5.74 2.32
N PRO A 164 20.90 5.97 3.57
CA PRO A 164 19.89 6.99 3.95
C PRO A 164 20.25 8.40 3.46
N TRP A 165 19.28 9.10 2.96
CA TRP A 165 19.52 10.49 2.48
C TRP A 165 18.44 11.41 3.04
N ASP A 166 18.64 12.70 3.01
CA ASP A 166 17.62 13.63 3.55
C ASP A 166 16.47 13.77 2.55
N GLY A 167 16.22 12.75 1.80
CA GLY A 167 15.10 12.82 0.80
C GLY A 167 13.80 12.41 1.48
N LEU A 168 13.82 11.33 2.21
CA LEU A 168 12.58 10.88 2.91
C LEU A 168 12.13 11.96 3.89
N ASP A 169 13.06 12.61 4.53
CA ASP A 169 12.69 13.68 5.49
C ASP A 169 12.04 14.85 4.75
N GLU A 170 12.59 15.24 3.63
CA GLU A 170 11.99 16.37 2.87
C GLU A 170 10.62 15.95 2.34
N HIS A 171 10.53 14.75 1.82
CA HIS A 171 9.23 14.27 1.28
C HIS A 171 8.20 14.22 2.41
N SER A 172 8.60 13.69 3.54
CA SER A 172 7.66 13.59 4.69
C SER A 172 7.20 14.99 5.11
N GLN A 173 8.05 15.97 4.99
CA GLN A 173 7.66 17.35 5.40
C GLN A 173 6.42 17.79 4.63
N ASP A 174 6.39 17.62 3.34
CA ASP A 174 5.19 18.04 2.56
C ASP A 174 4.01 17.13 2.88
N LEU A 175 4.25 15.85 3.00
CA LEU A 175 3.14 14.91 3.29
C LEU A 175 2.57 15.21 4.68
N SER A 176 3.40 15.49 5.63
CA SER A 176 2.90 15.78 7.00
C SER A 176 1.99 17.01 6.95
N GLY A 177 2.35 17.99 6.18
CA GLY A 177 1.51 19.23 6.10
C GLY A 177 0.20 18.94 5.37
N ARG A 178 0.26 18.36 4.20
CA ARG A 178 -1.00 18.08 3.44
C ARG A 178 -1.88 17.10 4.21
N LEU A 179 -1.31 16.06 4.74
CA LEU A 179 -2.14 15.07 5.50
C LEU A 179 -2.70 15.74 6.75
N ARG A 180 -1.92 16.58 7.38
CA ARG A 180 -2.42 17.27 8.61
C ARG A 180 -3.69 18.04 8.28
N ALA A 181 -3.77 18.63 7.11
CA ALA A 181 -4.98 19.41 6.74
C ALA A 181 -6.19 18.47 6.69
N ILE A 182 -6.03 17.30 6.14
CA ILE A 182 -7.17 16.35 6.07
C ILE A 182 -7.62 15.99 7.49
N LEU A 183 -6.70 15.61 8.33
CA LEU A 183 -7.07 15.25 9.73
C LEU A 183 -7.57 16.48 10.47
N GLN A 184 -7.03 17.63 10.16
CA GLN A 184 -7.48 18.87 10.85
C GLN A 184 -8.96 19.13 10.56
N ASN A 185 -9.40 18.82 9.37
CA ASN A 185 -10.83 19.03 9.02
C ASN A 185 -11.65 17.85 9.52
N GLN A 186 -11.03 16.93 10.22
CA GLN A 186 -11.79 15.76 10.73
C GLN A 186 -13.06 16.27 11.42
N GLU A 187 -14.16 16.25 10.73
CA GLU A 187 -15.43 16.74 11.35
C GLU A 187 -15.86 15.79 12.46
N ASN A 188 -16.25 16.32 13.59
CA ASN A 188 -16.67 15.47 14.72
C ASN A 188 -17.90 14.64 14.30
N MET A 1 16.00 -11.34 -1.64
CA MET A 1 16.06 -9.85 -1.54
C MET A 1 16.99 -9.31 -2.62
N ASP A 2 16.57 -8.30 -3.32
CA ASP A 2 17.44 -7.71 -4.39
C ASP A 2 18.07 -6.44 -3.84
N PRO A 3 19.12 -5.98 -4.45
CA PRO A 3 19.80 -4.74 -4.00
C PRO A 3 18.77 -3.73 -3.48
N PRO A 4 19.17 -2.82 -2.64
CA PRO A 4 18.27 -1.80 -2.03
C PRO A 4 17.21 -1.23 -3.01
N THR A 5 16.34 -2.07 -3.50
CA THR A 5 15.30 -1.58 -4.45
C THR A 5 14.27 -0.73 -3.70
N PHE A 6 13.85 -1.18 -2.54
CA PHE A 6 12.86 -0.40 -1.77
C PHE A 6 13.45 0.96 -1.39
N THR A 7 14.66 0.97 -0.91
CA THR A 7 15.30 2.25 -0.52
C THR A 7 15.54 3.11 -1.76
N PHE A 8 16.04 2.53 -2.82
CA PHE A 8 16.29 3.32 -4.06
C PHE A 8 14.96 3.80 -4.63
N ASN A 9 13.93 3.01 -4.52
CA ASN A 9 12.62 3.42 -5.07
C ASN A 9 12.16 4.73 -4.42
N PHE A 10 12.35 4.87 -3.14
CA PHE A 10 11.92 6.13 -2.47
C PHE A 10 12.84 7.28 -2.88
N ASN A 11 14.10 6.99 -3.11
CA ASN A 11 15.04 8.07 -3.53
C ASN A 11 14.90 8.29 -5.04
N ASN A 12 14.00 7.59 -5.66
CA ASN A 12 13.81 7.74 -7.14
C ASN A 12 12.76 8.81 -7.42
N GLU A 13 12.35 9.57 -6.44
CA GLU A 13 11.32 10.62 -6.69
C GLU A 13 11.78 11.53 -7.83
N PRO A 14 13.00 11.99 -7.79
CA PRO A 14 13.56 12.86 -8.86
C PRO A 14 13.86 12.06 -10.13
N TRP A 15 14.16 10.81 -9.95
CA TRP A 15 14.49 9.92 -11.10
C TRP A 15 13.29 9.81 -12.05
N VAL A 16 12.09 9.92 -11.54
CA VAL A 16 10.91 9.78 -12.44
C VAL A 16 10.99 10.83 -13.56
N ARG A 17 11.31 10.38 -14.75
CA ARG A 17 11.42 11.31 -15.91
C ARG A 17 10.14 11.19 -16.74
N GLY A 18 9.14 10.54 -16.21
CA GLY A 18 7.87 10.35 -16.95
C GLY A 18 7.83 8.92 -17.48
N ARG A 19 8.85 8.15 -17.19
CA ARG A 19 8.88 6.73 -17.65
C ARG A 19 9.22 5.84 -16.46
N HIS A 20 8.29 5.64 -15.55
CA HIS A 20 8.57 4.80 -14.36
C HIS A 20 7.45 3.77 -14.18
N GLU A 21 7.76 2.64 -13.62
CA GLU A 21 6.72 1.59 -13.39
C GLU A 21 6.33 1.59 -11.92
N THR A 22 5.20 1.03 -11.59
CA THR A 22 4.76 1.02 -10.16
C THR A 22 4.92 -0.39 -9.57
N TYR A 23 5.41 -0.48 -8.37
CA TYR A 23 5.58 -1.80 -7.72
C TYR A 23 4.73 -1.84 -6.44
N LEU A 24 3.97 -2.88 -6.25
CA LEU A 24 3.12 -2.97 -5.02
C LEU A 24 3.65 -4.07 -4.09
N CYS A 25 3.66 -3.83 -2.82
CA CYS A 25 4.15 -4.86 -1.85
C CYS A 25 3.07 -5.10 -0.80
N TYR A 26 2.83 -6.34 -0.44
CA TYR A 26 1.77 -6.62 0.57
C TYR A 26 2.20 -7.71 1.55
N GLU A 27 1.47 -7.85 2.63
CA GLU A 27 1.77 -8.90 3.64
C GLU A 27 0.48 -9.63 3.95
N VAL A 28 0.54 -10.88 4.33
CA VAL A 28 -0.72 -11.62 4.63
C VAL A 28 -0.60 -12.44 5.91
N GLU A 29 -1.64 -12.45 6.71
CA GLU A 29 -1.61 -13.23 7.98
C GLU A 29 -2.91 -14.04 8.07
N ARG A 30 -2.91 -15.14 8.80
CA ARG A 30 -4.16 -15.94 8.91
C ARG A 30 -4.69 -15.87 10.34
N MET A 31 -5.88 -15.39 10.52
CA MET A 31 -6.45 -15.31 11.90
C MET A 31 -7.78 -16.07 11.97
N HIS A 32 -7.94 -16.92 12.95
CA HIS A 32 -9.22 -17.66 13.09
C HIS A 32 -10.08 -16.94 14.13
N ASN A 33 -11.38 -16.97 13.97
CA ASN A 33 -12.25 -16.25 14.94
C ASN A 33 -11.98 -16.77 16.36
N ASP A 34 -11.73 -18.04 16.51
CA ASP A 34 -11.47 -18.58 17.87
C ASP A 34 -9.95 -18.60 18.16
N THR A 35 -9.14 -18.54 17.13
CA THR A 35 -7.67 -18.57 17.36
C THR A 35 -6.95 -17.63 16.38
N TRP A 36 -5.73 -17.29 16.68
CA TRP A 36 -4.94 -16.41 15.78
C TRP A 36 -3.77 -17.22 15.23
N VAL A 37 -3.51 -17.14 13.95
CA VAL A 37 -2.38 -17.92 13.37
C VAL A 37 -1.41 -17.01 12.62
N LEU A 38 -0.15 -17.14 12.89
CA LEU A 38 0.85 -16.30 12.18
C LEU A 38 1.47 -17.13 11.06
N LEU A 39 1.23 -16.75 9.84
CA LEU A 39 1.79 -17.52 8.70
C LEU A 39 3.27 -17.16 8.52
N ASN A 40 4.08 -18.14 8.20
CA ASN A 40 5.54 -17.85 8.02
C ASN A 40 5.70 -16.85 6.88
N GLN A 41 4.82 -16.87 5.92
CA GLN A 41 4.92 -15.91 4.78
C GLN A 41 4.27 -14.59 5.18
N ARG A 42 4.98 -13.77 5.90
CA ARG A 42 4.41 -12.46 6.32
C ARG A 42 4.80 -11.39 5.30
N ARG A 43 5.43 -11.79 4.23
CA ARG A 43 5.85 -10.80 3.19
C ARG A 43 5.18 -11.16 1.86
N GLY A 44 5.12 -10.23 0.96
CA GLY A 44 4.48 -10.51 -0.35
C GLY A 44 4.98 -9.50 -1.38
N PHE A 45 4.88 -9.81 -2.64
CA PHE A 45 5.36 -8.86 -3.69
C PHE A 45 4.34 -8.83 -4.83
N LEU A 46 4.28 -7.75 -5.56
CA LEU A 46 3.32 -7.67 -6.69
C LEU A 46 3.97 -6.94 -7.86
N CYS A 47 3.81 -7.47 -9.04
CA CYS A 47 4.43 -6.84 -10.25
C CYS A 47 3.33 -6.63 -11.29
N ASN A 48 3.67 -6.06 -12.42
CA ASN A 48 2.65 -5.83 -13.47
C ASN A 48 2.16 -7.16 -14.00
N GLN A 49 2.49 -8.24 -13.34
CA GLN A 49 2.02 -9.58 -13.80
C GLN A 49 0.79 -9.98 -12.97
N ALA A 50 -0.37 -9.98 -13.58
CA ALA A 50 -1.60 -10.36 -12.82
C ALA A 50 -1.85 -11.87 -12.98
N PRO A 51 -2.58 -12.48 -12.07
CA PRO A 51 -2.87 -13.93 -12.18
C PRO A 51 -3.44 -14.29 -13.55
N HIS A 52 -2.86 -15.25 -14.21
CA HIS A 52 -3.37 -15.66 -15.55
C HIS A 52 -4.84 -16.05 -15.44
N LYS A 53 -5.19 -16.62 -14.33
CA LYS A 53 -6.61 -17.05 -14.12
C LYS A 53 -7.55 -15.85 -14.22
N HIS A 54 -7.05 -14.67 -14.01
CA HIS A 54 -7.93 -13.47 -14.07
C HIS A 54 -8.44 -13.26 -15.50
N GLY A 55 -7.70 -13.73 -16.48
CA GLY A 55 -8.15 -13.57 -17.89
C GLY A 55 -7.23 -12.60 -18.63
N PHE A 56 -7.81 -11.79 -19.48
CA PHE A 56 -7.00 -10.80 -20.25
C PHE A 56 -7.04 -9.46 -19.50
N LEU A 57 -6.16 -8.55 -19.83
CA LEU A 57 -6.15 -7.25 -19.12
C LEU A 57 -7.56 -6.66 -19.15
N GLU A 58 -8.11 -6.35 -18.01
CA GLU A 58 -9.48 -5.79 -17.97
C GLU A 58 -9.40 -4.29 -17.69
N GLY A 59 -8.23 -3.75 -17.65
CA GLY A 59 -8.07 -2.29 -17.39
C GLY A 59 -6.61 -2.00 -17.01
N ARG A 60 -6.30 -0.77 -16.71
CA ARG A 60 -4.89 -0.43 -16.35
C ARG A 60 -4.87 0.31 -15.00
N HIS A 61 -4.80 -0.42 -13.91
CA HIS A 61 -4.79 0.23 -12.58
C HIS A 61 -3.96 -0.61 -11.60
N ALA A 62 -3.04 0.00 -10.89
CA ALA A 62 -2.20 -0.76 -9.93
C ALA A 62 -3.06 -1.33 -8.79
N GLU A 63 -4.02 -0.57 -8.32
CA GLU A 63 -4.88 -1.07 -7.20
C GLU A 63 -5.65 -2.31 -7.66
N LEU A 64 -6.05 -2.34 -8.90
CA LEU A 64 -6.80 -3.53 -9.40
C LEU A 64 -5.90 -4.77 -9.36
N CYS A 65 -4.64 -4.62 -9.68
CA CYS A 65 -3.73 -5.80 -9.64
C CYS A 65 -3.79 -6.42 -8.25
N PHE A 66 -3.72 -5.60 -7.23
CA PHE A 66 -3.79 -6.15 -5.85
C PHE A 66 -5.15 -6.81 -5.64
N LEU A 67 -6.19 -6.23 -6.16
CA LEU A 67 -7.54 -6.81 -6.00
C LEU A 67 -7.55 -8.23 -6.56
N ASP A 68 -6.80 -8.47 -7.62
CA ASP A 68 -6.76 -9.83 -8.23
C ASP A 68 -6.03 -10.80 -7.29
N VAL A 69 -5.10 -10.31 -6.52
CA VAL A 69 -4.34 -11.20 -5.59
C VAL A 69 -5.25 -11.75 -4.49
N ILE A 70 -6.17 -10.97 -3.98
CA ILE A 70 -7.04 -11.47 -2.88
C ILE A 70 -7.71 -12.80 -3.28
N PRO A 71 -8.44 -12.87 -4.36
CA PRO A 71 -9.10 -14.13 -4.79
C PRO A 71 -8.10 -15.25 -5.07
N PHE A 72 -6.87 -14.89 -5.34
CA PHE A 72 -5.85 -15.93 -5.63
C PHE A 72 -5.45 -16.62 -4.32
N TRP A 73 -5.58 -15.94 -3.21
CA TRP A 73 -5.20 -16.56 -1.91
C TRP A 73 -6.40 -17.29 -1.31
N LYS A 74 -7.53 -17.24 -1.98
CA LYS A 74 -8.73 -17.94 -1.46
C LYS A 74 -8.84 -17.78 0.06
N LEU A 75 -9.02 -16.58 0.54
CA LEU A 75 -9.12 -16.37 2.01
C LEU A 75 -10.50 -16.83 2.48
N ASP A 76 -10.57 -17.44 3.64
CA ASP A 76 -11.89 -17.92 4.15
C ASP A 76 -12.69 -16.73 4.69
N LEU A 77 -13.92 -16.60 4.27
CA LEU A 77 -14.76 -15.47 4.75
C LEU A 77 -15.08 -15.65 6.24
N ASP A 78 -15.10 -16.87 6.72
CA ASP A 78 -15.42 -17.12 8.16
C ASP A 78 -14.19 -16.87 9.03
N GLN A 79 -13.04 -16.75 8.44
CA GLN A 79 -11.82 -16.50 9.25
C GLN A 79 -11.28 -15.09 8.97
N ASP A 80 -10.79 -14.42 9.96
CA ASP A 80 -10.27 -13.04 9.74
C ASP A 80 -8.87 -13.11 9.12
N TYR A 81 -8.57 -12.21 8.22
CA TYR A 81 -7.22 -12.21 7.57
C TYR A 81 -6.63 -10.80 7.63
N ARG A 82 -5.39 -10.67 8.03
CA ARG A 82 -4.78 -9.31 8.06
C ARG A 82 -3.93 -9.13 6.81
N VAL A 83 -4.30 -8.21 5.96
CA VAL A 83 -3.53 -7.98 4.71
C VAL A 83 -3.07 -6.51 4.67
N THR A 84 -1.84 -6.28 4.31
CA THR A 84 -1.33 -4.88 4.27
C THR A 84 -0.89 -4.55 2.84
N CYS A 85 -0.97 -3.31 2.46
CA CYS A 85 -0.56 -2.94 1.07
C CYS A 85 0.31 -1.67 1.11
N PHE A 86 1.50 -1.74 0.57
CA PHE A 86 2.37 -0.53 0.56
C PHE A 86 2.50 -0.05 -0.89
N THR A 87 2.09 1.15 -1.18
CA THR A 87 2.16 1.65 -2.58
C THR A 87 2.65 3.10 -2.61
N SER A 88 3.24 3.52 -3.70
CA SER A 88 3.74 4.92 -3.80
C SER A 88 2.91 5.67 -4.85
N TRP A 89 1.61 5.66 -4.71
CA TRP A 89 0.73 6.38 -5.68
C TRP A 89 -0.67 6.52 -5.10
N SER A 90 -1.41 7.50 -5.55
CA SER A 90 -2.79 7.67 -5.02
C SER A 90 -3.78 6.94 -5.93
N PRO A 91 -4.85 6.40 -5.37
CA PRO A 91 -5.87 5.65 -6.16
C PRO A 91 -6.71 6.60 -7.05
N CYS A 92 -7.22 6.10 -8.14
CA CYS A 92 -8.05 6.95 -9.04
C CYS A 92 -9.43 7.12 -8.42
N PHE A 93 -10.15 8.16 -8.78
CA PHE A 93 -11.50 8.37 -8.21
C PHE A 93 -12.35 7.13 -8.45
N SER A 94 -12.39 6.64 -9.66
CA SER A 94 -13.20 5.42 -9.95
C SER A 94 -12.64 4.24 -9.15
N CYS A 95 -11.34 4.14 -9.07
CA CYS A 95 -10.72 3.00 -8.33
C CYS A 95 -10.99 3.17 -6.83
N ALA A 96 -11.02 4.38 -6.35
CA ALA A 96 -11.28 4.60 -4.91
C ALA A 96 -12.64 4.01 -4.53
N GLN A 97 -13.61 4.19 -5.37
CA GLN A 97 -14.96 3.64 -5.08
C GLN A 97 -14.90 2.10 -5.05
N GLU A 98 -14.13 1.52 -5.92
CA GLU A 98 -14.03 0.03 -5.94
C GLU A 98 -13.39 -0.48 -4.65
N MET A 99 -12.40 0.22 -4.14
CA MET A 99 -11.76 -0.24 -2.88
C MET A 99 -12.77 -0.21 -1.74
N ALA A 100 -13.59 0.81 -1.70
CA ALA A 100 -14.60 0.90 -0.61
C ALA A 100 -15.57 -0.29 -0.70
N LYS A 101 -15.95 -0.65 -1.89
CA LYS A 101 -16.88 -1.81 -2.05
C LYS A 101 -16.23 -3.08 -1.51
N PHE A 102 -14.94 -3.22 -1.67
CA PHE A 102 -14.25 -4.45 -1.17
C PHE A 102 -14.45 -4.61 0.33
N ILE A 103 -14.22 -3.58 1.11
CA ILE A 103 -14.39 -3.71 2.57
C ILE A 103 -15.84 -4.09 2.89
N SER A 104 -16.78 -3.53 2.17
CA SER A 104 -18.21 -3.86 2.44
C SER A 104 -18.45 -5.36 2.25
N LYS A 105 -17.84 -5.93 1.26
CA LYS A 105 -18.04 -7.40 1.02
C LYS A 105 -17.20 -8.20 2.00
N ASN A 106 -16.18 -7.61 2.57
CA ASN A 106 -15.33 -8.37 3.53
C ASN A 106 -14.85 -7.44 4.65
N LYS A 107 -15.68 -7.21 5.63
CA LYS A 107 -15.27 -6.33 6.76
C LYS A 107 -14.48 -7.14 7.77
N HIS A 108 -14.39 -8.43 7.57
CA HIS A 108 -13.62 -9.30 8.52
C HIS A 108 -12.13 -9.24 8.18
N VAL A 109 -11.79 -8.66 7.07
CA VAL A 109 -10.36 -8.57 6.68
C VAL A 109 -9.79 -7.22 7.11
N SER A 110 -8.64 -7.21 7.74
CA SER A 110 -8.04 -5.92 8.15
C SER A 110 -7.13 -5.45 7.00
N LEU A 111 -7.55 -4.44 6.28
CA LEU A 111 -6.72 -3.96 5.13
C LEU A 111 -6.18 -2.55 5.41
N CYS A 112 -4.91 -2.36 5.24
CA CYS A 112 -4.31 -1.01 5.47
C CYS A 112 -3.45 -0.64 4.26
N ILE A 113 -3.63 0.52 3.71
CA ILE A 113 -2.82 0.92 2.52
C ILE A 113 -1.93 2.10 2.88
N PHE A 114 -0.65 1.99 2.67
CA PHE A 114 0.26 3.13 2.98
C PHE A 114 0.66 3.82 1.68
N THR A 115 0.38 5.09 1.57
CA THR A 115 0.75 5.80 0.32
C THR A 115 2.14 6.42 0.48
N ALA A 116 3.11 5.92 -0.25
CA ALA A 116 4.48 6.49 -0.15
C ALA A 116 4.45 7.94 -0.64
N ARG A 117 3.66 8.21 -1.65
CA ARG A 117 3.57 9.60 -2.17
C ARG A 117 2.22 9.79 -2.88
N ILE A 118 1.64 10.97 -2.76
CA ILE A 118 0.34 11.23 -3.42
C ILE A 118 0.49 12.39 -4.40
N TYR A 119 0.19 12.16 -5.66
CA TYR A 119 0.31 13.26 -6.67
C TYR A 119 -1.06 13.56 -7.26
N ASP A 120 -1.58 14.73 -7.02
CA ASP A 120 -2.91 15.09 -7.58
C ASP A 120 -2.73 16.00 -8.79
N ASP A 121 -3.17 15.57 -9.94
CA ASP A 121 -3.02 16.43 -11.16
C ASP A 121 -3.74 17.76 -10.92
N GLN A 122 -4.90 17.72 -10.33
CA GLN A 122 -5.67 18.97 -10.05
C GLN A 122 -6.37 18.83 -8.70
N GLY A 123 -6.62 19.91 -8.01
CA GLY A 123 -7.31 19.81 -6.70
C GLY A 123 -8.73 19.28 -6.92
N ARG A 124 -8.96 18.04 -6.55
CA ARG A 124 -10.31 17.43 -6.72
C ARG A 124 -10.30 16.03 -6.15
N CYS A 125 -9.38 15.21 -6.59
CA CYS A 125 -9.30 13.81 -6.08
C CYS A 125 -9.27 13.82 -4.56
N GLN A 126 -8.96 14.94 -3.96
CA GLN A 126 -8.90 15.00 -2.48
C GLN A 126 -10.24 14.56 -1.89
N GLU A 127 -11.33 14.88 -2.55
CA GLU A 127 -12.65 14.46 -2.03
C GLU A 127 -12.74 12.94 -2.06
N GLY A 128 -12.24 12.34 -3.10
CA GLY A 128 -12.28 10.84 -3.19
C GLY A 128 -11.50 10.23 -2.03
N LEU A 129 -10.40 10.85 -1.67
CA LEU A 129 -9.59 10.29 -0.54
C LEU A 129 -10.43 10.28 0.73
N ARG A 130 -11.26 11.27 0.94
CA ARG A 130 -12.09 11.29 2.16
C ARG A 130 -12.95 10.03 2.20
N THR A 131 -13.57 9.72 1.10
CA THR A 131 -14.42 8.50 1.03
C THR A 131 -13.53 7.27 1.18
N LEU A 132 -12.38 7.29 0.55
CA LEU A 132 -11.46 6.14 0.63
C LEU A 132 -11.07 5.87 2.08
N ALA A 133 -10.82 6.91 2.83
CA ALA A 133 -10.43 6.72 4.25
C ALA A 133 -11.60 6.12 5.02
N GLU A 134 -12.80 6.46 4.67
CA GLU A 134 -13.99 5.91 5.40
C GLU A 134 -14.22 4.45 5.03
N ALA A 135 -14.35 4.15 3.76
CA ALA A 135 -14.60 2.74 3.35
C ALA A 135 -13.40 2.19 2.59
N GLY A 136 -12.55 3.03 2.07
CA GLY A 136 -11.37 2.53 1.32
C GLY A 136 -10.33 2.00 2.30
N ALA A 137 -10.78 1.32 3.32
CA ALA A 137 -9.82 0.77 4.31
C ALA A 137 -9.00 1.91 4.94
N LYS A 138 -8.15 1.57 5.86
CA LYS A 138 -7.33 2.59 6.56
C LYS A 138 -6.14 3.02 5.70
N ILE A 139 -5.91 4.30 5.58
CA ILE A 139 -4.74 4.78 4.77
C ILE A 139 -3.87 5.70 5.63
N SER A 140 -2.58 5.50 5.60
CA SER A 140 -1.69 6.37 6.41
C SER A 140 -0.40 6.68 5.64
N ILE A 141 0.24 7.77 5.97
CA ILE A 141 1.51 8.12 5.27
C ILE A 141 2.67 7.40 5.96
N MET A 142 3.65 6.97 5.22
CA MET A 142 4.78 6.24 5.85
C MET A 142 5.57 7.20 6.74
N THR A 143 5.99 6.74 7.88
CA THR A 143 6.77 7.61 8.81
C THR A 143 8.19 7.07 8.88
N TYR A 144 9.12 7.87 9.33
CA TYR A 144 10.52 7.39 9.42
C TYR A 144 10.57 6.09 10.21
N SER A 145 9.87 6.02 11.32
CA SER A 145 9.88 4.76 12.12
C SER A 145 9.27 3.63 11.30
N GLU A 146 8.17 3.89 10.65
CA GLU A 146 7.50 2.83 9.83
C GLU A 146 8.37 2.50 8.62
N PHE A 147 9.01 3.46 8.04
CA PHE A 147 9.85 3.19 6.84
C PHE A 147 10.93 2.16 7.19
N LYS A 148 11.61 2.34 8.29
CA LYS A 148 12.67 1.36 8.67
C LYS A 148 12.04 -0.02 8.82
N HIS A 149 10.83 -0.07 9.31
CA HIS A 149 10.15 -1.40 9.47
C HIS A 149 10.06 -2.09 8.11
N CYS A 150 9.64 -1.37 7.09
CA CYS A 150 9.53 -1.98 5.74
C CYS A 150 10.93 -2.41 5.29
N TRP A 151 11.91 -1.59 5.52
CA TRP A 151 13.30 -1.92 5.09
C TRP A 151 13.72 -3.25 5.74
N ASP A 152 13.44 -3.43 7.01
CA ASP A 152 13.83 -4.69 7.68
C ASP A 152 12.97 -5.86 7.19
N THR A 153 11.68 -5.66 7.10
CA THR A 153 10.78 -6.77 6.67
C THR A 153 10.96 -7.09 5.18
N PHE A 154 10.93 -6.10 4.34
CA PHE A 154 11.07 -6.36 2.87
C PHE A 154 12.51 -6.74 2.54
N VAL A 155 13.48 -6.16 3.19
CA VAL A 155 14.89 -6.50 2.90
C VAL A 155 15.60 -6.84 4.21
N ASP A 156 16.50 -7.79 4.18
CA ASP A 156 17.23 -8.15 5.42
C ASP A 156 18.29 -7.07 5.69
N HIS A 157 17.96 -6.13 6.54
CA HIS A 157 18.93 -5.04 6.84
C HIS A 157 20.14 -5.61 7.58
N GLN A 158 20.04 -6.82 8.06
CA GLN A 158 21.19 -7.42 8.79
C GLN A 158 22.42 -7.39 7.87
N GLY A 159 23.53 -6.92 8.38
CA GLY A 159 24.76 -6.85 7.54
C GLY A 159 24.63 -5.65 6.59
N CYS A 160 23.46 -5.09 6.49
CA CYS A 160 23.24 -3.92 5.60
C CYS A 160 22.62 -2.79 6.42
N PRO A 161 23.44 -2.01 7.08
CA PRO A 161 22.96 -0.87 7.93
C PRO A 161 22.14 0.14 7.13
N PHE A 162 21.15 0.72 7.75
CA PHE A 162 20.28 1.71 7.03
C PHE A 162 20.90 3.10 7.16
N GLN A 163 21.10 3.78 6.06
CA GLN A 163 21.70 5.14 6.11
C GLN A 163 20.59 6.17 5.86
N PRO A 164 20.14 6.88 6.87
CA PRO A 164 19.07 7.88 6.71
C PRO A 164 19.51 9.14 5.95
N TRP A 165 18.65 9.63 5.10
CA TRP A 165 18.98 10.87 4.33
C TRP A 165 17.79 11.83 4.45
N ASP A 166 17.98 13.09 4.12
CA ASP A 166 16.85 14.06 4.27
C ASP A 166 15.91 14.02 3.06
N GLY A 167 15.77 12.90 2.43
CA GLY A 167 14.84 12.81 1.25
C GLY A 167 13.46 12.43 1.77
N LEU A 168 13.39 11.43 2.59
CA LEU A 168 12.07 11.00 3.15
C LEU A 168 11.47 12.18 3.91
N ASP A 169 12.29 12.95 4.57
CA ASP A 169 11.76 14.11 5.34
C ASP A 169 11.17 15.13 4.37
N GLU A 170 11.85 15.40 3.28
CA GLU A 170 11.29 16.38 2.30
C GLU A 170 10.01 15.81 1.70
N HIS A 171 10.00 14.55 1.37
CA HIS A 171 8.79 13.92 0.79
C HIS A 171 7.67 13.91 1.84
N SER A 172 8.01 13.61 3.07
CA SER A 172 6.96 13.56 4.14
C SER A 172 6.27 14.92 4.24
N GLN A 173 7.01 15.99 4.14
CA GLN A 173 6.37 17.33 4.24
C GLN A 173 5.36 17.50 3.11
N ASP A 174 5.64 16.97 1.96
CA ASP A 174 4.68 17.11 0.82
C ASP A 174 3.37 16.39 1.16
N LEU A 175 3.46 15.16 1.58
CA LEU A 175 2.23 14.39 1.92
C LEU A 175 1.57 14.99 3.16
N SER A 176 2.35 15.34 4.15
CA SER A 176 1.76 15.92 5.38
C SER A 176 0.99 17.19 5.04
N GLY A 177 1.52 18.00 4.18
CA GLY A 177 0.81 19.27 3.82
C GLY A 177 -0.51 18.93 3.11
N ARG A 178 -0.46 18.13 2.09
CA ARG A 178 -1.72 17.78 1.36
C ARG A 178 -2.63 16.93 2.26
N LEU A 179 -2.08 15.97 2.93
CA LEU A 179 -2.92 15.10 3.81
C LEU A 179 -3.51 15.93 4.96
N ARG A 180 -2.73 16.83 5.50
CA ARG A 180 -3.25 17.67 6.62
C ARG A 180 -4.53 18.38 6.19
N ALA A 181 -4.57 18.85 4.98
CA ALA A 181 -5.79 19.57 4.50
C ALA A 181 -6.99 18.61 4.47
N ILE A 182 -6.79 17.40 4.04
CA ILE A 182 -7.91 16.44 3.98
C ILE A 182 -8.45 16.16 5.39
N LEU A 183 -7.60 15.81 6.30
CA LEU A 183 -8.05 15.53 7.69
C LEU A 183 -8.52 16.82 8.36
N GLN A 184 -7.89 17.92 8.05
CA GLN A 184 -8.31 19.21 8.67
C GLN A 184 -9.74 19.54 8.24
N ASN A 185 -10.09 19.23 7.03
CA ASN A 185 -11.47 19.52 6.55
C ASN A 185 -12.39 18.39 6.98
N GLN A 186 -11.89 17.45 7.74
CA GLN A 186 -12.75 16.34 8.20
C GLN A 186 -13.99 16.93 8.88
N GLU A 187 -15.07 17.02 8.16
CA GLU A 187 -16.30 17.60 8.77
C GLU A 187 -16.84 16.66 9.85
N ASN A 188 -17.20 17.20 10.97
CA ASN A 188 -17.74 16.33 12.08
C ASN A 188 -18.35 17.22 13.17
N MET A 1 13.59 -10.85 -6.24
CA MET A 1 13.80 -9.43 -5.85
C MET A 1 14.86 -8.81 -6.76
N ASP A 2 14.59 -7.64 -7.27
CA ASP A 2 15.58 -6.96 -8.15
C ASP A 2 16.30 -5.90 -7.33
N PRO A 3 17.44 -5.45 -7.78
CA PRO A 3 18.23 -4.42 -7.07
C PRO A 3 17.31 -3.43 -6.36
N PRO A 4 17.78 -2.78 -5.33
CA PRO A 4 16.97 -1.79 -4.54
C PRO A 4 16.12 -0.85 -5.41
N THR A 5 15.16 -1.38 -6.12
CA THR A 5 14.30 -0.52 -6.98
C THR A 5 13.40 0.34 -6.09
N PHE A 6 12.94 -0.20 -5.00
CA PHE A 6 12.07 0.59 -4.09
C PHE A 6 12.84 1.78 -3.55
N THR A 7 14.10 1.57 -3.26
CA THR A 7 14.93 2.68 -2.72
C THR A 7 15.08 3.76 -3.79
N PHE A 8 15.34 3.39 -5.01
CA PHE A 8 15.49 4.41 -6.08
C PHE A 8 14.14 5.08 -6.32
N ASN A 9 13.08 4.32 -6.33
CA ASN A 9 11.74 4.91 -6.57
C ASN A 9 11.41 5.98 -5.51
N PHE A 10 11.82 5.76 -4.29
CA PHE A 10 11.51 6.77 -3.23
C PHE A 10 12.27 8.07 -3.51
N ASN A 11 13.50 7.99 -3.93
CA ASN A 11 14.27 9.23 -4.21
C ASN A 11 13.98 9.69 -5.64
N ASN A 12 13.06 9.06 -6.30
CA ASN A 12 12.74 9.44 -7.71
C ASN A 12 11.66 10.54 -7.73
N GLU A 13 11.47 11.25 -6.65
CA GLU A 13 10.44 12.32 -6.66
C GLU A 13 10.71 13.31 -7.80
N PRO A 14 11.88 13.90 -7.85
CA PRO A 14 12.24 14.86 -8.93
C PRO A 14 12.39 14.15 -10.27
N TRP A 15 12.74 12.90 -10.23
CA TRP A 15 12.92 12.10 -11.47
C TRP A 15 11.61 12.05 -12.26
N VAL A 16 10.50 12.11 -11.59
CA VAL A 16 9.19 12.04 -12.28
C VAL A 16 9.06 13.20 -13.29
N ARG A 17 9.11 12.89 -14.56
CA ARG A 17 8.98 13.95 -15.60
C ARG A 17 7.53 13.95 -16.11
N GLY A 18 6.67 13.25 -15.43
CA GLY A 18 5.24 13.18 -15.86
C GLY A 18 5.01 11.85 -16.57
N ARG A 19 6.03 11.05 -16.68
CA ARG A 19 5.88 9.72 -17.34
C ARG A 19 6.51 8.66 -16.44
N HIS A 20 5.87 8.33 -15.35
CA HIS A 20 6.47 7.31 -14.43
C HIS A 20 5.43 6.25 -14.07
N GLU A 21 5.82 5.00 -14.04
CA GLU A 21 4.86 3.93 -13.67
C GLU A 21 5.13 3.54 -12.21
N THR A 22 4.22 2.84 -11.59
CA THR A 22 4.44 2.47 -10.16
C THR A 22 4.20 0.97 -9.95
N TYR A 23 4.90 0.39 -9.03
CA TYR A 23 4.73 -1.07 -8.73
C TYR A 23 4.27 -1.20 -7.28
N LEU A 24 3.36 -2.09 -7.00
CA LEU A 24 2.88 -2.24 -5.60
C LEU A 24 3.41 -3.55 -5.02
N CYS A 25 3.82 -3.55 -3.78
CA CYS A 25 4.36 -4.79 -3.15
C CYS A 25 3.45 -5.18 -1.99
N TYR A 26 3.14 -6.45 -1.85
CA TYR A 26 2.25 -6.87 -0.73
C TYR A 26 2.77 -8.16 -0.09
N GLU A 27 2.24 -8.49 1.05
CA GLU A 27 2.66 -9.73 1.75
C GLU A 27 1.41 -10.41 2.30
N VAL A 28 1.47 -11.67 2.57
CA VAL A 28 0.28 -12.37 3.10
C VAL A 28 0.66 -13.18 4.35
N GLU A 29 -0.18 -13.18 5.34
CA GLU A 29 0.11 -13.93 6.58
C GLU A 29 -1.05 -14.87 6.90
N ARG A 30 -0.84 -15.85 7.73
CA ARG A 30 -1.95 -16.79 8.07
C ARG A 30 -2.26 -16.68 9.56
N MET A 31 -3.48 -16.35 9.90
CA MET A 31 -3.84 -16.21 11.35
C MET A 31 -5.01 -17.14 11.69
N HIS A 32 -4.86 -17.91 12.74
CA HIS A 32 -5.96 -18.83 13.16
C HIS A 32 -6.45 -18.38 14.54
N ASN A 33 -7.72 -18.42 14.79
CA ASN A 33 -8.22 -17.97 16.12
C ASN A 33 -7.55 -18.80 17.22
N ASP A 34 -7.38 -20.08 16.99
CA ASP A 34 -6.74 -20.93 18.02
C ASP A 34 -5.23 -20.68 18.05
N THR A 35 -4.63 -20.41 16.92
CA THR A 35 -3.15 -20.18 16.89
C THR A 35 -2.79 -19.08 15.89
N TRP A 36 -1.61 -18.54 16.00
CA TRP A 36 -1.17 -17.48 15.05
C TRP A 36 -0.02 -18.03 14.21
N VAL A 37 -0.08 -17.87 12.91
CA VAL A 37 1.02 -18.38 12.03
C VAL A 37 1.60 -17.23 11.21
N LEU A 38 2.89 -17.10 11.22
CA LEU A 38 3.53 -16.01 10.43
C LEU A 38 4.08 -16.55 9.12
N LEU A 39 3.47 -16.19 8.02
CA LEU A 39 3.95 -16.68 6.70
C LEU A 39 5.07 -15.74 6.21
N ASN A 40 5.80 -15.16 7.11
CA ASN A 40 6.90 -14.23 6.71
C ASN A 40 7.91 -14.98 5.83
N GLN A 41 8.00 -16.27 5.99
CA GLN A 41 8.97 -17.05 5.17
C GLN A 41 8.70 -16.79 3.67
N ARG A 42 7.47 -16.51 3.32
CA ARG A 42 7.15 -16.25 1.89
C ARG A 42 6.76 -14.78 1.71
N ARG A 43 7.07 -14.21 0.57
CA ARG A 43 6.72 -12.78 0.32
C ARG A 43 5.90 -12.69 -0.97
N GLY A 44 5.29 -11.56 -1.22
CA GLY A 44 4.48 -11.42 -2.47
C GLY A 44 4.72 -10.04 -3.08
N PHE A 45 4.54 -9.91 -4.37
CA PHE A 45 4.75 -8.59 -5.02
C PHE A 45 3.71 -8.40 -6.12
N LEU A 46 3.38 -7.19 -6.43
CA LEU A 46 2.38 -6.93 -7.51
C LEU A 46 3.03 -6.08 -8.61
N CYS A 47 2.86 -6.46 -9.83
CA CYS A 47 3.45 -5.70 -10.96
C CYS A 47 2.38 -5.35 -11.98
N ASN A 48 2.73 -4.64 -13.02
CA ASN A 48 1.72 -4.27 -14.04
C ASN A 48 1.25 -5.53 -14.77
N GLN A 49 1.61 -6.69 -14.27
CA GLN A 49 1.17 -7.96 -14.91
C GLN A 49 0.16 -8.65 -13.99
N ALA A 50 -1.09 -8.70 -14.38
CA ALA A 50 -2.11 -9.37 -13.52
C ALA A 50 -2.23 -10.84 -13.92
N PRO A 51 -2.71 -11.68 -13.04
CA PRO A 51 -2.86 -13.13 -13.35
C PRO A 51 -3.62 -13.35 -14.66
N HIS A 52 -3.02 -14.01 -15.61
CA HIS A 52 -3.72 -14.25 -16.90
C HIS A 52 -4.99 -15.05 -16.63
N LYS A 53 -4.94 -15.92 -15.69
CA LYS A 53 -6.13 -16.74 -15.34
C LYS A 53 -7.28 -15.82 -14.91
N HIS A 54 -6.96 -14.64 -14.47
CA HIS A 54 -8.02 -13.69 -14.02
C HIS A 54 -8.85 -13.26 -15.22
N GLY A 55 -8.30 -13.33 -16.40
CA GLY A 55 -9.06 -12.92 -17.61
C GLY A 55 -8.31 -11.80 -18.35
N PHE A 56 -9.03 -10.85 -18.86
CA PHE A 56 -8.36 -9.72 -19.59
C PHE A 56 -8.53 -8.43 -18.78
N LEU A 57 -7.75 -7.44 -19.08
CA LEU A 57 -7.85 -6.15 -18.32
C LEU A 57 -9.25 -5.56 -18.51
N GLU A 58 -9.92 -5.26 -17.42
CA GLU A 58 -11.29 -4.69 -17.52
C GLU A 58 -11.24 -3.20 -17.19
N GLY A 59 -10.07 -2.68 -16.94
CA GLY A 59 -9.94 -1.23 -16.60
C GLY A 59 -8.47 -0.92 -16.33
N ARG A 60 -8.17 0.30 -15.94
CA ARG A 60 -6.74 0.65 -15.66
C ARG A 60 -6.62 1.27 -14.26
N HIS A 61 -6.44 0.45 -13.26
CA HIS A 61 -6.30 0.99 -11.88
C HIS A 61 -5.37 0.07 -11.07
N ALA A 62 -4.39 0.64 -10.40
CA ALA A 62 -3.46 -0.20 -9.59
C ALA A 62 -4.23 -0.88 -8.44
N GLU A 63 -5.16 -0.20 -7.85
CA GLU A 63 -5.93 -0.81 -6.73
C GLU A 63 -6.70 -2.03 -7.24
N LEU A 64 -7.25 -1.95 -8.42
CA LEU A 64 -8.02 -3.12 -8.96
C LEU A 64 -7.08 -4.33 -9.09
N CYS A 65 -5.87 -4.12 -9.52
CA CYS A 65 -4.92 -5.26 -9.65
C CYS A 65 -4.81 -5.98 -8.30
N PHE A 66 -4.76 -5.23 -7.24
CA PHE A 66 -4.66 -5.84 -5.89
C PHE A 66 -5.88 -6.72 -5.63
N LEU A 67 -7.04 -6.26 -6.05
CA LEU A 67 -8.28 -7.07 -5.84
C LEU A 67 -8.14 -8.41 -6.54
N ASP A 68 -7.45 -8.46 -7.65
CA ASP A 68 -7.27 -9.74 -8.39
C ASP A 68 -6.39 -10.70 -7.57
N VAL A 69 -5.46 -10.16 -6.83
CA VAL A 69 -4.56 -11.04 -6.02
C VAL A 69 -5.33 -11.75 -4.90
N ILE A 70 -6.28 -11.09 -4.29
CA ILE A 70 -7.03 -11.75 -3.18
C ILE A 70 -7.56 -13.13 -3.60
N PRO A 71 -8.34 -13.24 -4.66
CA PRO A 71 -8.89 -14.54 -5.11
C PRO A 71 -7.77 -15.51 -5.52
N PHE A 72 -6.63 -14.99 -5.88
CA PHE A 72 -5.51 -15.89 -6.30
C PHE A 72 -4.91 -16.57 -5.06
N TRP A 73 -5.02 -15.95 -3.92
CA TRP A 73 -4.46 -16.57 -2.68
C TRP A 73 -5.46 -17.54 -2.09
N LYS A 74 -6.62 -17.65 -2.68
CA LYS A 74 -7.65 -18.59 -2.14
C LYS A 74 -7.67 -18.52 -0.61
N LEU A 75 -8.02 -17.39 -0.07
CA LEU A 75 -8.06 -17.26 1.42
C LEU A 75 -9.35 -17.88 1.96
N ASP A 76 -9.26 -18.58 3.07
CA ASP A 76 -10.48 -19.21 3.65
C ASP A 76 -11.28 -18.16 4.43
N LEU A 77 -12.56 -18.09 4.19
CA LEU A 77 -13.41 -17.10 4.91
C LEU A 77 -13.47 -17.45 6.40
N ASP A 78 -13.34 -18.70 6.74
CA ASP A 78 -13.42 -19.12 8.17
C ASP A 78 -12.09 -18.86 8.88
N GLN A 79 -11.05 -18.61 8.15
CA GLN A 79 -9.73 -18.35 8.79
C GLN A 79 -9.36 -16.88 8.65
N ASP A 80 -8.71 -16.31 9.64
CA ASP A 80 -8.34 -14.88 9.56
C ASP A 80 -7.06 -14.73 8.72
N TYR A 81 -6.99 -13.69 7.93
CA TYR A 81 -5.78 -13.48 7.09
C TYR A 81 -5.26 -12.06 7.25
N ARG A 82 -3.96 -11.90 7.32
CA ARG A 82 -3.37 -10.55 7.46
C ARG A 82 -2.61 -10.21 6.18
N VAL A 83 -3.03 -9.19 5.48
CA VAL A 83 -2.35 -8.81 4.22
C VAL A 83 -1.87 -7.35 4.31
N THR A 84 -0.67 -7.08 3.86
CA THR A 84 -0.15 -5.69 3.92
C THR A 84 0.14 -5.20 2.50
N CYS A 85 0.04 -3.92 2.27
CA CYS A 85 0.32 -3.38 0.91
C CYS A 85 1.16 -2.11 1.00
N PHE A 86 2.27 -2.07 0.33
CA PHE A 86 3.12 -0.85 0.34
C PHE A 86 2.97 -0.17 -1.02
N THR A 87 2.48 1.05 -1.06
CA THR A 87 2.29 1.74 -2.36
C THR A 87 2.69 3.21 -2.26
N SER A 88 3.06 3.80 -3.36
CA SER A 88 3.47 5.24 -3.34
C SER A 88 2.45 6.07 -4.14
N TRP A 89 1.19 5.93 -3.82
CA TRP A 89 0.15 6.70 -4.55
C TRP A 89 -1.16 6.67 -3.75
N SER A 90 -2.14 7.43 -4.16
CA SER A 90 -3.44 7.43 -3.43
C SER A 90 -4.52 6.79 -4.31
N PRO A 91 -5.52 6.19 -3.69
CA PRO A 91 -6.63 5.53 -4.43
C PRO A 91 -7.57 6.53 -5.12
N CYS A 92 -8.22 6.12 -6.18
CA CYS A 92 -9.16 7.05 -6.88
C CYS A 92 -10.50 7.06 -6.14
N PHE A 93 -11.41 7.92 -6.53
CA PHE A 93 -12.72 7.96 -5.84
C PHE A 93 -13.40 6.60 -5.94
N SER A 94 -13.55 6.08 -7.12
CA SER A 94 -14.20 4.75 -7.28
C SER A 94 -13.33 3.68 -6.61
N CYS A 95 -12.03 3.78 -6.75
CA CYS A 95 -11.14 2.77 -6.13
C CYS A 95 -11.18 2.89 -4.61
N ALA A 96 -11.26 4.10 -4.11
CA ALA A 96 -11.30 4.28 -2.63
C ALA A 96 -12.59 3.66 -2.08
N GLN A 97 -13.68 3.87 -2.75
CA GLN A 97 -14.98 3.30 -2.29
C GLN A 97 -14.92 1.77 -2.39
N GLU A 98 -14.26 1.24 -3.38
CA GLU A 98 -14.19 -0.23 -3.53
C GLU A 98 -13.41 -0.82 -2.36
N MET A 99 -12.37 -0.14 -1.95
CA MET A 99 -11.55 -0.67 -0.83
C MET A 99 -12.41 -0.72 0.44
N ALA A 100 -13.22 0.28 0.67
CA ALA A 100 -14.08 0.28 1.87
C ALA A 100 -15.06 -0.89 1.80
N LYS A 101 -15.63 -1.13 0.65
CA LYS A 101 -16.59 -2.25 0.50
C LYS A 101 -15.88 -3.60 0.73
N PHE A 102 -14.64 -3.69 0.32
CA PHE A 102 -13.89 -4.97 0.50
C PHE A 102 -13.89 -5.39 1.97
N ILE A 103 -13.54 -4.50 2.85
CA ILE A 103 -13.52 -4.85 4.29
C ILE A 103 -14.92 -5.23 4.75
N SER A 104 -15.92 -4.56 4.27
CA SER A 104 -17.31 -4.89 4.68
C SER A 104 -17.60 -6.35 4.31
N LYS A 105 -17.17 -6.76 3.15
CA LYS A 105 -17.41 -8.17 2.73
C LYS A 105 -16.42 -9.09 3.42
N ASN A 106 -15.31 -8.56 3.87
CA ASN A 106 -14.30 -9.42 4.55
C ASN A 106 -13.72 -8.67 5.74
N LYS A 107 -14.40 -8.68 6.86
CA LYS A 107 -13.89 -7.95 8.05
C LYS A 107 -12.92 -8.85 8.83
N HIS A 108 -12.76 -10.08 8.39
CA HIS A 108 -11.84 -11.00 9.11
C HIS A 108 -10.42 -10.84 8.56
N VAL A 109 -10.23 -9.99 7.60
CA VAL A 109 -8.87 -9.79 7.03
C VAL A 109 -8.26 -8.50 7.56
N SER A 110 -7.04 -8.54 8.00
CA SER A 110 -6.39 -7.31 8.50
C SER A 110 -5.64 -6.67 7.33
N LEU A 111 -6.13 -5.57 6.83
CA LEU A 111 -5.47 -4.92 5.66
C LEU A 111 -4.82 -3.59 6.09
N CYS A 112 -3.57 -3.41 5.76
CA CYS A 112 -2.88 -2.15 6.13
C CYS A 112 -2.17 -1.61 4.88
N ILE A 113 -2.42 -0.37 4.53
CA ILE A 113 -1.76 0.20 3.31
C ILE A 113 -0.85 1.36 3.70
N PHE A 114 0.38 1.34 3.24
CA PHE A 114 1.30 2.45 3.57
C PHE A 114 1.47 3.32 2.33
N THR A 115 1.17 4.59 2.43
CA THR A 115 1.32 5.48 1.25
C THR A 115 2.59 6.31 1.38
N ALA A 116 3.55 6.07 0.53
CA ALA A 116 4.81 6.87 0.61
C ALA A 116 4.48 8.33 0.30
N ARG A 117 3.60 8.55 -0.65
CA ARG A 117 3.22 9.95 -1.01
C ARG A 117 1.76 9.95 -1.47
N ILE A 118 1.02 10.98 -1.15
CA ILE A 118 -0.40 11.04 -1.57
C ILE A 118 -0.60 12.19 -2.57
N TYR A 119 -1.04 11.89 -3.76
CA TYR A 119 -1.27 12.95 -4.78
C TYR A 119 -2.75 12.98 -5.14
N ASP A 120 -3.37 14.13 -5.08
CA ASP A 120 -4.82 14.20 -5.43
C ASP A 120 -4.98 14.61 -6.90
N ASP A 121 -5.56 13.77 -7.69
CA ASP A 121 -5.76 14.11 -9.13
C ASP A 121 -6.73 15.28 -9.23
N GLN A 122 -7.73 15.30 -8.38
CA GLN A 122 -8.74 16.40 -8.41
C GLN A 122 -8.92 16.95 -7.00
N GLY A 123 -9.63 18.04 -6.85
CA GLY A 123 -9.85 18.62 -5.50
C GLY A 123 -10.90 17.80 -4.74
N ARG A 124 -11.28 18.24 -3.58
CA ARG A 124 -12.30 17.49 -2.78
C ARG A 124 -11.83 16.06 -2.55
N CYS A 125 -10.70 15.69 -3.07
CA CYS A 125 -10.20 14.30 -2.87
C CYS A 125 -9.96 14.07 -1.37
N GLN A 126 -9.74 15.10 -0.63
CA GLN A 126 -9.49 14.94 0.84
C GLN A 126 -10.67 14.21 1.48
N GLU A 127 -11.86 14.44 1.01
CA GLU A 127 -13.03 13.74 1.59
C GLU A 127 -12.88 12.23 1.42
N GLY A 128 -12.41 11.80 0.29
CA GLY A 128 -12.24 10.34 0.06
C GLY A 128 -11.24 9.78 1.07
N LEU A 129 -10.21 10.53 1.38
CA LEU A 129 -9.20 10.03 2.35
C LEU A 129 -9.85 9.80 3.71
N ARG A 130 -10.73 10.66 4.13
CA ARG A 130 -11.38 10.47 5.45
C ARG A 130 -12.18 9.18 5.44
N THR A 131 -12.97 8.98 4.41
CA THR A 131 -13.76 7.73 4.31
C THR A 131 -12.82 6.56 4.15
N LEU A 132 -11.79 6.73 3.36
CA LEU A 132 -10.83 5.63 3.14
C LEU A 132 -10.17 5.25 4.46
N ALA A 133 -9.84 6.21 5.27
CA ALA A 133 -9.20 5.90 6.57
C ALA A 133 -10.18 5.12 7.45
N GLU A 134 -11.45 5.42 7.37
CA GLU A 134 -12.43 4.71 8.23
C GLU A 134 -12.68 3.28 7.69
N ALA A 135 -13.02 3.16 6.44
CA ALA A 135 -13.30 1.80 5.88
C ALA A 135 -12.23 1.41 4.86
N GLY A 136 -11.50 2.36 4.35
CA GLY A 136 -10.44 2.02 3.36
C GLY A 136 -9.25 1.40 4.08
N ALA A 137 -9.52 0.55 5.04
CA ALA A 137 -8.42 -0.11 5.79
C ALA A 137 -7.55 0.94 6.48
N LYS A 138 -6.58 0.49 7.23
CA LYS A 138 -5.69 1.42 7.98
C LYS A 138 -4.63 1.99 7.04
N ILE A 139 -4.47 3.29 7.03
CA ILE A 139 -3.44 3.92 6.16
C ILE A 139 -2.53 4.80 7.01
N SER A 140 -1.24 4.68 6.84
CA SER A 140 -0.30 5.50 7.65
C SER A 140 0.85 5.97 6.77
N ILE A 141 1.53 7.03 7.18
CA ILE A 141 2.67 7.52 6.36
C ILE A 141 3.90 6.65 6.65
N MET A 142 4.72 6.44 5.66
CA MET A 142 5.92 5.59 5.87
C MET A 142 6.90 6.26 6.83
N THR A 143 7.50 5.50 7.70
CA THR A 143 8.46 6.07 8.68
C THR A 143 9.82 5.40 8.48
N TYR A 144 10.86 6.01 8.95
CA TYR A 144 12.21 5.39 8.77
C TYR A 144 12.22 3.97 9.34
N SER A 145 11.61 3.76 10.47
CA SER A 145 11.59 2.40 11.07
C SER A 145 10.87 1.44 10.11
N GLU A 146 9.75 1.83 9.60
CA GLU A 146 9.00 0.94 8.67
C GLU A 146 9.78 0.79 7.36
N PHE A 147 10.43 1.83 6.92
CA PHE A 147 11.19 1.75 5.65
C PHE A 147 12.32 0.72 5.78
N LYS A 148 13.04 0.75 6.88
CA LYS A 148 14.16 -0.21 7.04
C LYS A 148 13.64 -1.64 6.89
N HIS A 149 12.53 -1.95 7.49
CA HIS A 149 11.99 -3.33 7.35
C HIS A 149 11.65 -3.60 5.89
N CYS A 150 10.99 -2.67 5.25
CA CYS A 150 10.62 -2.87 3.83
C CYS A 150 11.90 -2.96 2.98
N TRP A 151 12.88 -2.19 3.34
CA TRP A 151 14.16 -2.19 2.58
C TRP A 151 14.83 -3.56 2.65
N ASP A 152 14.98 -4.12 3.82
CA ASP A 152 15.65 -5.44 3.95
C ASP A 152 14.76 -6.58 3.44
N THR A 153 13.49 -6.57 3.79
CA THR A 153 12.60 -7.70 3.38
C THR A 153 12.27 -7.68 1.88
N PHE A 154 11.87 -6.57 1.34
CA PHE A 154 11.51 -6.56 -0.11
C PHE A 154 12.74 -6.66 -1.00
N VAL A 155 13.85 -6.12 -0.59
CA VAL A 155 15.08 -6.19 -1.45
C VAL A 155 16.25 -6.75 -0.64
N ASP A 156 17.06 -7.56 -1.27
CA ASP A 156 18.23 -8.12 -0.56
C ASP A 156 19.32 -7.05 -0.54
N HIS A 157 19.52 -6.43 0.57
CA HIS A 157 20.55 -5.35 0.65
C HIS A 157 21.94 -5.95 0.76
N GLN A 158 22.05 -7.24 0.84
CA GLN A 158 23.40 -7.87 0.94
C GLN A 158 24.31 -7.26 -0.13
N GLY A 159 25.28 -6.49 0.27
CA GLY A 159 26.22 -5.86 -0.70
C GLY A 159 25.70 -4.48 -1.11
N CYS A 160 24.43 -4.22 -0.89
CA CYS A 160 23.86 -2.89 -1.26
C CYS A 160 23.16 -2.28 -0.04
N PRO A 161 23.89 -1.65 0.83
CA PRO A 161 23.34 -1.01 2.06
C PRO A 161 22.44 0.20 1.73
N PHE A 162 21.39 0.40 2.49
CA PHE A 162 20.49 1.56 2.23
C PHE A 162 20.97 2.77 3.04
N GLN A 163 21.04 3.91 2.41
CA GLN A 163 21.49 5.14 3.12
C GLN A 163 20.34 6.15 3.18
N PRO A 164 19.60 6.16 4.26
CA PRO A 164 18.45 7.11 4.42
C PRO A 164 18.87 8.57 4.31
N TRP A 165 18.08 9.36 3.64
CA TRP A 165 18.40 10.81 3.49
C TRP A 165 17.22 11.63 4.06
N ASP A 166 17.43 12.89 4.33
CA ASP A 166 16.33 13.71 4.91
C ASP A 166 15.24 14.00 3.88
N GLY A 167 15.04 13.10 2.95
CA GLY A 167 13.97 13.33 1.94
C GLY A 167 12.62 12.97 2.56
N LEU A 168 12.59 11.89 3.30
CA LEU A 168 11.32 11.46 3.95
C LEU A 168 10.84 12.58 4.88
N ASP A 169 11.74 13.26 5.52
CA ASP A 169 11.34 14.35 6.45
C ASP A 169 10.67 15.47 5.64
N GLU A 170 11.23 15.80 4.52
CA GLU A 170 10.61 16.87 3.69
C GLU A 170 9.24 16.38 3.19
N HIS A 171 9.19 15.16 2.74
CA HIS A 171 7.90 14.60 2.25
C HIS A 171 6.94 14.43 3.43
N SER A 172 7.45 14.04 4.56
CA SER A 172 6.55 13.85 5.74
C SER A 172 5.85 15.16 6.08
N GLN A 173 6.54 16.26 5.99
CA GLN A 173 5.88 17.57 6.30
C GLN A 173 4.73 17.79 5.33
N ASP A 174 4.91 17.42 4.09
CA ASP A 174 3.82 17.62 3.09
C ASP A 174 2.66 16.68 3.43
N LEU A 175 2.93 15.42 3.59
CA LEU A 175 1.85 14.45 3.90
C LEU A 175 1.29 14.74 5.30
N SER A 176 2.13 15.08 6.22
CA SER A 176 1.65 15.37 7.60
C SER A 176 0.65 16.53 7.54
N GLY A 177 0.92 17.52 6.73
CA GLY A 177 0.00 18.67 6.64
C GLY A 177 -1.32 18.23 5.98
N ARG A 178 -1.23 17.61 4.84
CA ARG A 178 -2.47 17.15 4.15
C ARG A 178 -3.19 16.12 5.01
N LEU A 179 -2.46 15.21 5.58
CA LEU A 179 -3.10 14.17 6.43
C LEU A 179 -3.72 14.84 7.66
N ARG A 180 -3.05 15.83 8.19
CA ARG A 180 -3.58 16.53 9.40
C ARG A 180 -4.98 17.07 9.10
N ALA A 181 -5.20 17.56 7.91
CA ALA A 181 -6.54 18.10 7.57
C ALA A 181 -7.58 16.97 7.56
N ILE A 182 -7.22 15.82 7.06
CA ILE A 182 -8.18 14.70 7.01
C ILE A 182 -8.61 14.32 8.43
N LEU A 183 -7.66 14.10 9.31
CA LEU A 183 -8.01 13.73 10.70
C LEU A 183 -8.63 14.93 11.42
N GLN A 184 -8.21 16.12 11.09
CA GLN A 184 -8.79 17.32 11.74
C GLN A 184 -10.28 17.41 11.43
N ASN A 185 -10.66 17.04 10.23
CA ASN A 185 -12.10 17.09 9.85
C ASN A 185 -12.79 15.82 10.34
N GLN A 186 -12.09 15.00 11.06
CA GLN A 186 -12.72 13.74 11.57
C GLN A 186 -14.03 14.11 12.27
N GLU A 187 -15.13 13.97 11.59
CA GLU A 187 -16.43 14.33 12.22
C GLU A 187 -16.75 13.33 13.33
N ASN A 188 -17.17 13.81 14.46
CA ASN A 188 -17.51 12.90 15.59
C ASN A 188 -18.84 12.21 15.31
N MET A 1 16.44 -9.29 -2.64
CA MET A 1 16.43 -7.81 -2.46
C MET A 1 17.31 -7.16 -3.53
N ASP A 2 16.81 -6.13 -4.15
CA ASP A 2 17.62 -5.44 -5.20
C ASP A 2 18.23 -4.19 -4.58
N PRO A 3 19.25 -3.64 -5.19
CA PRO A 3 19.92 -2.43 -4.68
C PRO A 3 18.90 -1.48 -4.04
N PRO A 4 19.35 -0.62 -3.16
CA PRO A 4 18.47 0.35 -2.44
C PRO A 4 17.39 0.98 -3.32
N THR A 5 16.47 0.20 -3.82
CA THR A 5 15.39 0.74 -4.68
C THR A 5 14.45 1.60 -3.83
N PHE A 6 14.22 1.22 -2.61
CA PHE A 6 13.32 2.01 -1.74
C PHE A 6 13.92 3.41 -1.57
N THR A 7 15.19 3.49 -1.36
CA THR A 7 15.85 4.80 -1.19
C THR A 7 15.84 5.57 -2.51
N PHE A 8 16.18 4.93 -3.60
CA PHE A 8 16.17 5.65 -4.89
C PHE A 8 14.75 6.07 -5.24
N ASN A 9 13.79 5.28 -4.85
CA ASN A 9 12.37 5.64 -5.17
C ASN A 9 12.04 7.01 -4.58
N PHE A 10 12.41 7.26 -3.36
CA PHE A 10 12.12 8.59 -2.75
C PHE A 10 13.01 9.66 -3.38
N ASN A 11 14.26 9.33 -3.65
CA ASN A 11 15.18 10.33 -4.25
C ASN A 11 15.07 10.28 -5.78
N ASN A 12 14.13 9.54 -6.28
CA ASN A 12 13.97 9.44 -7.77
C ASN A 12 13.26 10.68 -8.32
N GLU A 13 13.40 11.81 -7.68
CA GLU A 13 12.74 13.03 -8.20
C GLU A 13 13.20 13.26 -9.65
N PRO A 14 14.49 13.35 -9.89
CA PRO A 14 15.03 13.55 -11.26
C PRO A 14 15.01 12.24 -12.06
N TRP A 15 15.05 11.13 -11.38
CA TRP A 15 15.05 9.81 -12.07
C TRP A 15 13.75 9.59 -12.83
N VAL A 16 12.82 10.51 -12.74
CA VAL A 16 11.53 10.35 -13.46
C VAL A 16 11.77 10.26 -14.97
N ARG A 17 12.40 9.21 -15.42
CA ARG A 17 12.66 9.05 -16.88
C ARG A 17 11.33 8.89 -17.62
N GLY A 18 10.37 8.27 -16.99
CA GLY A 18 9.05 8.07 -17.64
C GLY A 18 8.98 6.64 -18.21
N ARG A 19 10.00 5.87 -17.99
CA ARG A 19 10.01 4.47 -18.50
C ARG A 19 10.38 3.51 -17.37
N HIS A 20 9.47 3.28 -16.46
CA HIS A 20 9.76 2.36 -15.32
C HIS A 20 8.63 1.34 -15.19
N GLU A 21 8.72 0.46 -14.22
CA GLU A 21 7.65 -0.55 -14.01
C GLU A 21 7.05 -0.36 -12.62
N THR A 22 5.78 -0.60 -12.45
CA THR A 22 5.16 -0.41 -11.11
C THR A 22 5.31 -1.69 -10.29
N TYR A 23 5.84 -1.57 -9.09
CA TYR A 23 5.99 -2.77 -8.23
C TYR A 23 5.49 -2.43 -6.82
N LEU A 24 4.68 -3.28 -6.24
CA LEU A 24 4.16 -3.00 -4.87
C LEU A 24 4.62 -4.09 -3.92
N CYS A 25 5.01 -3.73 -2.72
CA CYS A 25 5.47 -4.76 -1.73
C CYS A 25 4.39 -4.96 -0.68
N TYR A 26 4.13 -6.18 -0.31
CA TYR A 26 3.07 -6.44 0.71
C TYR A 26 3.52 -7.54 1.68
N GLU A 27 2.83 -7.67 2.77
CA GLU A 27 3.18 -8.72 3.77
C GLU A 27 1.90 -9.42 4.20
N VAL A 28 2.00 -10.64 4.64
CA VAL A 28 0.78 -11.38 5.07
C VAL A 28 1.03 -12.05 6.42
N GLU A 29 0.06 -12.02 7.29
CA GLU A 29 0.23 -12.65 8.63
C GLU A 29 -0.88 -13.67 8.84
N ARG A 30 -0.65 -14.67 9.65
CA ARG A 30 -1.72 -15.68 9.90
C ARG A 30 -2.17 -15.56 11.35
N MET A 31 -3.43 -15.31 11.58
CA MET A 31 -3.92 -15.17 12.98
C MET A 31 -5.04 -16.18 13.23
N HIS A 32 -4.95 -16.94 14.30
CA HIS A 32 -6.01 -17.93 14.61
C HIS A 32 -6.65 -17.54 15.95
N ASN A 33 -7.94 -17.67 16.07
CA ASN A 33 -8.59 -17.28 17.35
C ASN A 33 -7.98 -18.09 18.49
N ASP A 34 -7.73 -19.35 18.28
CA ASP A 34 -7.13 -20.19 19.35
C ASP A 34 -5.64 -19.85 19.53
N THR A 35 -4.96 -19.50 18.47
CA THR A 35 -3.50 -19.20 18.58
C THR A 35 -3.11 -18.04 17.67
N TRP A 36 -1.98 -17.44 17.91
CA TRP A 36 -1.51 -16.31 17.07
C TRP A 36 -0.26 -16.76 16.31
N VAL A 37 -0.21 -16.54 15.02
CA VAL A 37 0.99 -16.96 14.24
C VAL A 37 1.53 -15.77 13.45
N LEU A 38 2.80 -15.49 13.61
CA LEU A 38 3.39 -14.34 12.87
C LEU A 38 4.18 -14.86 11.66
N LEU A 39 3.71 -14.58 10.48
CA LEU A 39 4.43 -15.03 9.26
C LEU A 39 5.31 -13.90 8.74
N ASN A 40 5.64 -12.96 9.59
CA ASN A 40 6.49 -11.82 9.15
C ASN A 40 7.82 -12.34 8.62
N GLN A 41 8.26 -13.47 9.11
CA GLN A 41 9.57 -14.03 8.63
C GLN A 41 9.53 -14.15 7.11
N ARG A 42 8.38 -14.38 6.54
CA ARG A 42 8.29 -14.50 5.06
C ARG A 42 7.79 -13.17 4.47
N ARG A 43 8.19 -12.87 3.27
CA ARG A 43 7.76 -11.58 2.64
C ARG A 43 6.97 -11.89 1.36
N GLY A 44 6.29 -10.92 0.83
CA GLY A 44 5.50 -11.15 -0.42
C GLY A 44 5.82 -10.07 -1.45
N PHE A 45 5.75 -10.40 -2.71
CA PHE A 45 6.04 -9.39 -3.77
C PHE A 45 4.85 -9.30 -4.72
N LEU A 46 4.54 -8.13 -5.20
CA LEU A 46 3.40 -7.97 -6.14
C LEU A 46 3.92 -7.50 -7.51
N CYS A 47 3.50 -8.16 -8.54
CA CYS A 47 3.94 -7.77 -9.92
C CYS A 47 2.76 -7.15 -10.66
N ASN A 48 3.02 -6.48 -11.74
CA ASN A 48 1.92 -5.84 -12.51
C ASN A 48 1.23 -6.90 -13.39
N GLN A 49 1.70 -8.11 -13.36
CA GLN A 49 1.06 -9.16 -14.20
C GLN A 49 -0.08 -9.81 -13.41
N ALA A 50 -1.28 -9.69 -13.90
CA ALA A 50 -2.43 -10.30 -13.18
C ALA A 50 -2.51 -11.79 -13.51
N PRO A 51 -2.86 -12.63 -12.56
CA PRO A 51 -2.96 -14.10 -12.78
C PRO A 51 -4.12 -14.44 -13.73
N HIS A 52 -3.83 -15.10 -14.81
CA HIS A 52 -4.89 -15.47 -15.78
C HIS A 52 -5.80 -16.53 -15.17
N LYS A 53 -5.25 -17.39 -14.36
CA LYS A 53 -6.06 -18.47 -13.72
C LYS A 53 -7.20 -17.84 -12.90
N HIS A 54 -7.06 -16.61 -12.50
CA HIS A 54 -8.13 -15.98 -11.68
C HIS A 54 -9.40 -15.79 -12.52
N GLY A 55 -9.27 -15.76 -13.82
CA GLY A 55 -10.49 -15.60 -14.67
C GLY A 55 -10.29 -14.47 -15.70
N PHE A 56 -11.32 -13.71 -15.95
CA PHE A 56 -11.25 -12.61 -16.95
C PHE A 56 -10.57 -11.37 -16.36
N LEU A 57 -10.17 -10.47 -17.22
CA LEU A 57 -9.50 -9.22 -16.77
C LEU A 57 -10.35 -8.51 -15.71
N GLU A 58 -9.70 -7.92 -14.74
CA GLU A 58 -10.46 -7.22 -13.66
C GLU A 58 -10.38 -5.71 -13.90
N GLY A 59 -9.48 -5.30 -14.74
CA GLY A 59 -9.34 -3.84 -15.03
C GLY A 59 -7.85 -3.48 -15.03
N ARG A 60 -7.50 -2.30 -15.48
CA ARG A 60 -6.06 -1.92 -15.48
C ARG A 60 -5.77 -1.05 -14.26
N HIS A 61 -5.44 -1.67 -13.16
CA HIS A 61 -5.12 -0.89 -11.93
C HIS A 61 -4.07 -1.64 -11.11
N ALA A 62 -3.13 -0.95 -10.54
CA ALA A 62 -2.08 -1.63 -9.72
C ALA A 62 -2.73 -2.28 -8.50
N GLU A 63 -3.68 -1.62 -7.91
CA GLU A 63 -4.36 -2.19 -6.71
C GLU A 63 -5.07 -3.49 -7.09
N LEU A 64 -5.63 -3.54 -8.28
CA LEU A 64 -6.32 -4.79 -8.71
C LEU A 64 -5.34 -5.96 -8.65
N CYS A 65 -4.12 -5.74 -9.03
CA CYS A 65 -3.13 -6.85 -8.98
C CYS A 65 -3.06 -7.37 -7.56
N PHE A 66 -3.04 -6.49 -6.60
CA PHE A 66 -2.99 -6.93 -5.18
C PHE A 66 -4.27 -7.71 -4.86
N LEU A 67 -5.39 -7.25 -5.34
CA LEU A 67 -6.67 -7.96 -5.07
C LEU A 67 -6.58 -9.39 -5.63
N ASP A 68 -5.86 -9.57 -6.70
CA ASP A 68 -5.73 -10.93 -7.31
C ASP A 68 -4.97 -11.86 -6.34
N VAL A 69 -4.02 -11.32 -5.63
CA VAL A 69 -3.22 -12.17 -4.70
C VAL A 69 -4.08 -12.67 -3.53
N ILE A 70 -4.99 -11.88 -3.03
CA ILE A 70 -5.82 -12.33 -1.88
C ILE A 70 -6.44 -13.72 -2.15
N PRO A 71 -7.19 -13.89 -3.22
CA PRO A 71 -7.82 -15.21 -3.53
C PRO A 71 -6.78 -16.29 -3.79
N PHE A 72 -5.59 -15.91 -4.18
CA PHE A 72 -4.55 -16.92 -4.45
C PHE A 72 -4.01 -17.48 -3.13
N TRP A 73 -4.10 -16.73 -2.06
CA TRP A 73 -3.60 -17.23 -0.75
C TRP A 73 -4.68 -18.07 -0.07
N LYS A 74 -5.83 -18.18 -0.68
CA LYS A 74 -6.92 -18.99 -0.07
C LYS A 74 -6.97 -18.75 1.44
N LEU A 75 -7.26 -17.54 1.86
CA LEU A 75 -7.31 -17.26 3.32
C LEU A 75 -8.58 -17.86 3.92
N ASP A 76 -8.51 -18.39 5.11
CA ASP A 76 -9.72 -18.99 5.74
C ASP A 76 -10.62 -17.88 6.27
N LEU A 77 -11.88 -17.91 5.94
CA LEU A 77 -12.82 -16.87 6.42
C LEU A 77 -12.98 -16.96 7.94
N ASP A 78 -12.79 -18.13 8.49
CA ASP A 78 -12.95 -18.28 9.97
C ASP A 78 -11.70 -17.81 10.70
N GLN A 79 -10.62 -17.61 10.00
CA GLN A 79 -9.37 -17.14 10.67
C GLN A 79 -9.08 -15.70 10.25
N ASP A 80 -8.52 -14.92 11.14
CA ASP A 80 -8.21 -13.51 10.79
C ASP A 80 -6.85 -13.42 10.11
N TYR A 81 -6.71 -12.55 9.14
CA TYR A 81 -5.41 -12.41 8.42
C TYR A 81 -4.99 -10.94 8.39
N ARG A 82 -3.76 -10.65 8.70
CA ARG A 82 -3.31 -9.22 8.64
C ARG A 82 -2.43 -9.05 7.40
N VAL A 83 -2.82 -8.17 6.52
CA VAL A 83 -2.00 -7.95 5.28
C VAL A 83 -1.59 -6.49 5.18
N THR A 84 -0.36 -6.22 4.83
CA THR A 84 0.10 -4.81 4.70
C THR A 84 0.49 -4.54 3.25
N CYS A 85 0.34 -3.33 2.82
CA CYS A 85 0.69 -2.99 1.41
C CYS A 85 1.44 -1.65 1.35
N PHE A 86 2.61 -1.65 0.77
CA PHE A 86 3.38 -0.38 0.66
C PHE A 86 3.42 0.06 -0.80
N THR A 87 2.95 1.25 -1.08
CA THR A 87 2.94 1.74 -2.49
C THR A 87 3.35 3.21 -2.54
N SER A 88 3.91 3.65 -3.64
CA SER A 88 4.34 5.08 -3.73
C SER A 88 3.48 5.82 -4.77
N TRP A 89 2.18 5.78 -4.62
CA TRP A 89 1.29 6.49 -5.57
C TRP A 89 -0.08 6.66 -4.91
N SER A 90 -0.97 7.40 -5.53
CA SER A 90 -2.32 7.59 -4.92
C SER A 90 -3.34 6.70 -5.62
N PRO A 91 -4.39 6.32 -4.92
CA PRO A 91 -5.47 5.45 -5.48
C PRO A 91 -6.39 6.22 -6.44
N CYS A 92 -7.19 5.52 -7.21
CA CYS A 92 -8.11 6.19 -8.15
C CYS A 92 -9.56 5.90 -7.75
N PHE A 93 -10.51 6.54 -8.38
CA PHE A 93 -11.94 6.31 -8.02
C PHE A 93 -12.28 4.82 -8.16
N SER A 94 -11.86 4.20 -9.23
CA SER A 94 -12.17 2.75 -9.43
C SER A 94 -11.54 1.93 -8.30
N CYS A 95 -10.33 2.26 -7.93
CA CYS A 95 -9.65 1.49 -6.84
C CYS A 95 -10.29 1.84 -5.48
N ALA A 96 -10.70 3.07 -5.30
CA ALA A 96 -11.31 3.47 -4.00
C ALA A 96 -12.57 2.64 -3.75
N GLN A 97 -13.40 2.48 -4.74
CA GLN A 97 -14.65 1.70 -4.55
C GLN A 97 -14.32 0.22 -4.30
N GLU A 98 -13.33 -0.30 -4.96
CA GLU A 98 -12.99 -1.75 -4.76
C GLU A 98 -12.43 -1.98 -3.35
N MET A 99 -11.56 -1.14 -2.88
CA MET A 99 -11.00 -1.34 -1.52
C MET A 99 -12.10 -1.23 -0.46
N ALA A 100 -13.01 -0.32 -0.63
CA ALA A 100 -14.09 -0.18 0.38
C ALA A 100 -14.99 -1.43 0.37
N LYS A 101 -15.39 -1.87 -0.79
CA LYS A 101 -16.27 -3.08 -0.87
C LYS A 101 -15.52 -4.33 -0.35
N PHE A 102 -14.25 -4.44 -0.63
CA PHE A 102 -13.49 -5.64 -0.19
C PHE A 102 -13.56 -5.78 1.34
N ILE A 103 -13.25 -4.73 2.06
CA ILE A 103 -13.29 -4.83 3.54
C ILE A 103 -14.70 -5.11 4.01
N SER A 104 -15.68 -4.54 3.38
CA SER A 104 -17.09 -4.79 3.79
C SER A 104 -17.38 -6.30 3.67
N LYS A 105 -16.85 -6.93 2.66
CA LYS A 105 -17.10 -8.39 2.49
C LYS A 105 -16.21 -9.18 3.46
N ASN A 106 -15.13 -8.60 3.89
CA ASN A 106 -14.23 -9.33 4.84
C ASN A 106 -13.60 -8.32 5.81
N LYS A 107 -14.26 -8.05 6.89
CA LYS A 107 -13.70 -7.08 7.88
C LYS A 107 -12.77 -7.81 8.85
N HIS A 108 -12.65 -9.09 8.72
CA HIS A 108 -11.76 -9.86 9.64
C HIS A 108 -10.30 -9.72 9.19
N VAL A 109 -10.07 -9.07 8.08
CA VAL A 109 -8.67 -8.91 7.59
C VAL A 109 -8.16 -7.51 7.97
N SER A 110 -6.99 -7.43 8.52
CA SER A 110 -6.44 -6.09 8.87
C SER A 110 -5.63 -5.60 7.67
N LEU A 111 -6.14 -4.62 6.97
CA LEU A 111 -5.42 -4.12 5.78
C LEU A 111 -4.91 -2.69 6.01
N CYS A 112 -3.65 -2.46 5.75
CA CYS A 112 -3.08 -1.09 5.94
C CYS A 112 -2.31 -0.71 4.67
N ILE A 113 -2.62 0.42 4.09
CA ILE A 113 -1.91 0.82 2.84
C ILE A 113 -1.08 2.08 3.09
N PHE A 114 0.19 2.05 2.81
CA PHE A 114 1.02 3.26 3.02
C PHE A 114 1.32 3.90 1.67
N THR A 115 0.98 5.15 1.52
CA THR A 115 1.24 5.82 0.21
C THR A 115 2.41 6.79 0.37
N ALA A 116 3.43 6.65 -0.44
CA ALA A 116 4.59 7.57 -0.33
C ALA A 116 4.12 8.98 -0.69
N ARG A 117 3.24 9.11 -1.64
CA ARG A 117 2.76 10.47 -2.01
C ARG A 117 1.46 10.40 -2.81
N ILE A 118 0.75 11.49 -2.89
CA ILE A 118 -0.53 11.52 -3.66
C ILE A 118 -0.41 12.54 -4.80
N TYR A 119 -0.59 12.10 -6.02
CA TYR A 119 -0.49 13.04 -7.17
C TYR A 119 -1.83 13.13 -7.89
N ASP A 120 -2.40 14.29 -7.98
CA ASP A 120 -3.71 14.44 -8.68
C ASP A 120 -3.64 15.63 -9.64
N ASP A 121 -4.00 15.42 -10.88
CA ASP A 121 -3.95 16.55 -11.86
C ASP A 121 -4.86 17.68 -11.38
N GLN A 122 -6.01 17.33 -10.85
CA GLN A 122 -6.94 18.38 -10.36
C GLN A 122 -7.48 17.97 -8.98
N GLY A 123 -7.92 18.90 -8.18
CA GLY A 123 -8.44 18.54 -6.84
C GLY A 123 -9.92 18.18 -6.94
N ARG A 124 -10.25 16.92 -6.85
CA ARG A 124 -11.67 16.51 -6.94
C ARG A 124 -11.85 15.14 -6.27
N CYS A 125 -10.78 14.40 -6.15
CA CYS A 125 -10.87 13.05 -5.52
C CYS A 125 -10.77 13.18 -4.00
N GLN A 126 -10.69 14.39 -3.51
CA GLN A 126 -10.58 14.57 -2.03
C GLN A 126 -11.76 13.88 -1.33
N GLU A 127 -12.93 13.97 -1.90
CA GLU A 127 -14.11 13.31 -1.27
C GLU A 127 -13.92 11.79 -1.29
N GLY A 128 -13.37 11.26 -2.36
CA GLY A 128 -13.15 9.79 -2.43
C GLY A 128 -12.17 9.37 -1.34
N LEU A 129 -11.18 10.17 -1.07
CA LEU A 129 -10.18 9.80 -0.02
C LEU A 129 -10.89 9.65 1.33
N ARG A 130 -11.84 10.49 1.62
CA ARG A 130 -12.55 10.35 2.92
C ARG A 130 -13.25 9.00 2.98
N THR A 131 -13.90 8.62 1.92
CA THR A 131 -14.58 7.29 1.90
C THR A 131 -13.50 6.21 1.98
N LEU A 132 -12.42 6.41 1.28
CA LEU A 132 -11.33 5.40 1.29
C LEU A 132 -10.80 5.24 2.71
N ALA A 133 -10.66 6.31 3.43
CA ALA A 133 -10.15 6.21 4.83
C ALA A 133 -11.15 5.44 5.68
N GLU A 134 -12.42 5.60 5.42
CA GLU A 134 -13.45 4.89 6.23
C GLU A 134 -13.49 3.40 5.86
N ALA A 135 -13.68 3.10 4.59
CA ALA A 135 -13.75 1.67 4.17
C ALA A 135 -12.54 1.29 3.33
N GLY A 136 -11.83 2.24 2.80
CA GLY A 136 -10.64 1.90 1.96
C GLY A 136 -9.48 1.52 2.88
N ALA A 137 -9.77 0.79 3.92
CA ALA A 137 -8.69 0.37 4.86
C ALA A 137 -7.98 1.58 5.44
N LYS A 138 -7.06 1.35 6.33
CA LYS A 138 -6.33 2.47 6.98
C LYS A 138 -5.17 2.93 6.09
N ILE A 139 -5.04 4.22 5.88
CA ILE A 139 -3.93 4.73 5.04
C ILE A 139 -3.11 5.76 5.82
N SER A 140 -1.82 5.70 5.71
CA SER A 140 -0.97 6.68 6.46
C SER A 140 0.23 7.08 5.59
N ILE A 141 0.85 8.19 5.92
CA ILE A 141 2.02 8.64 5.12
C ILE A 141 3.27 7.96 5.67
N MET A 142 4.17 7.55 4.81
CA MET A 142 5.39 6.86 5.29
C MET A 142 6.24 7.83 6.11
N THR A 143 6.72 7.39 7.24
CA THR A 143 7.55 8.26 8.12
C THR A 143 8.92 7.62 8.32
N TYR A 144 9.86 8.35 8.85
CA TYR A 144 11.23 7.78 9.07
C TYR A 144 11.10 6.49 9.89
N SER A 145 10.29 6.50 10.92
CA SER A 145 10.15 5.28 11.76
C SER A 145 9.57 4.15 10.90
N GLU A 146 8.54 4.43 10.15
CA GLU A 146 7.93 3.37 9.30
C GLU A 146 8.90 3.00 8.18
N PHE A 147 9.61 3.96 7.66
CA PHE A 147 10.58 3.65 6.56
C PHE A 147 11.63 2.66 7.06
N LYS A 148 12.14 2.85 8.25
CA LYS A 148 13.16 1.92 8.78
C LYS A 148 12.61 0.49 8.80
N HIS A 149 11.38 0.34 9.22
CA HIS A 149 10.78 -1.03 9.26
C HIS A 149 10.71 -1.59 7.84
N CYS A 150 10.19 -0.83 6.91
CA CYS A 150 10.11 -1.32 5.52
C CYS A 150 11.53 -1.50 4.97
N TRP A 151 12.38 -0.55 5.24
CA TRP A 151 13.79 -0.66 4.75
C TRP A 151 14.46 -1.90 5.34
N ASP A 152 14.26 -2.16 6.60
CA ASP A 152 14.92 -3.35 7.21
C ASP A 152 14.25 -4.65 6.74
N THR A 153 12.95 -4.68 6.65
CA THR A 153 12.26 -5.94 6.24
C THR A 153 12.38 -6.21 4.74
N PHE A 154 12.08 -5.25 3.91
CA PHE A 154 12.15 -5.50 2.44
C PHE A 154 13.60 -5.60 1.96
N VAL A 155 14.48 -4.78 2.47
CA VAL A 155 15.90 -4.84 2.03
C VAL A 155 16.81 -4.96 3.26
N ASP A 156 17.87 -5.71 3.17
CA ASP A 156 18.78 -5.86 4.34
C ASP A 156 19.72 -4.65 4.42
N HIS A 157 19.61 -3.89 5.47
CA HIS A 157 20.49 -2.70 5.62
C HIS A 157 21.87 -3.14 6.10
N GLN A 158 22.03 -4.40 6.39
CA GLN A 158 23.35 -4.90 6.86
C GLN A 158 24.45 -4.43 5.90
N GLY A 159 25.49 -3.85 6.41
CA GLY A 159 26.58 -3.37 5.52
C GLY A 159 26.14 -2.07 4.85
N CYS A 160 24.86 -1.80 4.85
CA CYS A 160 24.35 -0.55 4.21
C CYS A 160 23.51 0.24 5.22
N PRO A 161 24.15 1.00 6.06
CA PRO A 161 23.45 1.83 7.09
C PRO A 161 22.54 2.88 6.46
N PHE A 162 21.42 3.17 7.09
CA PHE A 162 20.50 4.19 6.51
C PHE A 162 20.77 5.54 7.17
N GLN A 163 21.00 6.56 6.38
CA GLN A 163 21.27 7.91 6.94
C GLN A 163 20.05 8.81 6.72
N PRO A 164 19.51 9.41 7.76
CA PRO A 164 18.32 10.29 7.62
C PRO A 164 18.64 11.58 6.87
N TRP A 165 17.79 11.97 5.98
CA TRP A 165 18.01 13.22 5.21
C TRP A 165 16.71 14.03 5.17
N ASP A 166 16.78 15.29 4.84
CA ASP A 166 15.54 16.11 4.81
C ASP A 166 14.83 15.90 3.47
N GLY A 167 14.99 14.76 2.87
CA GLY A 167 14.31 14.50 1.57
C GLY A 167 12.92 13.96 1.88
N LEU A 168 12.84 13.02 2.78
CA LEU A 168 11.52 12.45 3.15
C LEU A 168 10.68 13.56 3.78
N ASP A 169 11.29 14.45 4.51
CA ASP A 169 10.52 15.55 5.15
C ASP A 169 9.89 16.43 4.08
N GLU A 170 10.60 16.70 3.00
CA GLU A 170 10.02 17.54 1.93
C GLU A 170 8.79 16.85 1.33
N HIS A 171 8.88 15.57 1.09
CA HIS A 171 7.71 14.84 0.52
C HIS A 171 6.60 14.83 1.57
N SER A 172 6.95 14.59 2.80
CA SER A 172 5.92 14.55 3.88
C SER A 172 5.21 15.91 3.93
N GLN A 173 5.92 16.96 3.66
CA GLN A 173 5.29 18.32 3.69
C GLN A 173 4.11 18.35 2.71
N ASP A 174 4.30 17.83 1.54
CA ASP A 174 3.18 17.84 0.54
C ASP A 174 2.04 16.96 1.04
N LEU A 175 2.35 15.77 1.45
CA LEU A 175 1.29 14.84 1.94
C LEU A 175 0.69 15.37 3.24
N SER A 176 1.50 15.89 4.12
CA SER A 176 0.97 16.41 5.40
C SER A 176 0.05 17.60 5.12
N GLY A 177 0.42 18.44 4.19
CA GLY A 177 -0.43 19.61 3.87
C GLY A 177 -1.69 19.14 3.13
N ARG A 178 -1.53 18.40 2.07
CA ARG A 178 -2.71 17.93 1.30
C ARG A 178 -3.54 16.96 2.15
N LEU A 179 -2.91 16.06 2.83
CA LEU A 179 -3.67 15.09 3.67
C LEU A 179 -4.41 15.85 4.76
N ARG A 180 -3.80 16.84 5.33
CA ARG A 180 -4.49 17.63 6.40
C ARG A 180 -5.80 18.19 5.86
N ALA A 181 -5.79 18.64 4.63
CA ALA A 181 -7.03 19.22 4.05
C ALA A 181 -8.15 18.18 4.07
N ILE A 182 -7.84 16.96 3.75
CA ILE A 182 -8.89 15.90 3.75
C ILE A 182 -9.45 15.75 5.16
N LEU A 183 -8.60 15.57 6.14
CA LEU A 183 -9.07 15.44 7.54
C LEU A 183 -9.61 16.78 8.04
N GLN A 184 -9.04 17.86 7.58
CA GLN A 184 -9.51 19.21 8.03
C GLN A 184 -10.97 19.39 7.61
N ASN A 185 -11.33 18.87 6.47
CA ASN A 185 -12.73 19.00 6.00
C ASN A 185 -13.58 17.96 6.70
N GLN A 186 -13.03 17.28 7.66
CA GLN A 186 -13.82 16.27 8.39
C GLN A 186 -15.05 16.94 8.98
N GLU A 187 -16.17 16.84 8.33
CA GLU A 187 -17.40 17.50 8.85
C GLU A 187 -17.85 16.80 10.12
N ASN A 188 -18.17 17.55 11.14
CA ASN A 188 -18.62 16.94 12.42
C ASN A 188 -19.98 16.27 12.20
N MET A 1 17.31 -12.56 -3.41
CA MET A 1 17.11 -11.09 -3.30
C MET A 1 17.94 -10.38 -4.36
N ASP A 2 17.35 -9.43 -5.04
CA ASP A 2 18.09 -8.69 -6.09
C ASP A 2 18.51 -7.34 -5.51
N PRO A 3 19.46 -6.68 -6.12
CA PRO A 3 19.93 -5.37 -5.64
C PRO A 3 18.77 -4.56 -5.06
N PRO A 4 19.05 -3.63 -4.18
CA PRO A 4 18.01 -2.78 -3.52
C PRO A 4 16.86 -2.34 -4.44
N THR A 5 16.10 -3.27 -4.97
CA THR A 5 14.98 -2.89 -5.86
C THR A 5 13.86 -2.24 -5.04
N PHE A 6 13.55 -2.80 -3.89
CA PHE A 6 12.47 -2.21 -3.06
C PHE A 6 12.87 -0.79 -2.66
N THR A 7 14.07 -0.61 -2.20
CA THR A 7 14.53 0.74 -1.81
C THR A 7 14.63 1.63 -3.05
N PHE A 8 15.18 1.11 -4.11
CA PHE A 8 15.31 1.91 -5.35
C PHE A 8 13.92 2.27 -5.87
N ASN A 9 13.05 1.31 -5.91
CA ASN A 9 11.67 1.56 -6.42
C ASN A 9 10.98 2.65 -5.59
N PHE A 10 11.10 2.61 -4.29
CA PHE A 10 10.44 3.65 -3.45
C PHE A 10 11.16 5.00 -3.61
N ASN A 11 12.46 4.97 -3.73
CA ASN A 11 13.23 6.23 -3.87
C ASN A 11 13.24 6.66 -5.35
N ASN A 12 12.50 5.99 -6.18
CA ASN A 12 12.50 6.34 -7.63
C ASN A 12 11.48 7.45 -7.93
N GLU A 13 10.89 8.05 -6.93
CA GLU A 13 9.90 9.13 -7.23
C GLU A 13 10.56 10.22 -8.08
N PRO A 14 11.70 10.75 -7.68
CA PRO A 14 12.39 11.82 -8.47
C PRO A 14 13.12 11.27 -9.72
N TRP A 15 13.53 10.03 -9.69
CA TRP A 15 14.27 9.46 -10.85
C TRP A 15 13.31 9.13 -12.01
N VAL A 16 12.05 8.94 -11.74
CA VAL A 16 11.10 8.60 -12.83
C VAL A 16 11.12 9.68 -13.91
N ARG A 17 11.66 9.37 -15.07
CA ARG A 17 11.68 10.37 -16.17
C ARG A 17 10.28 10.51 -16.74
N GLY A 18 9.32 9.90 -16.10
CA GLY A 18 7.91 9.96 -16.57
C GLY A 18 7.56 8.66 -17.30
N ARG A 19 8.50 7.76 -17.43
CA ARG A 19 8.21 6.46 -18.09
C ARG A 19 8.80 5.34 -17.23
N HIS A 20 8.21 5.08 -16.09
CA HIS A 20 8.74 4.02 -15.19
C HIS A 20 7.60 3.14 -14.69
N GLU A 21 7.93 2.07 -14.00
CA GLU A 21 6.87 1.18 -13.45
C GLU A 21 7.17 0.96 -11.97
N THR A 22 6.19 0.57 -11.20
CA THR A 22 6.43 0.35 -9.75
C THR A 22 5.95 -1.06 -9.35
N TYR A 23 6.60 -1.64 -8.38
CA TYR A 23 6.20 -3.00 -7.92
C TYR A 23 5.61 -2.88 -6.52
N LEU A 24 4.61 -3.67 -6.21
CA LEU A 24 4.00 -3.59 -4.86
C LEU A 24 4.39 -4.83 -4.06
N CYS A 25 4.69 -4.67 -2.80
CA CYS A 25 5.07 -5.83 -1.95
C CYS A 25 4.04 -6.00 -0.85
N TYR A 26 3.61 -7.21 -0.60
CA TYR A 26 2.59 -7.41 0.47
C TYR A 26 2.91 -8.68 1.27
N GLU A 27 2.25 -8.83 2.37
CA GLU A 27 2.48 -10.03 3.22
C GLU A 27 1.12 -10.54 3.67
N VAL A 28 1.02 -11.79 4.04
CA VAL A 28 -0.28 -12.34 4.47
C VAL A 28 -0.12 -13.06 5.81
N GLU A 29 -1.05 -12.86 6.70
CA GLU A 29 -0.98 -13.51 8.04
C GLU A 29 -2.27 -14.30 8.27
N ARG A 30 -2.22 -15.31 9.09
CA ARG A 30 -3.45 -16.12 9.35
C ARG A 30 -3.92 -15.89 10.79
N MET A 31 -5.15 -15.49 10.96
CA MET A 31 -5.67 -15.24 12.34
C MET A 31 -6.90 -16.10 12.59
N HIS A 32 -6.92 -16.81 13.69
CA HIS A 32 -8.10 -17.66 14.03
C HIS A 32 -8.68 -17.17 15.36
N ASN A 33 -9.97 -17.12 15.49
CA ASN A 33 -10.56 -16.62 16.77
C ASN A 33 -10.06 -17.49 17.93
N ASP A 34 -9.97 -18.78 17.72
CA ASP A 34 -9.49 -19.68 18.81
C ASP A 34 -7.98 -19.52 19.00
N THR A 35 -7.24 -19.30 17.94
CA THR A 35 -5.76 -19.16 18.07
C THR A 35 -5.23 -18.10 17.11
N TRP A 36 -4.03 -17.65 17.34
CA TRP A 36 -3.43 -16.63 16.43
C TRP A 36 -2.22 -17.27 15.74
N VAL A 37 -2.12 -17.13 14.44
CA VAL A 37 -0.97 -17.74 13.71
C VAL A 37 -0.19 -16.64 12.96
N LEU A 38 1.09 -16.57 13.21
CA LEU A 38 1.92 -15.55 12.52
C LEU A 38 2.60 -16.16 11.31
N LEU A 39 2.17 -15.80 10.13
CA LEU A 39 2.78 -16.36 8.90
C LEU A 39 3.94 -15.45 8.48
N ASN A 40 4.49 -14.71 9.41
CA ASN A 40 5.62 -13.79 9.06
C ASN A 40 6.78 -14.59 8.51
N GLN A 41 6.89 -15.84 8.88
CA GLN A 41 8.01 -16.68 8.37
C GLN A 41 8.01 -16.65 6.84
N ARG A 42 6.85 -16.56 6.24
CA ARG A 42 6.78 -16.52 4.75
C ARG A 42 6.29 -15.14 4.30
N ARG A 43 6.77 -14.67 3.18
CA ARG A 43 6.35 -13.33 2.68
C ARG A 43 5.84 -13.45 1.24
N GLY A 44 5.17 -12.45 0.75
CA GLY A 44 4.65 -12.51 -0.65
C GLY A 44 5.01 -11.22 -1.39
N PHE A 45 5.11 -11.29 -2.69
CA PHE A 45 5.46 -10.07 -3.47
C PHE A 45 4.46 -9.91 -4.62
N LEU A 46 4.23 -8.69 -5.06
CA LEU A 46 3.29 -8.47 -6.19
C LEU A 46 3.99 -7.71 -7.30
N CYS A 47 3.77 -8.09 -8.52
CA CYS A 47 4.43 -7.39 -9.66
C CYS A 47 3.52 -6.27 -10.15
N ASN A 48 4.06 -5.35 -10.90
CA ASN A 48 3.23 -4.23 -11.42
C ASN A 48 2.20 -4.79 -12.40
N GLN A 49 2.44 -5.96 -12.92
CA GLN A 49 1.48 -6.57 -13.88
C GLN A 49 0.49 -7.45 -13.11
N ALA A 50 -0.79 -7.25 -13.31
CA ALA A 50 -1.79 -8.07 -12.60
C ALA A 50 -1.81 -9.49 -13.20
N PRO A 51 -2.13 -10.48 -12.41
CA PRO A 51 -2.18 -11.89 -12.89
C PRO A 51 -3.23 -12.10 -14.00
N HIS A 52 -2.88 -12.85 -15.00
CA HIS A 52 -3.84 -13.11 -16.12
C HIS A 52 -5.09 -13.80 -15.58
N LYS A 53 -4.93 -14.62 -14.58
CA LYS A 53 -6.08 -15.36 -13.99
C LYS A 53 -7.16 -14.37 -13.52
N HIS A 54 -6.78 -13.17 -13.16
CA HIS A 54 -7.80 -12.21 -12.66
C HIS A 54 -8.75 -11.83 -13.80
N GLY A 55 -8.33 -11.94 -15.03
CA GLY A 55 -9.22 -11.61 -16.17
C GLY A 55 -8.73 -10.35 -16.88
N PHE A 56 -9.63 -9.56 -17.39
CA PHE A 56 -9.23 -8.31 -18.08
C PHE A 56 -8.93 -7.23 -17.05
N LEU A 57 -8.26 -6.18 -17.44
CA LEU A 57 -7.95 -5.12 -16.44
C LEU A 57 -9.25 -4.55 -15.88
N GLU A 58 -9.29 -4.34 -14.59
CA GLU A 58 -10.51 -3.79 -13.96
C GLU A 58 -10.26 -2.33 -13.59
N GLY A 59 -9.40 -1.67 -14.34
CA GLY A 59 -9.07 -0.25 -14.06
C GLY A 59 -7.54 -0.12 -13.96
N ARG A 60 -6.98 0.94 -14.47
CA ARG A 60 -5.50 1.07 -14.40
C ARG A 60 -5.08 1.72 -13.08
N HIS A 61 -4.92 0.93 -12.06
CA HIS A 61 -4.49 1.48 -10.74
C HIS A 61 -3.64 0.42 -10.02
N ALA A 62 -2.62 0.83 -9.31
CA ALA A 62 -1.77 -0.16 -8.60
C ALA A 62 -2.58 -0.89 -7.52
N GLU A 63 -3.52 -0.21 -6.92
CA GLU A 63 -4.34 -0.86 -5.84
C GLU A 63 -5.12 -2.04 -6.42
N LEU A 64 -5.62 -1.93 -7.62
CA LEU A 64 -6.38 -3.05 -8.22
C LEU A 64 -5.49 -4.29 -8.35
N CYS A 65 -4.25 -4.11 -8.71
CA CYS A 65 -3.35 -5.29 -8.84
C CYS A 65 -3.35 -6.05 -7.52
N PHE A 66 -3.23 -5.35 -6.43
CA PHE A 66 -3.26 -6.03 -5.11
C PHE A 66 -4.63 -6.70 -4.92
N LEU A 67 -5.67 -6.03 -5.34
CA LEU A 67 -7.03 -6.60 -5.21
C LEU A 67 -7.07 -7.95 -5.93
N ASP A 68 -6.35 -8.08 -7.01
CA ASP A 68 -6.33 -9.37 -7.77
C ASP A 68 -5.66 -10.46 -6.92
N VAL A 69 -4.71 -10.08 -6.10
CA VAL A 69 -3.99 -11.09 -5.28
C VAL A 69 -4.91 -11.70 -4.21
N ILE A 70 -5.80 -10.93 -3.64
CA ILE A 70 -6.69 -11.50 -2.59
C ILE A 70 -7.38 -12.79 -3.08
N PRO A 71 -8.10 -12.76 -4.17
CA PRO A 71 -8.80 -13.96 -4.69
C PRO A 71 -7.81 -15.07 -5.05
N PHE A 72 -6.58 -14.72 -5.34
CA PHE A 72 -5.58 -15.75 -5.70
C PHE A 72 -5.16 -16.52 -4.45
N TRP A 73 -5.25 -15.91 -3.29
CA TRP A 73 -4.86 -16.63 -2.04
C TRP A 73 -6.07 -17.37 -1.47
N LYS A 74 -7.20 -17.25 -2.11
CA LYS A 74 -8.42 -17.96 -1.60
C LYS A 74 -8.48 -17.87 -0.08
N LEU A 75 -8.62 -16.69 0.46
CA LEU A 75 -8.70 -16.56 1.95
C LEU A 75 -10.08 -16.99 2.43
N ASP A 76 -10.16 -17.62 3.57
CA ASP A 76 -11.48 -18.06 4.09
C ASP A 76 -12.20 -16.89 4.72
N LEU A 77 -13.41 -16.63 4.31
CA LEU A 77 -14.19 -15.49 4.88
C LEU A 77 -14.55 -15.77 6.34
N ASP A 78 -14.64 -17.02 6.71
CA ASP A 78 -15.00 -17.35 8.12
C ASP A 78 -13.78 -17.24 9.04
N GLN A 79 -12.62 -17.16 8.46
CA GLN A 79 -11.39 -17.04 9.30
C GLN A 79 -10.85 -15.62 9.22
N ASP A 80 -10.29 -15.11 10.30
CA ASP A 80 -9.75 -13.73 10.28
C ASP A 80 -8.43 -13.71 9.53
N TYR A 81 -8.18 -12.68 8.76
CA TYR A 81 -6.89 -12.61 8.01
C TYR A 81 -6.36 -11.19 8.03
N ARG A 82 -5.07 -11.02 8.16
CA ARG A 82 -4.47 -9.65 8.17
C ARG A 82 -3.52 -9.53 6.99
N VAL A 83 -3.78 -8.60 6.09
CA VAL A 83 -2.90 -8.42 4.90
C VAL A 83 -2.38 -6.99 4.85
N THR A 84 -1.12 -6.81 4.54
CA THR A 84 -0.55 -5.43 4.48
C THR A 84 -0.07 -5.13 3.06
N CYS A 85 -0.08 -3.89 2.67
CA CYS A 85 0.38 -3.53 1.29
C CYS A 85 1.29 -2.30 1.33
N PHE A 86 2.45 -2.41 0.73
CA PHE A 86 3.38 -1.23 0.69
C PHE A 86 3.46 -0.74 -0.75
N THR A 87 3.07 0.49 -0.99
CA THR A 87 3.10 1.02 -2.39
C THR A 87 3.62 2.46 -2.41
N SER A 88 4.17 2.89 -3.52
CA SER A 88 4.70 4.28 -3.61
C SER A 88 3.81 5.12 -4.53
N TRP A 89 2.52 5.14 -4.27
CA TRP A 89 1.59 5.96 -5.12
C TRP A 89 0.30 6.14 -4.32
N SER A 90 -0.54 7.07 -4.73
CA SER A 90 -1.82 7.29 -4.00
C SER A 90 -2.99 7.03 -4.95
N PRO A 91 -4.15 6.75 -4.41
CA PRO A 91 -5.37 6.49 -5.22
C PRO A 91 -5.76 7.70 -6.06
N CYS A 92 -6.04 7.50 -7.32
CA CYS A 92 -6.43 8.65 -8.19
C CYS A 92 -7.85 9.10 -7.84
N PHE A 93 -8.79 8.21 -7.87
CA PHE A 93 -10.20 8.58 -7.53
C PHE A 93 -11.07 7.32 -7.52
N SER A 94 -11.29 6.74 -8.66
CA SER A 94 -12.13 5.50 -8.70
C SER A 94 -11.46 4.41 -7.86
N CYS A 95 -10.17 4.44 -7.76
CA CYS A 95 -9.46 3.40 -6.94
C CYS A 95 -9.81 3.61 -5.47
N ALA A 96 -9.99 4.84 -5.06
CA ALA A 96 -10.33 5.10 -3.64
C ALA A 96 -11.67 4.45 -3.30
N GLN A 97 -12.64 4.59 -4.16
CA GLN A 97 -13.98 3.99 -3.90
C GLN A 97 -13.88 2.46 -3.94
N GLU A 98 -13.08 1.92 -4.82
CA GLU A 98 -12.97 0.44 -4.93
C GLU A 98 -12.43 -0.15 -3.62
N MET A 99 -11.44 0.47 -3.02
CA MET A 99 -10.89 -0.09 -1.75
C MET A 99 -11.96 -0.08 -0.65
N ALA A 100 -12.74 0.96 -0.56
CA ALA A 100 -13.77 1.01 0.51
C ALA A 100 -14.74 -0.16 0.37
N LYS A 101 -15.14 -0.48 -0.84
CA LYS A 101 -16.09 -1.61 -1.04
C LYS A 101 -15.46 -2.92 -0.55
N PHE A 102 -14.17 -3.06 -0.70
CA PHE A 102 -13.50 -4.33 -0.27
C PHE A 102 -13.70 -4.55 1.23
N ILE A 103 -13.42 -3.57 2.05
CA ILE A 103 -13.59 -3.76 3.52
C ILE A 103 -15.06 -4.07 3.82
N SER A 104 -15.97 -3.39 3.18
CA SER A 104 -17.41 -3.64 3.44
C SER A 104 -17.74 -5.09 3.08
N LYS A 105 -17.22 -5.58 1.99
CA LYS A 105 -17.50 -6.99 1.60
C LYS A 105 -16.64 -7.93 2.44
N ASN A 106 -15.55 -7.45 2.97
CA ASN A 106 -14.67 -8.31 3.80
C ASN A 106 -14.26 -7.54 5.06
N LYS A 107 -15.13 -7.47 6.03
CA LYS A 107 -14.80 -6.73 7.27
C LYS A 107 -14.00 -7.65 8.21
N HIS A 108 -13.82 -8.88 7.83
CA HIS A 108 -13.05 -9.82 8.69
C HIS A 108 -11.57 -9.75 8.33
N VAL A 109 -11.23 -9.01 7.31
CA VAL A 109 -9.81 -8.91 6.90
C VAL A 109 -9.23 -7.58 7.37
N SER A 110 -8.09 -7.60 7.99
CA SER A 110 -7.46 -6.32 8.43
C SER A 110 -6.50 -5.87 7.35
N LEU A 111 -6.83 -4.84 6.63
CA LEU A 111 -5.93 -4.38 5.52
C LEU A 111 -5.25 -3.06 5.91
N CYS A 112 -3.98 -2.96 5.67
CA CYS A 112 -3.24 -1.71 5.99
C CYS A 112 -2.42 -1.31 4.75
N ILE A 113 -2.58 -0.10 4.26
CA ILE A 113 -1.82 0.32 3.06
C ILE A 113 -0.84 1.45 3.40
N PHE A 114 0.38 1.34 2.96
CA PHE A 114 1.37 2.43 3.23
C PHE A 114 1.61 3.17 1.93
N THR A 115 1.42 4.46 1.92
CA THR A 115 1.64 5.23 0.67
C THR A 115 2.84 6.17 0.82
N ALA A 116 3.75 6.12 -0.12
CA ALA A 116 4.93 7.02 -0.05
C ALA A 116 4.51 8.46 -0.27
N ARG A 117 3.52 8.68 -1.10
CA ARG A 117 3.08 10.08 -1.38
C ARG A 117 1.56 10.14 -1.53
N ILE A 118 1.00 11.33 -1.45
CA ILE A 118 -0.48 11.50 -1.58
C ILE A 118 -0.79 12.23 -2.89
N TYR A 119 -1.57 11.64 -3.75
CA TYR A 119 -1.90 12.31 -5.04
C TYR A 119 -3.41 12.57 -5.13
N ASP A 120 -3.79 13.81 -5.33
CA ASP A 120 -5.24 14.14 -5.43
C ASP A 120 -5.57 14.49 -6.88
N ASP A 121 -6.44 13.74 -7.51
CA ASP A 121 -6.80 14.05 -8.93
C ASP A 121 -7.43 15.44 -9.02
N GLN A 122 -8.28 15.77 -8.08
CA GLN A 122 -8.94 17.11 -8.11
C GLN A 122 -9.10 17.64 -6.69
N GLY A 123 -9.43 18.89 -6.55
CA GLY A 123 -9.60 19.47 -5.19
C GLY A 123 -10.95 19.01 -4.61
N ARG A 124 -11.32 19.51 -3.47
CA ARG A 124 -12.61 19.09 -2.86
C ARG A 124 -12.67 17.57 -2.77
N CYS A 125 -11.59 16.92 -3.11
CA CYS A 125 -11.56 15.43 -3.04
C CYS A 125 -11.20 14.99 -1.63
N GLN A 126 -11.13 15.92 -0.71
CA GLN A 126 -10.78 15.56 0.70
C GLN A 126 -11.77 14.52 1.22
N GLU A 127 -13.00 14.58 0.79
CA GLU A 127 -14.00 13.59 1.27
C GLU A 127 -13.56 12.19 0.87
N GLY A 128 -13.03 12.03 -0.31
CA GLY A 128 -12.57 10.68 -0.75
C GLY A 128 -11.50 10.17 0.21
N LEU A 129 -10.56 11.00 0.56
CA LEU A 129 -9.48 10.55 1.49
C LEU A 129 -10.09 10.26 2.86
N ARG A 130 -11.00 11.08 3.31
CA ARG A 130 -11.63 10.82 4.63
C ARG A 130 -12.35 9.48 4.59
N THR A 131 -13.11 9.27 3.54
CA THR A 131 -13.83 7.98 3.40
C THR A 131 -12.81 6.86 3.25
N LEU A 132 -11.76 7.11 2.53
CA LEU A 132 -10.72 6.07 2.32
C LEU A 132 -10.15 5.66 3.68
N ALA A 133 -9.92 6.59 4.54
CA ALA A 133 -9.37 6.25 5.88
C ALA A 133 -10.39 5.42 6.66
N GLU A 134 -11.65 5.72 6.49
CA GLU A 134 -12.70 4.96 7.24
C GLU A 134 -12.89 3.58 6.62
N ALA A 135 -13.13 3.50 5.34
CA ALA A 135 -13.34 2.16 4.71
C ALA A 135 -12.18 1.80 3.77
N GLY A 136 -11.40 2.77 3.36
CA GLY A 136 -10.27 2.45 2.45
C GLY A 136 -9.10 1.88 3.25
N ALA A 137 -9.38 1.03 4.20
CA ALA A 137 -8.28 0.44 5.00
C ALA A 137 -7.50 1.57 5.69
N LYS A 138 -6.55 1.22 6.50
CA LYS A 138 -5.76 2.27 7.21
C LYS A 138 -4.62 2.74 6.33
N ILE A 139 -4.43 4.02 6.18
CA ILE A 139 -3.32 4.53 5.32
C ILE A 139 -2.40 5.43 6.14
N SER A 140 -1.12 5.20 6.06
CA SER A 140 -0.15 6.03 6.83
C SER A 140 1.01 6.43 5.94
N ILE A 141 1.70 7.49 6.26
CA ILE A 141 2.85 7.93 5.42
C ILE A 141 4.06 7.07 5.77
N MET A 142 4.89 6.76 4.80
CA MET A 142 6.07 5.90 5.09
C MET A 142 7.11 6.71 5.90
N THR A 143 7.66 6.10 6.92
CA THR A 143 8.68 6.80 7.76
C THR A 143 9.98 6.00 7.74
N TYR A 144 11.07 6.63 8.05
CA TYR A 144 12.37 5.89 8.04
C TYR A 144 12.29 4.68 8.98
N SER A 145 11.64 4.83 10.10
CA SER A 145 11.53 3.67 11.04
C SER A 145 10.81 2.52 10.32
N GLU A 146 9.71 2.82 9.69
CA GLU A 146 8.96 1.76 8.97
C GLU A 146 9.78 1.31 7.75
N PHE A 147 10.49 2.22 7.15
CA PHE A 147 11.31 1.86 5.96
C PHE A 147 12.33 0.78 6.35
N LYS A 148 12.99 0.95 7.46
CA LYS A 148 13.99 -0.08 7.88
C LYS A 148 13.31 -1.44 7.99
N HIS A 149 12.13 -1.48 8.55
CA HIS A 149 11.42 -2.78 8.68
C HIS A 149 11.07 -3.31 7.29
N CYS A 150 10.47 -2.49 6.47
CA CYS A 150 10.12 -2.96 5.09
C CYS A 150 11.42 -3.29 4.35
N TRP A 151 12.42 -2.50 4.54
CA TRP A 151 13.72 -2.75 3.85
C TRP A 151 14.27 -4.11 4.29
N ASP A 152 14.39 -4.34 5.56
CA ASP A 152 14.92 -5.64 6.05
C ASP A 152 13.89 -6.76 5.84
N THR A 153 12.63 -6.46 6.02
CA THR A 153 11.58 -7.51 5.89
C THR A 153 11.51 -8.06 4.47
N PHE A 154 11.45 -7.22 3.48
CA PHE A 154 11.35 -7.72 2.08
C PHE A 154 12.74 -8.12 1.55
N VAL A 155 13.73 -7.33 1.84
CA VAL A 155 15.11 -7.66 1.36
C VAL A 155 16.09 -7.60 2.53
N ASP A 156 16.99 -8.53 2.62
CA ASP A 156 17.97 -8.53 3.73
C ASP A 156 18.99 -7.41 3.52
N HIS A 157 19.26 -6.65 4.55
CA HIS A 157 20.26 -5.55 4.41
C HIS A 157 21.66 -6.09 4.64
N GLN A 158 21.77 -7.35 4.99
CA GLN A 158 23.12 -7.93 5.23
C GLN A 158 24.03 -7.62 4.05
N GLY A 159 25.19 -7.10 4.33
CA GLY A 159 26.13 -6.75 3.23
C GLY A 159 25.64 -5.48 2.52
N CYS A 160 24.40 -5.12 2.72
CA CYS A 160 23.86 -3.90 2.07
C CYS A 160 23.27 -2.96 3.13
N PRO A 161 24.10 -2.17 3.75
CA PRO A 161 23.65 -1.19 4.79
C PRO A 161 22.77 -0.09 4.21
N PHE A 162 21.82 0.40 4.98
CA PHE A 162 20.93 1.47 4.47
C PHE A 162 21.49 2.83 4.88
N GLN A 163 21.54 3.77 3.98
CA GLN A 163 22.07 5.12 4.30
C GLN A 163 20.94 6.15 4.18
N PRO A 164 20.29 6.48 5.27
CA PRO A 164 19.18 7.47 5.26
C PRO A 164 19.63 8.84 4.74
N TRP A 165 18.81 9.44 3.92
CA TRP A 165 19.15 10.78 3.37
C TRP A 165 17.98 11.74 3.62
N ASP A 166 18.22 13.02 3.52
CA ASP A 166 17.10 13.99 3.77
C ASP A 166 16.28 14.17 2.50
N GLY A 167 16.20 13.15 1.69
CA GLY A 167 15.39 13.25 0.45
C GLY A 167 13.96 12.81 0.77
N LEU A 168 13.81 11.63 1.30
CA LEU A 168 12.47 11.14 1.68
C LEU A 168 11.89 12.06 2.75
N ASP A 169 12.74 12.55 3.63
CA ASP A 169 12.25 13.44 4.71
C ASP A 169 11.71 14.74 4.11
N GLU A 170 12.35 15.27 3.11
CA GLU A 170 11.83 16.53 2.50
C GLU A 170 10.41 16.27 1.98
N HIS A 171 10.22 15.17 1.32
CA HIS A 171 8.87 14.84 0.81
C HIS A 171 7.94 14.57 1.99
N SER A 172 8.44 13.93 3.01
CA SER A 172 7.58 13.63 4.19
C SER A 172 7.04 14.93 4.80
N GLN A 173 7.81 15.97 4.80
CA GLN A 173 7.30 17.25 5.38
C GLN A 173 6.09 17.73 4.58
N ASP A 174 6.20 17.75 3.28
CA ASP A 174 5.04 18.19 2.45
C ASP A 174 3.94 17.14 2.47
N LEU A 175 4.28 15.90 2.30
CA LEU A 175 3.24 14.83 2.31
C LEU A 175 2.50 14.88 3.64
N SER A 176 3.21 15.04 4.72
CA SER A 176 2.53 15.11 6.04
C SER A 176 1.63 16.33 6.04
N GLY A 177 2.07 17.40 5.43
CA GLY A 177 1.24 18.63 5.38
C GLY A 177 -0.05 18.35 4.61
N ARG A 178 0.04 17.68 3.49
CA ARG A 178 -1.19 17.38 2.70
C ARG A 178 -2.09 16.44 3.50
N LEU A 179 -1.53 15.38 4.03
CA LEU A 179 -2.37 14.43 4.82
C LEU A 179 -2.85 15.15 6.08
N ARG A 180 -1.99 15.95 6.67
CA ARG A 180 -2.38 16.69 7.90
C ARG A 180 -3.61 17.56 7.62
N ALA A 181 -3.66 18.16 6.46
CA ALA A 181 -4.81 19.03 6.13
C ALA A 181 -6.11 18.21 6.13
N ILE A 182 -6.06 17.02 5.61
CA ILE A 182 -7.28 16.17 5.58
C ILE A 182 -7.72 15.86 7.01
N LEU A 183 -6.82 15.38 7.82
CA LEU A 183 -7.19 15.07 9.23
C LEU A 183 -7.43 16.36 10.01
N GLN A 184 -6.71 17.40 9.70
CA GLN A 184 -6.90 18.68 10.43
C GLN A 184 -8.32 19.21 10.19
N ASN A 185 -8.85 18.98 9.02
CA ASN A 185 -10.22 19.47 8.71
C ASN A 185 -11.25 18.52 9.31
N GLN A 186 -10.81 17.57 10.09
CA GLN A 186 -11.78 16.63 10.72
C GLN A 186 -12.97 17.43 11.26
N GLU A 187 -14.03 17.50 10.51
CA GLU A 187 -15.21 18.28 10.99
C GLU A 187 -15.89 17.53 12.13
N ASN A 188 -16.20 18.22 13.19
CA ASN A 188 -16.85 17.57 14.35
C ASN A 188 -18.32 17.99 14.41
N MET A 1 16.68 -11.80 -4.62
CA MET A 1 16.38 -10.35 -4.53
C MET A 1 17.13 -9.60 -5.62
N ASP A 2 16.49 -8.61 -6.21
CA ASP A 2 17.15 -7.83 -7.27
C ASP A 2 17.64 -6.51 -6.66
N PRO A 3 18.54 -5.84 -7.30
CA PRO A 3 19.07 -4.56 -6.79
C PRO A 3 17.97 -3.77 -6.08
N PRO A 4 18.32 -2.90 -5.17
CA PRO A 4 17.34 -2.10 -4.38
C PRO A 4 16.14 -1.59 -5.21
N THR A 5 15.34 -2.48 -5.72
CA THR A 5 14.16 -2.06 -6.53
C THR A 5 13.11 -1.40 -5.64
N PHE A 6 12.85 -1.98 -4.50
CA PHE A 6 11.83 -1.39 -3.59
C PHE A 6 12.32 -0.01 -3.14
N THR A 7 13.56 0.09 -2.76
CA THR A 7 14.11 1.40 -2.31
C THR A 7 14.12 2.36 -3.50
N PHE A 8 14.51 1.90 -4.65
CA PHE A 8 14.55 2.79 -5.83
C PHE A 8 13.13 3.27 -6.16
N ASN A 9 12.21 2.35 -6.22
CA ASN A 9 10.80 2.73 -6.53
C ASN A 9 10.26 3.71 -5.49
N PHE A 10 10.49 3.44 -4.23
CA PHE A 10 9.97 4.38 -3.18
C PHE A 10 10.77 5.68 -3.19
N ASN A 11 12.05 5.60 -3.41
CA ASN A 11 12.89 6.84 -3.42
C ASN A 11 12.78 7.52 -4.79
N ASN A 12 11.91 7.05 -5.64
CA ASN A 12 11.78 7.67 -6.99
C ASN A 12 10.86 8.89 -6.94
N GLU A 13 10.38 9.26 -5.78
CA GLU A 13 9.45 10.43 -5.71
C GLU A 13 10.10 11.67 -6.34
N PRO A 14 11.27 12.06 -5.90
CA PRO A 14 11.98 13.25 -6.43
C PRO A 14 12.64 13.02 -7.79
N TRP A 15 13.11 11.83 -8.06
CA TRP A 15 13.80 11.56 -9.35
C TRP A 15 12.79 11.34 -10.50
N VAL A 16 11.52 11.31 -10.21
CA VAL A 16 10.54 11.09 -11.31
C VAL A 16 10.71 12.18 -12.38
N ARG A 17 11.23 11.82 -13.52
CA ARG A 17 11.42 12.82 -14.61
C ARG A 17 10.13 12.88 -15.44
N GLY A 18 9.08 12.26 -14.96
CA GLY A 18 7.80 12.25 -15.69
C GLY A 18 7.65 10.92 -16.43
N ARG A 19 8.62 10.05 -16.25
CA ARG A 19 8.55 8.72 -16.92
C ARG A 19 8.86 7.64 -15.87
N HIS A 20 7.94 7.36 -15.00
CA HIS A 20 8.19 6.33 -13.95
C HIS A 20 7.03 5.34 -13.91
N GLU A 21 7.31 4.11 -13.56
CA GLU A 21 6.22 3.09 -13.48
C GLU A 21 5.85 2.88 -12.01
N THR A 22 4.70 2.30 -11.75
CA THR A 22 4.28 2.09 -10.33
C THR A 22 4.27 0.59 -10.00
N TYR A 23 4.83 0.23 -8.88
CA TYR A 23 4.85 -1.19 -8.46
C TYR A 23 4.20 -1.32 -7.08
N LEU A 24 3.40 -2.33 -6.87
CA LEU A 24 2.73 -2.49 -5.55
C LEU A 24 3.35 -3.68 -4.81
N CYS A 25 3.55 -3.54 -3.52
CA CYS A 25 4.14 -4.65 -2.72
C CYS A 25 3.20 -4.96 -1.55
N TYR A 26 2.93 -6.22 -1.30
CA TYR A 26 2.02 -6.56 -0.18
C TYR A 26 2.51 -7.80 0.58
N GLU A 27 2.00 -8.02 1.75
CA GLU A 27 2.41 -9.21 2.55
C GLU A 27 1.16 -9.99 2.96
N VAL A 28 1.31 -11.25 3.28
CA VAL A 28 0.12 -12.06 3.67
C VAL A 28 0.36 -12.68 5.05
N GLU A 29 -0.66 -12.70 5.88
CA GLU A 29 -0.51 -13.30 7.23
C GLU A 29 -1.75 -14.13 7.56
N ARG A 30 -1.60 -15.14 8.37
CA ARG A 30 -2.77 -15.99 8.74
C ARG A 30 -3.12 -15.70 10.19
N MET A 31 -4.37 -15.40 10.47
CA MET A 31 -4.76 -15.08 11.87
C MET A 31 -5.84 -16.05 12.36
N HIS A 32 -5.63 -16.62 13.52
CA HIS A 32 -6.63 -17.55 14.09
C HIS A 32 -7.39 -16.81 15.20
N ASN A 33 -8.68 -17.01 15.31
CA ASN A 33 -9.43 -16.28 16.36
C ASN A 33 -8.80 -16.56 17.72
N ASP A 34 -8.44 -17.77 17.99
CA ASP A 34 -7.81 -18.09 19.30
C ASP A 34 -6.34 -17.65 19.30
N THR A 35 -5.68 -17.76 18.17
CA THR A 35 -4.25 -17.37 18.10
C THR A 35 -3.94 -16.71 16.74
N TRP A 36 -2.84 -16.02 16.65
CA TRP A 36 -2.46 -15.37 15.36
C TRP A 36 -1.19 -16.05 14.82
N VAL A 37 -1.13 -16.26 13.54
CA VAL A 37 0.10 -16.90 12.95
C VAL A 37 0.74 -15.93 11.96
N LEU A 38 2.03 -15.76 12.04
CA LEU A 38 2.70 -14.82 11.09
C LEU A 38 3.29 -15.61 9.92
N LEU A 39 2.74 -15.42 8.75
CA LEU A 39 3.27 -16.14 7.56
C LEU A 39 4.46 -15.37 6.99
N ASN A 40 5.34 -14.91 7.84
CA ASN A 40 6.52 -14.15 7.36
C ASN A 40 7.36 -15.01 6.42
N GLN A 41 7.30 -16.31 6.59
CA GLN A 41 8.10 -17.21 5.71
C GLN A 41 7.76 -16.93 4.24
N ARG A 42 6.55 -16.50 3.97
CA ARG A 42 6.16 -16.21 2.56
C ARG A 42 5.96 -14.69 2.37
N ARG A 43 6.26 -14.20 1.21
CA ARG A 43 6.10 -12.73 0.94
C ARG A 43 5.17 -12.53 -0.24
N GLY A 44 4.71 -11.33 -0.46
CA GLY A 44 3.79 -11.08 -1.61
C GLY A 44 4.27 -9.84 -2.38
N PHE A 45 4.24 -9.89 -3.67
CA PHE A 45 4.68 -8.72 -4.47
C PHE A 45 3.71 -8.52 -5.63
N LEU A 46 3.60 -7.31 -6.13
CA LEU A 46 2.66 -7.06 -7.27
C LEU A 46 3.37 -6.21 -8.33
N CYS A 47 3.16 -6.53 -9.57
CA CYS A 47 3.80 -5.76 -10.68
C CYS A 47 2.74 -5.38 -11.70
N ASN A 48 3.11 -4.67 -12.73
CA ASN A 48 2.11 -4.27 -13.75
C ASN A 48 1.62 -5.53 -14.50
N GLN A 49 1.95 -6.69 -13.98
CA GLN A 49 1.51 -7.95 -14.64
C GLN A 49 0.38 -8.59 -13.81
N ALA A 50 -0.82 -8.58 -14.31
CA ALA A 50 -1.95 -9.18 -13.53
C ALA A 50 -2.12 -10.65 -13.94
N PRO A 51 -2.72 -11.46 -13.12
CA PRO A 51 -2.93 -12.90 -13.45
C PRO A 51 -3.55 -13.09 -14.84
N HIS A 52 -2.88 -13.78 -15.71
CA HIS A 52 -3.45 -14.01 -17.08
C HIS A 52 -4.78 -14.71 -16.95
N LYS A 53 -4.90 -15.58 -16.00
CA LYS A 53 -6.17 -16.33 -15.80
C LYS A 53 -7.31 -15.34 -15.52
N HIS A 54 -6.98 -14.16 -15.07
CA HIS A 54 -8.04 -13.16 -14.77
C HIS A 54 -8.68 -12.69 -16.08
N GLY A 55 -7.97 -12.83 -17.18
CA GLY A 55 -8.53 -12.40 -18.50
C GLY A 55 -7.65 -11.31 -19.10
N PHE A 56 -8.25 -10.33 -19.72
CA PHE A 56 -7.45 -9.24 -20.35
C PHE A 56 -7.65 -7.95 -19.54
N LEU A 57 -6.79 -6.99 -19.72
CA LEU A 57 -6.92 -5.72 -18.96
C LEU A 57 -8.28 -5.08 -19.26
N GLU A 58 -9.03 -4.76 -18.24
CA GLU A 58 -10.36 -4.14 -18.47
C GLU A 58 -10.30 -2.66 -18.12
N GLY A 59 -9.15 -2.19 -17.74
CA GLY A 59 -9.00 -0.75 -17.38
C GLY A 59 -7.56 -0.51 -16.91
N ARG A 60 -7.26 0.70 -16.48
CA ARG A 60 -5.87 0.99 -16.00
C ARG A 60 -5.92 1.44 -14.53
N HIS A 61 -5.85 0.51 -13.62
CA HIS A 61 -5.86 0.88 -12.18
C HIS A 61 -5.01 -0.11 -11.38
N ALA A 62 -4.03 0.38 -10.66
CA ALA A 62 -3.16 -0.52 -9.86
C ALA A 62 -3.97 -1.21 -8.77
N GLU A 63 -4.90 -0.51 -8.17
CA GLU A 63 -5.71 -1.13 -7.07
C GLU A 63 -6.49 -2.33 -7.63
N LEU A 64 -6.97 -2.25 -8.83
CA LEU A 64 -7.73 -3.38 -9.41
C LEU A 64 -6.82 -4.62 -9.49
N CYS A 65 -5.59 -4.43 -9.85
CA CYS A 65 -4.66 -5.61 -9.92
C CYS A 65 -4.63 -6.29 -8.56
N PHE A 66 -4.63 -5.52 -7.51
CA PHE A 66 -4.62 -6.10 -6.14
C PHE A 66 -5.88 -6.93 -5.93
N LEU A 67 -6.99 -6.45 -6.43
CA LEU A 67 -8.27 -7.20 -6.27
C LEU A 67 -8.15 -8.58 -6.93
N ASP A 68 -7.40 -8.67 -8.00
CA ASP A 68 -7.23 -9.99 -8.69
C ASP A 68 -6.41 -10.95 -7.82
N VAL A 69 -5.50 -10.44 -7.05
CA VAL A 69 -4.65 -11.31 -6.20
C VAL A 69 -5.47 -11.97 -5.08
N ILE A 70 -6.37 -11.26 -4.47
CA ILE A 70 -7.17 -11.87 -3.35
C ILE A 70 -7.81 -13.20 -3.78
N PRO A 71 -8.57 -13.24 -4.84
CA PRO A 71 -9.22 -14.50 -5.29
C PRO A 71 -8.19 -15.57 -5.68
N PHE A 72 -7.00 -15.17 -6.04
CA PHE A 72 -5.97 -16.17 -6.43
C PHE A 72 -5.42 -16.87 -5.19
N TRP A 73 -5.48 -16.24 -4.04
CA TRP A 73 -4.95 -16.89 -2.81
C TRP A 73 -6.03 -17.78 -2.18
N LYS A 74 -7.21 -17.79 -2.75
CA LYS A 74 -8.29 -18.65 -2.18
C LYS A 74 -8.26 -18.61 -0.65
N LEU A 75 -8.51 -17.46 -0.07
CA LEU A 75 -8.49 -17.37 1.42
C LEU A 75 -9.71 -18.08 2.00
N ASP A 76 -9.54 -18.75 3.12
CA ASP A 76 -10.70 -19.46 3.74
C ASP A 76 -11.61 -18.46 4.43
N LEU A 77 -12.89 -18.55 4.19
CA LEU A 77 -13.84 -17.59 4.83
C LEU A 77 -13.87 -17.82 6.34
N ASP A 78 -13.60 -19.01 6.79
CA ASP A 78 -13.65 -19.30 8.26
C ASP A 78 -12.34 -18.85 8.92
N GLN A 79 -11.33 -18.56 8.16
CA GLN A 79 -10.04 -18.12 8.78
C GLN A 79 -9.84 -16.62 8.55
N ASP A 80 -9.28 -15.93 9.51
CA ASP A 80 -9.05 -14.47 9.34
C ASP A 80 -7.71 -14.24 8.63
N TYR A 81 -7.63 -13.28 7.76
CA TYR A 81 -6.35 -13.01 7.04
C TYR A 81 -5.96 -11.54 7.18
N ARG A 82 -4.70 -11.30 7.40
CA ARG A 82 -4.22 -9.89 7.51
C ARG A 82 -3.29 -9.59 6.34
N VAL A 83 -3.64 -8.64 5.53
CA VAL A 83 -2.81 -8.30 4.35
C VAL A 83 -2.39 -6.84 4.39
N THR A 84 -1.15 -6.55 4.10
CA THR A 84 -0.69 -5.13 4.13
C THR A 84 -0.21 -4.74 2.73
N CYS A 85 -0.31 -3.48 2.40
CA CYS A 85 0.13 -3.04 1.04
C CYS A 85 1.06 -1.82 1.17
N PHE A 86 2.24 -1.91 0.61
CA PHE A 86 3.18 -0.76 0.68
C PHE A 86 3.26 -0.11 -0.69
N THR A 87 2.79 1.10 -0.83
CA THR A 87 2.83 1.77 -2.15
C THR A 87 3.20 3.25 -1.99
N SER A 88 3.78 3.85 -2.99
CA SER A 88 4.16 5.29 -2.91
C SER A 88 3.21 6.08 -3.82
N TRP A 89 1.94 5.91 -3.66
CA TRP A 89 0.96 6.66 -4.50
C TRP A 89 -0.44 6.52 -3.89
N SER A 90 -1.40 7.23 -4.40
CA SER A 90 -2.79 7.13 -3.86
C SER A 90 -3.73 6.62 -4.96
N PRO A 91 -4.79 5.94 -4.58
CA PRO A 91 -5.78 5.40 -5.56
C PRO A 91 -6.61 6.51 -6.20
N CYS A 92 -7.04 6.32 -7.43
CA CYS A 92 -7.85 7.36 -8.09
C CYS A 92 -9.23 7.42 -7.43
N PHE A 93 -10.02 8.39 -7.78
CA PHE A 93 -11.37 8.51 -7.14
C PHE A 93 -12.19 7.24 -7.38
N SER A 94 -12.17 6.69 -8.56
CA SER A 94 -12.96 5.45 -8.82
C SER A 94 -12.44 4.30 -7.95
N CYS A 95 -11.15 4.19 -7.78
CA CYS A 95 -10.61 3.07 -6.96
C CYS A 95 -10.96 3.29 -5.48
N ALA A 96 -10.99 4.51 -5.04
CA ALA A 96 -11.30 4.78 -3.60
C ALA A 96 -12.69 4.24 -3.27
N GLN A 97 -13.67 4.54 -4.07
CA GLN A 97 -15.05 4.05 -3.78
C GLN A 97 -15.08 2.52 -3.91
N GLU A 98 -14.38 1.97 -4.87
CA GLU A 98 -14.38 0.50 -5.04
C GLU A 98 -13.62 -0.15 -3.89
N MET A 99 -12.55 0.46 -3.46
CA MET A 99 -11.76 -0.12 -2.35
C MET A 99 -12.64 -0.25 -1.11
N ALA A 100 -13.44 0.75 -0.82
CA ALA A 100 -14.32 0.68 0.38
C ALA A 100 -15.26 -0.53 0.25
N LYS A 101 -15.72 -0.80 -0.94
CA LYS A 101 -16.63 -1.96 -1.13
C LYS A 101 -15.92 -3.26 -0.72
N PHE A 102 -14.65 -3.35 -0.98
CA PHE A 102 -13.91 -4.60 -0.61
C PHE A 102 -13.99 -4.83 0.90
N ILE A 103 -13.69 -3.84 1.69
CA ILE A 103 -13.75 -4.02 3.16
C ILE A 103 -15.17 -4.41 3.57
N SER A 104 -16.15 -3.75 3.05
CA SER A 104 -17.56 -4.07 3.42
C SER A 104 -17.86 -5.53 3.06
N LYS A 105 -17.38 -5.98 1.93
CA LYS A 105 -17.64 -7.39 1.53
C LYS A 105 -16.72 -8.33 2.31
N ASN A 106 -15.62 -7.83 2.80
CA ASN A 106 -14.68 -8.70 3.56
C ASN A 106 -14.14 -7.93 4.77
N LYS A 107 -14.91 -7.83 5.82
CA LYS A 107 -14.44 -7.10 7.02
C LYS A 107 -13.62 -8.05 7.90
N HIS A 108 -13.55 -9.30 7.53
CA HIS A 108 -12.78 -10.29 8.33
C HIS A 108 -11.29 -10.16 7.98
N VAL A 109 -10.98 -9.46 6.92
CA VAL A 109 -9.55 -9.30 6.53
C VAL A 109 -9.00 -7.98 7.06
N SER A 110 -7.83 -7.99 7.64
CA SER A 110 -7.25 -6.72 8.14
C SER A 110 -6.39 -6.13 7.04
N LEU A 111 -6.84 -5.08 6.41
CA LEU A 111 -6.05 -4.47 5.29
C LEU A 111 -5.45 -3.12 5.73
N CYS A 112 -4.18 -2.93 5.52
CA CYS A 112 -3.53 -1.64 5.90
C CYS A 112 -2.71 -1.15 4.70
N ILE A 113 -2.90 0.08 4.31
CA ILE A 113 -2.13 0.61 3.13
C ILE A 113 -1.26 1.80 3.53
N PHE A 114 0.01 1.76 3.17
CA PHE A 114 0.90 2.91 3.50
C PHE A 114 1.15 3.69 2.21
N THR A 115 0.87 4.96 2.21
CA THR A 115 1.10 5.76 0.97
C THR A 115 2.18 6.82 1.22
N ALA A 116 3.07 6.98 0.27
CA ALA A 116 4.14 8.01 0.43
C ALA A 116 3.53 9.39 0.25
N ARG A 117 2.63 9.54 -0.68
CA ARG A 117 2.00 10.88 -0.90
C ARG A 117 0.65 10.70 -1.60
N ILE A 118 -0.17 11.72 -1.57
CA ILE A 118 -1.51 11.64 -2.24
C ILE A 118 -1.53 12.62 -3.42
N TYR A 119 -1.78 12.14 -4.60
CA TYR A 119 -1.83 13.03 -5.80
C TYR A 119 -3.23 13.03 -6.40
N ASP A 120 -3.78 14.20 -6.64
CA ASP A 120 -5.14 14.27 -7.23
C ASP A 120 -5.13 15.27 -8.40
N ASP A 121 -5.64 14.89 -9.53
CA ASP A 121 -5.65 15.82 -10.70
C ASP A 121 -6.43 17.09 -10.32
N GLN A 122 -7.53 16.93 -9.63
CA GLN A 122 -8.34 18.12 -9.23
C GLN A 122 -8.55 18.10 -7.72
N GLY A 123 -8.55 19.25 -7.08
CA GLY A 123 -8.76 19.27 -5.61
C GLY A 123 -10.18 18.80 -5.29
N ARG A 124 -10.31 17.62 -4.76
CA ARG A 124 -11.65 17.08 -4.41
C ARG A 124 -11.51 15.73 -3.72
N CYS A 125 -10.56 14.94 -4.15
CA CYS A 125 -10.34 13.61 -3.53
C CYS A 125 -10.28 13.75 -2.01
N GLN A 126 -10.16 14.95 -1.51
CA GLN A 126 -10.11 15.13 -0.03
C GLN A 126 -11.35 14.50 0.60
N GLU A 127 -12.48 14.67 -0.01
CA GLU A 127 -13.72 14.07 0.56
C GLU A 127 -13.62 12.55 0.47
N GLY A 128 -13.13 12.05 -0.63
CA GLY A 128 -12.98 10.59 -0.80
C GLY A 128 -11.99 10.04 0.23
N LEU A 129 -10.95 10.78 0.51
CA LEU A 129 -9.94 10.31 1.48
C LEU A 129 -10.60 10.04 2.83
N ARG A 130 -11.49 10.88 3.25
CA ARG A 130 -12.17 10.64 4.56
C ARG A 130 -12.97 9.35 4.48
N THR A 131 -13.68 9.15 3.40
CA THR A 131 -14.46 7.90 3.23
C THR A 131 -13.49 6.72 3.14
N LEU A 132 -12.39 6.92 2.45
CA LEU A 132 -11.40 5.84 2.29
C LEU A 132 -10.91 5.38 3.67
N ALA A 133 -10.69 6.30 4.56
CA ALA A 133 -10.20 5.91 5.92
C ALA A 133 -11.30 5.12 6.63
N GLU A 134 -12.54 5.42 6.38
CA GLU A 134 -13.64 4.68 7.06
C GLU A 134 -13.79 3.28 6.47
N ALA A 135 -13.98 3.17 5.18
CA ALA A 135 -14.14 1.83 4.57
C ALA A 135 -12.95 1.49 3.68
N GLY A 136 -12.19 2.47 3.27
CA GLY A 136 -11.02 2.19 2.40
C GLY A 136 -9.88 1.64 3.24
N ALA A 137 -10.18 0.78 4.17
CA ALA A 137 -9.11 0.20 5.03
C ALA A 137 -8.36 1.32 5.74
N LYS A 138 -7.43 0.96 6.58
CA LYS A 138 -6.65 1.99 7.34
C LYS A 138 -5.46 2.46 6.50
N ILE A 139 -5.21 3.74 6.48
CA ILE A 139 -4.05 4.27 5.68
C ILE A 139 -3.14 5.11 6.56
N SER A 140 -1.86 4.98 6.39
CA SER A 140 -0.90 5.78 7.21
C SER A 140 0.27 6.21 6.33
N ILE A 141 0.98 7.23 6.74
CA ILE A 141 2.14 7.70 5.91
C ILE A 141 3.35 6.82 6.22
N MET A 142 4.08 6.43 5.23
CA MET A 142 5.27 5.57 5.47
C MET A 142 6.42 6.40 6.03
N THR A 143 7.14 5.86 6.98
CA THR A 143 8.28 6.60 7.58
C THR A 143 9.58 5.87 7.20
N TYR A 144 10.68 6.56 7.21
CA TYR A 144 11.97 5.90 6.84
C TYR A 144 12.17 4.66 7.72
N SER A 145 11.85 4.75 8.98
CA SER A 145 12.02 3.57 9.88
C SER A 145 11.13 2.43 9.39
N GLU A 146 9.92 2.74 9.00
CA GLU A 146 9.01 1.68 8.51
C GLU A 146 9.61 1.02 7.27
N PHE A 147 10.23 1.79 6.42
CA PHE A 147 10.84 1.19 5.20
C PHE A 147 11.93 0.21 5.59
N LYS A 148 12.68 0.51 6.62
CA LYS A 148 13.76 -0.42 7.04
C LYS A 148 13.17 -1.80 7.27
N HIS A 149 12.04 -1.88 7.91
CA HIS A 149 11.42 -3.20 8.15
C HIS A 149 11.06 -3.82 6.80
N CYS A 150 10.45 -3.06 5.93
CA CYS A 150 10.08 -3.59 4.59
C CYS A 150 11.36 -3.94 3.82
N TRP A 151 12.38 -3.16 4.02
CA TRP A 151 13.67 -3.42 3.31
C TRP A 151 14.18 -4.82 3.65
N ASP A 152 14.12 -5.21 4.90
CA ASP A 152 14.61 -6.57 5.29
C ASP A 152 13.67 -7.66 4.77
N THR A 153 12.39 -7.46 4.90
CA THR A 153 11.43 -8.52 4.45
C THR A 153 11.33 -8.59 2.93
N PHE A 154 11.14 -7.48 2.27
CA PHE A 154 11.01 -7.50 0.79
C PHE A 154 12.36 -7.79 0.13
N VAL A 155 13.43 -7.30 0.70
CA VAL A 155 14.78 -7.55 0.10
C VAL A 155 15.71 -8.10 1.16
N ASP A 156 16.63 -8.94 0.80
CA ASP A 156 17.58 -9.49 1.80
C ASP A 156 18.63 -8.43 2.12
N HIS A 157 18.50 -7.81 3.27
CA HIS A 157 19.49 -6.77 3.66
C HIS A 157 20.88 -7.38 3.79
N GLN A 158 20.96 -8.65 4.11
CA GLN A 158 22.29 -9.29 4.25
C GLN A 158 23.06 -9.17 2.93
N GLY A 159 24.20 -8.54 2.96
CA GLY A 159 25.00 -8.39 1.72
C GLY A 159 24.65 -7.05 1.06
N CYS A 160 23.53 -6.48 1.42
CA CYS A 160 23.11 -5.18 0.83
C CYS A 160 22.82 -4.19 1.96
N PRO A 161 23.83 -3.53 2.47
CA PRO A 161 23.67 -2.54 3.58
C PRO A 161 22.73 -1.40 3.20
N PHE A 162 21.90 -0.99 4.12
CA PHE A 162 20.95 0.14 3.82
C PHE A 162 21.48 1.42 4.46
N GLN A 163 21.43 2.51 3.74
CA GLN A 163 21.94 3.80 4.28
C GLN A 163 20.77 4.77 4.48
N PRO A 164 20.25 4.86 5.70
CA PRO A 164 19.11 5.77 5.99
C PRO A 164 19.43 7.24 5.67
N TRP A 165 18.51 7.91 5.06
CA TRP A 165 18.71 9.35 4.71
C TRP A 165 17.46 10.14 5.11
N ASP A 166 17.56 11.44 5.20
CA ASP A 166 16.36 12.23 5.59
C ASP A 166 15.60 12.68 4.34
N GLY A 167 15.69 11.92 3.29
CA GLY A 167 14.95 12.27 2.04
C GLY A 167 13.51 11.81 2.20
N LEU A 168 13.31 10.62 2.70
CA LEU A 168 11.94 10.11 2.89
C LEU A 168 11.21 11.01 3.88
N ASP A 169 11.91 11.53 4.86
CA ASP A 169 11.26 12.40 5.87
C ASP A 169 10.75 13.67 5.17
N GLU A 170 11.47 14.17 4.21
CA GLU A 170 11.00 15.40 3.51
C GLU A 170 9.64 15.12 2.86
N HIS A 171 9.48 13.98 2.25
CA HIS A 171 8.17 13.67 1.61
C HIS A 171 7.11 13.51 2.70
N SER A 172 7.42 12.78 3.74
CA SER A 172 6.43 12.59 4.83
C SER A 172 6.06 13.95 5.43
N GLN A 173 6.99 14.85 5.51
CA GLN A 173 6.69 16.19 6.08
C GLN A 173 5.55 16.82 5.28
N ASP A 174 5.57 16.67 3.99
CA ASP A 174 4.49 17.26 3.15
C ASP A 174 3.16 16.59 3.50
N LEU A 175 3.15 15.30 3.60
CA LEU A 175 1.89 14.58 3.93
C LEU A 175 1.48 14.91 5.36
N SER A 176 2.43 15.03 6.25
CA SER A 176 2.07 15.34 7.67
C SER A 176 1.29 16.66 7.70
N GLY A 177 1.71 17.63 6.94
CA GLY A 177 0.99 18.93 6.94
C GLY A 177 -0.37 18.79 6.23
N ARG A 178 -0.35 18.27 5.03
CA ARG A 178 -1.63 18.13 4.27
C ARG A 178 -2.52 17.04 4.88
N LEU A 179 -1.95 15.92 5.23
CA LEU A 179 -2.78 14.83 5.82
C LEU A 179 -3.41 15.33 7.11
N ARG A 180 -2.68 16.07 7.90
CA ARG A 180 -3.25 16.58 9.18
C ARG A 180 -4.49 17.43 8.87
N ALA A 181 -4.45 18.16 7.80
CA ALA A 181 -5.62 19.03 7.45
C ALA A 181 -6.87 18.16 7.27
N ILE A 182 -6.75 17.04 6.65
CA ILE A 182 -7.93 16.17 6.45
C ILE A 182 -8.49 15.76 7.82
N LEU A 183 -7.65 15.24 8.67
CA LEU A 183 -8.12 14.82 10.02
C LEU A 183 -8.46 16.07 10.85
N GLN A 184 -7.75 17.15 10.64
CA GLN A 184 -8.02 18.39 11.42
C GLN A 184 -9.44 18.87 11.10
N ASN A 185 -9.85 18.72 9.88
CA ASN A 185 -11.22 19.16 9.50
C ASN A 185 -12.19 18.06 9.87
N GLN A 186 -11.73 17.05 10.56
CA GLN A 186 -12.64 15.96 10.96
C GLN A 186 -13.74 16.56 11.84
N GLU A 187 -14.89 16.81 11.25
CA GLU A 187 -15.99 17.41 12.05
C GLU A 187 -16.50 16.40 13.08
N ASN A 188 -16.70 16.85 14.29
CA ASN A 188 -17.18 15.93 15.35
C ASN A 188 -17.71 16.75 16.53
N MET A 1 17.47 -11.04 -3.68
CA MET A 1 17.28 -9.58 -3.37
C MET A 1 18.35 -8.77 -4.09
N ASP A 2 17.97 -7.70 -4.74
CA ASP A 2 18.96 -6.85 -5.45
C ASP A 2 19.25 -5.63 -4.59
N PRO A 3 20.33 -4.94 -4.84
CA PRO A 3 20.69 -3.74 -4.07
C PRO A 3 19.44 -2.96 -3.69
N PRO A 4 19.49 -2.19 -2.63
CA PRO A 4 18.32 -1.41 -2.14
C PRO A 4 17.45 -0.82 -3.26
N THR A 5 16.75 -1.65 -3.99
CA THR A 5 15.88 -1.13 -5.08
C THR A 5 14.70 -0.37 -4.47
N PHE A 6 14.13 -0.92 -3.42
CA PHE A 6 12.99 -0.22 -2.76
C PHE A 6 13.49 1.16 -2.35
N THR A 7 14.67 1.21 -1.81
CA THR A 7 15.26 2.51 -1.38
C THR A 7 15.51 3.36 -2.63
N PHE A 8 16.01 2.75 -3.67
CA PHE A 8 16.29 3.49 -4.92
C PHE A 8 14.98 4.07 -5.47
N ASN A 9 13.93 3.29 -5.41
CA ASN A 9 12.62 3.77 -5.94
C ASN A 9 12.22 5.06 -5.23
N PHE A 10 12.49 5.18 -3.96
CA PHE A 10 12.11 6.44 -3.25
C PHE A 10 12.95 7.60 -3.80
N ASN A 11 14.14 7.30 -4.24
CA ASN A 11 15.02 8.37 -4.80
C ASN A 11 14.67 8.59 -6.27
N ASN A 12 13.60 7.99 -6.74
CA ASN A 12 13.23 8.15 -8.17
C ASN A 12 12.50 9.48 -8.38
N GLU A 13 12.49 10.35 -7.41
CA GLU A 13 11.79 11.65 -7.61
C GLU A 13 12.42 12.39 -8.79
N PRO A 14 13.70 12.66 -8.76
CA PRO A 14 14.40 13.35 -9.90
C PRO A 14 14.41 12.46 -11.15
N TRP A 15 14.31 11.17 -10.95
CA TRP A 15 14.27 10.23 -12.10
C TRP A 15 13.07 10.54 -12.99
N VAL A 16 12.31 11.54 -12.63
CA VAL A 16 11.09 11.87 -13.43
C VAL A 16 11.45 12.05 -14.91
N ARG A 17 11.61 10.96 -15.61
CA ARG A 17 11.92 11.04 -17.06
C ARG A 17 10.62 10.91 -17.84
N GLY A 18 9.61 10.36 -17.23
CA GLY A 18 8.30 10.20 -17.90
C GLY A 18 8.18 8.79 -18.49
N ARG A 19 9.16 7.95 -18.29
CA ARG A 19 9.09 6.56 -18.84
C ARG A 19 9.48 5.56 -17.75
N HIS A 20 8.63 5.36 -16.78
CA HIS A 20 8.93 4.36 -15.71
C HIS A 20 7.70 3.48 -15.48
N GLU A 21 7.86 2.37 -14.82
CA GLU A 21 6.70 1.48 -14.54
C GLU A 21 6.47 1.41 -13.02
N THR A 22 5.24 1.27 -12.60
CA THR A 22 4.95 1.20 -11.14
C THR A 22 4.94 -0.24 -10.67
N TYR A 23 5.46 -0.50 -9.51
CA TYR A 23 5.47 -1.89 -8.97
C TYR A 23 4.86 -1.89 -7.56
N LEU A 24 4.14 -2.91 -7.21
CA LEU A 24 3.52 -2.96 -5.85
C LEU A 24 4.11 -4.12 -5.05
N CYS A 25 4.36 -3.90 -3.78
CA CYS A 25 4.93 -5.00 -2.93
C CYS A 25 3.86 -5.44 -1.93
N TYR A 26 3.66 -6.73 -1.78
CA TYR A 26 2.62 -7.21 -0.83
C TYR A 26 3.20 -8.26 0.12
N GLU A 27 2.68 -8.31 1.32
CA GLU A 27 3.16 -9.30 2.32
C GLU A 27 1.95 -10.08 2.84
N VAL A 28 2.14 -11.30 3.27
CA VAL A 28 0.99 -12.11 3.79
C VAL A 28 1.33 -12.66 5.17
N GLU A 29 0.38 -12.68 6.06
CA GLU A 29 0.64 -13.21 7.43
C GLU A 29 -0.48 -14.19 7.79
N ARG A 30 -0.17 -15.21 8.56
CA ARG A 30 -1.23 -16.18 8.92
C ARG A 30 -1.55 -16.03 10.41
N MET A 31 -2.80 -15.76 10.73
CA MET A 31 -3.19 -15.59 12.15
C MET A 31 -4.23 -16.64 12.54
N HIS A 32 -4.01 -17.33 13.62
CA HIS A 32 -4.98 -18.37 14.06
C HIS A 32 -5.63 -17.90 15.36
N ASN A 33 -6.92 -18.06 15.50
CA ASN A 33 -7.58 -17.59 16.75
C ASN A 33 -6.93 -18.28 17.96
N ASP A 34 -6.64 -19.54 17.84
CA ASP A 34 -5.99 -20.26 18.98
C ASP A 34 -4.49 -19.92 19.03
N THR A 35 -3.89 -19.70 17.89
CA THR A 35 -2.43 -19.38 17.87
C THR A 35 -2.14 -18.33 16.80
N TRP A 36 -1.04 -17.65 16.91
CA TRP A 36 -0.67 -16.63 15.90
C TRP A 36 0.57 -17.10 15.14
N VAL A 37 0.58 -16.97 13.84
CA VAL A 37 1.76 -17.42 13.04
C VAL A 37 2.27 -16.25 12.19
N LEU A 38 3.54 -15.96 12.29
CA LEU A 38 4.10 -14.83 11.48
C LEU A 38 4.78 -15.38 10.23
N LEU A 39 4.20 -15.16 9.10
CA LEU A 39 4.80 -15.65 7.83
C LEU A 39 5.77 -14.58 7.30
N ASN A 40 6.25 -13.74 8.18
CA ASN A 40 7.21 -12.68 7.74
C ASN A 40 8.46 -13.31 7.14
N GLN A 41 8.75 -14.53 7.51
CA GLN A 41 9.96 -15.20 6.95
C GLN A 41 9.87 -15.19 5.42
N ARG A 42 8.68 -15.25 4.89
CA ARG A 42 8.51 -15.23 3.40
C ARG A 42 7.85 -13.93 2.98
N ARG A 43 8.21 -13.41 1.84
CA ARG A 43 7.60 -12.13 1.35
C ARG A 43 6.99 -12.37 -0.03
N GLY A 44 6.24 -11.42 -0.53
CA GLY A 44 5.61 -11.60 -1.87
C GLY A 44 5.80 -10.33 -2.71
N PHE A 45 5.74 -10.48 -4.01
CA PHE A 45 5.92 -9.30 -4.91
C PHE A 45 4.70 -9.20 -5.82
N LEU A 46 4.37 -8.02 -6.26
CA LEU A 46 3.19 -7.88 -7.17
C LEU A 46 3.53 -6.90 -8.29
N CYS A 47 3.05 -7.16 -9.47
CA CYS A 47 3.33 -6.25 -10.61
C CYS A 47 2.03 -5.49 -10.95
N ASN A 48 2.14 -4.40 -11.65
CA ASN A 48 0.93 -3.63 -12.01
C ASN A 48 0.12 -4.42 -13.04
N GLN A 49 0.50 -5.65 -13.26
CA GLN A 49 -0.24 -6.48 -14.26
C GLN A 49 -1.25 -7.37 -13.51
N ALA A 50 -2.52 -7.14 -13.72
CA ALA A 50 -3.54 -7.98 -13.03
C ALA A 50 -3.43 -9.42 -13.53
N PRO A 51 -3.76 -10.37 -12.70
CA PRO A 51 -3.68 -11.82 -13.07
C PRO A 51 -4.75 -12.22 -14.08
N HIS A 52 -4.35 -12.51 -15.29
CA HIS A 52 -5.33 -12.91 -16.34
C HIS A 52 -6.01 -14.22 -15.91
N LYS A 53 -5.29 -15.06 -15.23
CA LYS A 53 -5.85 -16.36 -14.77
C LYS A 53 -7.07 -16.11 -13.88
N HIS A 54 -7.17 -14.95 -13.29
CA HIS A 54 -8.33 -14.68 -12.39
C HIS A 54 -9.62 -14.61 -13.22
N GLY A 55 -9.51 -14.39 -14.50
CA GLY A 55 -10.73 -14.33 -15.35
C GLY A 55 -10.68 -13.07 -16.22
N PHE A 56 -11.80 -12.42 -16.38
CA PHE A 56 -11.83 -11.19 -17.21
C PHE A 56 -11.30 -10.01 -16.40
N LEU A 57 -10.90 -8.95 -17.06
CA LEU A 57 -10.35 -7.78 -16.34
C LEU A 57 -11.41 -7.22 -15.39
N GLU A 58 -10.99 -6.80 -14.23
CA GLU A 58 -11.95 -6.27 -13.23
C GLU A 58 -11.84 -4.74 -13.19
N GLY A 59 -10.93 -4.20 -13.94
CA GLY A 59 -10.74 -2.72 -13.97
C GLY A 59 -9.25 -2.42 -14.13
N ARG A 60 -8.90 -1.42 -14.89
CA ARG A 60 -7.45 -1.12 -15.07
C ARG A 60 -6.93 -0.38 -13.84
N HIS A 61 -6.52 -1.11 -12.84
CA HIS A 61 -5.99 -0.47 -11.60
C HIS A 61 -4.94 -1.38 -10.96
N ALA A 62 -3.85 -0.81 -10.50
CA ALA A 62 -2.78 -1.63 -9.86
C ALA A 62 -3.35 -2.27 -8.59
N GLU A 63 -4.12 -1.54 -7.83
CA GLU A 63 -4.69 -2.10 -6.58
C GLU A 63 -5.61 -3.27 -6.94
N LEU A 64 -6.30 -3.17 -8.04
CA LEU A 64 -7.20 -4.28 -8.47
C LEU A 64 -6.38 -5.54 -8.71
N CYS A 65 -5.20 -5.40 -9.27
CA CYS A 65 -4.37 -6.60 -9.51
C CYS A 65 -4.22 -7.35 -8.19
N PHE A 66 -3.93 -6.64 -7.13
CA PHE A 66 -3.80 -7.31 -5.81
C PHE A 66 -5.19 -7.83 -5.39
N LEU A 67 -6.20 -7.04 -5.62
CA LEU A 67 -7.57 -7.46 -5.24
C LEU A 67 -7.90 -8.80 -5.88
N ASP A 68 -7.46 -9.00 -7.10
CA ASP A 68 -7.74 -10.30 -7.79
C ASP A 68 -6.91 -11.41 -7.13
N VAL A 69 -5.76 -11.08 -6.62
CA VAL A 69 -4.90 -12.11 -5.97
C VAL A 69 -5.52 -12.61 -4.67
N ILE A 70 -6.18 -11.76 -3.92
CA ILE A 70 -6.78 -12.21 -2.63
C ILE A 70 -7.64 -13.47 -2.83
N PRO A 71 -8.62 -13.45 -3.70
CA PRO A 71 -9.47 -14.65 -3.94
C PRO A 71 -8.64 -15.82 -4.50
N PHE A 72 -7.53 -15.51 -5.12
CA PHE A 72 -6.68 -16.60 -5.68
C PHE A 72 -5.94 -17.31 -4.54
N TRP A 73 -5.74 -16.65 -3.43
CA TRP A 73 -5.03 -17.31 -2.29
C TRP A 73 -6.02 -18.16 -1.49
N LYS A 74 -7.27 -18.14 -1.88
CA LYS A 74 -8.29 -18.95 -1.14
C LYS A 74 -8.04 -18.86 0.36
N LEU A 75 -8.18 -17.70 0.94
CA LEU A 75 -7.95 -17.56 2.40
C LEU A 75 -9.14 -18.15 3.16
N ASP A 76 -8.90 -18.73 4.30
CA ASP A 76 -10.03 -19.33 5.08
C ASP A 76 -10.79 -18.23 5.82
N LEU A 77 -12.07 -18.19 5.66
CA LEU A 77 -12.90 -17.15 6.34
C LEU A 77 -12.81 -17.34 7.86
N ASP A 78 -12.56 -18.54 8.32
CA ASP A 78 -12.50 -18.78 9.79
C ASP A 78 -11.12 -18.36 10.32
N GLN A 79 -10.19 -18.13 9.46
CA GLN A 79 -8.82 -17.72 9.92
C GLN A 79 -8.59 -16.25 9.55
N ASP A 80 -7.89 -15.53 10.38
CA ASP A 80 -7.63 -14.09 10.07
C ASP A 80 -6.29 -13.96 9.35
N TYR A 81 -6.21 -13.06 8.39
CA TYR A 81 -4.93 -12.88 7.67
C TYR A 81 -4.57 -11.40 7.60
N ARG A 82 -3.34 -11.04 7.86
CA ARG A 82 -2.95 -9.61 7.78
C ARG A 82 -2.14 -9.41 6.51
N VAL A 83 -2.56 -8.50 5.67
CA VAL A 83 -1.82 -8.26 4.40
C VAL A 83 -1.40 -6.79 4.32
N THR A 84 -0.20 -6.53 3.90
CA THR A 84 0.27 -5.13 3.82
C THR A 84 0.45 -4.73 2.35
N CYS A 85 0.29 -3.48 2.04
CA CYS A 85 0.46 -3.03 0.63
C CYS A 85 1.33 -1.78 0.58
N PHE A 86 2.40 -1.82 -0.17
CA PHE A 86 3.28 -0.61 -0.27
C PHE A 86 3.16 -0.04 -1.68
N THR A 87 2.73 1.18 -1.80
CA THR A 87 2.58 1.80 -3.15
C THR A 87 3.06 3.25 -3.13
N SER A 88 3.48 3.76 -4.25
CA SER A 88 3.97 5.17 -4.30
C SER A 88 3.05 6.02 -5.17
N TRP A 89 1.77 6.02 -4.88
CA TRP A 89 0.81 6.84 -5.69
C TRP A 89 -0.44 7.10 -4.84
N SER A 90 -1.13 8.19 -5.11
CA SER A 90 -2.35 8.51 -4.34
C SER A 90 -3.46 7.53 -4.74
N PRO A 91 -4.39 7.27 -3.85
CA PRO A 91 -5.53 6.34 -4.12
C PRO A 91 -6.46 6.88 -5.21
N CYS A 92 -7.06 6.02 -5.98
CA CYS A 92 -7.98 6.48 -7.05
C CYS A 92 -9.41 6.55 -6.50
N PHE A 93 -10.16 7.54 -6.89
CA PHE A 93 -11.54 7.66 -6.37
C PHE A 93 -12.31 6.37 -6.64
N SER A 94 -12.21 5.84 -7.83
CA SER A 94 -12.92 4.57 -8.14
C SER A 94 -12.40 3.46 -7.23
N CYS A 95 -11.12 3.45 -6.98
CA CYS A 95 -10.53 2.41 -6.10
C CYS A 95 -10.99 2.63 -4.66
N ALA A 96 -11.15 3.86 -4.26
CA ALA A 96 -11.59 4.14 -2.87
C ALA A 96 -12.94 3.48 -2.59
N GLN A 97 -13.87 3.63 -3.49
CA GLN A 97 -15.21 3.01 -3.28
C GLN A 97 -15.08 1.49 -3.31
N GLU A 98 -14.32 0.96 -4.21
CA GLU A 98 -14.14 -0.52 -4.28
C GLU A 98 -13.31 -0.99 -3.10
N MET A 99 -12.32 -0.23 -2.73
CA MET A 99 -11.45 -0.62 -1.59
C MET A 99 -12.29 -0.71 -0.32
N ALA A 100 -13.14 0.25 -0.08
CA ALA A 100 -13.98 0.21 1.14
C ALA A 100 -14.90 -1.02 1.08
N LYS A 101 -15.43 -1.32 -0.08
CA LYS A 101 -16.31 -2.50 -0.22
C LYS A 101 -15.53 -3.79 0.06
N PHE A 102 -14.28 -3.83 -0.33
CA PHE A 102 -13.47 -5.06 -0.10
C PHE A 102 -13.47 -5.43 1.38
N ILE A 103 -13.16 -4.50 2.25
CA ILE A 103 -13.14 -4.83 3.69
C ILE A 103 -14.54 -5.25 4.15
N SER A 104 -15.56 -4.68 3.59
CA SER A 104 -16.94 -5.08 4.00
C SER A 104 -17.12 -6.57 3.74
N LYS A 105 -16.56 -7.07 2.67
CA LYS A 105 -16.70 -8.53 2.38
C LYS A 105 -15.62 -9.31 3.13
N ASN A 106 -14.66 -8.61 3.70
CA ASN A 106 -13.58 -9.32 4.45
C ASN A 106 -13.13 -8.45 5.62
N LYS A 107 -13.87 -8.45 6.69
CA LYS A 107 -13.48 -7.63 7.87
C LYS A 107 -12.49 -8.42 8.73
N HIS A 108 -12.21 -9.64 8.37
CA HIS A 108 -11.25 -10.46 9.17
C HIS A 108 -9.83 -10.27 8.64
N VAL A 109 -9.66 -9.49 7.61
CA VAL A 109 -8.30 -9.27 7.04
C VAL A 109 -7.76 -7.90 7.48
N SER A 110 -6.56 -7.85 7.95
CA SER A 110 -5.97 -6.54 8.35
C SER A 110 -5.20 -5.99 7.15
N LEU A 111 -5.72 -4.96 6.52
CA LEU A 111 -5.03 -4.40 5.33
C LEU A 111 -4.47 -3.00 5.65
N CYS A 112 -3.22 -2.78 5.35
CA CYS A 112 -2.62 -1.44 5.61
C CYS A 112 -1.90 -0.98 4.34
N ILE A 113 -2.17 0.22 3.88
CA ILE A 113 -1.52 0.70 2.62
C ILE A 113 -0.62 1.90 2.91
N PHE A 114 0.61 1.86 2.49
CA PHE A 114 1.51 3.02 2.73
C PHE A 114 1.69 3.78 1.42
N THR A 115 1.42 5.05 1.42
CA THR A 115 1.57 5.84 0.16
C THR A 115 2.84 6.68 0.23
N ALA A 116 3.66 6.62 -0.80
CA ALA A 116 4.91 7.43 -0.80
C ALA A 116 4.52 8.91 -0.90
N ARG A 117 3.49 9.21 -1.64
CA ARG A 117 3.04 10.62 -1.79
C ARG A 117 1.55 10.64 -2.11
N ILE A 118 0.88 11.72 -1.80
CA ILE A 118 -0.58 11.79 -2.09
C ILE A 118 -0.85 12.87 -3.14
N TYR A 119 -1.33 12.48 -4.28
CA TYR A 119 -1.63 13.48 -5.36
C TYR A 119 -3.12 13.42 -5.69
N ASP A 120 -3.79 14.54 -5.69
CA ASP A 120 -5.24 14.52 -6.01
C ASP A 120 -5.44 14.74 -7.51
N ASP A 121 -6.01 13.78 -8.20
CA ASP A 121 -6.23 13.95 -9.66
C ASP A 121 -7.24 15.08 -9.90
N GLN A 122 -8.25 15.15 -9.09
CA GLN A 122 -9.28 16.23 -9.26
C GLN A 122 -9.64 16.81 -7.89
N GLY A 123 -10.33 17.92 -7.87
CA GLY A 123 -10.71 18.53 -6.56
C GLY A 123 -11.81 17.69 -5.92
N ARG A 124 -12.28 18.09 -4.76
CA ARG A 124 -13.35 17.32 -4.06
C ARG A 124 -12.89 15.88 -3.78
N CYS A 125 -11.92 15.39 -4.49
CA CYS A 125 -11.43 14.01 -4.25
C CYS A 125 -10.98 13.87 -2.80
N GLN A 126 -10.64 14.96 -2.17
CA GLN A 126 -10.18 14.90 -0.75
C GLN A 126 -11.25 14.21 0.10
N GLU A 127 -12.50 14.47 -0.18
CA GLU A 127 -13.58 13.82 0.61
C GLU A 127 -13.44 12.30 0.49
N GLY A 128 -13.07 11.82 -0.66
CA GLY A 128 -12.91 10.35 -0.84
C GLY A 128 -11.84 9.84 0.12
N LEU A 129 -10.80 10.59 0.34
CA LEU A 129 -9.73 10.14 1.26
C LEU A 129 -10.32 9.91 2.66
N ARG A 130 -11.20 10.76 3.10
CA ARG A 130 -11.79 10.57 4.44
C ARG A 130 -12.55 9.25 4.48
N THR A 131 -13.31 8.97 3.47
CA THR A 131 -14.05 7.69 3.41
C THR A 131 -13.05 6.55 3.30
N LEU A 132 -12.03 6.75 2.50
CA LEU A 132 -11.01 5.70 2.32
C LEU A 132 -10.34 5.38 3.67
N ALA A 133 -10.08 6.38 4.45
CA ALA A 133 -9.43 6.11 5.77
C ALA A 133 -10.38 5.30 6.66
N GLU A 134 -11.65 5.54 6.56
CA GLU A 134 -12.62 4.79 7.42
C GLU A 134 -12.78 3.35 6.92
N ALA A 135 -13.10 3.17 5.66
CA ALA A 135 -13.29 1.79 5.13
C ALA A 135 -12.20 1.45 4.12
N GLY A 136 -11.52 2.42 3.60
CA GLY A 136 -10.45 2.11 2.62
C GLY A 136 -9.22 1.59 3.35
N ALA A 137 -9.43 0.76 4.33
CA ALA A 137 -8.29 0.20 5.09
C ALA A 137 -7.47 1.32 5.73
N LYS A 138 -6.48 0.97 6.49
CA LYS A 138 -5.64 1.98 7.17
C LYS A 138 -4.54 2.49 6.24
N ILE A 139 -4.39 3.77 6.11
CA ILE A 139 -3.32 4.32 5.23
C ILE A 139 -2.40 5.23 6.04
N SER A 140 -1.12 5.17 5.79
CA SER A 140 -0.17 6.02 6.56
C SER A 140 0.93 6.51 5.63
N ILE A 141 1.62 7.55 6.03
CA ILE A 141 2.74 8.07 5.19
C ILE A 141 4.02 7.33 5.57
N MET A 142 4.80 6.94 4.61
CA MET A 142 6.06 6.21 4.93
C MET A 142 6.93 7.09 5.82
N THR A 143 7.09 6.71 7.06
CA THR A 143 7.92 7.52 7.99
C THR A 143 9.29 6.85 8.16
N TYR A 144 10.21 7.52 8.79
CA TYR A 144 11.56 6.92 8.98
C TYR A 144 11.44 5.54 9.64
N SER A 145 10.61 5.43 10.65
CA SER A 145 10.46 4.11 11.33
C SER A 145 9.90 3.09 10.34
N GLU A 146 8.86 3.45 9.64
CA GLU A 146 8.26 2.50 8.65
C GLU A 146 9.23 2.29 7.48
N PHE A 147 9.95 3.31 7.10
CA PHE A 147 10.90 3.17 5.96
C PHE A 147 11.93 2.08 6.29
N LYS A 148 12.48 2.10 7.47
CA LYS A 148 13.49 1.06 7.82
C LYS A 148 12.87 -0.32 7.74
N HIS A 149 11.64 -0.47 8.13
CA HIS A 149 10.99 -1.80 8.06
C HIS A 149 10.95 -2.29 6.61
N CYS A 150 10.51 -1.46 5.71
CA CYS A 150 10.46 -1.88 4.28
C CYS A 150 11.88 -2.17 3.81
N TRP A 151 12.80 -1.30 4.15
CA TRP A 151 14.21 -1.51 3.73
C TRP A 151 14.75 -2.81 4.34
N ASP A 152 14.60 -2.99 5.62
CA ASP A 152 15.13 -4.23 6.26
C ASP A 152 14.28 -5.45 5.87
N THR A 153 12.99 -5.33 5.85
CA THR A 153 12.13 -6.50 5.52
C THR A 153 12.24 -6.89 4.04
N PHE A 154 12.10 -5.97 3.14
CA PHE A 154 12.17 -6.34 1.69
C PHE A 154 13.60 -6.67 1.28
N VAL A 155 14.58 -6.00 1.84
CA VAL A 155 16.00 -6.29 1.48
C VAL A 155 16.77 -6.65 2.74
N ASP A 156 17.71 -7.55 2.64
CA ASP A 156 18.49 -7.96 3.85
C ASP A 156 19.44 -6.84 4.27
N HIS A 157 19.32 -6.40 5.50
CA HIS A 157 20.20 -5.31 5.99
C HIS A 157 21.65 -5.77 5.99
N GLN A 158 21.89 -7.05 6.06
CA GLN A 158 23.29 -7.56 6.07
C GLN A 158 23.87 -7.52 4.65
N GLY A 159 24.88 -6.71 4.44
CA GLY A 159 25.51 -6.62 3.10
C GLY A 159 24.85 -5.50 2.28
N CYS A 160 23.67 -5.10 2.66
CA CYS A 160 22.98 -4.01 1.91
C CYS A 160 22.57 -2.91 2.88
N PRO A 161 23.46 -2.02 3.21
CA PRO A 161 23.18 -0.90 4.14
C PRO A 161 22.42 0.25 3.49
N PHE A 162 21.47 0.83 4.18
CA PHE A 162 20.70 1.96 3.61
C PHE A 162 21.28 3.28 4.13
N GLN A 163 21.50 4.23 3.26
CA GLN A 163 22.06 5.54 3.71
C GLN A 163 20.92 6.52 3.97
N PRO A 164 20.72 6.94 5.21
CA PRO A 164 19.61 7.88 5.55
C PRO A 164 19.87 9.29 5.02
N TRP A 165 18.85 9.91 4.48
CA TRP A 165 19.01 11.29 3.95
C TRP A 165 17.81 12.13 4.41
N ASP A 166 17.92 13.43 4.34
CA ASP A 166 16.78 14.28 4.79
C ASP A 166 15.74 14.38 3.68
N GLY A 167 15.62 13.36 2.88
CA GLY A 167 14.61 13.37 1.79
C GLY A 167 13.25 12.99 2.38
N LEU A 168 13.23 12.02 3.24
CA LEU A 168 11.95 11.59 3.87
C LEU A 168 11.35 12.77 4.63
N ASP A 169 12.18 13.56 5.25
CA ASP A 169 11.64 14.73 6.02
C ASP A 169 11.00 15.72 5.05
N GLU A 170 11.61 15.97 3.92
CA GLU A 170 11.01 16.92 2.96
C GLU A 170 9.70 16.34 2.41
N HIS A 171 9.72 15.08 2.08
CA HIS A 171 8.48 14.44 1.55
C HIS A 171 7.42 14.42 2.65
N SER A 172 7.80 14.08 3.84
CA SER A 172 6.81 14.04 4.96
C SER A 172 6.20 15.43 5.17
N GLN A 173 6.97 16.47 4.96
CA GLN A 173 6.43 17.84 5.16
C GLN A 173 5.22 18.07 4.25
N ASP A 174 5.33 17.74 3.00
CA ASP A 174 4.17 17.96 2.07
C ASP A 174 3.03 16.98 2.41
N LEU A 175 3.36 15.73 2.60
CA LEU A 175 2.31 14.72 2.92
C LEU A 175 1.72 15.00 4.30
N SER A 176 2.55 15.27 5.26
CA SER A 176 2.03 15.54 6.63
C SER A 176 1.14 16.78 6.63
N GLY A 177 1.52 17.79 5.90
CA GLY A 177 0.69 19.03 5.87
C GLY A 177 -0.65 18.76 5.19
N ARG A 178 -0.64 18.17 4.02
CA ARG A 178 -1.92 17.90 3.31
C ARG A 178 -2.74 16.86 4.07
N LEU A 179 -2.12 15.82 4.54
CA LEU A 179 -2.90 14.78 5.28
C LEU A 179 -3.42 15.36 6.60
N ARG A 180 -2.64 16.17 7.26
CA ARG A 180 -3.10 16.77 8.54
C ARG A 180 -4.39 17.56 8.31
N ALA A 181 -4.48 18.26 7.22
CA ALA A 181 -5.70 19.06 6.94
C ALA A 181 -6.92 18.15 6.79
N ILE A 182 -6.76 17.02 6.15
CA ILE A 182 -7.91 16.09 5.97
C ILE A 182 -8.45 15.65 7.32
N LEU A 183 -7.60 15.17 8.19
CA LEU A 183 -8.06 14.74 9.54
C LEU A 183 -8.45 15.96 10.37
N GLN A 184 -7.76 17.06 10.18
CA GLN A 184 -8.10 18.28 10.96
C GLN A 184 -9.51 18.74 10.62
N ASN A 185 -9.92 18.57 9.40
CA ASN A 185 -11.29 18.99 8.99
C ASN A 185 -12.28 17.88 9.37
N GLN A 186 -11.82 16.86 10.03
CA GLN A 186 -12.75 15.76 10.42
C GLN A 186 -13.93 16.38 11.17
N GLU A 187 -15.02 16.60 10.49
CA GLU A 187 -16.19 17.21 11.18
C GLU A 187 -16.77 16.22 12.19
N ASN A 188 -17.08 16.69 13.36
CA ASN A 188 -17.65 15.78 14.40
C ASN A 188 -19.00 15.24 13.91
N MET A 1 15.27 -12.09 -3.47
CA MET A 1 15.40 -10.62 -3.29
C MET A 1 16.20 -10.04 -4.46
N ASP A 2 15.73 -8.97 -5.03
CA ASP A 2 16.46 -8.34 -6.16
C ASP A 2 17.23 -7.14 -5.62
N PRO A 3 18.20 -6.67 -6.34
CA PRO A 3 19.01 -5.50 -5.92
C PRO A 3 18.11 -4.49 -5.20
N PRO A 4 18.66 -3.67 -4.34
CA PRO A 4 17.89 -2.66 -3.55
C PRO A 4 16.77 -1.96 -4.35
N THR A 5 15.79 -2.70 -4.79
CA THR A 5 14.68 -2.09 -5.57
C THR A 5 13.80 -1.24 -4.65
N PHE A 6 13.50 -1.73 -3.47
CA PHE A 6 12.66 -0.94 -2.54
C PHE A 6 13.38 0.35 -2.17
N THR A 7 14.64 0.24 -1.84
CA THR A 7 15.42 1.46 -1.47
C THR A 7 15.53 2.37 -2.70
N PHE A 8 15.79 1.80 -3.85
CA PHE A 8 15.91 2.62 -5.07
C PHE A 8 14.55 3.26 -5.39
N ASN A 9 13.48 2.59 -5.07
CA ASN A 9 12.14 3.16 -5.36
C ASN A 9 11.97 4.50 -4.63
N PHE A 10 12.37 4.59 -3.40
CA PHE A 10 12.23 5.89 -2.68
C PHE A 10 13.23 6.91 -3.23
N ASN A 11 14.41 6.45 -3.59
CA ASN A 11 15.42 7.38 -4.15
C ASN A 11 15.17 7.56 -5.64
N ASN A 12 14.06 7.05 -6.12
CA ASN A 12 13.74 7.17 -7.57
C ASN A 12 13.14 8.54 -7.88
N GLU A 13 13.27 9.49 -6.99
CA GLU A 13 12.68 10.83 -7.27
C GLU A 13 13.24 11.40 -8.59
N PRO A 14 14.54 11.49 -8.73
CA PRO A 14 15.16 12.00 -9.98
C PRO A 14 15.12 10.95 -11.08
N TRP A 15 14.98 9.71 -10.70
CA TRP A 15 14.93 8.59 -11.67
C TRP A 15 13.74 8.75 -12.62
N VAL A 16 12.69 9.38 -12.18
CA VAL A 16 11.50 9.54 -13.06
C VAL A 16 11.87 10.27 -14.34
N ARG A 17 11.89 9.57 -15.45
CA ARG A 17 12.22 10.20 -16.75
C ARG A 17 10.93 10.44 -17.52
N GLY A 18 9.81 10.27 -16.86
CA GLY A 18 8.50 10.46 -17.53
C GLY A 18 7.92 9.08 -17.87
N ARG A 19 8.63 8.05 -17.50
CA ARG A 19 8.14 6.66 -17.78
C ARG A 19 8.24 5.85 -16.48
N HIS A 20 7.14 5.62 -15.82
CA HIS A 20 7.17 4.83 -14.55
C HIS A 20 6.11 3.75 -14.57
N GLU A 21 6.36 2.65 -13.89
CA GLU A 21 5.36 1.55 -13.84
C GLU A 21 4.84 1.44 -12.40
N THR A 22 3.70 0.83 -12.21
CA THR A 22 3.15 0.71 -10.82
C THR A 22 3.33 -0.70 -10.29
N TYR A 23 3.88 -0.83 -9.11
CA TYR A 23 4.06 -2.18 -8.50
C TYR A 23 3.59 -2.13 -7.06
N LEU A 24 2.96 -3.18 -6.57
CA LEU A 24 2.47 -3.16 -5.16
C LEU A 24 2.99 -4.41 -4.42
N CYS A 25 3.39 -4.24 -3.19
CA CYS A 25 3.89 -5.41 -2.40
C CYS A 25 2.92 -5.65 -1.24
N TYR A 26 2.52 -6.88 -1.02
CA TYR A 26 1.55 -7.14 0.08
C TYR A 26 1.90 -8.43 0.84
N GLU A 27 1.36 -8.58 2.02
CA GLU A 27 1.63 -9.80 2.82
C GLU A 27 0.31 -10.37 3.34
N VAL A 28 0.27 -11.63 3.68
CA VAL A 28 -1.01 -12.22 4.19
C VAL A 28 -0.75 -12.95 5.51
N GLU A 29 -1.67 -12.82 6.45
CA GLU A 29 -1.49 -13.51 7.76
C GLU A 29 -2.77 -14.24 8.13
N ARG A 30 -2.67 -15.33 8.85
CA ARG A 30 -3.90 -16.09 9.22
C ARG A 30 -4.22 -15.83 10.69
N MET A 31 -5.42 -15.37 10.98
CA MET A 31 -5.78 -15.10 12.40
C MET A 31 -7.02 -15.91 12.79
N HIS A 32 -6.96 -16.60 13.89
CA HIS A 32 -8.13 -17.39 14.35
C HIS A 32 -8.81 -16.63 15.48
N ASN A 33 -10.12 -16.66 15.55
CA ASN A 33 -10.81 -15.89 16.62
C ASN A 33 -10.32 -16.33 18.00
N ASP A 34 -10.08 -17.61 18.19
CA ASP A 34 -9.60 -18.07 19.52
C ASP A 34 -8.08 -18.21 19.51
N THR A 35 -7.49 -18.27 18.36
CA THR A 35 -6.01 -18.43 18.29
C THR A 35 -5.46 -17.63 17.11
N TRP A 36 -4.18 -17.36 17.12
CA TRP A 36 -3.55 -16.59 16.00
C TRP A 36 -2.60 -17.52 15.26
N VAL A 37 -2.63 -17.52 13.95
CA VAL A 37 -1.73 -18.42 13.18
C VAL A 37 -0.81 -17.62 12.25
N LEU A 38 0.47 -17.81 12.38
CA LEU A 38 1.44 -17.08 11.51
C LEU A 38 1.92 -18.00 10.38
N LEU A 39 1.20 -19.07 10.13
CA LEU A 39 1.64 -20.01 9.06
C LEU A 39 1.47 -19.35 7.69
N ASN A 40 0.38 -18.68 7.48
CA ASN A 40 0.17 -18.00 6.17
C ASN A 40 1.03 -16.75 6.10
N GLN A 41 1.68 -16.40 7.18
CA GLN A 41 2.55 -15.18 7.20
C GLN A 41 3.59 -15.25 6.08
N ARG A 42 3.16 -15.11 4.85
CA ARG A 42 4.10 -15.16 3.71
C ARG A 42 4.15 -13.77 3.04
N ARG A 43 5.09 -13.55 2.16
CA ARG A 43 5.18 -12.22 1.48
C ARG A 43 4.97 -12.43 -0.01
N GLY A 44 4.62 -11.39 -0.71
CA GLY A 44 4.40 -11.52 -2.18
C GLY A 44 4.62 -10.17 -2.86
N PHE A 45 4.61 -10.16 -4.16
CA PHE A 45 4.83 -8.88 -4.90
C PHE A 45 3.77 -8.72 -5.98
N LEU A 46 3.49 -7.52 -6.39
CA LEU A 46 2.48 -7.29 -7.46
C LEU A 46 3.17 -6.67 -8.67
N CYS A 47 2.87 -7.15 -9.84
CA CYS A 47 3.50 -6.60 -11.07
C CYS A 47 2.43 -6.23 -12.09
N ASN A 48 2.81 -5.69 -13.21
CA ASN A 48 1.81 -5.31 -14.23
C ASN A 48 1.16 -6.58 -14.79
N GLN A 49 1.46 -7.71 -14.20
CA GLN A 49 0.86 -8.98 -14.68
C GLN A 49 -0.23 -9.42 -13.69
N ALA A 50 -1.46 -9.39 -14.08
CA ALA A 50 -2.55 -9.81 -13.15
C ALA A 50 -2.83 -11.30 -13.35
N PRO A 51 -3.42 -11.95 -12.38
CA PRO A 51 -3.73 -13.40 -12.50
C PRO A 51 -4.48 -13.71 -13.80
N HIS A 52 -3.96 -14.60 -14.61
CA HIS A 52 -4.64 -14.94 -15.89
C HIS A 52 -6.04 -15.46 -15.59
N LYS A 53 -6.18 -16.16 -14.51
CA LYS A 53 -7.52 -16.71 -14.13
C LYS A 53 -8.52 -15.57 -13.95
N HIS A 54 -8.03 -14.38 -13.69
CA HIS A 54 -8.95 -13.22 -13.49
C HIS A 54 -9.64 -12.89 -14.82
N GLY A 55 -9.05 -13.27 -15.92
CA GLY A 55 -9.67 -12.97 -17.25
C GLY A 55 -8.76 -12.05 -18.06
N PHE A 56 -9.33 -11.12 -18.77
CA PHE A 56 -8.49 -10.18 -19.59
C PHE A 56 -8.56 -8.77 -18.99
N LEU A 57 -7.59 -7.96 -19.27
CA LEU A 57 -7.59 -6.57 -18.71
C LEU A 57 -8.91 -5.89 -19.05
N GLU A 58 -9.57 -5.35 -18.05
CA GLU A 58 -10.87 -4.65 -18.31
C GLU A 58 -10.65 -3.14 -18.20
N GLY A 59 -9.63 -2.73 -17.50
CA GLY A 59 -9.34 -1.28 -17.36
C GLY A 59 -7.88 -1.10 -16.98
N ARG A 60 -7.44 0.11 -16.79
CA ARG A 60 -6.01 0.34 -16.43
C ARG A 60 -5.92 0.95 -15.02
N HIS A 61 -5.87 0.12 -14.01
CA HIS A 61 -5.77 0.65 -12.62
C HIS A 61 -4.95 -0.32 -11.76
N ALA A 62 -3.91 0.16 -11.14
CA ALA A 62 -3.08 -0.75 -10.29
C ALA A 62 -3.90 -1.25 -9.09
N GLU A 63 -4.75 -0.41 -8.55
CA GLU A 63 -5.57 -0.85 -7.39
C GLU A 63 -6.43 -2.05 -7.78
N LEU A 64 -6.97 -2.05 -8.96
CA LEU A 64 -7.82 -3.19 -9.40
C LEU A 64 -6.98 -4.47 -9.46
N CYS A 65 -5.75 -4.38 -9.91
CA CYS A 65 -4.90 -5.59 -9.99
C CYS A 65 -4.78 -6.21 -8.59
N PHE A 66 -4.53 -5.38 -7.61
CA PHE A 66 -4.41 -5.91 -6.22
C PHE A 66 -5.75 -6.51 -5.80
N LEU A 67 -6.82 -5.87 -6.14
CA LEU A 67 -8.16 -6.38 -5.76
C LEU A 67 -8.32 -7.80 -6.32
N ASP A 68 -7.77 -8.07 -7.46
CA ASP A 68 -7.89 -9.43 -8.08
C ASP A 68 -7.06 -10.44 -7.26
N VAL A 69 -6.01 -9.99 -6.64
CA VAL A 69 -5.16 -10.91 -5.85
C VAL A 69 -5.90 -11.43 -4.60
N ILE A 70 -6.70 -10.61 -3.98
CA ILE A 70 -7.42 -11.08 -2.76
C ILE A 70 -8.21 -12.37 -3.04
N PRO A 71 -9.09 -12.39 -4.01
CA PRO A 71 -9.88 -13.62 -4.33
C PRO A 71 -8.98 -14.78 -4.77
N PHE A 72 -7.78 -14.48 -5.20
CA PHE A 72 -6.87 -15.57 -5.64
C PHE A 72 -6.34 -16.33 -4.43
N TRP A 73 -6.28 -15.69 -3.29
CA TRP A 73 -5.77 -16.39 -2.07
C TRP A 73 -6.90 -17.19 -1.44
N LYS A 74 -8.08 -17.13 -2.00
CA LYS A 74 -9.23 -17.91 -1.44
C LYS A 74 -9.20 -17.86 0.09
N LEU A 75 -9.29 -16.69 0.67
CA LEU A 75 -9.27 -16.59 2.16
C LEU A 75 -10.62 -17.07 2.71
N ASP A 76 -10.60 -17.79 3.79
CA ASP A 76 -11.88 -18.30 4.38
C ASP A 76 -12.66 -17.14 5.01
N LEU A 77 -13.92 -17.05 4.71
CA LEU A 77 -14.76 -15.95 5.29
C LEU A 77 -14.93 -16.16 6.80
N ASP A 78 -14.85 -17.38 7.26
CA ASP A 78 -15.05 -17.63 8.72
C ASP A 78 -13.76 -17.35 9.49
N GLN A 79 -12.66 -17.21 8.79
CA GLN A 79 -11.37 -16.92 9.48
C GLN A 79 -10.92 -15.50 9.15
N ASP A 80 -10.33 -14.81 10.10
CA ASP A 80 -9.88 -13.41 9.82
C ASP A 80 -8.46 -13.43 9.24
N TYR A 81 -8.20 -12.56 8.29
CA TYR A 81 -6.84 -12.52 7.68
C TYR A 81 -6.34 -11.07 7.67
N ARG A 82 -5.10 -10.85 7.98
CA ARG A 82 -4.58 -9.45 7.94
C ARG A 82 -3.74 -9.28 6.68
N VAL A 83 -4.08 -8.32 5.86
CA VAL A 83 -3.29 -8.11 4.60
C VAL A 83 -2.76 -6.68 4.57
N THR A 84 -1.53 -6.50 4.20
CA THR A 84 -0.96 -5.13 4.15
C THR A 84 -0.62 -4.80 2.70
N CYS A 85 -0.67 -3.55 2.34
CA CYS A 85 -0.36 -3.16 0.93
C CYS A 85 0.53 -1.91 0.92
N PHE A 86 1.66 -1.99 0.27
CA PHE A 86 2.56 -0.81 0.21
C PHE A 86 2.52 -0.26 -1.23
N THR A 87 2.15 0.98 -1.38
CA THR A 87 2.08 1.57 -2.75
C THR A 87 2.63 2.99 -2.74
N SER A 88 3.12 3.45 -3.87
CA SER A 88 3.66 4.84 -3.94
C SER A 88 2.79 5.67 -4.88
N TRP A 89 1.51 5.69 -4.66
CA TRP A 89 0.60 6.48 -5.54
C TRP A 89 -0.75 6.65 -4.83
N SER A 90 -1.63 7.44 -5.39
CA SER A 90 -2.97 7.64 -4.75
C SER A 90 -4.05 6.98 -5.62
N PRO A 91 -5.13 6.55 -5.02
CA PRO A 91 -6.25 5.89 -5.76
C PRO A 91 -7.05 6.89 -6.61
N CYS A 92 -7.64 6.43 -7.68
CA CYS A 92 -8.45 7.34 -8.54
C CYS A 92 -9.79 7.61 -7.86
N PHE A 93 -10.53 8.58 -8.33
CA PHE A 93 -11.84 8.88 -7.71
C PHE A 93 -12.72 7.64 -7.74
N SER A 94 -12.90 7.04 -8.89
CA SER A 94 -13.74 5.81 -8.98
C SER A 94 -13.07 4.67 -8.21
N CYS A 95 -11.78 4.57 -8.32
CA CYS A 95 -11.06 3.48 -7.60
C CYS A 95 -11.13 3.71 -6.09
N ALA A 96 -11.07 4.94 -5.67
CA ALA A 96 -11.13 5.22 -4.21
C ALA A 96 -12.46 4.72 -3.64
N GLN A 97 -13.53 4.93 -4.36
CA GLN A 97 -14.85 4.47 -3.86
C GLN A 97 -14.85 2.94 -3.78
N GLU A 98 -14.24 2.28 -4.72
CA GLU A 98 -14.21 0.79 -4.70
C GLU A 98 -13.43 0.32 -3.46
N MET A 99 -12.38 1.00 -3.12
CA MET A 99 -11.58 0.60 -1.94
C MET A 99 -12.47 0.62 -0.68
N ALA A 100 -13.26 1.65 -0.54
CA ALA A 100 -14.16 1.72 0.65
C ALA A 100 -15.14 0.56 0.63
N LYS A 101 -15.64 0.22 -0.53
CA LYS A 101 -16.60 -0.91 -0.62
C LYS A 101 -15.93 -2.20 -0.15
N PHE A 102 -14.66 -2.36 -0.43
CA PHE A 102 -13.95 -3.60 -0.01
C PHE A 102 -14.05 -3.78 1.51
N ILE A 103 -13.74 -2.76 2.26
CA ILE A 103 -13.83 -2.91 3.74
C ILE A 103 -15.26 -3.24 4.15
N SER A 104 -16.22 -2.57 3.56
CA SER A 104 -17.64 -2.85 3.92
C SER A 104 -17.97 -4.31 3.59
N LYS A 105 -17.50 -4.80 2.48
CA LYS A 105 -17.77 -6.21 2.10
C LYS A 105 -16.87 -7.14 2.89
N ASN A 106 -15.78 -6.65 3.41
CA ASN A 106 -14.85 -7.52 4.19
C ASN A 106 -14.36 -6.77 5.43
N LYS A 107 -15.16 -6.71 6.45
CA LYS A 107 -14.74 -6.00 7.69
C LYS A 107 -13.95 -6.98 8.58
N HIS A 108 -13.85 -8.21 8.19
CA HIS A 108 -13.11 -9.21 9.01
C HIS A 108 -11.65 -9.24 8.58
N VAL A 109 -11.31 -8.54 7.54
CA VAL A 109 -9.90 -8.52 7.07
C VAL A 109 -9.22 -7.23 7.50
N SER A 110 -8.05 -7.31 8.08
CA SER A 110 -7.35 -6.06 8.47
C SER A 110 -6.55 -5.57 7.27
N LEU A 111 -6.99 -4.52 6.64
CA LEU A 111 -6.28 -4.03 5.43
C LEU A 111 -5.66 -2.65 5.70
N CYS A 112 -4.38 -2.51 5.44
CA CYS A 112 -3.71 -1.21 5.66
C CYS A 112 -2.92 -0.84 4.39
N ILE A 113 -3.11 0.34 3.88
CA ILE A 113 -2.38 0.74 2.64
C ILE A 113 -1.42 1.89 2.95
N PHE A 114 -0.17 1.75 2.62
CA PHE A 114 0.79 2.85 2.89
C PHE A 114 1.08 3.58 1.59
N THR A 115 0.89 4.87 1.56
CA THR A 115 1.15 5.63 0.31
C THR A 115 2.52 6.31 0.41
N ALA A 116 3.45 5.90 -0.41
CA ALA A 116 4.80 6.53 -0.36
C ALA A 116 4.67 8.00 -0.75
N ARG A 117 3.80 8.29 -1.68
CA ARG A 117 3.61 9.71 -2.12
C ARG A 117 2.19 9.90 -2.65
N ILE A 118 1.66 11.09 -2.56
CA ILE A 118 0.28 11.33 -3.05
C ILE A 118 0.31 12.35 -4.20
N TYR A 119 -0.18 11.97 -5.36
CA TYR A 119 -0.17 12.91 -6.51
C TYR A 119 -1.61 13.21 -6.93
N ASP A 120 -1.94 14.46 -7.13
CA ASP A 120 -3.33 14.82 -7.54
C ASP A 120 -3.26 15.73 -8.78
N ASP A 121 -3.82 15.29 -9.88
CA ASP A 121 -3.79 16.12 -11.11
C ASP A 121 -4.52 17.44 -10.86
N GLN A 122 -5.63 17.41 -10.16
CA GLN A 122 -6.38 18.66 -9.89
C GLN A 122 -6.81 18.70 -8.43
N GLY A 123 -7.08 19.86 -7.91
CA GLY A 123 -7.49 19.97 -6.48
C GLY A 123 -8.89 19.38 -6.32
N ARG A 124 -9.01 18.28 -5.63
CA ARG A 124 -10.34 17.65 -5.44
C ARG A 124 -10.16 16.29 -4.75
N CYS A 125 -9.15 15.56 -5.14
CA CYS A 125 -8.91 14.22 -4.52
C CYS A 125 -8.85 14.37 -3.00
N GLN A 126 -8.63 15.56 -2.51
CA GLN A 126 -8.56 15.75 -1.04
C GLN A 126 -9.84 15.23 -0.38
N GLU A 127 -10.97 15.48 -0.99
CA GLU A 127 -12.24 14.98 -0.40
C GLU A 127 -12.22 13.46 -0.37
N GLY A 128 -11.67 12.85 -1.38
CA GLY A 128 -11.61 11.36 -1.43
C GLY A 128 -10.73 10.84 -0.29
N LEU A 129 -9.67 11.53 0.03
CA LEU A 129 -8.78 11.06 1.12
C LEU A 129 -9.56 10.96 2.43
N ARG A 130 -10.41 11.90 2.71
CA ARG A 130 -11.19 11.84 3.97
C ARG A 130 -12.08 10.61 3.96
N THR A 131 -12.76 10.37 2.87
CA THR A 131 -13.63 9.17 2.77
C THR A 131 -12.76 7.92 2.75
N LEU A 132 -11.68 7.96 2.02
CA LEU A 132 -10.78 6.79 1.92
C LEU A 132 -10.23 6.46 3.31
N ALA A 133 -9.88 7.44 4.07
CA ALA A 133 -9.33 7.16 5.43
C ALA A 133 -10.42 6.52 6.30
N GLU A 134 -11.64 6.93 6.11
CA GLU A 134 -12.74 6.36 6.94
C GLU A 134 -13.09 4.94 6.47
N ALA A 135 -13.37 4.75 5.21
CA ALA A 135 -13.73 3.39 4.73
C ALA A 135 -12.64 2.84 3.82
N GLY A 136 -11.78 3.67 3.29
CA GLY A 136 -10.71 3.16 2.41
C GLY A 136 -9.64 2.48 3.25
N ALA A 137 -10.05 1.73 4.23
CA ALA A 137 -9.06 1.02 5.10
C ALA A 137 -8.11 2.03 5.74
N LYS A 138 -7.23 1.56 6.58
CA LYS A 138 -6.28 2.45 7.27
C LYS A 138 -5.17 2.88 6.31
N ILE A 139 -4.93 4.17 6.18
CA ILE A 139 -3.85 4.65 5.26
C ILE A 139 -2.89 5.55 6.01
N SER A 140 -1.61 5.35 5.84
CA SER A 140 -0.62 6.21 6.54
C SER A 140 0.57 6.48 5.61
N ILE A 141 1.34 7.50 5.90
CA ILE A 141 2.52 7.79 5.05
C ILE A 141 3.72 7.02 5.59
N MET A 142 4.55 6.51 4.73
CA MET A 142 5.74 5.74 5.21
C MET A 142 6.62 6.63 6.09
N THR A 143 7.01 6.14 7.23
CA THR A 143 7.87 6.95 8.13
C THR A 143 9.27 6.32 8.19
N TYR A 144 10.24 7.05 8.66
CA TYR A 144 11.62 6.49 8.73
C TYR A 144 11.59 5.16 9.48
N SER A 145 10.87 5.09 10.57
CA SER A 145 10.82 3.81 11.34
C SER A 145 10.17 2.73 10.46
N GLU A 146 9.09 3.06 9.83
CA GLU A 146 8.40 2.07 8.95
C GLU A 146 9.28 1.76 7.74
N PHE A 147 10.01 2.74 7.27
CA PHE A 147 10.88 2.50 6.08
C PHE A 147 11.84 1.35 6.37
N LYS A 148 12.49 1.37 7.50
CA LYS A 148 13.45 0.27 7.83
C LYS A 148 12.69 -1.06 7.85
N HIS A 149 11.50 -1.08 8.36
CA HIS A 149 10.72 -2.35 8.40
C HIS A 149 10.48 -2.86 6.98
N CYS A 150 10.04 -2.01 6.10
CA CYS A 150 9.80 -2.46 4.70
C CYS A 150 11.13 -2.89 4.08
N TRP A 151 12.16 -2.13 4.31
CA TRP A 151 13.49 -2.49 3.76
C TRP A 151 13.93 -3.85 4.29
N ASP A 152 13.82 -4.07 5.57
CA ASP A 152 14.25 -5.38 6.15
C ASP A 152 13.26 -6.50 5.80
N THR A 153 11.98 -6.26 5.93
CA THR A 153 10.98 -7.34 5.66
C THR A 153 10.93 -7.74 4.19
N PHE A 154 10.82 -6.80 3.29
CA PHE A 154 10.73 -7.18 1.84
C PHE A 154 12.09 -7.62 1.31
N VAL A 155 13.14 -6.94 1.69
CA VAL A 155 14.49 -7.33 1.20
C VAL A 155 15.46 -7.46 2.38
N ASP A 156 16.34 -8.42 2.32
CA ASP A 156 17.30 -8.60 3.43
C ASP A 156 18.31 -7.46 3.43
N HIS A 157 18.51 -6.82 4.55
CA HIS A 157 19.47 -5.69 4.61
C HIS A 157 20.88 -6.24 4.86
N GLN A 158 21.01 -7.52 5.04
CA GLN A 158 22.36 -8.11 5.29
C GLN A 158 23.24 -7.91 4.05
N GLY A 159 24.42 -7.41 4.25
CA GLY A 159 25.34 -7.18 3.09
C GLY A 159 24.98 -5.85 2.42
N CYS A 160 23.80 -5.35 2.66
CA CYS A 160 23.39 -4.06 2.04
C CYS A 160 22.91 -3.10 3.14
N PRO A 161 23.82 -2.44 3.79
CA PRO A 161 23.48 -1.47 4.88
C PRO A 161 22.66 -0.29 4.36
N PHE A 162 21.74 0.20 5.15
CA PHE A 162 20.92 1.36 4.70
C PHE A 162 21.57 2.66 5.16
N GLN A 163 21.72 3.61 4.27
CA GLN A 163 22.35 4.90 4.65
C GLN A 163 21.27 5.98 4.78
N PRO A 164 20.92 6.38 5.98
CA PRO A 164 19.89 7.42 6.18
C PRO A 164 20.26 8.73 5.49
N TRP A 165 19.30 9.34 4.84
CA TRP A 165 19.56 10.63 4.14
C TRP A 165 18.44 11.61 4.44
N ASP A 166 18.63 12.87 4.18
CA ASP A 166 17.55 13.86 4.47
C ASP A 166 16.56 13.86 3.31
N GLY A 167 16.40 12.75 2.66
CA GLY A 167 15.44 12.67 1.53
C GLY A 167 14.07 12.27 2.08
N LEU A 168 14.04 11.29 2.93
CA LEU A 168 12.73 10.86 3.52
C LEU A 168 12.11 12.05 4.25
N ASP A 169 12.92 12.83 4.90
CA ASP A 169 12.38 14.01 5.65
C ASP A 169 11.79 15.01 4.65
N GLU A 170 12.50 15.30 3.59
CA GLU A 170 11.97 16.27 2.60
C GLU A 170 10.76 15.67 1.89
N HIS A 171 10.85 14.44 1.49
CA HIS A 171 9.70 13.79 0.80
C HIS A 171 8.52 13.67 1.77
N SER A 172 8.77 13.19 2.95
CA SER A 172 7.67 13.03 3.95
C SER A 172 7.12 14.39 4.38
N GLN A 173 7.96 15.38 4.49
CA GLN A 173 7.47 16.71 4.95
C GLN A 173 6.36 17.24 4.02
N ASP A 174 6.58 17.22 2.73
CA ASP A 174 5.54 17.73 1.81
C ASP A 174 4.37 16.73 1.75
N LEU A 175 4.67 15.48 1.53
CA LEU A 175 3.58 14.46 1.45
C LEU A 175 2.85 14.43 2.79
N SER A 176 3.57 14.43 3.86
CA SER A 176 2.91 14.41 5.20
C SER A 176 2.27 15.78 5.43
N GLY A 177 2.88 16.82 4.92
CA GLY A 177 2.33 18.18 5.12
C GLY A 177 0.94 18.27 4.46
N ARG A 178 0.82 17.89 3.22
CA ARG A 178 -0.51 17.96 2.56
C ARG A 178 -1.47 17.07 3.32
N LEU A 179 -1.05 15.89 3.66
CA LEU A 179 -1.92 14.97 4.44
C LEU A 179 -2.16 15.58 5.82
N ARG A 180 -1.17 16.22 6.37
CA ARG A 180 -1.33 16.85 7.71
C ARG A 180 -2.51 17.82 7.65
N ALA A 181 -2.63 18.55 6.58
CA ALA A 181 -3.75 19.53 6.47
C ALA A 181 -5.08 18.78 6.58
N ILE A 182 -5.21 17.67 5.91
CA ILE A 182 -6.48 16.91 5.99
C ILE A 182 -6.74 16.49 7.43
N LEU A 183 -5.76 15.89 8.06
CA LEU A 183 -5.92 15.45 9.47
C LEU A 183 -5.97 16.67 10.39
N GLN A 184 -5.28 17.72 10.05
CA GLN A 184 -5.30 18.94 10.91
C GLN A 184 -6.72 19.51 10.94
N ASN A 185 -7.41 19.46 9.83
CA ASN A 185 -8.79 19.97 9.79
C ASN A 185 -9.73 18.89 10.31
N GLN A 186 -9.16 17.82 10.82
CA GLN A 186 -10.01 16.73 11.35
C GLN A 186 -10.88 17.30 12.47
N GLU A 187 -12.11 17.62 12.17
CA GLU A 187 -12.99 18.20 13.23
C GLU A 187 -13.33 17.12 14.25
N ASN A 188 -13.17 17.44 15.51
CA ASN A 188 -13.48 16.45 16.58
C ASN A 188 -14.98 16.14 16.57
N MET A 1 18.34 -9.44 -0.91
CA MET A 1 18.04 -7.98 -0.73
C MET A 1 19.01 -7.15 -1.56
N ASP A 2 18.50 -6.20 -2.29
CA ASP A 2 19.39 -5.34 -3.12
C ASP A 2 19.59 -4.01 -2.39
N PRO A 3 20.60 -3.27 -2.76
CA PRO A 3 20.89 -1.96 -2.12
C PRO A 3 19.58 -1.24 -1.79
N PRO A 4 19.61 -0.33 -0.85
CA PRO A 4 18.39 0.43 -0.43
C PRO A 4 17.52 0.87 -1.61
N THR A 5 16.87 -0.05 -2.26
CA THR A 5 16.00 0.30 -3.42
C THR A 5 14.76 1.04 -2.93
N PHE A 6 14.24 0.66 -1.80
CA PHE A 6 13.02 1.36 -1.28
C PHE A 6 13.38 2.82 -1.05
N THR A 7 14.50 3.06 -0.45
CA THR A 7 14.94 4.46 -0.21
C THR A 7 15.27 5.11 -1.55
N PHE A 8 15.91 4.38 -2.41
CA PHE A 8 16.27 4.93 -3.76
C PHE A 8 14.99 5.35 -4.48
N ASN A 9 13.98 4.55 -4.40
CA ASN A 9 12.71 4.89 -5.10
C ASN A 9 12.18 6.24 -4.62
N PHE A 10 12.30 6.52 -3.35
CA PHE A 10 11.82 7.84 -2.83
C PHE A 10 12.69 8.95 -3.42
N ASN A 11 13.89 8.63 -3.80
CA ASN A 11 14.79 9.66 -4.40
C ASN A 11 14.41 9.83 -5.87
N ASN A 12 13.32 9.23 -6.28
CA ASN A 12 12.89 9.32 -7.71
C ASN A 12 12.22 10.66 -7.99
N GLU A 13 12.40 11.65 -7.15
CA GLU A 13 11.75 12.96 -7.41
C GLU A 13 12.15 13.49 -8.80
N PRO A 14 13.42 13.63 -9.06
CA PRO A 14 13.91 14.11 -10.39
C PRO A 14 13.86 13.00 -11.45
N TRP A 15 13.77 11.77 -11.02
CA TRP A 15 13.71 10.64 -11.97
C TRP A 15 12.47 10.76 -12.87
N VAL A 16 11.67 11.76 -12.65
CA VAL A 16 10.44 11.93 -13.48
C VAL A 16 10.82 12.01 -14.96
N ARG A 17 11.13 10.89 -15.56
CA ARG A 17 11.50 10.91 -17.00
C ARG A 17 10.31 10.41 -17.82
N GLY A 18 9.27 9.97 -17.16
CA GLY A 18 8.07 9.49 -17.89
C GLY A 18 8.14 7.97 -18.08
N ARG A 19 9.18 7.33 -17.58
CA ARG A 19 9.29 5.85 -17.74
C ARG A 19 9.58 5.20 -16.38
N HIS A 20 8.60 5.12 -15.53
CA HIS A 20 8.80 4.49 -14.20
C HIS A 20 7.67 3.50 -13.93
N GLU A 21 7.98 2.27 -13.57
CA GLU A 21 6.89 1.29 -13.30
C GLU A 21 6.53 1.34 -11.82
N THR A 22 5.27 1.20 -11.50
CA THR A 22 4.84 1.25 -10.08
C THR A 22 4.98 -0.14 -9.44
N TYR A 23 5.53 -0.20 -8.25
CA TYR A 23 5.68 -1.51 -7.56
C TYR A 23 5.09 -1.39 -6.16
N LEU A 24 4.47 -2.43 -5.66
CA LEU A 24 3.86 -2.37 -4.30
C LEU A 24 4.52 -3.40 -3.39
N CYS A 25 4.76 -3.04 -2.15
CA CYS A 25 5.38 -4.00 -1.19
C CYS A 25 4.36 -4.33 -0.11
N TYR A 26 4.24 -5.58 0.27
CA TYR A 26 3.23 -5.94 1.31
C TYR A 26 3.79 -6.96 2.29
N GLU A 27 3.11 -7.12 3.39
CA GLU A 27 3.53 -8.09 4.42
C GLU A 27 2.29 -8.86 4.86
N VAL A 28 2.44 -10.03 5.42
CA VAL A 28 1.24 -10.80 5.85
C VAL A 28 1.43 -11.34 7.26
N GLU A 29 0.39 -11.29 8.05
CA GLU A 29 0.46 -11.78 9.45
C GLU A 29 -0.69 -12.75 9.71
N ARG A 30 -0.52 -13.67 10.62
CA ARG A 30 -1.61 -14.63 10.93
C ARG A 30 -2.16 -14.29 12.31
N MET A 31 -3.45 -14.14 12.43
CA MET A 31 -4.03 -13.78 13.76
C MET A 31 -4.99 -14.87 14.24
N HIS A 32 -4.82 -15.31 15.47
CA HIS A 32 -5.71 -16.35 16.02
C HIS A 32 -6.83 -15.65 16.83
N ASN A 33 -8.00 -16.20 16.85
CA ASN A 33 -9.12 -15.54 17.58
C ASN A 33 -8.73 -15.32 19.05
N ASP A 34 -8.05 -16.25 19.64
CA ASP A 34 -7.66 -16.07 21.07
C ASP A 34 -6.22 -15.56 21.16
N THR A 35 -5.47 -15.70 20.12
CA THR A 35 -4.06 -15.22 20.14
C THR A 35 -3.66 -14.64 18.79
N TRP A 36 -2.65 -13.82 18.75
CA TRP A 36 -2.20 -13.24 17.46
C TRP A 36 -0.82 -13.80 17.12
N VAL A 37 -0.59 -14.12 15.88
CA VAL A 37 0.74 -14.67 15.47
C VAL A 37 1.40 -13.70 14.50
N LEU A 38 2.64 -13.38 14.72
CA LEU A 38 3.33 -12.43 13.79
C LEU A 38 4.18 -13.21 12.79
N LEU A 39 3.78 -13.22 11.56
CA LEU A 39 4.56 -13.95 10.52
C LEU A 39 5.64 -13.02 9.97
N ASN A 40 6.16 -12.14 10.79
CA ASN A 40 7.21 -11.20 10.32
C ASN A 40 8.42 -11.98 9.83
N GLN A 41 8.56 -13.20 10.26
CA GLN A 41 9.73 -14.02 9.81
C GLN A 41 9.75 -14.06 8.28
N ARG A 42 8.59 -14.11 7.67
CA ARG A 42 8.53 -14.15 6.18
C ARG A 42 7.92 -12.85 5.67
N ARG A 43 8.42 -12.34 4.56
CA ARG A 43 7.86 -11.08 4.00
C ARG A 43 7.35 -11.35 2.58
N GLY A 44 6.59 -10.44 2.03
CA GLY A 44 6.07 -10.65 0.64
C GLY A 44 6.23 -9.35 -0.16
N PHE A 45 6.35 -9.47 -1.46
CA PHE A 45 6.50 -8.25 -2.29
C PHE A 45 5.65 -8.39 -3.55
N LEU A 46 5.22 -7.30 -4.12
CA LEU A 46 4.40 -7.37 -5.36
C LEU A 46 5.12 -6.64 -6.48
N CYS A 47 5.20 -7.25 -7.63
CA CYS A 47 5.89 -6.62 -8.77
C CYS A 47 4.87 -5.88 -9.63
N ASN A 48 5.30 -4.93 -10.42
CA ASN A 48 4.35 -4.19 -11.28
C ASN A 48 3.76 -5.16 -12.31
N GLN A 49 4.44 -6.25 -12.56
CA GLN A 49 3.93 -7.23 -13.55
C GLN A 49 3.16 -8.34 -12.81
N ALA A 50 2.00 -8.69 -13.30
CA ALA A 50 1.21 -9.76 -12.63
C ALA A 50 1.56 -11.11 -13.27
N PRO A 51 2.17 -12.03 -12.53
CA PRO A 51 2.53 -13.36 -13.08
C PRO A 51 1.34 -14.06 -13.75
N HIS A 52 1.58 -14.84 -14.76
CA HIS A 52 0.47 -15.54 -15.46
C HIS A 52 -0.25 -16.48 -14.50
N LYS A 53 0.48 -17.16 -13.67
CA LYS A 53 -0.16 -18.11 -12.71
C LYS A 53 -1.16 -17.40 -11.81
N HIS A 54 -1.03 -16.10 -11.65
CA HIS A 54 -1.99 -15.37 -10.77
C HIS A 54 -3.38 -15.36 -11.41
N GLY A 55 -3.48 -15.68 -12.67
CA GLY A 55 -4.82 -15.68 -13.33
C GLY A 55 -4.77 -14.90 -14.64
N PHE A 56 -5.84 -14.20 -14.95
CA PHE A 56 -5.88 -13.43 -16.23
C PHE A 56 -6.01 -11.93 -15.93
N LEU A 57 -5.74 -11.10 -16.88
CA LEU A 57 -5.83 -9.63 -16.66
C LEU A 57 -7.28 -9.24 -16.38
N GLU A 58 -7.50 -8.49 -15.34
CA GLU A 58 -8.89 -8.07 -15.00
C GLU A 58 -9.06 -6.59 -15.36
N GLY A 59 -8.02 -5.97 -15.83
CA GLY A 59 -8.09 -4.53 -16.20
C GLY A 59 -6.71 -3.90 -16.04
N ARG A 60 -6.56 -2.64 -16.29
CA ARG A 60 -5.21 -2.02 -16.11
C ARG A 60 -5.15 -1.32 -14.76
N HIS A 61 -4.83 -2.04 -13.73
CA HIS A 61 -4.74 -1.42 -12.37
C HIS A 61 -3.69 -2.15 -11.53
N ALA A 62 -2.77 -1.44 -10.95
CA ALA A 62 -1.74 -2.11 -10.11
C ALA A 62 -2.39 -2.76 -8.89
N GLU A 63 -3.39 -2.12 -8.32
CA GLU A 63 -4.06 -2.70 -7.12
C GLU A 63 -4.74 -4.03 -7.46
N LEU A 64 -5.33 -4.14 -8.62
CA LEU A 64 -6.01 -5.41 -8.97
C LEU A 64 -4.98 -6.55 -8.95
N CYS A 65 -3.79 -6.31 -9.42
CA CYS A 65 -2.76 -7.38 -9.40
C CYS A 65 -2.61 -7.87 -7.96
N PHE A 66 -2.59 -6.96 -7.03
CA PHE A 66 -2.46 -7.37 -5.59
C PHE A 66 -3.67 -8.23 -5.21
N LEU A 67 -4.84 -7.87 -5.66
CA LEU A 67 -6.05 -8.66 -5.31
C LEU A 67 -5.88 -10.10 -5.81
N ASP A 68 -5.18 -10.28 -6.90
CA ASP A 68 -4.99 -11.67 -7.44
C ASP A 68 -4.08 -12.47 -6.49
N VAL A 69 -3.15 -11.83 -5.86
CA VAL A 69 -2.22 -12.53 -4.94
C VAL A 69 -2.95 -13.08 -3.71
N ILE A 70 -3.90 -12.34 -3.18
CA ILE A 70 -4.62 -12.82 -1.96
C ILE A 70 -5.17 -14.25 -2.15
N PRO A 71 -5.96 -14.51 -3.16
CA PRO A 71 -6.52 -15.86 -3.40
C PRO A 71 -5.42 -16.88 -3.67
N PHE A 72 -4.27 -16.43 -4.11
CA PHE A 72 -3.15 -17.38 -4.39
C PHE A 72 -2.55 -17.85 -3.07
N TRP A 73 -2.70 -17.08 -2.01
CA TRP A 73 -2.13 -17.50 -0.69
C TRP A 73 -3.12 -18.44 0.00
N LYS A 74 -4.25 -18.70 -0.60
CA LYS A 74 -5.24 -19.62 0.02
C LYS A 74 -5.34 -19.34 1.53
N LEU A 75 -5.79 -18.18 1.91
CA LEU A 75 -5.91 -17.86 3.36
C LEU A 75 -7.10 -18.62 3.95
N ASP A 76 -7.02 -19.01 5.19
CA ASP A 76 -8.15 -19.76 5.81
C ASP A 76 -9.23 -18.78 6.27
N LEU A 77 -10.43 -18.98 5.82
CA LEU A 77 -11.56 -18.09 6.21
C LEU A 77 -11.86 -18.25 7.70
N ASP A 78 -11.55 -19.39 8.27
CA ASP A 78 -11.85 -19.60 9.72
C ASP A 78 -10.78 -18.94 10.59
N GLN A 79 -9.68 -18.56 10.01
CA GLN A 79 -8.61 -17.91 10.81
C GLN A 79 -8.53 -16.43 10.44
N ASP A 80 -8.23 -15.59 11.40
CA ASP A 80 -8.15 -14.13 11.09
C ASP A 80 -6.83 -13.84 10.38
N TYR A 81 -6.85 -12.95 9.42
CA TYR A 81 -5.61 -12.62 8.67
C TYR A 81 -5.38 -11.11 8.66
N ARG A 82 -4.16 -10.69 8.88
CA ARG A 82 -3.85 -9.24 8.85
C ARG A 82 -2.81 -8.99 7.75
N VAL A 83 -3.16 -8.21 6.76
CA VAL A 83 -2.21 -7.94 5.65
C VAL A 83 -1.97 -6.44 5.52
N THR A 84 -0.74 -6.04 5.33
CA THR A 84 -0.44 -4.59 5.18
C THR A 84 -0.01 -4.31 3.73
N CYS A 85 -0.26 -3.14 3.25
CA CYS A 85 0.12 -2.82 1.84
C CYS A 85 0.75 -1.42 1.78
N PHE A 86 1.94 -1.34 1.25
CA PHE A 86 2.63 -0.01 1.15
C PHE A 86 2.61 0.43 -0.31
N THR A 87 2.08 1.60 -0.57
CA THR A 87 2.03 2.09 -1.98
C THR A 87 2.39 3.58 -2.03
N SER A 88 2.88 4.04 -3.16
CA SER A 88 3.26 5.48 -3.27
C SER A 88 2.50 6.13 -4.44
N TRP A 89 1.20 6.01 -4.46
CA TRP A 89 0.42 6.63 -5.58
C TRP A 89 -1.02 6.88 -5.13
N SER A 90 -1.79 7.56 -5.96
CA SER A 90 -3.20 7.85 -5.60
C SER A 90 -4.10 6.72 -6.11
N PRO A 91 -5.25 6.54 -5.50
CA PRO A 91 -6.22 5.48 -5.91
C PRO A 91 -6.96 5.85 -7.19
N CYS A 92 -7.50 4.88 -7.89
CA CYS A 92 -8.24 5.19 -9.15
C CYS A 92 -9.75 5.05 -8.89
N PHE A 93 -10.55 5.73 -9.66
CA PHE A 93 -12.02 5.65 -9.43
C PHE A 93 -12.48 4.18 -9.48
N SER A 94 -12.07 3.44 -10.48
CA SER A 94 -12.47 2.02 -10.56
C SER A 94 -11.83 1.23 -9.43
N CYS A 95 -10.64 1.60 -9.03
CA CYS A 95 -9.94 0.86 -7.93
C CYS A 95 -10.63 1.15 -6.60
N ALA A 96 -10.99 2.38 -6.35
CA ALA A 96 -11.65 2.70 -5.06
C ALA A 96 -12.90 1.85 -4.88
N GLN A 97 -13.70 1.72 -5.91
CA GLN A 97 -14.93 0.91 -5.79
C GLN A 97 -14.55 -0.57 -5.58
N GLU A 98 -13.58 -1.06 -6.29
CA GLU A 98 -13.19 -2.50 -6.13
C GLU A 98 -12.54 -2.72 -4.76
N MET A 99 -11.75 -1.80 -4.29
CA MET A 99 -11.09 -1.98 -2.97
C MET A 99 -12.15 -2.09 -1.87
N ALA A 100 -13.16 -1.26 -1.91
CA ALA A 100 -14.22 -1.33 -0.86
C ALA A 100 -14.92 -2.69 -0.91
N LYS A 101 -15.18 -3.18 -2.10
CA LYS A 101 -15.87 -4.50 -2.22
C LYS A 101 -15.00 -5.59 -1.58
N PHE A 102 -13.70 -5.46 -1.69
CA PHE A 102 -12.82 -6.51 -1.10
C PHE A 102 -13.09 -6.64 0.39
N ILE A 103 -13.13 -5.55 1.11
CA ILE A 103 -13.40 -5.64 2.57
C ILE A 103 -14.77 -6.25 2.80
N SER A 104 -15.74 -5.85 2.02
CA SER A 104 -17.12 -6.41 2.20
C SER A 104 -17.09 -7.92 1.94
N LYS A 105 -16.35 -8.34 0.95
CA LYS A 105 -16.27 -9.80 0.64
C LYS A 105 -15.34 -10.48 1.64
N ASN A 106 -14.46 -9.73 2.24
CA ASN A 106 -13.51 -10.33 3.22
C ASN A 106 -13.39 -9.41 4.45
N LYS A 107 -14.34 -9.46 5.33
CA LYS A 107 -14.29 -8.59 6.53
C LYS A 107 -13.43 -9.27 7.60
N HIS A 108 -13.03 -10.49 7.37
CA HIS A 108 -12.20 -11.21 8.37
C HIS A 108 -10.73 -10.83 8.18
N VAL A 109 -10.41 -10.16 7.11
CA VAL A 109 -9.00 -9.76 6.87
C VAL A 109 -8.79 -8.29 7.25
N SER A 110 -7.75 -8.00 7.99
CA SER A 110 -7.48 -6.59 8.35
C SER A 110 -6.51 -6.01 7.32
N LEU A 111 -6.97 -5.16 6.45
CA LEU A 111 -6.07 -4.60 5.41
C LEU A 111 -5.85 -3.10 5.61
N CYS A 112 -4.62 -2.68 5.61
CA CYS A 112 -4.30 -1.23 5.78
C CYS A 112 -3.40 -0.79 4.63
N ILE A 113 -3.71 0.31 3.99
CA ILE A 113 -2.87 0.76 2.84
C ILE A 113 -2.21 2.10 3.16
N PHE A 114 -0.92 2.20 3.00
CA PHE A 114 -0.23 3.49 3.27
C PHE A 114 0.13 4.14 1.94
N THR A 115 -0.33 5.34 1.71
CA THR A 115 0.01 6.02 0.43
C THR A 115 1.10 7.06 0.66
N ALA A 116 2.24 6.88 0.06
CA ALA A 116 3.34 7.87 0.26
C ALA A 116 2.89 9.22 -0.33
N ARG A 117 2.16 9.18 -1.41
CA ARG A 117 1.67 10.45 -2.02
C ARG A 117 0.38 10.20 -2.79
N ILE A 118 -0.52 11.15 -2.76
CA ILE A 118 -1.81 10.99 -3.49
C ILE A 118 -1.94 12.14 -4.50
N TYR A 119 -2.06 11.82 -5.76
CA TYR A 119 -2.18 12.89 -6.79
C TYR A 119 -3.53 12.78 -7.51
N ASP A 120 -4.27 13.86 -7.56
CA ASP A 120 -5.59 13.84 -8.25
C ASP A 120 -5.52 14.68 -9.52
N ASP A 121 -5.85 14.12 -10.65
CA ASP A 121 -5.79 14.90 -11.92
C ASP A 121 -6.71 16.12 -11.79
N GLN A 122 -7.86 15.95 -11.22
CA GLN A 122 -8.80 17.10 -11.06
C GLN A 122 -9.43 17.03 -9.67
N GLY A 123 -9.93 18.14 -9.18
CA GLY A 123 -10.55 18.12 -7.83
C GLY A 123 -11.87 17.36 -7.88
N ARG A 124 -11.90 16.16 -7.36
CA ARG A 124 -13.16 15.35 -7.37
C ARG A 124 -12.89 14.03 -6.65
N CYS A 125 -11.76 13.42 -6.92
CA CYS A 125 -11.42 12.13 -6.26
C CYS A 125 -11.62 12.24 -4.75
N GLN A 126 -11.69 13.44 -4.24
CA GLN A 126 -11.86 13.60 -2.77
C GLN A 126 -13.12 12.83 -2.32
N GLU A 127 -14.15 12.86 -3.11
CA GLU A 127 -15.38 12.12 -2.72
C GLU A 127 -15.10 10.62 -2.71
N GLY A 128 -14.36 10.15 -3.68
CA GLY A 128 -14.03 8.69 -3.73
C GLY A 128 -13.17 8.33 -2.54
N LEU A 129 -12.24 9.17 -2.17
CA LEU A 129 -11.36 8.86 -1.01
C LEU A 129 -12.20 8.70 0.25
N ARG A 130 -13.24 9.49 0.39
CA ARG A 130 -14.10 9.37 1.61
C ARG A 130 -14.64 7.94 1.69
N THR A 131 -15.15 7.45 0.60
CA THR A 131 -15.68 6.06 0.58
C THR A 131 -14.54 5.08 0.81
N LEU A 132 -13.42 5.34 0.20
CA LEU A 132 -12.24 4.44 0.35
C LEU A 132 -11.85 4.32 1.82
N ALA A 133 -11.89 5.41 2.53
CA ALA A 133 -11.51 5.36 3.98
C ALA A 133 -12.54 4.51 4.75
N GLU A 134 -13.79 4.55 4.35
CA GLU A 134 -14.82 3.76 5.06
C GLU A 134 -14.71 2.27 4.72
N ALA A 135 -14.72 1.94 3.44
CA ALA A 135 -14.63 0.51 3.05
C ALA A 135 -13.30 0.22 2.36
N GLY A 136 -12.62 1.22 1.88
CA GLY A 136 -11.32 0.98 1.20
C GLY A 136 -10.23 0.72 2.24
N ALA A 137 -10.53 -0.03 3.26
CA ALA A 137 -9.51 -0.32 4.31
C ALA A 137 -9.01 0.99 4.92
N LYS A 138 -8.15 0.91 5.89
CA LYS A 138 -7.64 2.15 6.54
C LYS A 138 -6.50 2.74 5.70
N ILE A 139 -6.52 4.03 5.47
CA ILE A 139 -5.43 4.67 4.67
C ILE A 139 -4.77 5.78 5.49
N SER A 140 -3.47 5.78 5.55
CA SER A 140 -2.76 6.83 6.32
C SER A 140 -1.49 7.27 5.57
N ILE A 141 -1.02 8.45 5.85
CA ILE A 141 0.23 8.93 5.16
C ILE A 141 1.44 8.30 5.85
N MET A 142 2.47 8.00 5.10
CA MET A 142 3.69 7.39 5.71
C MET A 142 4.39 8.42 6.58
N THR A 143 4.94 7.99 7.70
CA THR A 143 5.65 8.94 8.60
C THR A 143 7.12 8.53 8.66
N TYR A 144 7.98 9.46 8.98
CA TYR A 144 9.43 9.12 9.06
C TYR A 144 9.63 7.92 9.98
N SER A 145 8.93 7.88 11.09
CA SER A 145 9.08 6.73 12.02
C SER A 145 8.61 5.45 11.33
N GLU A 146 7.46 5.50 10.71
CA GLU A 146 6.95 4.29 10.01
C GLU A 146 7.89 3.93 8.85
N PHE A 147 8.42 4.93 8.20
CA PHE A 147 9.35 4.66 7.06
C PHE A 147 10.53 3.82 7.55
N LYS A 148 11.09 4.16 8.67
CA LYS A 148 12.25 3.39 9.19
C LYS A 148 11.86 1.91 9.35
N HIS A 149 10.68 1.66 9.85
CA HIS A 149 10.24 0.24 10.03
C HIS A 149 10.22 -0.46 8.66
N CYS A 150 9.68 0.19 7.67
CA CYS A 150 9.63 -0.43 6.32
C CYS A 150 11.06 -0.69 5.83
N TRP A 151 11.92 0.27 6.03
CA TRP A 151 13.33 0.10 5.59
C TRP A 151 13.96 -1.12 6.28
N ASP A 152 13.86 -1.20 7.58
CA ASP A 152 14.47 -2.35 8.30
C ASP A 152 13.72 -3.65 7.96
N THR A 153 12.42 -3.61 7.92
CA THR A 153 11.64 -4.85 7.63
C THR A 153 11.83 -5.31 6.17
N PHE A 154 11.68 -4.41 5.24
CA PHE A 154 11.83 -4.82 3.81
C PHE A 154 13.31 -5.04 3.45
N VAL A 155 14.20 -4.27 4.03
CA VAL A 155 15.65 -4.45 3.71
C VAL A 155 16.45 -4.60 5.00
N ASP A 156 17.43 -5.45 5.00
CA ASP A 156 18.25 -5.66 6.22
C ASP A 156 19.24 -4.49 6.38
N HIS A 157 19.33 -3.94 7.55
CA HIS A 157 20.27 -2.81 7.77
C HIS A 157 21.71 -3.27 7.52
N GLN A 158 21.98 -4.52 7.71
CA GLN A 158 23.37 -5.02 7.49
C GLN A 158 23.64 -5.15 5.98
N GLY A 159 24.51 -4.33 5.46
CA GLY A 159 24.85 -4.40 4.01
C GLY A 159 23.96 -3.44 3.21
N CYS A 160 22.85 -3.03 3.77
CA CYS A 160 21.96 -2.08 3.05
C CYS A 160 21.66 -0.88 3.96
N PRO A 161 22.54 0.09 3.98
CA PRO A 161 22.36 1.30 4.83
C PRO A 161 21.38 2.32 4.22
N PHE A 162 20.55 2.90 5.04
CA PHE A 162 19.59 3.92 4.53
C PHE A 162 20.00 5.31 5.03
N GLN A 163 19.97 6.29 4.17
CA GLN A 163 20.37 7.67 4.61
C GLN A 163 19.11 8.53 4.77
N PRO A 164 18.68 8.80 5.98
CA PRO A 164 17.47 9.63 6.22
C PRO A 164 17.59 11.03 5.62
N TRP A 165 16.56 11.48 4.98
CA TRP A 165 16.57 12.84 4.38
C TRP A 165 15.26 13.56 4.71
N ASP A 166 15.20 14.85 4.54
CA ASP A 166 13.93 15.57 4.86
C ASP A 166 12.99 15.48 3.66
N GLY A 167 13.08 14.42 2.92
CA GLY A 167 12.19 14.25 1.74
C GLY A 167 10.83 13.75 2.22
N LEU A 168 10.83 12.84 3.16
CA LEU A 168 9.54 12.31 3.69
C LEU A 168 8.74 13.46 4.28
N ASP A 169 9.41 14.41 4.90
CA ASP A 169 8.69 15.56 5.49
C ASP A 169 8.05 16.39 4.38
N GLU A 170 8.73 16.54 3.27
CA GLU A 170 8.13 17.33 2.16
C GLU A 170 6.85 16.66 1.68
N HIS A 171 6.88 15.37 1.54
CA HIS A 171 5.65 14.65 1.07
C HIS A 171 4.51 14.96 2.04
N SER A 172 4.80 14.99 3.31
CA SER A 172 3.74 15.29 4.30
C SER A 172 3.15 16.68 4.04
N GLN A 173 3.96 17.61 3.61
CA GLN A 173 3.43 18.99 3.37
C GLN A 173 2.32 18.96 2.31
N ASP A 174 2.55 18.31 1.21
CA ASP A 174 1.49 18.24 0.15
C ASP A 174 0.35 17.33 0.61
N LEU A 175 0.68 16.16 1.10
CA LEU A 175 -0.37 15.21 1.55
C LEU A 175 -1.08 15.73 2.79
N SER A 176 -0.36 16.27 3.73
CA SER A 176 -1.03 16.78 4.96
C SER A 176 -2.04 17.86 4.58
N GLY A 177 -1.68 18.73 3.67
CA GLY A 177 -2.62 19.81 3.27
C GLY A 177 -3.77 19.21 2.46
N ARG A 178 -3.46 18.45 1.43
CA ARG A 178 -4.55 17.86 0.60
C ARG A 178 -5.33 16.84 1.43
N LEU A 179 -4.67 16.04 2.21
CA LEU A 179 -5.39 15.02 3.04
C LEU A 179 -6.27 15.75 4.06
N ARG A 180 -5.78 16.82 4.61
CA ARG A 180 -6.58 17.56 5.62
C ARG A 180 -7.92 17.97 5.00
N ALA A 181 -7.92 18.34 3.75
CA ALA A 181 -9.20 18.74 3.09
C ALA A 181 -10.15 17.56 3.05
N ILE A 182 -9.66 16.38 2.79
CA ILE A 182 -10.55 15.20 2.74
C ILE A 182 -11.23 15.01 4.09
N LEU A 183 -10.46 14.97 5.14
CA LEU A 183 -11.06 14.79 6.50
C LEU A 183 -11.90 16.01 6.85
N GLN A 184 -11.49 17.18 6.41
CA GLN A 184 -12.26 18.41 6.71
C GLN A 184 -13.66 18.31 6.08
N ASN A 185 -13.75 17.71 4.93
CA ASN A 185 -15.07 17.59 4.26
C ASN A 185 -15.82 16.39 4.83
N GLN A 186 -15.28 15.76 5.84
CA GLN A 186 -15.98 14.59 6.44
C GLN A 186 -17.41 15.00 6.75
N GLU A 187 -18.32 14.66 5.88
CA GLU A 187 -19.75 15.04 6.13
C GLU A 187 -20.29 14.25 7.32
N ASN A 188 -20.99 14.91 8.19
CA ASN A 188 -21.55 14.21 9.38
C ASN A 188 -22.62 13.22 8.92
N MET A 1 19.32 -9.83 -7.04
CA MET A 1 18.69 -8.51 -6.78
C MET A 1 19.58 -7.40 -7.32
N ASP A 2 18.99 -6.40 -7.92
CA ASP A 2 19.79 -5.28 -8.48
C ASP A 2 19.74 -4.12 -7.49
N PRO A 3 20.64 -3.17 -7.62
CA PRO A 3 20.67 -1.99 -6.72
C PRO A 3 19.26 -1.62 -6.27
N PRO A 4 19.12 -1.01 -5.11
CA PRO A 4 17.79 -0.62 -4.55
C PRO A 4 16.82 -0.04 -5.59
N THR A 5 16.44 -0.82 -6.56
CA THR A 5 15.50 -0.32 -7.60
C THR A 5 14.10 -0.16 -6.98
N PHE A 6 13.69 -1.10 -6.19
CA PHE A 6 12.34 -1.00 -5.56
C PHE A 6 12.33 0.24 -4.66
N THR A 7 13.36 0.41 -3.88
CA THR A 7 13.43 1.60 -2.98
C THR A 7 13.54 2.85 -3.84
N PHE A 8 14.33 2.80 -4.88
CA PHE A 8 14.49 3.99 -5.76
C PHE A 8 13.15 4.36 -6.37
N ASN A 9 12.40 3.38 -6.79
CA ASN A 9 11.07 3.66 -7.40
C ASN A 9 10.19 4.46 -6.43
N PHE A 10 10.30 4.19 -5.15
CA PHE A 10 9.48 4.92 -4.16
C PHE A 10 9.89 6.39 -4.09
N ASN A 11 11.17 6.66 -4.04
CA ASN A 11 11.64 8.07 -3.96
C ASN A 11 11.76 8.67 -5.36
N ASN A 12 11.28 7.98 -6.36
CA ASN A 12 11.39 8.50 -7.76
C ASN A 12 10.65 9.82 -7.93
N GLU A 13 10.55 10.64 -6.92
CA GLU A 13 9.84 11.94 -7.10
C GLU A 13 10.74 12.92 -7.85
N PRO A 14 11.97 13.11 -7.42
CA PRO A 14 12.92 14.04 -8.08
C PRO A 14 13.51 13.43 -9.36
N TRP A 15 13.78 12.15 -9.33
CA TRP A 15 14.37 11.47 -10.51
C TRP A 15 13.29 11.17 -11.54
N VAL A 16 12.06 11.52 -11.25
CA VAL A 16 10.96 11.21 -12.21
C VAL A 16 11.28 11.80 -13.59
N ARG A 17 11.56 10.96 -14.54
CA ARG A 17 11.86 11.44 -15.91
C ARG A 17 10.56 11.37 -16.72
N GLY A 18 9.50 10.94 -16.10
CA GLY A 18 8.20 10.83 -16.81
C GLY A 18 7.99 9.41 -17.31
N ARG A 19 8.92 8.53 -17.02
CA ARG A 19 8.78 7.12 -17.49
C ARG A 19 9.06 6.16 -16.32
N HIS A 20 8.14 6.02 -15.40
CA HIS A 20 8.35 5.09 -14.26
C HIS A 20 7.12 4.19 -14.11
N GLU A 21 7.32 2.91 -13.95
CA GLU A 21 6.16 2.00 -13.80
C GLU A 21 5.81 1.86 -12.32
N THR A 22 4.61 1.49 -12.00
CA THR A 22 4.21 1.35 -10.57
C THR A 22 4.59 -0.04 -10.06
N TYR A 23 5.16 -0.11 -8.88
CA TYR A 23 5.54 -1.43 -8.31
C TYR A 23 4.84 -1.62 -6.96
N LEU A 24 4.23 -2.75 -6.74
CA LEU A 24 3.52 -2.98 -5.45
C LEU A 24 4.30 -3.99 -4.60
N CYS A 25 4.44 -3.74 -3.34
CA CYS A 25 5.17 -4.68 -2.45
C CYS A 25 4.33 -4.97 -1.22
N TYR A 26 4.10 -6.22 -0.89
CA TYR A 26 3.27 -6.52 0.31
C TYR A 26 3.86 -7.70 1.08
N GLU A 27 3.35 -7.94 2.26
CA GLU A 27 3.85 -9.06 3.09
C GLU A 27 2.63 -9.79 3.65
N VAL A 28 2.79 -11.02 4.03
CA VAL A 28 1.63 -11.78 4.58
C VAL A 28 2.03 -12.42 5.91
N GLU A 29 1.14 -12.40 6.87
CA GLU A 29 1.44 -12.99 8.19
C GLU A 29 0.35 -14.00 8.56
N ARG A 30 0.68 -15.00 9.33
CA ARG A 30 -0.35 -16.01 9.71
C ARG A 30 -0.64 -15.89 11.21
N MET A 31 -1.88 -15.66 11.56
CA MET A 31 -2.23 -15.53 13.01
C MET A 31 -3.31 -16.55 13.39
N HIS A 32 -3.09 -17.29 14.44
CA HIS A 32 -4.10 -18.28 14.89
C HIS A 32 -4.62 -17.85 16.27
N ASN A 33 -5.89 -18.00 16.51
CA ASN A 33 -6.41 -17.57 17.84
C ASN A 33 -5.66 -18.30 18.95
N ASP A 34 -5.39 -19.56 18.78
CA ASP A 34 -4.66 -20.32 19.83
C ASP A 34 -3.17 -19.93 19.83
N THR A 35 -2.61 -19.63 18.68
CA THR A 35 -1.17 -19.27 18.63
C THR A 35 -0.91 -18.17 17.60
N TRP A 36 0.22 -17.53 17.69
CA TRP A 36 0.57 -16.46 16.71
C TRP A 36 1.75 -16.94 15.87
N VAL A 37 1.69 -16.79 14.57
CA VAL A 37 2.82 -17.25 13.71
C VAL A 37 3.31 -16.10 12.83
N LEU A 38 4.60 -15.87 12.81
CA LEU A 38 5.15 -14.77 11.98
C LEU A 38 5.70 -15.35 10.67
N LEU A 39 5.04 -15.07 9.57
CA LEU A 39 5.52 -15.59 8.27
C LEU A 39 6.51 -14.60 7.65
N ASN A 40 7.22 -13.89 8.48
CA ASN A 40 8.20 -12.90 7.96
C ASN A 40 9.25 -13.60 7.09
N GLN A 41 9.51 -14.85 7.36
CA GLN A 41 10.52 -15.59 6.55
C GLN A 41 10.13 -15.52 5.06
N ARG A 42 8.86 -15.49 4.77
CA ARG A 42 8.43 -15.43 3.34
C ARG A 42 8.03 -13.98 2.99
N ARG A 43 8.30 -13.57 1.78
CA ARG A 43 7.94 -12.18 1.37
C ARG A 43 6.95 -12.23 0.21
N GLY A 44 6.30 -11.13 -0.08
CA GLY A 44 5.31 -11.12 -1.20
C GLY A 44 5.72 -10.07 -2.23
N PHE A 45 5.74 -10.43 -3.49
CA PHE A 45 6.12 -9.46 -4.55
C PHE A 45 5.00 -9.38 -5.58
N LEU A 46 4.54 -8.20 -5.89
CA LEU A 46 3.44 -8.07 -6.89
C LEU A 46 3.83 -7.04 -7.96
N CYS A 47 3.53 -7.33 -9.20
CA CYS A 47 3.87 -6.39 -10.30
C CYS A 47 2.57 -5.80 -10.84
N ASN A 48 2.67 -4.91 -11.79
CA ASN A 48 1.44 -4.29 -12.36
C ASN A 48 0.73 -5.31 -13.25
N GLN A 49 1.25 -6.51 -13.31
CA GLN A 49 0.60 -7.55 -14.17
C GLN A 49 -0.43 -8.33 -13.34
N ALA A 50 -1.65 -8.35 -13.78
CA ALA A 50 -2.70 -9.09 -13.01
C ALA A 50 -2.77 -10.54 -13.52
N PRO A 51 -3.09 -11.47 -12.66
CA PRO A 51 -3.20 -12.90 -13.06
C PRO A 51 -4.35 -13.14 -14.05
N HIS A 52 -4.04 -13.69 -15.20
CA HIS A 52 -5.09 -13.94 -16.21
C HIS A 52 -6.02 -15.07 -15.75
N LYS A 53 -5.49 -16.02 -15.04
CA LYS A 53 -6.33 -17.15 -14.55
C LYS A 53 -7.46 -16.62 -13.67
N HIS A 54 -7.31 -15.44 -13.12
CA HIS A 54 -8.39 -14.90 -12.25
C HIS A 54 -9.64 -14.62 -13.06
N GLY A 55 -9.52 -14.43 -14.35
CA GLY A 55 -10.73 -14.16 -15.18
C GLY A 55 -10.52 -12.94 -16.08
N PHE A 56 -11.54 -12.13 -16.22
CA PHE A 56 -11.45 -10.94 -17.09
C PHE A 56 -10.73 -9.78 -16.37
N LEU A 57 -10.34 -8.79 -17.11
CA LEU A 57 -9.62 -7.62 -16.52
C LEU A 57 -10.41 -7.08 -15.34
N GLU A 58 -9.71 -6.63 -14.32
CA GLU A 58 -10.41 -6.09 -13.12
C GLU A 58 -10.33 -4.56 -13.16
N GLY A 59 -10.26 -4.00 -14.34
CA GLY A 59 -10.16 -2.52 -14.46
C GLY A 59 -8.69 -2.14 -14.61
N ARG A 60 -8.40 -0.94 -15.04
CA ARG A 60 -6.97 -0.56 -15.19
C ARG A 60 -6.53 0.26 -13.97
N HIS A 61 -6.11 -0.41 -12.94
CA HIS A 61 -5.65 0.31 -11.71
C HIS A 61 -4.59 -0.54 -11.01
N ALA A 62 -3.51 0.06 -10.57
CA ALA A 62 -2.46 -0.73 -9.87
C ALA A 62 -3.01 -1.31 -8.57
N GLU A 63 -3.74 -0.53 -7.82
CA GLU A 63 -4.30 -1.04 -6.53
C GLU A 63 -5.20 -2.24 -6.81
N LEU A 64 -5.92 -2.22 -7.89
CA LEU A 64 -6.82 -3.36 -8.22
C LEU A 64 -5.98 -4.63 -8.39
N CYS A 65 -4.82 -4.50 -8.98
CA CYS A 65 -3.96 -5.70 -9.15
C CYS A 65 -3.75 -6.35 -7.79
N PHE A 66 -3.53 -5.55 -6.78
CA PHE A 66 -3.35 -6.12 -5.41
C PHE A 66 -4.64 -6.83 -5.00
N LEU A 67 -5.75 -6.23 -5.30
CA LEU A 67 -7.07 -6.86 -4.94
C LEU A 67 -7.19 -8.22 -5.64
N ASP A 68 -6.60 -8.36 -6.80
CA ASP A 68 -6.69 -9.67 -7.52
C ASP A 68 -5.94 -10.74 -6.73
N VAL A 69 -4.87 -10.37 -6.09
CA VAL A 69 -4.09 -11.37 -5.31
C VAL A 69 -4.88 -11.86 -4.10
N ILE A 70 -5.65 -11.02 -3.47
CA ILE A 70 -6.41 -11.47 -2.27
C ILE A 70 -7.18 -12.76 -2.58
N PRO A 71 -8.04 -12.79 -3.58
CA PRO A 71 -8.80 -14.03 -3.89
C PRO A 71 -7.86 -15.22 -4.11
N PHE A 72 -6.71 -14.97 -4.67
CA PHE A 72 -5.73 -16.07 -4.89
C PHE A 72 -4.93 -16.29 -3.61
N TRP A 73 -5.28 -15.61 -2.55
CA TRP A 73 -4.53 -15.74 -1.27
C TRP A 73 -4.97 -16.95 -0.43
N LYS A 74 -5.84 -17.76 -0.96
CA LYS A 74 -6.32 -19.00 -0.24
C LYS A 74 -6.21 -18.86 1.29
N LEU A 75 -6.63 -17.77 1.87
CA LEU A 75 -6.55 -17.66 3.37
C LEU A 75 -7.86 -18.19 3.97
N ASP A 76 -7.77 -18.89 5.07
CA ASP A 76 -9.01 -19.42 5.71
C ASP A 76 -9.74 -18.29 6.45
N LEU A 77 -11.03 -18.21 6.29
CA LEU A 77 -11.82 -17.15 6.96
C LEU A 77 -11.82 -17.37 8.48
N ASP A 78 -11.68 -18.58 8.92
CA ASP A 78 -11.72 -18.84 10.39
C ASP A 78 -10.36 -18.54 11.03
N GLN A 79 -9.33 -18.38 10.26
CA GLN A 79 -7.99 -18.06 10.84
C GLN A 79 -7.71 -16.57 10.68
N ASP A 80 -7.10 -15.97 11.68
CA ASP A 80 -6.80 -14.51 11.58
C ASP A 80 -5.59 -14.30 10.66
N TYR A 81 -5.62 -13.26 9.87
CA TYR A 81 -4.47 -13.00 8.95
C TYR A 81 -4.12 -11.51 8.96
N ARG A 82 -2.86 -11.19 9.00
CA ARG A 82 -2.44 -9.77 8.97
C ARG A 82 -1.58 -9.55 7.72
N VAL A 83 -1.98 -8.65 6.86
CA VAL A 83 -1.21 -8.40 5.61
C VAL A 83 -0.81 -6.93 5.53
N THR A 84 0.41 -6.65 5.15
CA THR A 84 0.85 -5.24 5.04
C THR A 84 1.08 -4.90 3.56
N CYS A 85 0.91 -3.66 3.20
CA CYS A 85 1.10 -3.27 1.76
C CYS A 85 1.87 -1.97 1.66
N PHE A 86 2.96 -1.96 0.93
CA PHE A 86 3.75 -0.71 0.77
C PHE A 86 3.54 -0.18 -0.65
N THR A 87 3.03 1.02 -0.79
CA THR A 87 2.80 1.57 -2.15
C THR A 87 3.20 3.05 -2.19
N SER A 88 3.56 3.54 -3.36
CA SER A 88 3.94 4.98 -3.46
C SER A 88 2.88 5.73 -4.25
N TRP A 89 1.64 5.61 -3.84
CA TRP A 89 0.54 6.32 -4.54
C TRP A 89 -0.72 6.23 -3.67
N SER A 90 -1.77 6.93 -4.04
CA SER A 90 -3.01 6.89 -3.23
C SER A 90 -4.13 6.23 -4.05
N PRO A 91 -5.12 5.69 -3.38
CA PRO A 91 -6.29 5.03 -4.05
C PRO A 91 -7.19 6.02 -4.78
N CYS A 92 -7.87 5.59 -5.80
CA CYS A 92 -8.78 6.51 -6.55
C CYS A 92 -10.13 6.56 -5.84
N PHE A 93 -10.98 7.47 -6.23
CA PHE A 93 -12.32 7.55 -5.57
C PHE A 93 -13.06 6.23 -5.72
N SER A 94 -13.19 5.73 -6.92
CA SER A 94 -13.90 4.42 -7.10
C SER A 94 -13.13 3.32 -6.39
N CYS A 95 -11.83 3.32 -6.50
CA CYS A 95 -11.01 2.28 -5.83
C CYS A 95 -11.09 2.45 -4.31
N ALA A 96 -11.17 3.67 -3.86
CA ALA A 96 -11.25 3.92 -2.38
C ALA A 96 -12.52 3.26 -1.83
N GLN A 97 -13.61 3.39 -2.52
CA GLN A 97 -14.88 2.77 -2.03
C GLN A 97 -14.70 1.25 -1.96
N GLU A 98 -14.04 0.68 -2.93
CA GLU A 98 -13.84 -0.80 -2.93
C GLU A 98 -13.00 -1.20 -1.71
N MET A 99 -12.04 -0.40 -1.34
CA MET A 99 -11.18 -0.75 -0.17
C MET A 99 -12.07 -0.91 1.07
N ALA A 100 -13.03 -0.04 1.25
CA ALA A 100 -13.92 -0.16 2.43
C ALA A 100 -14.81 -1.40 2.28
N LYS A 101 -15.36 -1.61 1.12
CA LYS A 101 -16.24 -2.79 0.91
C LYS A 101 -15.44 -4.09 1.09
N PHE A 102 -14.21 -4.11 0.64
CA PHE A 102 -13.39 -5.36 0.78
C PHE A 102 -13.27 -5.74 2.26
N ILE A 103 -12.85 -4.82 3.08
CA ILE A 103 -12.70 -5.13 4.52
C ILE A 103 -14.07 -5.50 5.11
N SER A 104 -15.11 -4.86 4.64
CA SER A 104 -16.46 -5.19 5.17
C SER A 104 -16.75 -6.66 4.94
N LYS A 105 -16.31 -7.20 3.83
CA LYS A 105 -16.55 -8.64 3.55
C LYS A 105 -15.47 -9.48 4.23
N ASN A 106 -14.45 -8.84 4.71
CA ASN A 106 -13.35 -9.60 5.39
C ASN A 106 -12.77 -8.75 6.53
N LYS A 107 -13.45 -8.71 7.65
CA LYS A 107 -12.95 -7.91 8.79
C LYS A 107 -11.95 -8.75 9.61
N HIS A 108 -11.77 -9.98 9.25
CA HIS A 108 -10.82 -10.85 10.00
C HIS A 108 -9.39 -10.61 9.52
N VAL A 109 -9.22 -9.83 8.48
CA VAL A 109 -7.85 -9.57 7.97
C VAL A 109 -7.38 -8.19 8.41
N SER A 110 -6.19 -8.11 8.95
CA SER A 110 -5.67 -6.77 9.35
C SER A 110 -4.88 -6.22 8.17
N LEU A 111 -5.40 -5.21 7.52
CA LEU A 111 -4.71 -4.65 6.33
C LEU A 111 -4.22 -3.23 6.60
N CYS A 112 -2.97 -2.96 6.32
CA CYS A 112 -2.42 -1.59 6.53
C CYS A 112 -1.71 -1.15 5.25
N ILE A 113 -2.05 0.01 4.74
CA ILE A 113 -1.39 0.48 3.49
C ILE A 113 -0.60 1.76 3.76
N PHE A 114 0.66 1.77 3.44
CA PHE A 114 1.47 3.01 3.66
C PHE A 114 1.68 3.68 2.31
N THR A 115 1.28 4.92 2.18
CA THR A 115 1.45 5.63 0.88
C THR A 115 2.58 6.65 0.99
N ALA A 116 3.60 6.52 0.19
CA ALA A 116 4.72 7.50 0.24
C ALA A 116 4.18 8.86 -0.20
N ARG A 117 3.28 8.87 -1.14
CA ARG A 117 2.72 10.16 -1.62
C ARG A 117 1.22 9.99 -1.90
N ILE A 118 0.42 10.97 -1.59
CA ILE A 118 -1.04 10.85 -1.83
C ILE A 118 -1.49 11.94 -2.81
N TYR A 119 -1.98 11.53 -3.97
CA TYR A 119 -2.45 12.53 -4.97
C TYR A 119 -3.94 12.31 -5.24
N ASP A 120 -4.72 13.34 -5.16
CA ASP A 120 -6.19 13.17 -5.41
C ASP A 120 -6.47 13.31 -6.90
N ASP A 121 -7.00 12.28 -7.51
CA ASP A 121 -7.30 12.36 -8.96
C ASP A 121 -8.31 13.48 -9.21
N GLN A 122 -9.26 13.62 -8.32
CA GLN A 122 -10.29 14.69 -8.49
C GLN A 122 -10.41 15.49 -7.18
N GLY A 123 -10.98 16.66 -7.24
CA GLY A 123 -11.13 17.47 -5.99
C GLY A 123 -12.31 16.94 -5.17
N ARG A 124 -12.63 17.61 -4.10
CA ARG A 124 -13.78 17.15 -3.25
C ARG A 124 -13.56 15.68 -2.87
N CYS A 125 -12.42 15.14 -3.16
CA CYS A 125 -12.16 13.71 -2.81
C CYS A 125 -11.76 13.62 -1.33
N GLN A 126 -11.70 14.72 -0.65
CA GLN A 126 -11.31 14.69 0.78
C GLN A 126 -12.27 13.79 1.55
N GLU A 127 -13.52 13.78 1.19
CA GLU A 127 -14.49 12.91 1.90
C GLU A 127 -14.07 11.44 1.78
N GLY A 128 -13.56 11.06 0.64
CA GLY A 128 -13.11 9.64 0.47
C GLY A 128 -12.01 9.32 1.47
N LEU A 129 -11.12 10.25 1.71
CA LEU A 129 -10.01 9.99 2.67
C LEU A 129 -10.58 9.73 4.06
N ARG A 130 -11.57 10.47 4.47
CA ARG A 130 -12.16 10.25 5.82
C ARG A 130 -12.80 8.86 5.86
N THR A 131 -13.58 8.53 4.87
CA THR A 131 -14.22 7.19 4.86
C THR A 131 -13.15 6.13 4.65
N LEU A 132 -12.21 6.41 3.80
CA LEU A 132 -11.12 5.44 3.53
C LEU A 132 -10.36 5.13 4.82
N ALA A 133 -10.11 6.12 5.62
CA ALA A 133 -9.37 5.87 6.89
C ALA A 133 -10.22 4.99 7.82
N GLU A 134 -11.52 5.16 7.79
CA GLU A 134 -12.38 4.35 8.68
C GLU A 134 -12.50 2.92 8.15
N ALA A 135 -12.89 2.75 6.91
CA ALA A 135 -13.04 1.37 6.36
C ALA A 135 -11.99 1.10 5.29
N GLY A 136 -11.37 2.11 4.76
CA GLY A 136 -10.34 1.87 3.72
C GLY A 136 -9.07 1.36 4.40
N ALA A 137 -9.21 0.50 5.35
CA ALA A 137 -8.02 -0.05 6.06
C ALA A 137 -7.22 1.09 6.69
N LYS A 138 -6.18 0.76 7.41
CA LYS A 138 -5.36 1.80 8.08
C LYS A 138 -4.34 2.37 7.09
N ILE A 139 -4.25 3.68 7.00
CA ILE A 139 -3.27 4.29 6.06
C ILE A 139 -2.38 5.29 6.80
N SER A 140 -1.10 5.23 6.58
CA SER A 140 -0.16 6.16 7.27
C SER A 140 0.94 6.59 6.30
N ILE A 141 1.61 7.67 6.59
CA ILE A 141 2.70 8.13 5.68
C ILE A 141 3.96 7.29 5.95
N MET A 142 4.72 7.00 4.94
CA MET A 142 5.94 6.19 5.14
C MET A 142 6.94 6.93 6.04
N THR A 143 7.67 6.22 6.85
CA THR A 143 8.65 6.87 7.75
C THR A 143 10.06 6.39 7.40
N TYR A 144 11.05 7.14 7.76
CA TYR A 144 12.46 6.72 7.45
C TYR A 144 12.70 5.30 7.97
N SER A 145 12.24 4.99 9.14
CA SER A 145 12.44 3.63 9.69
C SER A 145 11.77 2.60 8.79
N GLU A 146 10.61 2.92 8.26
CA GLU A 146 9.90 1.94 7.40
C GLU A 146 10.66 1.73 6.07
N PHE A 147 11.23 2.78 5.53
CA PHE A 147 11.96 2.61 4.24
C PHE A 147 13.17 1.67 4.43
N LYS A 148 13.89 1.83 5.51
CA LYS A 148 15.06 0.93 5.73
C LYS A 148 14.60 -0.53 5.80
N HIS A 149 13.50 -0.77 6.46
CA HIS A 149 13.00 -2.17 6.55
C HIS A 149 12.65 -2.68 5.16
N CYS A 150 11.94 -1.89 4.39
CA CYS A 150 11.58 -2.34 3.01
C CYS A 150 12.86 -2.54 2.21
N TRP A 151 13.83 -1.68 2.41
CA TRP A 151 15.10 -1.82 1.68
C TRP A 151 15.75 -3.17 1.99
N ASP A 152 15.96 -3.47 3.25
CA ASP A 152 16.58 -4.78 3.60
C ASP A 152 15.58 -5.91 3.39
N THR A 153 14.34 -5.70 3.77
CA THR A 153 13.31 -6.78 3.62
C THR A 153 13.04 -7.10 2.16
N PHE A 154 12.83 -6.11 1.33
CA PHE A 154 12.51 -6.40 -0.09
C PHE A 154 13.76 -6.83 -0.86
N VAL A 155 14.88 -6.22 -0.60
CA VAL A 155 16.12 -6.60 -1.31
C VAL A 155 17.22 -6.92 -0.29
N ASP A 156 18.04 -7.88 -0.56
CA ASP A 156 19.12 -8.21 0.40
C ASP A 156 20.07 -7.02 0.49
N HIS A 157 20.43 -6.61 1.67
CA HIS A 157 21.33 -5.45 1.81
C HIS A 157 22.69 -5.77 1.18
N GLN A 158 22.92 -7.02 0.86
CA GLN A 158 24.23 -7.39 0.25
C GLN A 158 24.27 -6.94 -1.21
N GLY A 159 25.24 -6.14 -1.56
CA GLY A 159 25.34 -5.65 -2.96
C GLY A 159 24.27 -4.59 -3.22
N CYS A 160 23.35 -4.42 -2.30
CA CYS A 160 22.29 -3.41 -2.48
C CYS A 160 22.26 -2.47 -1.27
N PRO A 161 23.09 -1.46 -1.27
CA PRO A 161 23.17 -0.48 -0.14
C PRO A 161 22.05 0.56 -0.18
N PHE A 162 21.62 1.01 0.97
CA PHE A 162 20.54 2.03 1.03
C PHE A 162 21.15 3.44 0.96
N GLN A 163 20.59 4.30 0.16
CA GLN A 163 21.14 5.68 0.03
C GLN A 163 20.13 6.69 0.59
N PRO A 164 20.30 7.10 1.83
CA PRO A 164 19.37 8.07 2.47
C PRO A 164 19.30 9.39 1.70
N TRP A 165 18.12 9.91 1.54
CA TRP A 165 17.94 11.20 0.81
C TRP A 165 16.97 12.09 1.59
N ASP A 166 16.95 13.36 1.31
CA ASP A 166 16.01 14.26 2.05
C ASP A 166 14.70 14.38 1.28
N GLY A 167 14.33 13.35 0.56
CA GLY A 167 13.06 13.38 -0.20
C GLY A 167 11.90 13.11 0.75
N LEU A 168 12.10 12.20 1.68
CA LEU A 168 11.01 11.88 2.64
C LEU A 168 10.65 13.14 3.43
N ASP A 169 11.62 13.95 3.76
CA ASP A 169 11.33 15.19 4.53
C ASP A 169 10.47 16.12 3.66
N GLU A 170 10.79 16.24 2.40
CA GLU A 170 9.98 17.11 1.51
C GLU A 170 8.60 16.49 1.34
N HIS A 171 8.54 15.21 1.12
CA HIS A 171 7.23 14.54 0.94
C HIS A 171 6.39 14.69 2.22
N SER A 172 7.00 14.51 3.36
CA SER A 172 6.25 14.62 4.63
C SER A 172 5.65 16.03 4.75
N GLN A 173 6.34 17.03 4.28
CA GLN A 173 5.80 18.41 4.39
C GLN A 173 4.46 18.52 3.68
N ASP A 174 4.36 18.03 2.47
CA ASP A 174 3.06 18.11 1.74
C ASP A 174 2.05 17.15 2.34
N LEU A 175 2.44 15.92 2.56
CA LEU A 175 1.49 14.93 3.14
C LEU A 175 1.14 15.31 4.58
N SER A 176 2.11 15.69 5.36
CA SER A 176 1.81 16.04 6.77
C SER A 176 0.87 17.25 6.81
N GLY A 177 1.09 18.21 5.96
CA GLY A 177 0.22 19.41 5.96
C GLY A 177 -1.16 19.06 5.38
N ARG A 178 -1.19 18.47 4.21
CA ARG A 178 -2.49 18.11 3.58
C ARG A 178 -3.17 16.98 4.35
N LEU A 179 -2.45 15.96 4.72
CA LEU A 179 -3.09 14.83 5.46
C LEU A 179 -3.67 15.34 6.77
N ARG A 180 -2.97 16.23 7.43
CA ARG A 180 -3.50 16.78 8.71
C ARG A 180 -4.85 17.43 8.46
N ALA A 181 -4.99 18.09 7.34
CA ALA A 181 -6.28 18.78 7.04
C ALA A 181 -7.43 17.76 7.05
N ILE A 182 -7.21 16.61 6.49
CA ILE A 182 -8.29 15.58 6.48
C ILE A 182 -8.65 15.23 7.92
N LEU A 183 -7.67 14.94 8.73
CA LEU A 183 -7.94 14.59 10.15
C LEU A 183 -8.41 15.85 10.90
N GLN A 184 -7.90 16.99 10.53
CA GLN A 184 -8.31 18.25 11.21
C GLN A 184 -9.81 18.48 10.99
N ASN A 185 -10.29 18.18 9.82
CA ASN A 185 -11.72 18.37 9.53
C ASN A 185 -12.49 17.15 10.04
N GLN A 186 -11.82 16.26 10.73
CA GLN A 186 -12.52 15.06 11.25
C GLN A 186 -13.73 15.52 12.06
N GLU A 187 -14.90 15.50 11.46
CA GLU A 187 -16.11 15.94 12.20
C GLU A 187 -16.44 14.93 13.29
N ASN A 188 -16.71 15.41 14.48
CA ASN A 188 -17.05 14.49 15.59
C ASN A 188 -18.54 14.15 15.55
N MET A 1 15.03 -11.83 -4.21
CA MET A 1 15.11 -10.35 -4.06
C MET A 1 16.15 -9.80 -5.03
N ASP A 2 15.82 -8.75 -5.72
CA ASP A 2 16.78 -8.15 -6.69
C ASP A 2 17.40 -6.92 -6.04
N PRO A 3 18.51 -6.45 -6.54
CA PRO A 3 19.19 -5.26 -5.99
C PRO A 3 18.14 -4.25 -5.50
N PRO A 4 18.50 -3.40 -4.57
CA PRO A 4 17.58 -2.39 -3.97
C PRO A 4 16.63 -1.73 -4.98
N THR A 5 15.78 -2.49 -5.61
CA THR A 5 14.82 -1.91 -6.59
C THR A 5 13.78 -1.11 -5.82
N PHE A 6 13.29 -1.64 -4.73
CA PHE A 6 12.27 -0.90 -3.95
C PHE A 6 12.87 0.43 -3.50
N THR A 7 14.09 0.39 -3.02
CA THR A 7 14.75 1.64 -2.58
C THR A 7 14.92 2.58 -3.78
N PHE A 8 15.28 2.03 -4.92
CA PHE A 8 15.47 2.86 -6.14
C PHE A 8 14.16 3.54 -6.51
N ASN A 9 13.08 2.81 -6.43
CA ASN A 9 11.76 3.40 -6.80
C ASN A 9 11.45 4.62 -5.92
N PHE A 10 11.84 4.59 -4.67
CA PHE A 10 11.56 5.75 -3.78
C PHE A 10 12.43 6.94 -4.19
N ASN A 11 13.66 6.71 -4.52
CA ASN A 11 14.56 7.83 -4.92
C ASN A 11 14.40 8.09 -6.41
N ASN A 12 13.46 7.44 -7.05
CA ASN A 12 13.26 7.64 -8.51
C ASN A 12 12.44 8.91 -8.79
N GLU A 13 12.49 9.88 -7.91
CA GLU A 13 11.70 11.12 -8.16
C GLU A 13 12.06 11.69 -9.54
N PRO A 14 13.34 11.93 -9.79
CA PRO A 14 13.80 12.47 -11.10
C PRO A 14 13.80 11.40 -12.18
N TRP A 15 13.95 10.17 -11.79
CA TRP A 15 13.98 9.05 -12.77
C TRP A 15 12.67 8.96 -13.54
N VAL A 16 11.58 9.37 -12.95
CA VAL A 16 10.28 9.30 -13.67
C VAL A 16 10.29 10.24 -14.87
N ARG A 17 10.34 9.71 -16.06
CA ARG A 17 10.35 10.56 -17.28
C ARG A 17 8.95 10.60 -17.88
N GLY A 18 7.98 10.10 -17.16
CA GLY A 18 6.59 10.08 -17.68
C GLY A 18 6.26 8.66 -18.17
N ARG A 19 7.20 7.77 -18.03
CA ARG A 19 6.96 6.36 -18.47
C ARG A 19 7.37 5.42 -17.33
N HIS A 20 6.58 5.35 -16.29
CA HIS A 20 6.93 4.45 -15.14
C HIS A 20 5.79 3.47 -14.88
N GLU A 21 6.10 2.24 -14.57
CA GLU A 21 5.03 1.25 -14.29
C GLU A 21 4.70 1.29 -12.80
N THR A 22 3.56 0.78 -12.41
CA THR A 22 3.18 0.83 -10.96
C THR A 22 3.17 -0.58 -10.38
N TYR A 23 3.78 -0.75 -9.23
CA TYR A 23 3.80 -2.08 -8.57
C TYR A 23 3.47 -1.90 -7.09
N LEU A 24 2.77 -2.82 -6.49
CA LEU A 24 2.41 -2.68 -5.05
C LEU A 24 3.02 -3.83 -4.23
N CYS A 25 3.54 -3.53 -3.08
CA CYS A 25 4.14 -4.59 -2.22
C CYS A 25 3.21 -4.84 -1.03
N TYR A 26 2.96 -6.07 -0.68
CA TYR A 26 2.04 -6.33 0.46
C TYR A 26 2.56 -7.49 1.32
N GLU A 27 2.01 -7.64 2.49
CA GLU A 27 2.42 -8.73 3.41
C GLU A 27 1.17 -9.47 3.85
N VAL A 28 1.26 -10.74 4.13
CA VAL A 28 0.05 -11.49 4.55
C VAL A 28 0.36 -12.39 5.76
N GLU A 29 -0.55 -12.42 6.70
CA GLU A 29 -0.34 -13.27 7.91
C GLU A 29 -1.68 -13.89 8.32
N ARG A 30 -1.65 -14.97 9.05
CA ARG A 30 -2.92 -15.61 9.49
C ARG A 30 -3.14 -15.28 10.97
N MET A 31 -4.28 -14.75 11.31
CA MET A 31 -4.53 -14.40 12.74
C MET A 31 -5.70 -15.19 13.28
N HIS A 32 -5.53 -15.82 14.43
CA HIS A 32 -6.65 -16.60 15.03
C HIS A 32 -7.31 -15.71 16.09
N ASN A 33 -8.59 -15.82 16.25
CA ASN A 33 -9.29 -14.95 17.24
C ASN A 33 -8.68 -15.15 18.64
N ASP A 34 -8.33 -16.36 18.99
CA ASP A 34 -7.74 -16.60 20.33
C ASP A 34 -6.21 -16.63 20.24
N THR A 35 -5.68 -16.85 19.06
CA THR A 35 -4.20 -16.90 18.91
C THR A 35 -3.78 -16.27 17.58
N TRP A 36 -2.53 -15.93 17.45
CA TRP A 36 -2.02 -15.33 16.19
C TRP A 36 -1.07 -16.32 15.52
N VAL A 37 -1.21 -16.54 14.24
CA VAL A 37 -0.31 -17.50 13.54
C VAL A 37 0.49 -16.79 12.47
N LEU A 38 1.77 -17.03 12.40
CA LEU A 38 2.60 -16.36 11.36
C LEU A 38 2.79 -17.32 10.20
N LEU A 39 2.26 -16.99 9.05
CA LEU A 39 2.42 -17.88 7.87
C LEU A 39 3.83 -17.73 7.30
N ASN A 40 4.31 -18.74 6.63
CA ASN A 40 5.69 -18.66 6.06
C ASN A 40 5.76 -17.50 5.08
N GLN A 41 4.67 -17.17 4.44
CA GLN A 41 4.68 -16.04 3.48
C GLN A 41 4.48 -14.74 4.25
N ARG A 42 5.54 -14.11 4.68
CA ARG A 42 5.42 -12.85 5.45
C ARG A 42 5.56 -11.66 4.50
N ARG A 43 5.76 -11.91 3.23
CA ARG A 43 5.92 -10.79 2.27
C ARG A 43 5.43 -11.22 0.88
N GLY A 44 5.16 -10.28 0.02
CA GLY A 44 4.67 -10.63 -1.34
C GLY A 44 4.89 -9.43 -2.27
N PHE A 45 4.62 -9.60 -3.54
CA PHE A 45 4.81 -8.47 -4.49
C PHE A 45 3.62 -8.39 -5.44
N LEU A 46 3.35 -7.23 -5.97
CA LEU A 46 2.22 -7.08 -6.92
C LEU A 46 2.75 -6.53 -8.24
N CYS A 47 2.34 -7.10 -9.33
CA CYS A 47 2.84 -6.61 -10.66
C CYS A 47 1.65 -6.37 -11.58
N ASN A 48 1.90 -5.88 -12.77
CA ASN A 48 0.78 -5.63 -13.71
C ASN A 48 0.22 -6.95 -14.21
N GLN A 49 0.62 -8.03 -13.59
CA GLN A 49 0.10 -9.36 -14.01
C GLN A 49 -0.99 -9.82 -13.03
N ALA A 50 -2.23 -9.83 -13.46
CA ALA A 50 -3.32 -10.27 -12.55
C ALA A 50 -3.57 -11.76 -12.74
N PRO A 51 -4.12 -12.42 -11.76
CA PRO A 51 -4.40 -13.88 -11.85
C PRO A 51 -5.19 -14.19 -13.13
N HIS A 52 -4.66 -15.05 -13.96
CA HIS A 52 -5.36 -15.41 -15.23
C HIS A 52 -6.74 -15.99 -14.94
N LYS A 53 -6.85 -16.76 -13.90
CA LYS A 53 -8.16 -17.39 -13.57
C LYS A 53 -9.21 -16.30 -13.32
N HIS A 54 -8.77 -15.12 -12.98
CA HIS A 54 -9.74 -14.01 -12.72
C HIS A 54 -10.45 -13.62 -14.03
N GLY A 55 -9.83 -13.90 -15.16
CA GLY A 55 -10.47 -13.54 -16.46
C GLY A 55 -9.59 -12.55 -17.21
N PHE A 56 -10.19 -11.60 -17.86
CA PHE A 56 -9.40 -10.59 -18.63
C PHE A 56 -9.47 -9.23 -17.93
N LEU A 57 -8.58 -8.33 -18.26
CA LEU A 57 -8.61 -6.99 -17.60
C LEU A 57 -9.99 -6.37 -17.75
N GLU A 58 -10.60 -5.99 -16.66
CA GLU A 58 -11.95 -5.37 -16.72
C GLU A 58 -11.83 -3.87 -16.48
N GLY A 59 -10.63 -3.38 -16.37
CA GLY A 59 -10.42 -1.93 -16.14
C GLY A 59 -8.93 -1.66 -15.91
N ARG A 60 -8.57 -0.45 -15.59
CA ARG A 60 -7.12 -0.14 -15.36
C ARG A 60 -6.95 0.54 -14.00
N HIS A 61 -6.78 -0.23 -12.96
CA HIS A 61 -6.59 0.38 -11.61
C HIS A 61 -5.66 -0.50 -10.77
N ALA A 62 -4.63 0.07 -10.20
CA ALA A 62 -3.70 -0.74 -9.36
C ALA A 62 -4.44 -1.28 -8.13
N GLU A 63 -5.33 -0.50 -7.57
CA GLU A 63 -6.06 -0.95 -6.36
C GLU A 63 -6.90 -2.19 -6.68
N LEU A 64 -7.49 -2.23 -7.85
CA LEU A 64 -8.32 -3.41 -8.23
C LEU A 64 -7.44 -4.65 -8.32
N CYS A 65 -6.24 -4.52 -8.83
CA CYS A 65 -5.34 -5.70 -8.92
C CYS A 65 -5.15 -6.31 -7.54
N PHE A 66 -5.00 -5.48 -6.55
CA PHE A 66 -4.82 -6.00 -5.16
C PHE A 66 -6.06 -6.77 -4.75
N LEU A 67 -7.22 -6.26 -5.11
CA LEU A 67 -8.48 -6.97 -4.75
C LEU A 67 -8.49 -8.36 -5.36
N ASP A 68 -7.88 -8.53 -6.50
CA ASP A 68 -7.85 -9.88 -7.15
C ASP A 68 -6.96 -10.84 -6.34
N VAL A 69 -5.93 -10.33 -5.71
CA VAL A 69 -5.02 -11.20 -4.93
C VAL A 69 -5.73 -11.78 -3.69
N ILE A 70 -6.56 -11.02 -3.05
CA ILE A 70 -7.26 -11.54 -1.83
C ILE A 70 -7.97 -12.87 -2.12
N PRO A 71 -8.85 -12.95 -3.09
CA PRO A 71 -9.58 -14.21 -3.40
C PRO A 71 -8.62 -15.32 -3.84
N PHE A 72 -7.46 -14.96 -4.34
CA PHE A 72 -6.49 -16.01 -4.77
C PHE A 72 -5.88 -16.68 -3.54
N TRP A 73 -5.83 -15.99 -2.43
CA TRP A 73 -5.24 -16.59 -1.21
C TRP A 73 -6.31 -17.37 -0.46
N LYS A 74 -7.52 -17.38 -0.96
CA LYS A 74 -8.61 -18.13 -0.29
C LYS A 74 -8.53 -17.97 1.23
N LEU A 75 -8.69 -16.77 1.73
CA LEU A 75 -8.62 -16.57 3.20
C LEU A 75 -9.94 -17.03 3.84
N ASP A 76 -9.88 -17.64 4.99
CA ASP A 76 -11.14 -18.10 5.65
C ASP A 76 -11.85 -16.92 6.29
N LEU A 77 -13.12 -16.76 6.00
CA LEU A 77 -13.89 -15.63 6.59
C LEU A 77 -14.03 -15.82 8.10
N ASP A 78 -14.00 -17.04 8.57
CA ASP A 78 -14.16 -17.28 10.04
C ASP A 78 -12.83 -17.05 10.76
N GLN A 79 -11.76 -16.94 10.03
CA GLN A 79 -10.44 -16.70 10.69
C GLN A 79 -9.97 -15.27 10.40
N ASP A 80 -9.37 -14.63 11.36
CA ASP A 80 -8.90 -13.23 11.13
C ASP A 80 -7.59 -13.26 10.35
N TYR A 81 -7.41 -12.32 9.45
CA TYR A 81 -6.15 -12.28 8.66
C TYR A 81 -5.54 -10.87 8.72
N ARG A 82 -4.25 -10.79 8.85
CA ARG A 82 -3.59 -9.45 8.90
C ARG A 82 -2.81 -9.24 7.61
N VAL A 83 -3.21 -8.27 6.82
CA VAL A 83 -2.50 -8.00 5.53
C VAL A 83 -2.01 -6.55 5.49
N THR A 84 -0.80 -6.34 5.04
CA THR A 84 -0.26 -4.96 4.95
C THR A 84 -0.07 -4.61 3.47
N CYS A 85 -0.19 -3.35 3.13
CA CYS A 85 -0.03 -2.96 1.70
C CYS A 85 0.82 -1.69 1.58
N PHE A 86 1.88 -1.76 0.83
CA PHE A 86 2.74 -0.56 0.63
C PHE A 86 2.58 -0.08 -0.81
N THR A 87 2.18 1.16 -1.01
CA THR A 87 2.01 1.66 -2.39
C THR A 87 2.53 3.09 -2.51
N SER A 88 2.94 3.48 -3.69
CA SER A 88 3.46 4.87 -3.88
C SER A 88 2.53 5.65 -4.82
N TRP A 89 1.25 5.68 -4.50
CA TRP A 89 0.29 6.42 -5.36
C TRP A 89 -1.03 6.62 -4.60
N SER A 90 -1.89 7.48 -5.08
CA SER A 90 -3.18 7.70 -4.38
C SER A 90 -4.30 6.97 -5.13
N PRO A 91 -5.30 6.48 -4.43
CA PRO A 91 -6.44 5.76 -5.05
C PRO A 91 -7.41 6.70 -5.78
N CYS A 92 -8.16 6.18 -6.72
CA CYS A 92 -9.12 7.05 -7.46
C CYS A 92 -10.39 7.21 -6.62
N PHE A 93 -11.20 8.20 -6.92
CA PHE A 93 -12.44 8.40 -6.12
C PHE A 93 -13.28 7.13 -6.15
N SER A 94 -13.54 6.60 -7.32
CA SER A 94 -14.35 5.35 -7.40
C SER A 94 -13.61 4.21 -6.71
N CYS A 95 -12.31 4.15 -6.88
CA CYS A 95 -11.52 3.06 -6.25
C CYS A 95 -11.51 3.24 -4.73
N ALA A 96 -11.50 4.47 -4.27
CA ALA A 96 -11.50 4.71 -2.80
C ALA A 96 -12.74 4.07 -2.17
N GLN A 97 -13.87 4.22 -2.81
CA GLN A 97 -15.11 3.62 -2.26
C GLN A 97 -15.01 2.10 -2.27
N GLU A 98 -14.33 1.52 -3.22
CA GLU A 98 -14.23 0.04 -3.27
C GLU A 98 -13.52 -0.49 -2.02
N MET A 99 -12.46 0.14 -1.59
CA MET A 99 -11.76 -0.35 -0.37
C MET A 99 -12.68 -0.24 0.84
N ALA A 100 -13.48 0.79 0.91
CA ALA A 100 -14.40 0.93 2.08
C ALA A 100 -15.38 -0.25 2.10
N LYS A 101 -15.95 -0.60 0.98
CA LYS A 101 -16.91 -1.72 0.95
C LYS A 101 -16.20 -3.04 1.30
N PHE A 102 -14.98 -3.22 0.87
CA PHE A 102 -14.26 -4.48 1.17
C PHE A 102 -14.15 -4.70 2.68
N ILE A 103 -13.68 -3.73 3.40
CA ILE A 103 -13.54 -3.89 4.87
C ILE A 103 -14.94 -4.08 5.48
N SER A 104 -15.91 -3.36 5.01
CA SER A 104 -17.28 -3.51 5.57
C SER A 104 -17.74 -4.96 5.37
N LYS A 105 -17.40 -5.56 4.26
CA LYS A 105 -17.81 -6.97 4.02
C LYS A 105 -16.80 -7.91 4.68
N ASN A 106 -15.67 -7.38 5.07
CA ASN A 106 -14.64 -8.23 5.72
C ASN A 106 -13.95 -7.43 6.83
N LYS A 107 -14.58 -7.33 7.97
CA LYS A 107 -13.98 -6.57 9.10
C LYS A 107 -13.04 -7.47 9.88
N HIS A 108 -12.98 -8.73 9.53
CA HIS A 108 -12.08 -9.66 10.26
C HIS A 108 -10.65 -9.55 9.71
N VAL A 109 -10.47 -8.81 8.64
CA VAL A 109 -9.12 -8.66 8.05
C VAL A 109 -8.52 -7.31 8.46
N SER A 110 -7.32 -7.29 8.94
CA SER A 110 -6.69 -6.00 9.30
C SER A 110 -6.01 -5.45 8.05
N LEU A 111 -6.57 -4.42 7.46
CA LEU A 111 -5.99 -3.87 6.21
C LEU A 111 -5.31 -2.52 6.48
N CYS A 112 -4.05 -2.43 6.13
CA CYS A 112 -3.31 -1.15 6.33
C CYS A 112 -2.61 -0.79 5.02
N ILE A 113 -2.83 0.40 4.51
CA ILE A 113 -2.18 0.79 3.22
C ILE A 113 -1.24 1.98 3.45
N PHE A 114 -0.01 1.86 3.04
CA PHE A 114 0.94 2.99 3.22
C PHE A 114 1.14 3.70 1.88
N THR A 115 0.91 4.97 1.83
CA THR A 115 1.08 5.70 0.54
C THR A 115 2.43 6.41 0.51
N ALA A 116 3.35 5.93 -0.29
CA ALA A 116 4.67 6.60 -0.37
C ALA A 116 4.49 7.99 -0.96
N ARG A 117 3.59 8.13 -1.90
CA ARG A 117 3.35 9.47 -2.51
C ARG A 117 1.85 9.63 -2.78
N ILE A 118 1.32 10.82 -2.61
CA ILE A 118 -0.12 11.04 -2.86
C ILE A 118 -0.31 12.00 -4.04
N TYR A 119 -0.91 11.54 -5.11
CA TYR A 119 -1.13 12.43 -6.29
C TYR A 119 -2.64 12.56 -6.52
N ASP A 120 -3.14 13.77 -6.61
CA ASP A 120 -4.60 13.94 -6.85
C ASP A 120 -4.87 14.04 -8.35
N ASP A 121 -5.63 13.12 -8.88
CA ASP A 121 -5.95 13.16 -10.34
C ASP A 121 -6.87 14.34 -10.63
N GLN A 122 -7.83 14.59 -9.78
CA GLN A 122 -8.77 15.73 -10.01
C GLN A 122 -9.04 16.45 -8.69
N GLY A 123 -9.63 17.62 -8.75
CA GLY A 123 -9.92 18.37 -7.50
C GLY A 123 -11.10 17.72 -6.77
N ARG A 124 -11.48 18.27 -5.64
CA ARG A 124 -12.62 17.69 -4.87
C ARG A 124 -12.35 16.22 -4.54
N CYS A 125 -11.27 15.68 -5.03
CA CYS A 125 -10.95 14.25 -4.75
C CYS A 125 -10.55 14.09 -3.28
N GLN A 126 -10.09 15.15 -2.67
CA GLN A 126 -9.67 15.05 -1.24
C GLN A 126 -10.84 14.54 -0.40
N GLU A 127 -12.04 14.91 -0.75
CA GLU A 127 -13.21 14.44 0.05
C GLU A 127 -13.24 12.91 0.04
N GLY A 128 -12.90 12.30 -1.06
CA GLY A 128 -12.90 10.81 -1.12
C GLY A 128 -11.87 10.26 -0.14
N LEU A 129 -10.75 10.90 -0.03
CA LEU A 129 -9.69 10.41 0.91
C LEU A 129 -10.24 10.40 2.33
N ARG A 130 -11.03 11.38 2.69
CA ARG A 130 -11.59 11.41 4.07
C ARG A 130 -12.40 10.15 4.30
N THR A 131 -13.21 9.77 3.35
CA THR A 131 -14.02 8.54 3.50
C THR A 131 -13.08 7.34 3.52
N LEU A 132 -12.06 7.37 2.72
CA LEU A 132 -11.09 6.24 2.66
C LEU A 132 -10.47 6.02 4.04
N ALA A 133 -10.15 7.08 4.73
CA ALA A 133 -9.54 6.92 6.08
C ALA A 133 -10.54 6.28 7.04
N GLU A 134 -11.80 6.57 6.87
CA GLU A 134 -12.83 5.98 7.79
C GLU A 134 -13.06 4.50 7.46
N ALA A 135 -13.38 4.19 6.24
CA ALA A 135 -13.63 2.77 5.87
C ALA A 135 -12.55 2.26 4.93
N GLY A 136 -11.81 3.13 4.30
CA GLY A 136 -10.75 2.66 3.37
C GLY A 136 -9.56 2.17 4.18
N ALA A 137 -9.80 1.47 5.24
CA ALA A 137 -8.68 0.95 6.07
C ALA A 137 -7.81 2.11 6.57
N LYS A 138 -6.82 1.79 7.35
CA LYS A 138 -5.93 2.85 7.90
C LYS A 138 -4.86 3.22 6.87
N ILE A 139 -4.65 4.50 6.65
CA ILE A 139 -3.61 4.92 5.66
C ILE A 139 -2.62 5.87 6.33
N SER A 140 -1.36 5.62 6.19
CA SER A 140 -0.34 6.52 6.82
C SER A 140 0.86 6.69 5.89
N ILE A 141 1.61 7.75 6.06
CA ILE A 141 2.80 7.96 5.19
C ILE A 141 3.95 7.10 5.71
N MET A 142 4.79 6.61 4.83
CA MET A 142 5.91 5.75 5.28
C MET A 142 6.91 6.58 6.09
N THR A 143 7.51 5.98 7.08
CA THR A 143 8.49 6.70 7.93
C THR A 143 9.86 6.02 7.81
N TYR A 144 10.90 6.69 8.21
CA TYR A 144 12.26 6.07 8.11
C TYR A 144 12.26 4.72 8.84
N SER A 145 11.63 4.64 9.97
CA SER A 145 11.60 3.33 10.70
C SER A 145 10.94 2.28 9.82
N GLU A 146 9.83 2.61 9.21
CA GLU A 146 9.15 1.63 8.33
C GLU A 146 10.00 1.39 7.09
N PHE A 147 10.66 2.40 6.61
CA PHE A 147 11.51 2.25 5.39
C PHE A 147 12.59 1.20 5.66
N LYS A 148 13.22 1.24 6.79
CA LYS A 148 14.29 0.24 7.09
C LYS A 148 13.68 -1.17 7.04
N HIS A 149 12.50 -1.35 7.55
CA HIS A 149 11.87 -2.70 7.51
C HIS A 149 11.65 -3.11 6.06
N CYS A 150 11.08 -2.23 5.27
CA CYS A 150 10.85 -2.58 3.84
C CYS A 150 12.20 -2.81 3.15
N TRP A 151 13.14 -1.95 3.42
CA TRP A 151 14.49 -2.11 2.80
C TRP A 151 15.08 -3.46 3.16
N ASP A 152 15.05 -3.82 4.41
CA ASP A 152 15.63 -5.13 4.84
C ASP A 152 14.77 -6.31 4.37
N THR A 153 13.48 -6.24 4.55
CA THR A 153 12.59 -7.38 4.16
C THR A 153 12.52 -7.56 2.63
N PHE A 154 12.29 -6.51 1.90
CA PHE A 154 12.17 -6.66 0.42
C PHE A 154 13.53 -6.94 -0.22
N VAL A 155 14.60 -6.43 0.33
CA VAL A 155 15.94 -6.67 -0.27
C VAL A 155 16.90 -7.20 0.81
N ASP A 156 17.79 -8.07 0.44
CA ASP A 156 18.76 -8.61 1.43
C ASP A 156 19.69 -7.48 1.87
N HIS A 157 19.59 -7.08 3.11
CA HIS A 157 20.47 -5.98 3.60
C HIS A 157 21.93 -6.42 3.55
N GLN A 158 22.18 -7.70 3.46
CA GLN A 158 23.59 -8.19 3.42
C GLN A 158 24.20 -7.91 2.05
N GLY A 159 25.21 -7.07 2.01
CA GLY A 159 25.86 -6.76 0.71
C GLY A 159 25.19 -5.53 0.09
N CYS A 160 24.00 -5.22 0.50
CA CYS A 160 23.30 -4.04 -0.06
C CYS A 160 22.84 -3.12 1.07
N PRO A 161 23.71 -2.27 1.55
CA PRO A 161 23.39 -1.32 2.66
C PRO A 161 22.59 -0.11 2.17
N PHE A 162 21.64 0.34 2.93
CA PHE A 162 20.84 1.52 2.52
C PHE A 162 21.53 2.81 3.00
N GLN A 163 21.63 3.79 2.16
CA GLN A 163 22.29 5.07 2.55
C GLN A 163 21.25 6.20 2.58
N PRO A 164 20.71 6.50 3.73
CA PRO A 164 19.70 7.58 3.88
C PRO A 164 20.24 8.94 3.41
N TRP A 165 19.43 9.68 2.70
CA TRP A 165 19.85 11.02 2.21
C TRP A 165 18.74 12.03 2.50
N ASP A 166 19.04 13.30 2.45
CA ASP A 166 17.98 14.31 2.76
C ASP A 166 16.98 14.35 1.61
N GLY A 167 16.79 13.25 0.94
CA GLY A 167 15.81 13.21 -0.17
C GLY A 167 14.46 12.78 0.40
N LEU A 168 14.47 11.76 1.20
CA LEU A 168 13.20 11.30 1.82
C LEU A 168 12.63 12.42 2.70
N ASP A 169 13.48 13.16 3.34
CA ASP A 169 13.01 14.27 4.20
C ASP A 169 12.34 15.35 3.34
N GLU A 170 12.95 15.71 2.24
CA GLU A 170 12.33 16.75 1.38
C GLU A 170 11.07 16.21 0.72
N HIS A 171 11.12 15.02 0.20
CA HIS A 171 9.92 14.42 -0.43
C HIS A 171 8.86 14.12 0.62
N SER A 172 9.25 13.49 1.70
CA SER A 172 8.28 13.14 2.77
C SER A 172 7.68 14.40 3.40
N GLN A 173 8.47 15.43 3.56
CA GLN A 173 7.94 16.68 4.18
C GLN A 173 6.76 17.20 3.38
N ASP A 174 6.86 17.19 2.09
CA ASP A 174 5.73 17.70 1.25
C ASP A 174 4.50 16.81 1.43
N LEU A 175 4.70 15.52 1.44
CA LEU A 175 3.53 14.60 1.61
C LEU A 175 2.89 14.87 2.96
N SER A 176 3.68 15.03 3.99
CA SER A 176 3.11 15.29 5.33
C SER A 176 2.36 16.62 5.30
N GLY A 177 2.92 17.61 4.65
CA GLY A 177 2.25 18.93 4.59
C GLY A 177 0.95 18.81 3.79
N ARG A 178 1.01 18.26 2.61
CA ARG A 178 -0.22 18.11 1.79
C ARG A 178 -1.22 17.23 2.53
N LEU A 179 -0.76 16.14 3.07
CA LEU A 179 -1.68 15.23 3.81
C LEU A 179 -2.21 15.96 5.06
N ARG A 180 -1.36 16.71 5.70
CA ARG A 180 -1.82 17.46 6.91
C ARG A 180 -2.99 18.36 6.54
N ALA A 181 -2.94 18.97 5.38
CA ALA A 181 -4.04 19.88 4.96
C ALA A 181 -5.37 19.12 4.94
N ILE A 182 -5.37 17.94 4.38
CA ILE A 182 -6.63 17.15 4.34
C ILE A 182 -7.10 16.86 5.76
N LEU A 183 -6.22 16.36 6.59
CA LEU A 183 -6.61 16.06 8.00
C LEU A 183 -6.88 17.36 8.75
N GLN A 184 -6.14 18.39 8.44
CA GLN A 184 -6.34 19.70 9.13
C GLN A 184 -7.75 20.23 8.84
N ASN A 185 -8.21 20.04 7.63
CA ASN A 185 -9.56 20.52 7.28
C ASN A 185 -10.58 19.48 7.73
N GLN A 186 -10.13 18.50 8.46
CA GLN A 186 -11.08 17.45 8.94
C GLN A 186 -12.18 18.15 9.74
N GLU A 187 -13.30 18.40 9.13
CA GLU A 187 -14.40 19.09 9.87
C GLU A 187 -14.95 18.15 10.94
N ASN A 188 -15.16 18.67 12.11
CA ASN A 188 -15.69 17.82 13.22
C ASN A 188 -17.12 17.37 12.86
N MET A 1 13.53 -12.76 -4.10
CA MET A 1 13.75 -11.33 -3.74
C MET A 1 15.02 -10.82 -4.43
N ASP A 2 14.96 -9.68 -5.03
CA ASP A 2 16.16 -9.12 -5.70
C ASP A 2 16.78 -8.06 -4.77
N PRO A 3 18.02 -7.73 -5.00
CA PRO A 3 18.72 -6.73 -4.17
C PRO A 3 17.77 -5.60 -3.74
N PRO A 4 18.03 -4.97 -2.63
CA PRO A 4 17.16 -3.87 -2.10
C PRO A 4 16.60 -2.94 -3.18
N THR A 5 15.71 -3.44 -4.00
CA THR A 5 15.12 -2.58 -5.06
C THR A 5 14.20 -1.55 -4.42
N PHE A 6 13.51 -1.92 -3.37
CA PHE A 6 12.60 -0.97 -2.70
C PHE A 6 13.42 0.22 -2.20
N THR A 7 14.56 -0.06 -1.65
CA THR A 7 15.43 1.02 -1.13
C THR A 7 15.98 1.84 -2.30
N PHE A 8 16.37 1.17 -3.35
CA PHE A 8 16.93 1.90 -4.53
C PHE A 8 15.87 2.84 -5.10
N ASN A 9 14.68 2.34 -5.30
CA ASN A 9 13.60 3.19 -5.86
C ASN A 9 13.34 4.39 -4.94
N PHE A 10 13.39 4.19 -3.65
CA PHE A 10 13.13 5.32 -2.72
C PHE A 10 14.26 6.35 -2.79
N ASN A 11 15.49 5.91 -2.89
CA ASN A 11 16.62 6.88 -2.96
C ASN A 11 16.78 7.38 -4.40
N ASN A 12 15.94 6.92 -5.29
CA ASN A 12 16.04 7.36 -6.71
C ASN A 12 14.72 7.98 -7.14
N GLU A 13 14.10 8.75 -6.29
CA GLU A 13 12.80 9.38 -6.65
C GLU A 13 12.98 10.37 -7.81
N PRO A 14 14.05 11.12 -7.82
CA PRO A 14 14.33 12.12 -8.89
C PRO A 14 14.68 11.48 -10.23
N TRP A 15 14.94 10.20 -10.24
CA TRP A 15 15.31 9.52 -11.52
C TRP A 15 14.08 9.34 -12.42
N VAL A 16 12.92 9.71 -11.94
CA VAL A 16 11.70 9.56 -12.76
C VAL A 16 11.82 10.36 -14.06
N ARG A 17 11.97 9.69 -15.17
CA ARG A 17 12.09 10.41 -16.48
C ARG A 17 10.71 10.51 -17.12
N GLY A 18 9.69 10.13 -16.40
CA GLY A 18 8.30 10.20 -16.96
C GLY A 18 7.90 8.81 -17.45
N ARG A 19 8.76 7.84 -17.32
CA ARG A 19 8.43 6.46 -17.76
C ARG A 19 8.81 5.49 -16.63
N HIS A 20 8.04 5.46 -15.58
CA HIS A 20 8.38 4.55 -14.44
C HIS A 20 7.15 3.73 -14.03
N GLU A 21 7.32 2.45 -13.85
CA GLU A 21 6.18 1.58 -13.43
C GLU A 21 6.31 1.33 -11.92
N THR A 22 5.25 0.93 -11.27
CA THR A 22 5.34 0.70 -9.80
C THR A 22 4.90 -0.72 -9.45
N TYR A 23 5.47 -1.26 -8.40
CA TYR A 23 5.11 -2.65 -7.97
C TYR A 23 4.41 -2.54 -6.61
N LEU A 24 3.43 -3.37 -6.36
CA LEU A 24 2.73 -3.30 -5.06
C LEU A 24 3.12 -4.48 -4.19
N CYS A 25 3.37 -4.25 -2.93
CA CYS A 25 3.76 -5.35 -2.01
C CYS A 25 2.66 -5.53 -0.96
N TYR A 26 2.29 -6.74 -0.66
CA TYR A 26 1.20 -6.96 0.35
C TYR A 26 1.54 -8.14 1.26
N GLU A 27 0.86 -8.23 2.36
CA GLU A 27 1.07 -9.34 3.32
C GLU A 27 -0.29 -9.78 3.84
N VAL A 28 -0.40 -10.98 4.33
CA VAL A 28 -1.72 -11.44 4.84
C VAL A 28 -1.57 -12.02 6.25
N GLU A 29 -2.50 -11.72 7.12
CA GLU A 29 -2.44 -12.24 8.51
C GLU A 29 -3.76 -12.90 8.85
N ARG A 30 -3.76 -13.87 9.73
CA ARG A 30 -5.02 -14.55 10.11
C ARG A 30 -5.36 -14.22 11.56
N MET A 31 -6.55 -13.73 11.80
CA MET A 31 -6.94 -13.37 13.20
C MET A 31 -8.20 -14.13 13.61
N HIS A 32 -8.18 -14.75 14.75
CA HIS A 32 -9.38 -15.49 15.23
C HIS A 32 -9.92 -14.78 16.48
N ASN A 33 -11.21 -14.71 16.63
CA ASN A 33 -11.78 -14.01 17.82
C ASN A 33 -11.25 -14.64 19.12
N ASP A 34 -11.09 -15.93 19.15
CA ASP A 34 -10.59 -16.57 20.40
C ASP A 34 -9.06 -16.74 20.35
N THR A 35 -8.47 -16.64 19.19
CA THR A 35 -7.00 -16.81 19.10
C THR A 35 -6.40 -15.84 18.08
N TRP A 36 -5.11 -15.65 18.13
CA TRP A 36 -4.44 -14.74 17.16
C TRP A 36 -3.37 -15.53 16.40
N VAL A 37 -3.38 -15.46 15.10
CA VAL A 37 -2.37 -16.23 14.31
C VAL A 37 -1.56 -15.26 13.44
N LEU A 38 -0.26 -15.33 13.51
CA LEU A 38 0.58 -14.41 12.70
C LEU A 38 1.07 -15.13 11.44
N LEU A 39 0.57 -14.74 10.31
CA LEU A 39 1.01 -15.36 9.03
C LEU A 39 2.08 -14.48 8.39
N ASN A 40 2.62 -13.57 9.15
CA ASN A 40 3.66 -12.65 8.62
C ASN A 40 4.87 -13.47 8.15
N GLN A 41 5.02 -14.67 8.65
CA GLN A 41 6.18 -15.51 8.25
C GLN A 41 6.20 -15.62 6.71
N ARG A 42 5.05 -15.60 6.09
CA ARG A 42 5.00 -15.70 4.61
C ARG A 42 4.60 -14.34 4.03
N ARG A 43 5.06 -14.02 2.85
CA ARG A 43 4.72 -12.71 2.24
C ARG A 43 4.66 -12.85 0.72
N GLY A 44 4.13 -11.87 0.03
CA GLY A 44 4.04 -11.97 -1.45
C GLY A 44 4.10 -10.56 -2.05
N PHE A 45 4.28 -10.46 -3.33
CA PHE A 45 4.34 -9.11 -3.96
C PHE A 45 3.66 -9.15 -5.33
N LEU A 46 3.19 -8.02 -5.79
CA LEU A 46 2.53 -7.96 -7.13
C LEU A 46 3.42 -7.16 -8.07
N CYS A 47 3.48 -7.54 -9.32
CA CYS A 47 4.32 -6.80 -10.31
C CYS A 47 3.44 -6.27 -11.44
N ASN A 48 4.01 -5.55 -12.36
CA ASN A 48 3.19 -5.01 -13.48
C ASN A 48 2.66 -6.19 -14.30
N GLN A 49 3.28 -7.33 -14.18
CA GLN A 49 2.81 -8.53 -14.92
C GLN A 49 2.14 -9.47 -13.91
N ALA A 50 0.90 -9.80 -14.11
CA ALA A 50 0.21 -10.70 -13.14
C ALA A 50 0.36 -12.17 -13.56
N PRO A 51 0.22 -13.07 -12.62
CA PRO A 51 0.33 -14.54 -12.88
C PRO A 51 -0.85 -15.06 -13.72
N HIS A 52 -0.69 -16.20 -14.34
CA HIS A 52 -1.80 -16.76 -15.16
C HIS A 52 -3.05 -16.94 -14.30
N LYS A 53 -2.89 -17.41 -13.10
CA LYS A 53 -4.04 -17.62 -12.18
C LYS A 53 -4.79 -16.30 -11.95
N HIS A 54 -4.16 -15.20 -12.22
CA HIS A 54 -4.82 -13.89 -11.98
C HIS A 54 -6.05 -13.72 -12.89
N GLY A 55 -6.07 -14.38 -14.02
CA GLY A 55 -7.26 -14.26 -14.92
C GLY A 55 -6.87 -13.54 -16.21
N PHE A 56 -7.76 -12.71 -16.69
CA PHE A 56 -7.48 -11.96 -17.95
C PHE A 56 -7.48 -10.46 -17.65
N LEU A 57 -6.94 -9.66 -18.54
CA LEU A 57 -6.89 -8.19 -18.29
C LEU A 57 -8.32 -7.63 -18.19
N GLU A 58 -8.64 -6.99 -17.11
CA GLU A 58 -10.01 -6.41 -16.95
C GLU A 58 -9.90 -4.89 -17.10
N GLY A 59 -8.75 -4.35 -16.85
CA GLY A 59 -8.56 -2.87 -16.97
C GLY A 59 -7.11 -2.54 -16.60
N ARG A 60 -6.75 -1.28 -16.60
CA ARG A 60 -5.34 -0.92 -16.24
C ARG A 60 -5.32 -0.19 -14.89
N HIS A 61 -5.26 -0.94 -13.81
CA HIS A 61 -5.22 -0.30 -12.47
C HIS A 61 -4.42 -1.17 -11.50
N ALA A 62 -3.44 -0.63 -10.86
CA ALA A 62 -2.64 -1.44 -9.89
C ALA A 62 -3.52 -1.89 -8.72
N GLU A 63 -4.36 -1.00 -8.23
CA GLU A 63 -5.23 -1.36 -7.07
C GLU A 63 -6.23 -2.46 -7.46
N LEU A 64 -6.79 -2.40 -8.63
CA LEU A 64 -7.78 -3.44 -9.02
C LEU A 64 -7.11 -4.82 -9.02
N CYS A 65 -5.89 -4.90 -9.47
CA CYS A 65 -5.20 -6.23 -9.47
C CYS A 65 -5.19 -6.78 -8.04
N PHE A 66 -4.86 -5.95 -7.09
CA PHE A 66 -4.86 -6.39 -5.67
C PHE A 66 -6.28 -6.76 -5.25
N LEU A 67 -7.24 -5.99 -5.68
CA LEU A 67 -8.66 -6.27 -5.31
C LEU A 67 -9.04 -7.69 -5.77
N ASP A 68 -8.56 -8.09 -6.91
CA ASP A 68 -8.90 -9.46 -7.42
C ASP A 68 -8.22 -10.53 -6.56
N VAL A 69 -7.10 -10.20 -5.96
CA VAL A 69 -6.39 -11.19 -5.12
C VAL A 69 -7.19 -11.52 -3.86
N ILE A 70 -7.87 -10.57 -3.28
CA ILE A 70 -8.64 -10.85 -2.03
C ILE A 70 -9.61 -12.02 -2.23
N PRO A 71 -10.50 -11.97 -3.19
CA PRO A 71 -11.47 -13.08 -3.44
C PRO A 71 -10.75 -14.38 -3.78
N PHE A 72 -9.55 -14.30 -4.27
CA PHE A 72 -8.81 -15.54 -4.61
C PHE A 72 -8.32 -16.24 -3.35
N TRP A 73 -8.17 -15.51 -2.27
CA TRP A 73 -7.71 -16.14 -1.00
C TRP A 73 -8.90 -16.75 -0.27
N LYS A 74 -10.09 -16.60 -0.80
CA LYS A 74 -11.28 -17.18 -0.14
C LYS A 74 -11.19 -17.00 1.38
N LEU A 75 -11.21 -15.78 1.84
CA LEU A 75 -11.11 -15.54 3.32
C LEU A 75 -12.44 -15.90 3.97
N ASP A 76 -12.41 -16.45 5.15
CA ASP A 76 -13.67 -16.82 5.85
C ASP A 76 -14.33 -15.58 6.44
N LEU A 77 -15.60 -15.39 6.17
CA LEU A 77 -16.31 -14.20 6.70
C LEU A 77 -16.45 -14.31 8.22
N ASP A 78 -16.49 -15.51 8.74
CA ASP A 78 -16.64 -15.68 10.22
C ASP A 78 -15.31 -15.47 10.93
N GLN A 79 -14.23 -15.46 10.21
CA GLN A 79 -12.90 -15.26 10.85
C GLN A 79 -12.37 -13.86 10.53
N ASP A 80 -11.73 -13.22 11.46
CA ASP A 80 -11.20 -11.85 11.20
C ASP A 80 -9.93 -11.95 10.35
N TYR A 81 -9.76 -11.04 9.43
CA TYR A 81 -8.54 -11.07 8.57
C TYR A 81 -7.88 -9.69 8.55
N ARG A 82 -6.58 -9.64 8.66
CA ARG A 82 -5.88 -8.32 8.63
C ARG A 82 -4.92 -8.32 7.44
N VAL A 83 -5.12 -7.42 6.52
CA VAL A 83 -4.24 -7.37 5.31
C VAL A 83 -3.59 -5.99 5.19
N THR A 84 -2.31 -5.95 4.88
CA THR A 84 -1.62 -4.64 4.74
C THR A 84 -1.11 -4.49 3.30
N CYS A 85 -1.01 -3.27 2.83
CA CYS A 85 -0.52 -3.05 1.43
C CYS A 85 0.51 -1.92 1.41
N PHE A 86 1.68 -2.18 0.89
CA PHE A 86 2.71 -1.11 0.82
C PHE A 86 2.83 -0.65 -0.63
N THR A 87 2.51 0.59 -0.89
CA THR A 87 2.59 1.09 -2.29
C THR A 87 3.17 2.51 -2.31
N SER A 88 3.77 2.90 -3.40
CA SER A 88 4.35 4.27 -3.49
C SER A 88 3.55 5.11 -4.49
N TRP A 89 2.26 5.17 -4.30
CA TRP A 89 1.40 5.98 -5.21
C TRP A 89 0.02 6.16 -4.58
N SER A 90 -0.81 6.97 -5.17
CA SER A 90 -2.18 7.19 -4.60
C SER A 90 -3.21 6.52 -5.51
N PRO A 91 -4.33 6.13 -4.94
CA PRO A 91 -5.43 5.46 -5.71
C PRO A 91 -6.12 6.41 -6.69
N CYS A 92 -6.59 5.91 -7.79
CA CYS A 92 -7.27 6.81 -8.77
C CYS A 92 -8.56 7.34 -8.15
N PHE A 93 -9.05 8.45 -8.62
CA PHE A 93 -10.30 9.01 -8.03
C PHE A 93 -11.42 7.96 -8.09
N SER A 94 -11.63 7.35 -9.22
CA SER A 94 -12.70 6.32 -9.33
C SER A 94 -12.31 5.10 -8.49
N CYS A 95 -11.05 4.77 -8.48
CA CYS A 95 -10.60 3.57 -7.69
C CYS A 95 -10.69 3.88 -6.20
N ALA A 96 -10.43 5.10 -5.82
CA ALA A 96 -10.50 5.45 -4.37
C ALA A 96 -11.92 5.19 -3.86
N GLN A 97 -12.92 5.54 -4.64
CA GLN A 97 -14.32 5.30 -4.22
C GLN A 97 -14.58 3.80 -4.10
N GLU A 98 -13.96 3.02 -4.94
CA GLU A 98 -14.17 1.54 -4.89
C GLU A 98 -13.58 0.99 -3.60
N MET A 99 -12.45 1.51 -3.18
CA MET A 99 -11.82 1.01 -1.94
C MET A 99 -12.80 1.20 -0.76
N ALA A 100 -13.47 2.32 -0.72
CA ALA A 100 -14.43 2.56 0.39
C ALA A 100 -15.54 1.51 0.33
N LYS A 101 -15.99 1.18 -0.86
CA LYS A 101 -17.07 0.15 -0.98
C LYS A 101 -16.56 -1.20 -0.49
N PHE A 102 -15.31 -1.50 -0.70
CA PHE A 102 -14.76 -2.81 -0.26
C PHE A 102 -14.97 -2.99 1.25
N ILE A 103 -14.58 -2.03 2.04
CA ILE A 103 -14.76 -2.16 3.50
C ILE A 103 -16.25 -2.30 3.83
N SER A 104 -17.08 -1.56 3.16
CA SER A 104 -18.54 -1.65 3.44
C SER A 104 -19.00 -3.09 3.21
N LYS A 105 -18.46 -3.74 2.20
CA LYS A 105 -18.86 -5.14 1.93
C LYS A 105 -18.04 -6.08 2.82
N ASN A 106 -16.95 -5.60 3.34
CA ASN A 106 -16.10 -6.45 4.22
C ASN A 106 -15.59 -5.61 5.39
N LYS A 107 -16.40 -5.41 6.38
CA LYS A 107 -15.96 -4.59 7.56
C LYS A 107 -15.24 -5.49 8.56
N HIS A 108 -15.18 -6.77 8.29
CA HIS A 108 -14.49 -7.69 9.24
C HIS A 108 -13.00 -7.79 8.88
N VAL A 109 -12.59 -7.13 7.83
CA VAL A 109 -11.15 -7.20 7.44
C VAL A 109 -10.44 -5.90 7.83
N SER A 110 -9.29 -6.00 8.44
CA SER A 110 -8.54 -4.78 8.80
C SER A 110 -7.58 -4.46 7.66
N LEU A 111 -7.85 -3.43 6.91
CA LEU A 111 -6.97 -3.09 5.75
C LEU A 111 -6.26 -1.75 6.00
N CYS A 112 -4.97 -1.74 5.87
CA CYS A 112 -4.20 -0.48 6.07
C CYS A 112 -3.26 -0.30 4.86
N ILE A 113 -3.28 0.86 4.25
CA ILE A 113 -2.40 1.08 3.06
C ILE A 113 -1.34 2.12 3.38
N PHE A 114 -0.10 1.84 3.09
CA PHE A 114 0.97 2.83 3.35
C PHE A 114 1.35 3.48 2.02
N THR A 115 1.25 4.78 1.93
CA THR A 115 1.60 5.46 0.65
C THR A 115 2.91 6.22 0.80
N ALA A 116 3.80 6.08 -0.15
CA ALA A 116 5.09 6.81 -0.07
C ALA A 116 4.88 8.25 -0.52
N ARG A 117 4.24 8.43 -1.66
CA ARG A 117 4.00 9.81 -2.15
C ARG A 117 2.66 9.86 -2.88
N ILE A 118 1.98 10.98 -2.82
CA ILE A 118 0.66 11.10 -3.52
C ILE A 118 0.78 12.14 -4.64
N TYR A 119 0.51 11.75 -5.85
CA TYR A 119 0.61 12.72 -6.99
C TYR A 119 -0.75 12.89 -7.64
N ASP A 120 -1.22 14.11 -7.77
CA ASP A 120 -2.54 14.34 -8.41
C ASP A 120 -2.34 15.04 -9.75
N ASP A 121 -2.77 14.44 -10.83
CA ASP A 121 -2.60 15.09 -12.15
C ASP A 121 -3.32 16.43 -12.16
N GLN A 122 -4.49 16.49 -11.57
CA GLN A 122 -5.24 17.78 -11.53
C GLN A 122 -5.68 18.04 -10.08
N GLY A 123 -5.63 19.26 -9.64
CA GLY A 123 -6.05 19.55 -8.24
C GLY A 123 -7.54 19.21 -8.08
N ARG A 124 -7.82 18.13 -7.40
CA ARG A 124 -9.24 17.72 -7.19
C ARG A 124 -9.27 16.45 -6.34
N CYS A 125 -8.43 15.50 -6.67
CA CYS A 125 -8.38 14.23 -5.91
C CYS A 125 -8.31 14.52 -4.41
N GLN A 126 -8.05 15.75 -4.05
CA GLN A 126 -7.96 16.09 -2.59
C GLN A 126 -9.26 15.68 -1.90
N GLU A 127 -10.38 15.88 -2.56
CA GLU A 127 -11.67 15.50 -1.93
C GLU A 127 -11.71 13.98 -1.74
N GLY A 128 -11.20 13.25 -2.69
CA GLY A 128 -11.20 11.76 -2.57
C GLY A 128 -10.34 11.35 -1.38
N LEU A 129 -9.26 12.04 -1.14
CA LEU A 129 -8.39 11.68 0.01
C LEU A 129 -9.17 11.75 1.32
N ARG A 130 -10.00 12.75 1.48
CA ARG A 130 -10.78 12.86 2.75
C ARG A 130 -11.74 11.68 2.85
N THR A 131 -12.44 11.38 1.79
CA THR A 131 -13.38 10.22 1.82
C THR A 131 -12.58 8.94 1.91
N LEU A 132 -11.49 8.86 1.19
CA LEU A 132 -10.65 7.65 1.20
C LEU A 132 -10.12 7.40 2.61
N ALA A 133 -9.73 8.43 3.30
CA ALA A 133 -9.21 8.24 4.68
C ALA A 133 -10.32 7.73 5.59
N GLU A 134 -11.52 8.17 5.37
CA GLU A 134 -12.66 7.72 6.23
C GLU A 134 -13.07 6.29 5.87
N ALA A 135 -13.34 6.02 4.62
CA ALA A 135 -13.77 4.64 4.23
C ALA A 135 -12.71 3.97 3.38
N GLY A 136 -11.80 4.72 2.81
CA GLY A 136 -10.75 4.09 1.97
C GLY A 136 -9.71 3.43 2.87
N ALA A 137 -10.16 2.78 3.91
CA ALA A 137 -9.22 2.11 4.84
C ALA A 137 -8.26 3.12 5.46
N LYS A 138 -7.41 2.66 6.34
CA LYS A 138 -6.45 3.56 7.02
C LYS A 138 -5.25 3.83 6.12
N ILE A 139 -4.87 5.08 5.97
CA ILE A 139 -3.69 5.41 5.12
C ILE A 139 -2.70 6.24 5.94
N SER A 140 -1.45 5.87 5.92
CA SER A 140 -0.44 6.64 6.70
C SER A 140 0.84 6.78 5.86
N ILE A 141 1.66 7.73 6.18
CA ILE A 141 2.92 7.92 5.41
C ILE A 141 3.95 6.91 5.90
N MET A 142 4.75 6.37 5.01
CA MET A 142 5.77 5.37 5.43
C MET A 142 6.71 6.00 6.46
N THR A 143 7.03 5.26 7.50
CA THR A 143 7.94 5.80 8.55
C THR A 143 9.17 4.90 8.66
N TYR A 144 10.23 5.38 9.24
CA TYR A 144 11.45 4.54 9.37
C TYR A 144 11.12 3.24 10.09
N SER A 145 10.30 3.30 11.11
CA SER A 145 9.96 2.05 11.85
C SER A 145 9.31 1.05 10.90
N GLU A 146 8.33 1.50 10.14
CA GLU A 146 7.66 0.57 9.18
C GLU A 146 8.58 0.29 7.99
N PHE A 147 9.34 1.27 7.57
CA PHE A 147 10.25 1.05 6.42
C PHE A 147 11.29 -0.01 6.74
N LYS A 148 11.92 0.07 7.88
CA LYS A 148 12.94 -0.95 8.24
C LYS A 148 12.32 -2.34 8.23
N HIS A 149 11.14 -2.47 8.76
CA HIS A 149 10.47 -3.81 8.77
C HIS A 149 10.22 -4.25 7.33
N CYS A 150 9.71 -3.38 6.51
CA CYS A 150 9.44 -3.73 5.10
C CYS A 150 10.78 -4.06 4.42
N TRP A 151 11.81 -3.34 4.75
CA TRP A 151 13.13 -3.60 4.13
C TRP A 151 13.58 -5.03 4.44
N ASP A 152 13.55 -5.44 5.67
CA ASP A 152 14.00 -6.82 6.01
C ASP A 152 12.99 -7.86 5.52
N THR A 153 11.72 -7.60 5.66
CA THR A 153 10.70 -8.61 5.24
C THR A 153 10.61 -8.78 3.72
N PHE A 154 10.50 -7.70 2.99
CA PHE A 154 10.38 -7.83 1.51
C PHE A 154 11.74 -8.18 0.88
N VAL A 155 12.81 -7.67 1.43
CA VAL A 155 14.16 -7.98 0.85
C VAL A 155 15.02 -8.64 1.93
N ASP A 156 15.83 -9.59 1.56
CA ASP A 156 16.68 -10.28 2.57
C ASP A 156 17.76 -9.33 3.08
N HIS A 157 17.79 -9.11 4.38
CA HIS A 157 18.82 -8.19 4.96
C HIS A 157 20.19 -8.88 4.93
N GLN A 158 20.21 -10.18 4.82
CA GLN A 158 21.52 -10.89 4.80
C GLN A 158 22.27 -10.58 3.51
N GLY A 159 23.49 -10.14 3.62
CA GLY A 159 24.31 -9.82 2.41
C GLY A 159 23.83 -8.50 1.80
N CYS A 160 22.63 -8.08 2.13
CA CYS A 160 22.11 -6.81 1.57
C CYS A 160 21.63 -5.91 2.72
N PRO A 161 22.53 -5.20 3.34
CA PRO A 161 22.19 -4.29 4.47
C PRO A 161 21.60 -2.95 4.00
N PHE A 162 20.60 -2.46 4.67
CA PHE A 162 20.00 -1.16 4.27
C PHE A 162 20.64 -0.02 5.08
N GLN A 163 21.11 1.00 4.41
CA GLN A 163 21.74 2.15 5.13
C GLN A 163 20.78 3.33 5.12
N PRO A 164 20.41 3.87 6.26
CA PRO A 164 19.46 5.01 6.31
C PRO A 164 20.09 6.31 5.80
N TRP A 165 19.36 7.05 5.02
CA TRP A 165 19.88 8.33 4.48
C TRP A 165 18.79 9.40 4.61
N ASP A 166 19.14 10.66 4.50
CA ASP A 166 18.11 11.72 4.63
C ASP A 166 17.27 11.77 3.35
N GLY A 167 17.13 10.66 2.70
CA GLY A 167 16.30 10.61 1.46
C GLY A 167 14.84 10.38 1.86
N LEU A 168 14.62 9.50 2.78
CA LEU A 168 13.24 9.23 3.24
C LEU A 168 12.66 10.51 3.83
N ASP A 169 13.47 11.28 4.50
CA ASP A 169 12.97 12.55 5.11
C ASP A 169 12.56 13.51 3.99
N GLU A 170 13.31 13.55 2.92
CA GLU A 170 12.95 14.48 1.81
C GLU A 170 11.55 14.11 1.28
N HIS A 171 11.28 12.85 1.08
CA HIS A 171 9.94 12.46 0.58
C HIS A 171 8.89 12.69 1.67
N SER A 172 9.18 12.25 2.87
CA SER A 172 8.21 12.43 3.98
C SER A 172 7.94 13.92 4.20
N GLN A 173 8.93 14.75 4.07
CA GLN A 173 8.71 16.20 4.27
C GLN A 173 7.65 16.70 3.30
N ASP A 174 7.70 16.24 2.08
CA ASP A 174 6.69 16.70 1.08
C ASP A 174 5.30 16.19 1.46
N LEU A 175 5.20 14.91 1.74
CA LEU A 175 3.88 14.34 2.13
C LEU A 175 3.45 14.89 3.49
N SER A 176 4.37 15.05 4.40
CA SER A 176 3.99 15.58 5.74
C SER A 176 3.36 16.96 5.56
N GLY A 177 3.92 17.77 4.72
CA GLY A 177 3.35 19.13 4.51
C GLY A 177 2.04 19.02 3.73
N ARG A 178 2.04 18.34 2.62
CA ARG A 178 0.80 18.22 1.80
C ARG A 178 -0.27 17.44 2.60
N LEU A 179 0.11 16.37 3.25
CA LEU A 179 -0.89 15.60 4.02
C LEU A 179 -1.43 16.46 5.17
N ARG A 180 -0.57 17.23 5.78
CA ARG A 180 -1.01 18.10 6.90
C ARG A 180 -2.13 19.02 6.42
N ALA A 181 -2.02 19.53 5.22
CA ALA A 181 -3.06 20.46 4.69
C ALA A 181 -4.38 19.72 4.52
N ILE A 182 -4.35 18.52 4.01
CA ILE A 182 -5.61 17.76 3.80
C ILE A 182 -6.32 17.57 5.14
N LEU A 183 -5.63 17.07 6.12
CA LEU A 183 -6.27 16.86 7.45
C LEU A 183 -6.64 18.21 8.06
N GLN A 184 -5.85 19.22 7.80
CA GLN A 184 -6.16 20.57 8.36
C GLN A 184 -7.49 21.07 7.82
N ASN A 185 -7.78 20.77 6.57
CA ASN A 185 -9.07 21.21 5.99
C ASN A 185 -10.16 20.22 6.35
N GLN A 186 -9.85 19.25 7.17
CA GLN A 186 -10.90 18.27 7.57
C GLN A 186 -12.12 19.02 8.07
N GLU A 187 -13.10 19.20 7.24
CA GLU A 187 -14.32 19.94 7.67
C GLU A 187 -15.09 19.12 8.70
N ASN A 188 -15.48 19.73 9.79
CA ASN A 188 -16.23 18.98 10.83
C ASN A 188 -17.59 18.54 10.26
#